data_7XYB
#
_entry.id   7XYB
#
_cell.length_a   1.00
_cell.length_b   1.00
_cell.length_c   1.00
_cell.angle_alpha   90.00
_cell.angle_beta   90.00
_cell.angle_gamma   90.00
#
_symmetry.space_group_name_H-M   'P 1'
#
loop_
_entity.id
_entity.type
_entity.pdbx_description
1 polymer 'DNA-directed RNA polymerase subunit alpha'
2 polymer 'DNA-directed RNA polymerase subunit beta'
3 polymer "DNA-directed RNA polymerase subunit beta'"
4 polymer 'DNA-directed RNA polymerase subunit omega'
5 polymer AlpA
6 polymer RNA
7 polymer 'nontemplate strand DNA'
8 polymer 'template strand DNA'
9 non-polymer 'MAGNESIUM ION'
#
loop_
_entity_poly.entity_id
_entity_poly.type
_entity_poly.pdbx_seq_one_letter_code
_entity_poly.pdbx_strand_id
1 'polypeptide(L)'
;MQSSVNEFLTPRHIDVQVVSQTRAKITLEPLERGFGHTLGNALRRILLSSMPGCAVVEAEIDGVLHEYSAIEGVQEDVIE
ILLNLKGLAIKLHGRDEVTLTLAKKGSGVVTAADIQLDHDVEIINGDHVIANLADNGALNMKLKVARGRGYEPADARQSD
EDESRSIGRLQLDASFSPVRRVSYVVENARVEQRTNLDKLVLDLETNGTLDPEEAIRRAATILQQQLAAFVDLKGDSEPV
VEEQEDEIDPILLRPVDDLELTVRSANCLKAENIYYIGDLIQRTEVELLKTPNLGKKSLTEIKDVLASRGLSLGMRLDNW
PPASLKKDDKATA
;
A,B
2 'polypeptide(L)'
;MAYSYTEKKRIRKDFSKLPDVMDVPYLLAIQLDSYREFLQAGATKEQFRDVGLHAAFKSVFPIISYSGNAALEYVGYRLG
EPAFDVKECVLRGVTFAVPLRVKVRLIIFDRESSNKAIKDIKEQEVYMGEIPLMTENGTFIINGTERVIVSQLHRSPGVF
FDHDRGKTHSSGKLLYSARIIPYRGSWLDFEFDPKDCVFVRIDRRRKLPASVLLRALGYSTEEILNAFYATNVFHIKGET
LNLELVPQRLRGEVASIDIKDGSGKVIVEQGRRITARHINQLEKAGVSQLEVPFDYLIGRTIAKAIVHPATGEIIAECNT
ELTLDLLAKVAKAQVVRIETLYTNDIDCGPFISDTLKIDNTSNQLEALVEIYRMMRPGEPPTKEAAETLFGNLFFSAERY
DLSAVGRMKFNRRIGRTEIEGPGVLSKEDIIDVLKTLVDIRNGKGIVDDIDHLGNRRVRCVGEMAENQFRVGLVRVERAV
KERLSMAESEGLMPQDLINAKPVAAAIKEFFGSSQLSQFMDQNNPLSEITHKRRVSALGPGGLTRERAGFEVRDVHPTHY
GRVCPIETPEGPNIGLINSLATYARTNKYGFLESPYRVVKDSLVTDEIVFLSAIEEADHVIAQASATLNEKGQLVDELVA
VRHLNEFTVKAPEDVTLMDVSPKQVVSVAASLIPFLEHDDANRALMGSNMQRQAVPTLRADKPLVGTGMERNVARDSGVC
VVARRGGVIDSVDASRVVVRVADDEVETGEAGVDIYNLTKYTRSNQNTCINQRPLVSKGDVVARGDILADGPSTDMGELA
LGQNMRVAFMPWNGFNFEDSICLSERVVQEDRFTTIHIQELTCVARDTKLGPEEITADIPNVGEAALNKLDEAGIVYVGA
EVQAGDILVGKVTPKGETQLTPEEKLLRAIFGEKASDVKDTSLRVPTGTKGTVIDVQVFTRDGVERDSRALSIEKMQLDQ
IRKDLNEEFRIVEGATFERLRAALVGAKAEGGPALKKGTEITDDYLDGLERGQWFKLRMADDALNEQLEKAQAYISDRRQ
LLDDKFEDKKRKLQQGDDLAPGVLKIVKVYLAIKRRIQPGDKMAGRHGNKGVVSVIMPVEDMPHDANGTPVDIVLNPLGV
PSRMNVGQILETHLGLAAKGLGEKINRMLEEQRKVAELRKFLHEIYNEIGGREENLDELGDNEILALAKNLRGGVPMATP
VFDGAKEREIKAMLKLADLPESGQMRLFDGRTGNQFERPTTVGYMYMLKLNHLVDDKMHARSTGSYSLVTQQPLGGKAQF
GGQRFGEMEVWALEAYGAAYTLQEMLTVKSDDVNGRTKMYKNIVDGDHRMEAGMPESFNVLIKEIRSLGIDIELETE
;
C
3 'polypeptide(L)'
;MKDLLNLLKNQGQIEEFDAIRIGLASPEMIRSWSFGEVKKPETINYRTFKPERDGLFCAKIFGPVKDYECLCGKYKRLKH
RGVICEKCGVEVALAKVRRERMGHIELASPVAHIWFLKSLPSRIGLLLDMTLRDIERVLYFESYVVIDPGMTTLEKGQLL
NDEQYFEALEEFGDDFDARMGAEAVHELLNAIDLEHEIGRLREEIPQTNSETKIKKLSKRLKLMEAFQGSGNKPEWMVLT
VLPVLPPDLRPLVPLDGGRFATSDLNDLYRRVINRNNRLKRLLDLAAPDIIVRNEKRMLQEAVDALLDNGRRGRAITGSN
KRPLKSLADMIKGKQGRFRQNLLGKRVDYSGRSVITVGPTLRLHQCGLPKKMALELFKPFIFGKLEGRGMATTIKAAKKM
VERELPEVWDVLAEVIREHPVLLNRAPTLHRLGIQAFEPVLIEGKAIQLHPLVCAAYNADFDGDQMAVHVPLTLEAQLEA
RALMMSTNNILSPANGEPIIVPSQDVVMGLYYMTREAINAKGEGMAFADLQEVDRAYRSGQASLHARVKVRINEKIKGED
GQLTANTRIVDTTVGRALLFQVVPAGLPFDVVNQSMKKKAISKLINHCYRVVGLKDTVIFADQLMYTGFAYSTISGVSIG
VNDFVIPDEKARIINAATDEVKEIESQYASGLVTQGEKYNKVIDLWSKANDEVSKAMMANLSKEKVVDREGKEVDQESFN
SMYMMADSGARGSAAQIRQLAGMRGLMAKPDGSIIETPITANFREGLNVLQYFISTHGARKGLADTALKTANSGYLTRRL
VDVAQDLVVTEIDCGTEHGLLMSPHIEGGDVVEPLGERVLGRVIARDVFKPGSDEVIVPAGTLIDEKWVDFLEVMSVDEV
VVRSPITCETRHGICAMCYGRDLARGHRVNIGEAVGVIAAQSIGEPGTQLTMRTFHIGGAASRTSAADNVQVKNGGTIRL
HNLKHVVRADGALVAVSRSGELAVADDFGRERERYKLPYGAVISVKEGDKVDPGAIVAKWDPHTHPIVTEVDGTVAFVGM
EEGITVKRQTDELTGLTNIEVMDPKDRPAAGKDIRPAVKLIDAAGKDLLLPGTDVPAQYFLPANALVNLTDGAKVSIGDV
VARIPQETSKTRDITGGLPRVADLFEARRPKEPSILAEISGTISFGKETKGKRRLVITPNDGSDPYEELIPKWRHLNVFE
GEQVNRGEVISDGPSNPHDILRLLGVSSLAKYIVNEIQDVYRLQGVKINDKHIETILRQMLRKVEVSESGDSSFIKGDQV
ELTQVLEENEQLGTEDKFPAKYERVLLGITKASLSTESFISAASFQETTRVLTEAAVTGKRDFLRGLKENVVVGRLIPAG
TGLAYHSERKRQRDLGKPQRVSASEAEAALTEALNSSGN
;
D
4 'polypeptide(L)'
;MARVTVEDCLDNVDNRFELVMLATKRARQLATGGKEPKVAWENDKPTVVALREIASGLVDENVVQQEDIVEDEPLFAAFD
DEANTEAL
;
E
5 'polypeptide(L)'
;MFQSTEQALAVAYWMFEQQPGPRSSTAMVIDSLRERFDRRFIERLPSGLSPHEWQAQAVMTVRFAQRQLAAHPLELAVVR
AEFARGRDFVLGLAALRDWLKPAAGPIEQRAALALLMRMFRRPPSSIREIERLSGLSKSTLHRWDKEWRERVAALLRQAL
LRLEEPMAQVGIVCEH
;
G
6 'polyribonucleotide' GUGGUGGAGAGGUA R
7 'polydeoxyribonucleotide'
;(DA)(DT)(DG)(DG)(DA)(DG)(DT)(DT)(DA)(DG)(DT)(DG)(DA)(DG)(DT)(DG)(DT)(DT)(DA)(DA)
(DG)(DT)(DT)(DG)(DG)(DA)(DA)(DG)(DG)(DG)(DT)(DG)(DG)(DG)(DA)(DT)(DT)(DT)(DA)(DA)
(DA)(DT)(DT)(DT)(DT)(DG)(DG)(DG)(DT)(DG)(DA)(DG)(DT)(DG)(DG)(DT)(DG)(DG)(DA)(DG)
(DA)(DG)(DG)(DT)(DA)(DC)(DC)(DT)(DC)(DG)(DT)(DT)(DG)(DT)(DG)(DG)(DT)(DA)(DG)
;
N
8 'polydeoxyribonucleotide'
;(DC)(DT)(DA)(DC)(DC)(DA)(DC)(DA)(DA)(DC)(DG)(DA)(DG)(DG)(DT)(DA)(DC)(DC)(DT)(DC)
(DT)(DC)(DC)(DA)(DC)(DC)(DA)(DC)(DT)(DC)(DA)(DC)(DC)(DC)(DA)(DA)(DA)(DA)(DT)(DT)
(DT)(DA)(DA)(DA)(DT)(DC)(DC)(DC)(DA)(DC)(DC)(DC)(DT)(DT)(DC)(DC)(DA)(DA)(DC)(DT)
(DT)(DA)(DA)(DC)(DA)(DC)(DT)(DC)(DA)(DC)(DT)(DA)(DA)(DC)(DT)(DC)(DC)(DA)(DT)
;
T
#
# COMPACT_ATOMS: atom_id res chain seq x y z
N PHE A 8 -17.80 46.93 -40.61
CA PHE A 8 -16.80 46.38 -39.68
C PHE A 8 -16.52 47.40 -38.59
N LEU A 9 -17.48 47.58 -37.68
CA LEU A 9 -17.37 48.60 -36.65
C LEU A 9 -16.42 48.16 -35.55
N THR A 10 -15.70 49.14 -35.02
CA THR A 10 -14.79 48.94 -33.90
C THR A 10 -15.04 50.03 -32.89
N PRO A 11 -14.86 49.76 -31.60
CA PRO A 11 -15.23 50.74 -30.57
C PRO A 11 -14.34 51.97 -30.57
N ARG A 12 -14.97 53.12 -30.32
CA ARG A 12 -14.28 54.38 -30.16
C ARG A 12 -14.58 54.95 -28.78
N HIS A 13 -13.66 55.78 -28.29
CA HIS A 13 -13.83 56.55 -27.07
C HIS A 13 -14.38 55.67 -25.93
N ILE A 14 -13.53 54.73 -25.52
CA ILE A 14 -13.88 53.73 -24.52
C ILE A 14 -14.49 54.41 -23.31
N ASP A 15 -15.68 53.97 -22.93
CA ASP A 15 -16.43 54.58 -21.84
C ASP A 15 -16.11 53.80 -20.57
N VAL A 16 -15.79 54.53 -19.51
CA VAL A 16 -15.55 53.96 -18.20
C VAL A 16 -16.41 54.70 -17.19
N GLN A 17 -17.05 53.95 -16.29
CA GLN A 17 -17.82 54.53 -15.21
C GLN A 17 -17.31 53.93 -13.91
N VAL A 18 -17.40 54.70 -12.83
CA VAL A 18 -16.76 54.34 -11.57
C VAL A 18 -17.82 53.97 -10.55
N VAL A 19 -17.65 52.80 -9.92
CA VAL A 19 -18.49 52.41 -8.81
C VAL A 19 -17.83 52.87 -7.52
N SER A 20 -16.54 52.55 -7.38
CA SER A 20 -15.75 52.97 -6.24
C SER A 20 -14.33 53.25 -6.74
N GLN A 21 -13.46 53.69 -5.83
CA GLN A 21 -12.08 53.95 -6.23
C GLN A 21 -11.37 52.66 -6.64
N THR A 22 -11.98 51.51 -6.36
CA THR A 22 -11.49 50.23 -6.86
C THR A 22 -12.43 49.66 -7.93
N ARG A 23 -13.71 49.55 -7.63
CA ARG A 23 -14.65 48.93 -8.57
C ARG A 23 -15.08 49.94 -9.63
N ALA A 24 -15.18 49.46 -10.87
CA ALA A 24 -15.56 50.32 -11.98
C ALA A 24 -16.14 49.44 -13.08
N LYS A 25 -16.80 50.09 -14.04
CA LYS A 25 -17.39 49.40 -15.17
C LYS A 25 -16.85 49.99 -16.46
N ILE A 26 -16.56 49.11 -17.41
CA ILE A 26 -16.07 49.52 -18.71
C ILE A 26 -17.01 48.99 -19.78
N THR A 27 -17.39 49.87 -20.69
CA THR A 27 -18.35 49.54 -21.74
C THR A 27 -17.78 49.96 -23.08
N LEU A 28 -17.96 49.10 -24.08
CA LEU A 28 -17.53 49.38 -25.45
C LEU A 28 -18.76 49.36 -26.34
N GLU A 29 -19.21 50.53 -26.77
CA GLU A 29 -20.50 50.65 -27.42
C GLU A 29 -20.52 49.94 -28.78
N PRO A 30 -19.70 50.34 -29.76
CA PRO A 30 -19.83 49.71 -31.08
C PRO A 30 -18.98 48.46 -31.22
N LEU A 31 -19.63 47.34 -31.57
CA LEU A 31 -18.93 46.08 -31.74
C LEU A 31 -19.64 45.25 -32.79
N GLU A 32 -18.89 44.38 -33.47
CA GLU A 32 -19.47 43.47 -34.43
C GLU A 32 -20.26 42.39 -33.69
N ARG A 33 -21.25 41.82 -34.40
CA ARG A 33 -22.12 40.84 -33.78
C ARG A 33 -21.34 39.59 -33.37
N GLY A 34 -21.64 39.08 -32.17
CA GLY A 34 -21.02 37.89 -31.66
C GLY A 34 -19.57 38.08 -31.27
N PHE A 35 -19.03 39.29 -31.45
CA PHE A 35 -17.61 39.54 -31.31
C PHE A 35 -17.25 39.90 -29.87
N GLY A 36 -18.24 40.42 -29.15
CA GLY A 36 -18.08 40.89 -27.79
C GLY A 36 -17.70 39.80 -26.82
N HIS A 37 -18.28 38.62 -26.93
CA HIS A 37 -17.91 37.55 -26.02
C HIS A 37 -16.44 37.19 -26.22
N THR A 38 -16.00 37.15 -27.49
CA THR A 38 -14.59 36.89 -27.77
C THR A 38 -13.70 37.92 -27.09
N LEU A 39 -13.99 39.20 -27.31
CA LEU A 39 -13.15 40.23 -26.71
C LEU A 39 -13.26 40.22 -25.20
N GLY A 40 -14.43 39.91 -24.66
CA GLY A 40 -14.62 39.90 -23.23
C GLY A 40 -13.76 38.84 -22.58
N ASN A 41 -13.76 37.65 -23.14
CA ASN A 41 -12.88 36.60 -22.62
C ASN A 41 -11.42 36.96 -22.77
N ALA A 42 -11.04 37.50 -23.93
CA ALA A 42 -9.65 37.86 -24.14
C ALA A 42 -9.19 38.88 -23.11
N LEU A 43 -9.98 39.95 -22.94
CA LEU A 43 -9.64 40.99 -21.98
C LEU A 43 -9.64 40.46 -20.56
N ARG A 44 -10.60 39.60 -20.21
CA ARG A 44 -10.59 39.01 -18.88
C ARG A 44 -9.29 38.27 -18.62
N ARG A 45 -8.90 37.40 -19.55
CA ARG A 45 -7.70 36.60 -19.33
C ARG A 45 -6.46 37.47 -19.26
N ILE A 46 -6.33 38.43 -20.17
CA ILE A 46 -5.11 39.23 -20.16
C ILE A 46 -5.05 40.11 -18.92
N LEU A 47 -6.18 40.67 -18.51
CA LEU A 47 -6.20 41.50 -17.32
C LEU A 47 -5.86 40.68 -16.09
N LEU A 48 -6.46 39.52 -15.94
CA LEU A 48 -6.12 38.66 -14.83
C LEU A 48 -4.69 38.15 -14.91
N SER A 49 -4.07 38.23 -16.09
CA SER A 49 -2.75 37.66 -16.27
C SER A 49 -1.63 38.65 -15.96
N SER A 50 -1.55 39.75 -16.71
CA SER A 50 -0.36 40.59 -16.67
C SER A 50 -0.73 42.06 -16.68
N MET A 51 -0.92 42.65 -15.49
CA MET A 51 -0.86 44.10 -15.28
C MET A 51 0.36 44.41 -14.45
N PRO A 52 1.16 45.40 -14.86
CA PRO A 52 2.29 45.83 -14.03
C PRO A 52 1.79 46.53 -12.78
N GLY A 53 2.21 46.01 -11.62
CA GLY A 53 1.83 46.60 -10.36
C GLY A 53 3.03 46.67 -9.45
N CYS A 54 2.93 47.52 -8.43
CA CYS A 54 3.98 47.67 -7.45
C CYS A 54 3.50 47.13 -6.11
N ALA A 55 4.30 46.22 -5.54
CA ALA A 55 3.98 45.62 -4.25
C ALA A 55 5.26 45.55 -3.43
N VAL A 56 5.10 45.42 -2.12
CA VAL A 56 6.25 45.41 -1.23
C VAL A 56 6.96 44.08 -1.34
N VAL A 57 8.26 44.13 -1.60
CA VAL A 57 9.06 42.93 -1.75
C VAL A 57 10.10 42.77 -0.65
N GLU A 58 10.43 43.83 0.07
CA GLU A 58 11.45 43.76 1.10
C GLU A 58 11.03 44.55 2.33
N ALA A 59 11.31 44.00 3.50
CA ALA A 59 10.94 44.63 4.76
C ALA A 59 12.02 44.32 5.80
N GLU A 60 12.59 45.39 6.38
CA GLU A 60 13.66 45.24 7.36
C GLU A 60 13.29 45.99 8.61
N ILE A 61 13.22 45.28 9.74
CA ILE A 61 12.97 45.90 11.03
C ILE A 61 14.25 45.86 11.84
N ASP A 62 14.53 46.98 12.52
CA ASP A 62 15.82 47.14 13.18
C ASP A 62 16.06 46.07 14.24
N GLY A 63 15.05 45.78 15.04
CA GLY A 63 15.22 44.88 16.16
C GLY A 63 15.01 43.41 15.87
N VAL A 64 14.80 43.03 14.61
CA VAL A 64 14.48 41.66 14.27
C VAL A 64 15.63 41.05 13.47
N LEU A 65 15.72 39.72 13.52
CA LEU A 65 16.70 38.99 12.74
C LEU A 65 16.02 38.13 11.67
N HIS A 66 15.03 37.34 12.05
CA HIS A 66 14.26 36.52 11.14
C HIS A 66 12.79 36.63 11.49
N GLU A 67 11.92 36.41 10.51
CA GLU A 67 10.51 36.67 10.72
C GLU A 67 9.81 35.58 11.51
N TYR A 68 10.55 34.69 12.16
CA TYR A 68 9.97 33.71 13.08
C TYR A 68 10.14 34.14 14.53
N SER A 69 10.02 35.43 14.80
CA SER A 69 10.23 35.94 16.13
C SER A 69 9.14 36.95 16.48
N ALA A 70 9.19 37.46 17.71
CA ALA A 70 8.26 38.46 18.19
C ALA A 70 9.06 39.61 18.80
N ILE A 71 8.44 40.78 18.84
CA ILE A 71 9.10 42.00 19.29
C ILE A 71 8.41 42.48 20.55
N GLU A 72 9.21 42.80 21.57
CA GLU A 72 8.67 43.32 22.82
C GLU A 72 7.86 44.58 22.56
N GLY A 73 6.62 44.58 23.04
CA GLY A 73 5.72 45.68 22.82
C GLY A 73 4.88 45.59 21.56
N VAL A 74 5.16 44.65 20.67
CA VAL A 74 4.44 44.50 19.43
C VAL A 74 3.42 43.37 19.59
N GLN A 75 2.17 43.67 19.29
CA GLN A 75 1.06 42.75 19.54
C GLN A 75 1.14 41.49 18.70
N GLU A 76 1.87 41.50 17.59
CA GLU A 76 1.87 40.38 16.67
C GLU A 76 3.30 39.96 16.37
N ASP A 77 3.46 38.73 15.90
CA ASP A 77 4.75 38.25 15.43
C ASP A 77 5.05 38.87 14.06
N VAL A 78 6.27 38.66 13.59
CA VAL A 78 6.74 39.36 12.40
C VAL A 78 5.93 38.93 11.17
N ILE A 79 5.56 37.65 11.11
CA ILE A 79 4.90 37.15 9.90
C ILE A 79 3.56 37.83 9.68
N GLU A 80 2.80 38.07 10.74
CA GLU A 80 1.56 38.81 10.56
C GLU A 80 1.82 40.23 10.08
N ILE A 81 2.88 40.86 10.60
CA ILE A 81 3.23 42.20 10.14
C ILE A 81 3.46 42.19 8.64
N LEU A 82 4.27 41.23 8.16
CA LEU A 82 4.58 41.21 6.74
C LEU A 82 3.37 40.79 5.92
N LEU A 83 2.49 39.96 6.48
CA LEU A 83 1.28 39.57 5.76
C LEU A 83 0.35 40.77 5.60
N ASN A 84 0.15 41.54 6.66
CA ASN A 84 -0.62 42.77 6.54
C ASN A 84 0.04 43.72 5.56
N LEU A 85 1.36 43.82 5.64
CA LEU A 85 2.12 44.67 4.74
C LEU A 85 2.00 44.21 3.29
N LYS A 86 1.72 42.92 3.08
CA LYS A 86 1.50 42.41 1.74
C LYS A 86 0.22 42.95 1.12
N GLY A 87 -0.76 43.33 1.94
CA GLY A 87 -2.03 43.79 1.41
C GLY A 87 -2.10 45.30 1.19
N LEU A 88 -0.96 45.96 1.17
CA LEU A 88 -0.95 47.40 0.90
C LEU A 88 -1.15 47.68 -0.58
N ALA A 89 -1.93 48.71 -0.85
CA ALA A 89 -2.17 49.18 -2.21
C ALA A 89 -1.41 50.48 -2.38
N ILE A 90 -0.33 50.44 -3.16
CA ILE A 90 0.55 51.58 -3.34
C ILE A 90 0.68 51.87 -4.84
N LYS A 91 1.22 53.05 -5.14
CA LYS A 91 1.40 53.47 -6.51
C LYS A 91 2.79 54.05 -6.71
N LEU A 92 3.36 53.84 -7.89
CA LEU A 92 4.64 54.42 -8.28
C LEU A 92 4.43 55.31 -9.49
N HIS A 93 4.56 56.62 -9.28
CA HIS A 93 4.38 57.58 -10.36
C HIS A 93 5.66 57.81 -11.14
N GLY A 94 6.79 57.85 -10.44
CA GLY A 94 8.07 58.14 -11.07
C GLY A 94 8.86 56.90 -11.38
N ARG A 95 9.91 56.66 -10.59
CA ARG A 95 10.78 55.52 -10.85
C ARG A 95 10.05 54.22 -10.49
N ASP A 96 10.58 53.12 -11.00
CA ASP A 96 10.07 51.80 -10.65
C ASP A 96 10.32 51.44 -9.19
N GLU A 97 11.58 51.47 -8.75
CA GLU A 97 11.98 51.00 -7.44
C GLU A 97 12.07 52.18 -6.49
N VAL A 98 11.45 52.06 -5.30
CA VAL A 98 11.58 53.04 -4.24
C VAL A 98 11.70 52.31 -2.91
N THR A 99 12.22 53.03 -1.91
CA THR A 99 12.40 52.50 -0.57
C THR A 99 11.56 53.34 0.39
N LEU A 100 10.87 52.66 1.31
CA LEU A 100 10.00 53.34 2.24
C LEU A 100 10.48 53.13 3.67
N THR A 101 9.87 53.89 4.57
CA THR A 101 10.26 53.92 5.97
C THR A 101 9.02 53.97 6.83
N LEU A 102 9.01 53.14 7.88
CA LEU A 102 7.99 53.25 8.91
C LEU A 102 8.68 53.09 10.26
N ALA A 103 8.56 54.10 11.11
CA ALA A 103 9.03 54.05 12.48
C ALA A 103 7.96 54.61 13.40
N LYS A 104 7.70 53.89 14.51
CA LYS A 104 6.74 54.36 15.50
C LYS A 104 7.09 53.75 16.85
N LYS A 105 6.82 54.51 17.92
CA LYS A 105 7.21 54.13 19.27
C LYS A 105 6.07 54.46 20.24
N GLY A 106 5.82 53.53 21.15
CA GLY A 106 4.70 53.65 22.07
C GLY A 106 3.42 53.08 21.48
N SER A 107 2.36 53.14 22.29
CA SER A 107 1.11 52.44 22.00
C SER A 107 0.35 53.06 20.84
N GLY A 108 -0.46 52.25 20.18
CA GLY A 108 -1.27 52.68 19.07
C GLY A 108 -1.41 51.58 18.04
N VAL A 109 -2.02 51.94 16.92
CA VAL A 109 -2.20 51.05 15.80
C VAL A 109 -1.53 51.69 14.60
N VAL A 110 -0.66 50.93 13.93
CA VAL A 110 0.05 51.46 12.76
C VAL A 110 -0.73 51.10 11.51
N THR A 111 -0.98 52.10 10.68
CA THR A 111 -1.63 51.90 9.39
C THR A 111 -0.68 52.36 8.29
N ALA A 112 -1.18 52.38 7.06
CA ALA A 112 -0.37 52.90 5.96
C ALA A 112 -0.09 54.39 6.11
N ALA A 113 -0.87 55.10 6.94
CA ALA A 113 -0.62 56.52 7.14
C ALA A 113 0.74 56.76 7.76
N ASP A 114 1.15 55.90 8.69
CA ASP A 114 2.42 56.07 9.39
C ASP A 114 3.63 55.99 8.47
N ILE A 115 3.49 55.37 7.29
CA ILE A 115 4.62 55.32 6.37
C ILE A 115 4.89 56.72 5.83
N GLN A 116 6.16 57.01 5.57
CA GLN A 116 6.54 58.29 4.99
C GLN A 116 6.12 58.30 3.53
N LEU A 117 5.40 59.36 3.13
CA LEU A 117 5.04 59.52 1.73
C LEU A 117 6.26 59.99 0.94
N ASP A 118 6.05 60.26 -0.34
CA ASP A 118 7.11 60.71 -1.22
C ASP A 118 6.50 61.46 -2.39
N HIS A 119 7.36 62.08 -3.20
CA HIS A 119 6.89 62.81 -4.37
C HIS A 119 6.15 61.88 -5.32
N ASP A 120 6.83 60.86 -5.81
CA ASP A 120 6.26 59.94 -6.80
C ASP A 120 5.55 58.76 -6.17
N VAL A 121 5.63 58.60 -4.85
CA VAL A 121 5.07 57.45 -4.16
C VAL A 121 3.82 57.87 -3.40
N GLU A 122 2.78 57.06 -3.49
CA GLU A 122 1.51 57.36 -2.83
C GLU A 122 0.80 56.05 -2.54
N ILE A 123 0.02 56.04 -1.47
CA ILE A 123 -0.60 54.83 -0.95
C ILE A 123 -2.11 54.98 -1.03
N ILE A 124 -2.78 53.91 -1.44
CA ILE A 124 -4.23 53.93 -1.62
C ILE A 124 -4.93 53.67 -0.30
N ASN A 125 -4.69 52.49 0.28
CA ASN A 125 -5.39 52.05 1.49
C ASN A 125 -4.63 52.53 2.73
N GLY A 126 -4.90 53.77 3.12
CA GLY A 126 -4.28 54.32 4.30
C GLY A 126 -4.88 53.78 5.58
N ASP A 127 -6.03 53.12 5.46
CA ASP A 127 -6.75 52.57 6.61
C ASP A 127 -6.34 51.13 6.88
N HIS A 128 -5.38 50.60 6.14
CA HIS A 128 -4.97 49.22 6.29
C HIS A 128 -4.12 49.07 7.55
N VAL A 129 -4.68 48.41 8.56
CA VAL A 129 -3.93 48.16 9.78
C VAL A 129 -2.77 47.22 9.48
N ILE A 130 -1.61 47.53 10.02
CA ILE A 130 -0.42 46.71 9.88
C ILE A 130 -0.10 45.96 11.17
N ALA A 131 -0.14 46.66 12.29
CA ALA A 131 0.14 46.02 13.58
C ALA A 131 -0.43 46.89 14.69
N ASN A 132 -0.39 46.35 15.91
CA ASN A 132 -0.81 47.07 17.09
C ASN A 132 0.34 47.14 18.09
N LEU A 133 0.50 48.29 18.71
CA LEU A 133 1.65 48.55 19.57
C LEU A 133 1.20 48.75 21.00
N ALA A 134 1.94 48.16 21.93
CA ALA A 134 1.74 48.43 23.35
C ALA A 134 2.54 49.67 23.73
N ASP A 135 2.49 50.04 25.01
CA ASP A 135 3.21 51.22 25.47
C ASP A 135 4.70 51.11 25.16
N ASN A 136 5.31 49.98 25.50
CA ASN A 136 6.69 49.74 25.13
C ASN A 136 6.85 49.42 23.65
N GLY A 137 5.74 49.28 22.94
CA GLY A 137 5.81 48.92 21.52
C GLY A 137 6.52 49.99 20.72
N ALA A 138 7.57 49.58 20.02
CA ALA A 138 8.30 50.49 19.16
C ALA A 138 8.86 49.71 18.00
N LEU A 139 8.58 50.16 16.78
CA LEU A 139 9.08 49.51 15.58
C LEU A 139 9.65 50.55 14.64
N ASN A 140 10.70 50.17 13.92
CA ASN A 140 11.29 51.00 12.89
C ASN A 140 11.66 50.07 11.75
N MET A 141 10.91 50.15 10.65
CA MET A 141 11.01 49.13 9.62
C MET A 141 11.39 49.77 8.29
N LYS A 142 12.30 49.09 7.59
CA LYS A 142 12.80 49.54 6.30
C LYS A 142 12.13 48.73 5.19
N LEU A 143 11.51 49.44 4.25
CA LEU A 143 10.75 48.80 3.19
C LEU A 143 11.28 49.24 1.84
N LYS A 144 11.64 48.27 1.00
CA LYS A 144 11.93 48.53 -0.40
C LYS A 144 10.91 47.76 -1.23
N VAL A 145 10.22 48.47 -2.11
CA VAL A 145 9.16 47.91 -2.94
C VAL A 145 9.58 48.04 -4.39
N ALA A 146 8.92 47.28 -5.26
CA ALA A 146 9.22 47.36 -6.68
C ALA A 146 7.95 47.14 -7.49
N ARG A 147 8.00 47.60 -8.73
CA ARG A 147 6.87 47.47 -9.66
C ARG A 147 7.15 46.29 -10.59
N GLY A 148 6.36 45.24 -10.45
CA GLY A 148 6.53 44.04 -11.25
C GLY A 148 5.27 43.66 -11.99
N ARG A 149 5.27 42.50 -12.63
CA ARG A 149 4.16 42.09 -13.48
C ARG A 149 3.42 40.87 -12.93
N GLY A 150 4.11 39.76 -12.75
CA GLY A 150 3.50 38.52 -12.32
C GLY A 150 3.86 38.16 -10.90
N TYR A 151 3.26 37.06 -10.44
CA TYR A 151 3.52 36.57 -9.10
C TYR A 151 4.99 36.20 -8.97
N GLU A 152 5.73 36.97 -8.19
CA GLU A 152 7.17 36.75 -8.02
C GLU A 152 7.43 36.20 -6.63
N PRO A 153 7.73 34.91 -6.49
CA PRO A 153 8.04 34.37 -5.17
C PRO A 153 9.39 34.84 -4.66
N ALA A 154 9.68 34.59 -3.39
CA ALA A 154 10.97 34.99 -2.83
C ALA A 154 12.11 34.20 -3.45
N ASP A 155 11.87 32.92 -3.75
CA ASP A 155 12.92 32.07 -4.30
C ASP A 155 13.43 32.62 -5.63
N ALA A 156 12.53 33.02 -6.53
CA ALA A 156 12.95 33.60 -7.80
C ALA A 156 13.62 34.96 -7.61
N ARG A 157 13.28 35.67 -6.54
CA ARG A 157 13.86 36.99 -6.29
C ARG A 157 15.31 36.87 -5.86
N SER A 166 24.29 39.85 3.64
CA SER A 166 23.82 40.55 4.83
C SER A 166 22.55 39.92 5.37
N ILE A 167 22.60 39.46 6.61
CA ILE A 167 21.43 38.93 7.27
C ILE A 167 20.58 40.07 7.80
N GLY A 168 19.35 39.77 8.18
CA GLY A 168 18.42 40.74 8.69
C GLY A 168 17.49 41.32 7.63
N ARG A 169 17.85 41.19 6.35
CA ARG A 169 16.97 41.62 5.27
C ARG A 169 16.07 40.45 4.89
N LEU A 170 14.77 40.69 4.95
CA LEU A 170 13.77 39.63 4.81
C LEU A 170 13.06 39.76 3.48
N GLN A 171 13.13 38.69 2.67
CA GLN A 171 12.45 38.64 1.38
C GLN A 171 10.98 38.38 1.60
N LEU A 172 10.15 38.81 0.66
CA LEU A 172 8.73 38.53 0.68
C LEU A 172 8.27 38.07 -0.69
N ASP A 173 7.19 37.29 -0.70
CA ASP A 173 6.59 36.86 -1.95
C ASP A 173 5.75 37.99 -2.54
N ALA A 174 5.92 38.22 -3.83
CA ALA A 174 5.34 39.37 -4.50
C ALA A 174 4.26 38.91 -5.46
N SER A 175 3.10 39.57 -5.39
CA SER A 175 2.01 39.37 -6.34
C SER A 175 1.61 40.75 -6.84
N PHE A 176 2.28 41.22 -7.88
CA PHE A 176 2.10 42.58 -8.33
C PHE A 176 0.76 42.82 -9.00
N SER A 177 -0.02 41.78 -9.27
CA SER A 177 -1.26 41.96 -10.01
C SER A 177 -2.23 42.82 -9.21
N PRO A 178 -2.64 43.98 -9.72
CA PRO A 178 -3.56 44.84 -8.98
C PRO A 178 -5.02 44.51 -9.18
N VAL A 179 -5.34 43.70 -10.16
CA VAL A 179 -6.71 43.29 -10.43
C VAL A 179 -7.06 42.13 -9.52
N ARG A 180 -8.29 42.08 -9.05
CA ARG A 180 -8.77 41.00 -8.20
C ARG A 180 -9.87 40.18 -8.83
N ARG A 181 -10.84 40.82 -9.48
CA ARG A 181 -11.92 40.09 -10.11
C ARG A 181 -12.30 40.80 -11.41
N VAL A 182 -12.59 40.00 -12.45
CA VAL A 182 -13.02 40.52 -13.73
C VAL A 182 -14.31 39.80 -14.13
N SER A 183 -15.31 40.56 -14.54
CA SER A 183 -16.56 40.01 -15.00
C SER A 183 -17.00 40.77 -16.25
N TYR A 184 -17.77 40.11 -17.10
CA TYR A 184 -18.26 40.81 -18.28
C TYR A 184 -19.56 40.17 -18.76
N VAL A 185 -20.34 40.98 -19.47
CA VAL A 185 -21.56 40.55 -20.12
C VAL A 185 -21.70 41.35 -21.41
N VAL A 186 -22.50 40.84 -22.34
CA VAL A 186 -22.73 41.50 -23.62
C VAL A 186 -24.22 41.70 -23.82
N GLU A 187 -24.59 42.84 -24.39
CA GLU A 187 -25.95 43.11 -24.81
C GLU A 187 -25.92 43.77 -26.19
N ASN A 188 -27.10 44.01 -26.75
CA ASN A 188 -27.19 44.64 -28.05
C ASN A 188 -26.95 46.14 -27.95
N ALA A 189 -26.57 46.74 -29.07
CA ALA A 189 -26.34 48.17 -29.16
C ALA A 189 -27.22 48.75 -30.26
N ARG A 190 -28.31 49.39 -29.86
CA ARG A 190 -29.24 50.00 -30.79
C ARG A 190 -28.66 51.34 -31.25
N VAL A 191 -27.82 51.29 -32.28
CA VAL A 191 -27.14 52.46 -32.81
C VAL A 191 -28.02 53.20 -33.81
N GLU A 192 -29.24 52.71 -34.02
CA GLU A 192 -30.24 53.32 -34.90
C GLU A 192 -29.84 53.15 -36.37
N GLN A 193 -28.65 52.60 -36.60
CA GLN A 193 -28.26 52.21 -37.96
C GLN A 193 -28.58 50.75 -38.20
N ARG A 194 -28.16 49.88 -37.28
CA ARG A 194 -28.49 48.48 -37.33
C ARG A 194 -28.57 47.95 -35.91
N THR A 195 -29.63 47.19 -35.63
CA THR A 195 -29.76 46.51 -34.36
C THR A 195 -28.96 45.22 -34.31
N ASN A 196 -28.31 44.86 -35.41
CA ASN A 196 -27.45 43.68 -35.48
C ASN A 196 -26.16 43.85 -34.69
N LEU A 197 -25.99 44.96 -33.98
CA LEU A 197 -24.78 45.23 -33.23
C LEU A 197 -24.89 44.63 -31.83
N ASP A 198 -23.82 44.79 -31.05
CA ASP A 198 -23.81 44.33 -29.68
C ASP A 198 -22.89 45.21 -28.87
N LYS A 199 -23.15 45.28 -27.57
CA LYS A 199 -22.42 46.13 -26.65
C LYS A 199 -21.88 45.29 -25.50
N LEU A 200 -20.64 45.59 -25.12
CA LEU A 200 -19.92 44.82 -24.12
C LEU A 200 -19.81 45.59 -22.82
N VAL A 201 -20.17 44.93 -21.72
CA VAL A 201 -20.03 45.48 -20.39
C VAL A 201 -18.91 44.72 -19.69
N LEU A 202 -17.87 45.44 -19.28
CA LEU A 202 -16.76 44.86 -18.54
C LEU A 202 -16.82 45.31 -17.09
N ASP A 203 -16.93 44.36 -16.18
CA ASP A 203 -16.93 44.65 -14.75
C ASP A 203 -15.53 44.39 -14.21
N LEU A 204 -14.86 45.47 -13.84
CA LEU A 204 -13.48 45.40 -13.37
C LEU A 204 -13.42 45.87 -11.93
N GLU A 205 -12.78 45.07 -11.08
CA GLU A 205 -12.55 45.44 -9.69
C GLU A 205 -11.10 45.15 -9.35
N THR A 206 -10.38 46.16 -8.92
CA THR A 206 -8.95 46.07 -8.66
C THR A 206 -8.66 46.52 -7.23
N ASN A 207 -7.38 46.69 -6.93
CA ASN A 207 -6.95 47.28 -5.67
C ASN A 207 -7.04 48.80 -5.69
N GLY A 208 -7.51 49.39 -6.80
CA GLY A 208 -7.64 50.82 -6.91
C GLY A 208 -6.38 51.55 -7.31
N THR A 209 -5.27 50.85 -7.45
CA THR A 209 -4.01 51.52 -7.76
C THR A 209 -3.97 52.04 -9.20
N LEU A 210 -4.61 51.36 -10.14
CA LEU A 210 -4.49 51.71 -11.54
C LEU A 210 -5.84 52.12 -12.13
N ASP A 211 -5.78 53.05 -13.07
CA ASP A 211 -6.95 53.53 -13.78
C ASP A 211 -7.50 52.41 -14.67
N PRO A 212 -8.79 52.12 -14.56
CA PRO A 212 -9.38 51.12 -15.47
C PRO A 212 -9.16 51.45 -16.92
N GLU A 213 -9.23 52.73 -17.30
CA GLU A 213 -8.91 53.11 -18.67
C GLU A 213 -7.46 52.78 -18.99
N GLU A 214 -6.56 53.05 -18.05
CA GLU A 214 -5.16 52.71 -18.26
C GLU A 214 -4.98 51.21 -18.40
N ALA A 215 -5.68 50.43 -17.57
CA ALA A 215 -5.59 48.98 -17.68
C ALA A 215 -6.08 48.50 -19.04
N ILE A 216 -7.20 49.05 -19.51
CA ILE A 216 -7.71 48.64 -20.81
C ILE A 216 -6.74 48.99 -21.92
N ARG A 217 -6.17 50.20 -21.87
CA ARG A 217 -5.23 50.59 -22.91
C ARG A 217 -3.99 49.71 -22.88
N ARG A 218 -3.48 49.39 -21.69
CA ARG A 218 -2.32 48.51 -21.60
C ARG A 218 -2.63 47.13 -22.15
N ALA A 219 -3.80 46.58 -21.80
CA ALA A 219 -4.17 45.26 -22.31
C ALA A 219 -4.33 45.30 -23.81
N ALA A 220 -4.92 46.37 -24.34
CA ALA A 220 -5.06 46.50 -25.78
C ALA A 220 -3.71 46.52 -26.46
N THR A 221 -2.76 47.26 -25.90
CA THR A 221 -1.42 47.30 -26.49
C THR A 221 -0.77 45.92 -26.45
N ILE A 222 -0.90 45.21 -25.34
CA ILE A 222 -0.29 43.90 -25.22
C ILE A 222 -0.88 42.94 -26.24
N LEU A 223 -2.21 42.91 -26.34
CA LEU A 223 -2.86 42.03 -27.29
C LEU A 223 -2.48 42.42 -28.72
N GLN A 224 -2.40 43.72 -29.00
CA GLN A 224 -2.07 44.16 -30.34
C GLN A 224 -0.67 43.72 -30.71
N GLN A 225 0.26 43.77 -29.75
CA GLN A 225 1.61 43.30 -30.02
C GLN A 225 1.63 41.79 -30.25
N GLN A 226 0.92 41.04 -29.41
CA GLN A 226 0.85 39.60 -29.61
C GLN A 226 0.30 39.24 -30.98
N LEU A 227 -0.70 39.96 -31.46
CA LEU A 227 -1.20 39.75 -32.81
C LEU A 227 -0.18 40.20 -33.85
N ALA A 228 0.50 41.32 -33.58
CA ALA A 228 1.50 41.85 -34.49
C ALA A 228 2.66 40.90 -34.67
N ALA A 229 2.79 39.90 -33.79
CA ALA A 229 3.70 38.80 -34.06
C ALA A 229 3.38 38.09 -35.37
N PHE A 230 2.25 38.40 -36.00
CA PHE A 230 1.92 37.87 -37.31
C PHE A 230 2.29 38.84 -38.41
N ASN B 6 5.60 45.63 -19.16
CA ASN B 6 6.99 45.57 -19.59
C ASN B 6 7.13 44.83 -20.91
N GLU B 7 8.15 43.98 -21.01
CA GLU B 7 8.42 43.20 -22.20
C GLU B 7 7.94 41.78 -22.01
N PHE B 8 7.47 41.17 -23.10
CA PHE B 8 6.96 39.81 -23.08
C PHE B 8 7.69 38.99 -24.12
N LEU B 9 7.25 37.74 -24.27
CA LEU B 9 7.70 36.93 -25.39
C LEU B 9 6.94 37.34 -26.64
N THR B 10 7.65 37.87 -27.62
CA THR B 10 7.05 38.35 -28.87
C THR B 10 7.63 37.52 -30.00
N PRO B 11 7.01 36.39 -30.33
CA PRO B 11 7.57 35.51 -31.35
C PRO B 11 7.49 36.11 -32.74
N ARG B 12 8.34 35.57 -33.63
CA ARG B 12 8.31 35.91 -35.04
C ARG B 12 8.41 34.68 -35.93
N HIS B 13 8.80 33.53 -35.37
CA HIS B 13 9.18 32.35 -36.15
C HIS B 13 7.99 31.43 -36.40
N ILE B 14 6.80 31.99 -36.59
CA ILE B 14 5.65 31.18 -36.95
C ILE B 14 5.98 30.34 -38.17
N ASP B 15 5.44 29.13 -38.21
CA ASP B 15 5.78 28.15 -39.23
C ASP B 15 4.52 27.50 -39.76
N VAL B 16 4.48 27.30 -41.08
CA VAL B 16 3.31 26.69 -41.70
C VAL B 16 3.71 25.37 -42.35
N GLN B 17 3.61 24.27 -41.60
CA GLN B 17 3.76 22.95 -42.18
C GLN B 17 2.53 22.61 -43.02
N VAL B 18 2.69 22.69 -44.33
CA VAL B 18 1.58 22.52 -45.26
C VAL B 18 1.28 21.04 -45.34
N VAL B 19 0.25 20.60 -44.61
CA VAL B 19 -0.19 19.21 -44.69
C VAL B 19 -1.06 18.95 -45.90
N SER B 20 -1.66 20.00 -46.48
CA SER B 20 -2.43 19.88 -47.71
C SER B 20 -2.51 21.25 -48.35
N GLN B 21 -2.92 21.27 -49.62
CA GLN B 21 -3.04 22.54 -50.33
C GLN B 21 -4.03 23.46 -49.63
N THR B 22 -5.10 22.90 -49.05
CA THR B 22 -6.09 23.68 -48.32
C THR B 22 -6.10 23.40 -46.84
N ARG B 23 -5.53 22.28 -46.40
CA ARG B 23 -5.38 21.97 -44.99
C ARG B 23 -3.96 22.30 -44.57
N ALA B 24 -3.83 23.05 -43.47
CA ALA B 24 -2.51 23.54 -43.08
C ALA B 24 -2.28 23.28 -41.60
N LYS B 25 -1.07 23.60 -41.17
CA LYS B 25 -0.64 23.47 -39.77
C LYS B 25 0.23 24.67 -39.45
N ILE B 26 -0.07 25.36 -38.35
CA ILE B 26 0.79 26.46 -37.91
C ILE B 26 1.09 26.28 -36.43
N THR B 27 2.25 26.77 -36.02
CA THR B 27 2.73 26.59 -34.65
C THR B 27 3.34 27.90 -34.17
N LEU B 28 3.34 28.08 -32.84
CA LEU B 28 3.94 29.26 -32.23
C LEU B 28 4.67 28.81 -30.98
N GLU B 29 6.00 28.70 -31.07
CA GLU B 29 6.77 28.13 -29.98
C GLU B 29 6.87 29.06 -28.78
N PRO B 30 7.45 30.26 -28.91
CA PRO B 30 7.68 31.06 -27.70
C PRO B 30 6.49 31.93 -27.34
N LEU B 31 5.96 31.76 -26.13
CA LEU B 31 4.80 32.52 -25.69
C LEU B 31 4.73 32.45 -24.17
N GLU B 32 4.23 33.53 -23.57
CA GLU B 32 4.09 33.56 -22.13
C GLU B 32 2.94 32.64 -21.72
N ARG B 33 3.09 32.03 -20.54
CA ARG B 33 2.27 30.90 -20.11
C ARG B 33 0.78 31.09 -20.41
N GLY B 34 0.27 32.29 -20.19
CA GLY B 34 -1.16 32.49 -20.28
C GLY B 34 -1.75 32.72 -21.65
N PHE B 35 -1.01 33.36 -22.55
CA PHE B 35 -1.62 33.79 -23.80
C PHE B 35 -1.93 32.65 -24.77
N GLY B 36 -1.42 31.45 -24.53
CA GLY B 36 -1.71 30.36 -25.45
C GLY B 36 -3.19 30.16 -25.64
N HIS B 37 -3.91 29.94 -24.55
CA HIS B 37 -5.35 29.74 -24.64
C HIS B 37 -6.05 30.98 -25.16
N THR B 38 -5.61 32.17 -24.72
CA THR B 38 -6.24 33.40 -25.17
C THR B 38 -6.23 33.48 -26.68
N LEU B 39 -5.03 33.48 -27.27
CA LEU B 39 -4.91 33.62 -28.71
C LEU B 39 -5.57 32.46 -29.44
N GLY B 40 -5.40 31.23 -28.93
CA GLY B 40 -5.97 30.10 -29.63
C GLY B 40 -7.49 30.16 -29.71
N ASN B 41 -8.14 30.36 -28.56
CA ASN B 41 -9.59 30.47 -28.54
C ASN B 41 -10.05 31.68 -29.35
N ALA B 42 -9.35 32.80 -29.22
CA ALA B 42 -9.75 34.00 -29.94
C ALA B 42 -9.70 33.77 -31.44
N LEU B 43 -8.59 33.25 -31.95
CA LEU B 43 -8.47 33.03 -33.37
C LEU B 43 -9.46 31.98 -33.86
N ARG B 44 -9.69 30.95 -33.06
CA ARG B 44 -10.67 29.93 -33.45
C ARG B 44 -12.04 30.55 -33.63
N ARG B 45 -12.48 31.33 -32.65
CA ARG B 45 -13.79 31.94 -32.76
C ARG B 45 -13.82 32.98 -33.88
N ILE B 46 -12.71 33.67 -34.12
CA ILE B 46 -12.65 34.60 -35.23
C ILE B 46 -12.91 33.88 -36.54
N LEU B 47 -12.17 32.80 -36.78
CA LEU B 47 -12.30 32.09 -38.04
C LEU B 47 -13.69 31.48 -38.17
N LEU B 48 -14.26 31.03 -37.06
CA LEU B 48 -15.61 30.50 -37.12
C LEU B 48 -16.64 31.61 -37.31
N SER B 49 -16.47 32.73 -36.60
CA SER B 49 -17.54 33.72 -36.55
C SER B 49 -17.51 34.64 -37.77
N SER B 50 -16.46 35.43 -37.92
CA SER B 50 -16.51 36.59 -38.81
C SER B 50 -15.40 36.55 -39.85
N MET B 51 -15.60 35.78 -40.91
CA MET B 51 -14.86 35.89 -42.15
C MET B 51 -15.85 36.13 -43.29
N PRO B 52 -15.79 37.28 -43.95
CA PRO B 52 -16.72 37.54 -45.05
C PRO B 52 -16.54 36.52 -46.17
N GLY B 53 -17.64 35.99 -46.67
CA GLY B 53 -17.59 35.00 -47.72
C GLY B 53 -18.93 34.92 -48.42
N CYS B 54 -18.93 34.17 -49.53
CA CYS B 54 -20.12 34.02 -50.35
C CYS B 54 -20.56 32.56 -50.34
N ALA B 55 -21.86 32.36 -50.18
CA ALA B 55 -22.43 31.02 -50.18
C ALA B 55 -23.89 31.11 -50.64
N VAL B 56 -24.42 29.97 -51.05
CA VAL B 56 -25.78 29.88 -51.54
C VAL B 56 -26.74 29.69 -50.37
N VAL B 57 -27.86 30.41 -50.42
CA VAL B 57 -28.84 30.36 -49.34
C VAL B 57 -30.20 30.00 -49.90
N GLU B 58 -30.37 30.15 -51.21
CA GLU B 58 -31.64 29.89 -51.86
C GLU B 58 -31.41 29.09 -53.13
N ALA B 59 -32.38 28.23 -53.44
CA ALA B 59 -32.35 27.43 -54.65
C ALA B 59 -33.78 27.25 -55.16
N GLU B 60 -33.90 26.96 -56.45
CA GLU B 60 -35.20 26.68 -57.07
C GLU B 60 -35.11 25.30 -57.72
N ILE B 61 -35.59 24.29 -57.00
CA ILE B 61 -35.64 22.94 -57.54
C ILE B 61 -36.84 22.87 -58.49
N ASP B 62 -36.58 23.01 -59.79
CA ASP B 62 -37.66 22.98 -60.77
C ASP B 62 -38.33 21.62 -60.74
N GLY B 63 -39.64 21.62 -60.53
CA GLY B 63 -40.41 20.40 -60.38
C GLY B 63 -40.54 19.89 -58.97
N VAL B 64 -39.82 20.48 -58.01
CA VAL B 64 -39.93 20.11 -56.60
C VAL B 64 -40.52 21.32 -55.88
N LEU B 65 -41.85 21.34 -55.76
CA LEU B 65 -42.51 22.47 -55.11
C LEU B 65 -42.14 22.54 -53.63
N HIS B 66 -42.14 21.42 -52.95
CA HIS B 66 -41.74 21.33 -51.55
C HIS B 66 -40.35 20.74 -51.45
N GLU B 67 -39.78 20.82 -50.25
CA GLU B 67 -38.48 20.20 -50.02
C GLU B 67 -38.55 18.68 -50.21
N TYR B 68 -39.60 18.05 -49.69
CA TYR B 68 -39.71 16.61 -49.73
C TYR B 68 -40.50 16.12 -50.94
N SER B 69 -40.51 16.89 -52.02
CA SER B 69 -41.04 16.41 -53.27
C SER B 69 -40.12 15.33 -53.84
N ALA B 70 -40.69 14.42 -54.61
CA ALA B 70 -39.95 13.34 -55.21
C ALA B 70 -39.60 13.72 -56.65
N ILE B 71 -38.31 13.71 -56.97
CA ILE B 71 -37.85 14.15 -58.27
C ILE B 71 -37.33 12.97 -59.06
N GLU B 72 -37.16 13.15 -60.36
CA GLU B 72 -36.73 12.07 -61.23
C GLU B 72 -35.65 12.61 -62.16
N GLY B 73 -35.22 11.79 -63.11
CA GLY B 73 -34.13 12.13 -63.99
C GLY B 73 -32.76 12.05 -63.36
N VAL B 74 -32.67 12.06 -62.02
CA VAL B 74 -31.40 11.94 -61.32
C VAL B 74 -31.53 10.84 -60.27
N GLN B 75 -30.47 10.04 -60.15
CA GLN B 75 -30.50 8.90 -59.24
C GLN B 75 -30.64 9.35 -57.79
N GLU B 76 -29.91 10.40 -57.42
CA GLU B 76 -29.91 10.87 -56.04
C GLU B 76 -31.23 11.55 -55.70
N ASP B 77 -31.38 11.92 -54.44
CA ASP B 77 -32.56 12.63 -53.95
C ASP B 77 -32.19 14.07 -53.59
N VAL B 78 -33.22 14.87 -53.30
CA VAL B 78 -33.04 16.31 -53.17
C VAL B 78 -32.12 16.65 -52.01
N ILE B 79 -32.17 15.86 -50.94
CA ILE B 79 -31.34 16.15 -49.78
C ILE B 79 -29.86 15.97 -50.14
N GLU B 80 -29.55 14.92 -50.88
CA GLU B 80 -28.18 14.73 -51.33
C GLU B 80 -27.75 15.89 -52.22
N ILE B 81 -28.64 16.35 -53.11
CA ILE B 81 -28.30 17.44 -54.02
C ILE B 81 -27.98 18.71 -53.24
N LEU B 82 -28.81 19.02 -52.24
CA LEU B 82 -28.58 20.25 -51.48
C LEU B 82 -27.31 20.12 -50.65
N LEU B 83 -27.03 18.93 -50.14
CA LEU B 83 -25.76 18.71 -49.45
C LEU B 83 -24.59 18.93 -50.39
N ASN B 84 -24.73 18.50 -51.65
CA ASN B 84 -23.67 18.75 -52.62
C ASN B 84 -23.46 20.24 -52.83
N LEU B 85 -24.53 20.96 -53.17
CA LEU B 85 -24.32 22.35 -53.56
C LEU B 85 -24.01 23.21 -52.35
N LYS B 86 -24.16 22.65 -51.15
CA LYS B 86 -23.62 23.33 -49.98
C LYS B 86 -22.10 23.42 -50.06
N GLY B 87 -21.46 22.43 -50.70
CA GLY B 87 -20.01 22.33 -50.64
C GLY B 87 -19.23 23.24 -51.55
N LEU B 88 -19.87 23.89 -52.52
CA LEU B 88 -19.12 24.71 -53.46
C LEU B 88 -18.61 25.98 -52.79
N ALA B 89 -17.42 26.40 -53.19
CA ALA B 89 -16.81 27.64 -52.70
C ALA B 89 -16.75 28.64 -53.84
N ILE B 90 -17.41 29.78 -53.68
CA ILE B 90 -17.55 30.78 -54.73
C ILE B 90 -17.06 32.12 -54.20
N LYS B 91 -16.20 32.78 -54.97
CA LYS B 91 -15.79 34.14 -54.69
C LYS B 91 -16.50 35.08 -55.66
N LEU B 92 -17.18 36.08 -55.11
CA LEU B 92 -17.94 37.04 -55.90
C LEU B 92 -17.20 38.37 -55.90
N HIS B 93 -16.49 38.65 -56.99
CA HIS B 93 -15.77 39.91 -57.11
C HIS B 93 -16.65 41.04 -57.66
N GLY B 94 -17.81 40.71 -58.20
CA GLY B 94 -18.65 41.72 -58.84
C GLY B 94 -19.61 42.43 -57.93
N ARG B 95 -20.37 41.66 -57.14
CA ARG B 95 -21.46 42.22 -56.34
C ARG B 95 -21.45 41.52 -54.99
N ASP B 96 -22.53 41.68 -54.24
CA ASP B 96 -22.78 40.94 -53.02
C ASP B 96 -24.04 40.09 -53.16
N GLU B 97 -24.53 39.98 -54.39
CA GLU B 97 -25.75 39.24 -54.68
C GLU B 97 -25.75 38.73 -56.12
N VAL B 98 -26.16 37.47 -56.31
CA VAL B 98 -26.27 36.90 -57.63
C VAL B 98 -27.11 35.64 -57.52
N THR B 99 -27.86 35.33 -58.57
CA THR B 99 -28.62 34.10 -58.68
C THR B 99 -28.16 33.36 -59.92
N LEU B 100 -27.66 32.14 -59.74
CA LEU B 100 -27.09 31.38 -60.83
C LEU B 100 -28.08 30.32 -61.31
N THR B 101 -27.97 30.00 -62.59
CA THR B 101 -28.85 29.05 -63.24
C THR B 101 -28.06 27.85 -63.74
N LEU B 102 -28.60 26.66 -63.52
CA LEU B 102 -28.09 25.43 -64.09
C LEU B 102 -29.22 24.72 -64.81
N ALA B 103 -28.97 24.28 -66.03
CA ALA B 103 -29.97 23.55 -66.81
C ALA B 103 -29.25 22.53 -67.68
N LYS B 104 -29.58 21.25 -67.49
CA LYS B 104 -29.00 20.19 -68.31
C LYS B 104 -29.86 18.94 -68.15
N LYS B 105 -30.00 18.19 -69.23
CA LYS B 105 -30.87 17.02 -69.23
C LYS B 105 -30.48 16.05 -70.34
N VAL B 109 -24.80 13.30 -66.15
CA VAL B 109 -23.91 13.62 -65.05
C VAL B 109 -23.88 15.12 -64.81
N VAL B 110 -23.91 15.53 -63.54
CA VAL B 110 -23.95 16.94 -63.17
C VAL B 110 -22.66 17.30 -62.46
N THR B 111 -22.00 18.35 -62.95
CA THR B 111 -20.79 18.87 -62.35
C THR B 111 -20.99 20.35 -62.07
N ALA B 112 -20.15 20.88 -61.17
CA ALA B 112 -20.25 22.29 -60.82
C ALA B 112 -19.94 23.18 -62.02
N ALA B 113 -19.08 22.71 -62.92
CA ALA B 113 -18.77 23.49 -64.12
C ALA B 113 -19.97 23.65 -65.04
N ASP B 114 -21.01 22.82 -64.86
CA ASP B 114 -22.20 22.93 -65.69
C ASP B 114 -22.98 24.20 -65.44
N ILE B 115 -22.66 24.95 -64.40
CA ILE B 115 -23.33 26.21 -64.13
C ILE B 115 -22.69 27.31 -64.96
N GLN B 116 -23.50 28.09 -65.65
CA GLN B 116 -23.01 29.25 -66.35
C GLN B 116 -22.59 30.32 -65.35
N LEU B 117 -21.82 31.29 -65.84
CA LEU B 117 -21.30 32.34 -64.98
C LEU B 117 -21.06 33.60 -65.80
N ASP B 118 -20.86 34.71 -65.09
CA ASP B 118 -20.54 35.99 -65.70
C ASP B 118 -19.12 36.38 -65.31
N HIS B 119 -18.70 37.57 -65.73
CA HIS B 119 -17.37 38.06 -65.38
C HIS B 119 -17.27 38.40 -63.90
N ASP B 120 -18.42 38.51 -63.22
CA ASP B 120 -18.41 38.91 -61.81
C ASP B 120 -18.14 37.71 -60.91
N VAL B 121 -19.01 36.70 -60.96
CA VAL B 121 -18.88 35.56 -60.06
C VAL B 121 -17.69 34.71 -60.46
N GLU B 122 -17.30 33.81 -59.56
CA GLU B 122 -16.27 32.83 -59.84
C GLU B 122 -16.46 31.66 -58.90
N ILE B 123 -16.33 30.45 -59.43
CA ILE B 123 -16.44 29.23 -58.63
C ILE B 123 -15.05 28.62 -58.49
N ILE B 124 -14.71 28.21 -57.27
CA ILE B 124 -13.37 27.69 -57.01
C ILE B 124 -13.13 26.39 -57.78
N ASN B 125 -14.09 25.47 -57.70
CA ASN B 125 -13.96 24.15 -58.32
C ASN B 125 -15.24 23.82 -59.07
N GLY B 126 -15.19 23.99 -60.40
CA GLY B 126 -16.28 23.53 -61.23
C GLY B 126 -16.33 22.03 -61.43
N ASP B 127 -15.30 21.32 -60.97
CA ASP B 127 -15.23 19.88 -61.07
C ASP B 127 -16.10 19.16 -60.04
N HIS B 128 -16.54 19.86 -59.00
CA HIS B 128 -17.33 19.23 -57.96
C HIS B 128 -18.62 18.67 -58.52
N VAL B 129 -18.97 17.45 -58.09
CA VAL B 129 -20.12 16.75 -58.64
C VAL B 129 -21.36 17.08 -57.82
N ILE B 130 -22.52 17.06 -58.47
CA ILE B 130 -23.78 17.25 -57.77
C ILE B 130 -24.73 16.08 -58.03
N ALA B 131 -24.90 15.67 -59.28
CA ALA B 131 -25.88 14.65 -59.61
C ALA B 131 -25.50 13.96 -60.92
N ASN B 132 -26.45 13.21 -61.46
CA ASN B 132 -26.25 12.42 -62.68
C ASN B 132 -27.59 12.26 -63.38
N LEU B 133 -27.59 12.40 -64.71
CA LEU B 133 -28.83 12.37 -65.47
C LEU B 133 -29.29 10.93 -65.68
N ALA B 134 -30.32 10.77 -66.50
CA ALA B 134 -30.87 9.45 -66.83
C ALA B 134 -31.44 9.43 -68.24
N LEU B 139 -32.33 19.39 -65.95
CA LEU B 139 -32.21 19.81 -64.55
C LEU B 139 -32.09 21.32 -64.44
N ASN B 140 -33.24 22.00 -64.42
CA ASN B 140 -33.28 23.45 -64.37
C ASN B 140 -33.08 23.89 -62.93
N MET B 141 -31.84 24.26 -62.60
CA MET B 141 -31.48 24.68 -61.26
C MET B 141 -31.30 26.20 -61.23
N LYS B 142 -32.10 26.86 -60.41
CA LYS B 142 -32.00 28.29 -60.19
C LYS B 142 -31.69 28.53 -58.72
N LEU B 143 -30.43 28.76 -58.41
CA LEU B 143 -29.98 28.94 -57.05
C LEU B 143 -29.39 30.33 -56.86
N LYS B 144 -29.59 30.89 -55.67
CA LYS B 144 -29.22 32.26 -55.38
C LYS B 144 -28.08 32.26 -54.37
N VAL B 145 -27.04 33.01 -54.65
CA VAL B 145 -25.83 33.07 -53.82
C VAL B 145 -25.69 34.48 -53.28
N ALA B 146 -25.33 34.58 -52.01
CA ALA B 146 -25.15 35.87 -51.37
C ALA B 146 -23.84 35.86 -50.59
N ARG B 147 -23.42 37.03 -50.15
CA ARG B 147 -22.25 37.20 -49.32
C ARG B 147 -22.68 37.27 -47.86
N GLY B 148 -21.80 36.81 -46.98
CA GLY B 148 -22.16 36.76 -45.57
C GLY B 148 -20.93 36.72 -44.69
N ARG B 149 -21.19 36.65 -43.38
CA ARG B 149 -20.17 36.84 -42.36
C ARG B 149 -19.65 35.53 -41.79
N GLY B 150 -20.54 34.61 -41.45
CA GLY B 150 -20.13 33.37 -40.83
C GLY B 150 -20.93 32.17 -41.27
N TYR B 151 -21.36 31.35 -40.31
CA TYR B 151 -22.18 30.17 -40.59
C TYR B 151 -23.57 30.48 -40.09
N GLU B 152 -24.51 30.63 -41.02
CA GLU B 152 -25.87 31.01 -40.66
C GLU B 152 -26.85 30.00 -41.22
N PRO B 153 -27.45 29.15 -40.39
CA PRO B 153 -28.50 28.26 -40.89
C PRO B 153 -29.69 29.06 -41.40
N ALA B 154 -30.36 28.52 -42.43
CA ALA B 154 -31.53 29.19 -42.97
C ALA B 154 -32.64 29.28 -41.93
N ASP B 155 -32.62 28.40 -40.92
CA ASP B 155 -33.54 28.54 -39.80
C ASP B 155 -33.38 29.89 -39.13
N ALA B 156 -32.17 30.44 -39.13
CA ALA B 156 -31.94 31.80 -38.64
C ALA B 156 -32.01 32.80 -39.78
N ARG B 157 -33.17 32.81 -40.45
CA ARG B 157 -33.43 33.68 -41.59
C ARG B 157 -32.38 33.50 -42.68
N ARG B 169 -36.02 23.64 -50.99
CA ARG B 169 -35.03 24.16 -51.93
C ARG B 169 -34.96 25.68 -51.84
N LEU B 170 -36.09 26.30 -51.53
CA LEU B 170 -36.15 27.76 -51.47
C LEU B 170 -35.18 28.33 -50.45
N GLN B 171 -34.76 27.53 -49.48
CA GLN B 171 -33.83 27.95 -48.44
C GLN B 171 -32.87 26.82 -48.12
N LEU B 172 -31.71 27.17 -47.58
CA LEU B 172 -30.71 26.19 -47.16
C LEU B 172 -29.71 26.87 -46.24
N ASP B 173 -29.04 26.05 -45.43
CA ASP B 173 -28.02 26.56 -44.51
C ASP B 173 -26.88 27.20 -45.28
N ALA B 174 -26.04 27.93 -44.55
CA ALA B 174 -24.91 28.62 -45.14
C ALA B 174 -23.74 28.64 -44.18
N SER B 175 -22.54 28.58 -44.74
CA SER B 175 -21.30 28.73 -43.99
C SER B 175 -20.43 29.68 -44.82
N PHE B 176 -20.61 30.98 -44.59
CA PHE B 176 -19.89 31.97 -45.38
C PHE B 176 -18.41 31.98 -45.03
N SER B 177 -18.07 31.50 -43.84
CA SER B 177 -16.68 31.40 -43.45
C SER B 177 -15.95 30.42 -44.37
N PRO B 178 -14.74 30.74 -44.81
CA PRO B 178 -14.04 29.87 -45.75
C PRO B 178 -13.32 28.70 -45.11
N VAL B 179 -13.14 28.70 -43.80
CA VAL B 179 -12.45 27.62 -43.11
C VAL B 179 -13.45 26.53 -42.77
N ARG B 180 -13.26 25.35 -43.35
CA ARG B 180 -14.14 24.22 -43.10
C ARG B 180 -13.97 23.67 -41.69
N ARG B 181 -12.74 23.70 -41.18
CA ARG B 181 -12.45 23.12 -39.88
C ARG B 181 -11.23 23.81 -39.28
N VAL B 182 -11.34 24.17 -38.01
CA VAL B 182 -10.23 24.73 -37.25
C VAL B 182 -10.25 24.13 -35.86
N SER B 183 -9.08 23.70 -35.39
CA SER B 183 -8.94 23.22 -34.03
C SER B 183 -7.61 23.74 -33.50
N TYR B 184 -7.49 23.73 -32.17
CA TYR B 184 -6.26 24.26 -31.57
C TYR B 184 -5.98 23.52 -30.28
N VAL B 185 -4.72 23.61 -29.85
CA VAL B 185 -4.26 22.96 -28.64
C VAL B 185 -2.96 23.61 -28.22
N VAL B 186 -2.79 23.76 -26.90
CA VAL B 186 -1.59 24.37 -26.33
C VAL B 186 -0.85 23.32 -25.53
N GLU B 187 0.42 23.11 -25.87
CA GLU B 187 1.29 22.24 -25.09
C GLU B 187 2.49 23.06 -24.64
N ASN B 188 3.24 22.48 -23.71
CA ASN B 188 4.30 23.21 -23.02
C ASN B 188 5.35 23.66 -24.03
N ALA B 189 5.88 24.86 -23.81
CA ALA B 189 6.94 25.43 -24.63
C ALA B 189 8.21 25.50 -23.79
N ARG B 190 9.29 24.91 -24.30
CA ARG B 190 10.51 24.70 -23.53
C ARG B 190 11.50 25.81 -23.83
N VAL B 191 11.75 26.67 -22.84
CA VAL B 191 12.84 27.64 -22.88
C VAL B 191 13.80 27.29 -21.76
N GLU B 192 15.09 27.26 -22.08
CA GLU B 192 16.11 26.69 -21.18
C GLU B 192 16.00 27.22 -19.75
N GLN B 193 15.65 28.49 -19.60
CA GLN B 193 15.54 29.10 -18.29
C GLN B 193 14.12 29.49 -17.90
N ARG B 194 13.15 29.31 -18.78
CA ARG B 194 11.74 29.52 -18.43
C ARG B 194 11.03 28.21 -18.15
N THR B 195 11.12 27.26 -19.09
CA THR B 195 10.85 25.84 -18.88
C THR B 195 9.38 25.50 -18.70
N ASN B 196 8.50 26.49 -18.58
CA ASN B 196 7.07 26.21 -18.59
C ASN B 196 6.37 27.37 -19.28
N LEU B 197 6.17 27.22 -20.59
CA LEU B 197 5.47 28.17 -21.43
C LEU B 197 4.48 27.41 -22.29
N ASP B 198 3.81 28.11 -23.18
CA ASP B 198 2.76 27.51 -24.01
C ASP B 198 3.16 27.58 -25.47
N LYS B 199 3.10 26.44 -26.14
CA LYS B 199 3.21 26.38 -27.59
C LYS B 199 1.81 26.31 -28.17
N LEU B 200 1.57 27.12 -29.20
CA LEU B 200 0.27 27.17 -29.86
C LEU B 200 0.33 26.32 -31.11
N VAL B 201 -0.67 25.46 -31.29
CA VAL B 201 -0.77 24.60 -32.47
C VAL B 201 -2.16 24.82 -33.06
N LEU B 202 -2.21 25.16 -34.33
CA LEU B 202 -3.47 25.39 -35.04
C LEU B 202 -3.49 24.54 -36.29
N ASP B 203 -4.63 23.92 -36.57
CA ASP B 203 -4.87 23.28 -37.85
C ASP B 203 -6.02 24.00 -38.54
N LEU B 204 -5.90 24.17 -39.85
CA LEU B 204 -6.89 24.85 -40.65
C LEU B 204 -7.32 23.98 -41.82
N GLU B 205 -8.54 24.21 -42.27
CA GLU B 205 -9.01 23.61 -43.51
C GLU B 205 -9.91 24.62 -44.18
N THR B 206 -9.36 25.37 -45.13
CA THR B 206 -10.10 26.38 -45.85
C THR B 206 -10.92 25.70 -46.94
N ASN B 207 -11.93 26.42 -47.44
CA ASN B 207 -12.69 25.91 -48.57
C ASN B 207 -11.85 25.90 -49.84
N GLY B 208 -10.59 26.32 -49.75
CA GLY B 208 -9.73 26.47 -50.91
C GLY B 208 -9.83 27.83 -51.55
N THR B 209 -10.89 28.59 -51.24
CA THR B 209 -11.00 29.94 -51.74
C THR B 209 -9.97 30.87 -51.12
N LEU B 210 -9.28 30.43 -50.07
CA LEU B 210 -8.28 31.27 -49.42
C LEU B 210 -7.13 30.40 -48.95
N ASP B 211 -5.92 30.94 -49.04
CA ASP B 211 -4.77 30.29 -48.42
C ASP B 211 -4.94 30.32 -46.91
N PRO B 212 -4.81 29.17 -46.24
CA PRO B 212 -4.96 29.14 -44.78
C PRO B 212 -4.02 30.10 -44.06
N GLU B 213 -2.77 30.21 -44.49
CA GLU B 213 -1.86 31.19 -43.91
C GLU B 213 -2.38 32.60 -44.17
N GLU B 214 -2.88 32.84 -45.39
CA GLU B 214 -3.53 34.11 -45.67
C GLU B 214 -4.79 34.29 -44.82
N ALA B 215 -5.50 33.21 -44.52
CA ALA B 215 -6.68 33.31 -43.67
C ALA B 215 -6.29 33.74 -42.26
N ILE B 216 -5.20 33.17 -41.74
CA ILE B 216 -4.71 33.58 -40.43
C ILE B 216 -4.31 35.05 -40.46
N ARG B 217 -3.64 35.48 -41.54
CA ARG B 217 -3.32 36.90 -41.66
C ARG B 217 -4.59 37.75 -41.65
N ARG B 218 -5.63 37.33 -42.38
CA ARG B 218 -6.86 38.11 -42.42
C ARG B 218 -7.49 38.21 -41.04
N ALA B 219 -7.54 37.10 -40.31
CA ALA B 219 -8.10 37.11 -38.97
C ALA B 219 -7.30 38.02 -38.05
N ALA B 220 -5.97 37.98 -38.18
CA ALA B 220 -5.13 38.86 -37.38
C ALA B 220 -5.41 40.32 -37.68
N THR B 221 -5.55 40.67 -38.94
CA THR B 221 -5.87 42.06 -39.27
C THR B 221 -7.23 42.47 -38.73
N ILE B 222 -8.20 41.54 -38.75
CA ILE B 222 -9.51 41.85 -38.18
C ILE B 222 -9.38 42.16 -36.70
N LEU B 223 -8.70 41.27 -35.97
CA LEU B 223 -8.59 41.46 -34.53
C LEU B 223 -7.80 42.72 -34.20
N GLN B 224 -6.75 43.01 -34.98
CA GLN B 224 -6.00 44.24 -34.79
C GLN B 224 -6.86 45.46 -35.04
N GLN B 225 -7.56 45.50 -36.18
CA GLN B 225 -8.37 46.65 -36.52
C GLN B 225 -9.53 46.83 -35.56
N GLN B 226 -9.82 45.80 -34.76
CA GLN B 226 -10.78 45.99 -33.68
C GLN B 226 -10.30 47.01 -32.64
N LEU B 227 -9.05 46.95 -32.22
CA LEU B 227 -8.66 47.76 -31.07
C LEU B 227 -7.50 48.70 -31.39
N ALA B 228 -7.32 49.05 -32.67
CA ALA B 228 -6.30 50.02 -33.02
C ALA B 228 -6.62 51.42 -32.47
N ALA B 229 -7.86 51.65 -32.05
CA ALA B 229 -8.23 52.96 -31.50
C ALA B 229 -7.48 53.24 -30.21
N PHE B 230 -7.28 52.21 -29.40
CA PHE B 230 -6.77 52.39 -28.05
C PHE B 230 -5.33 51.98 -27.87
N VAL B 231 -4.78 51.15 -28.76
CA VAL B 231 -3.37 50.80 -28.68
C VAL B 231 -2.54 51.95 -29.22
N ASP B 232 -1.42 52.23 -28.54
CA ASP B 232 -0.52 53.30 -28.96
C ASP B 232 0.88 53.08 -28.39
N TYR C 3 -22.79 33.96 30.07
CA TYR C 3 -22.35 34.02 28.68
C TYR C 3 -20.85 34.29 28.62
N SER C 4 -20.10 33.35 28.05
CA SER C 4 -18.65 33.43 28.12
C SER C 4 -18.12 34.56 27.24
N TYR C 5 -16.93 35.05 27.62
CA TYR C 5 -16.29 36.10 26.86
C TYR C 5 -15.78 35.60 25.52
N THR C 6 -15.22 34.40 25.48
CA THR C 6 -14.66 33.87 24.25
C THR C 6 -15.73 33.70 23.18
N GLU C 7 -16.86 33.12 23.57
CA GLU C 7 -17.95 32.95 22.61
C GLU C 7 -18.50 34.29 22.14
N LYS C 8 -18.34 35.35 22.92
CA LYS C 8 -18.83 36.66 22.54
C LYS C 8 -18.12 37.22 21.32
N LYS C 9 -16.98 36.65 20.92
CA LYS C 9 -16.26 37.10 19.75
C LYS C 9 -16.75 36.44 18.47
N ARG C 10 -17.31 35.24 18.57
CA ARG C 10 -17.88 34.57 17.42
C ARG C 10 -18.81 33.47 17.91
N ILE C 11 -20.01 33.42 17.35
CA ILE C 11 -21.03 32.47 17.75
C ILE C 11 -21.37 31.59 16.56
N ARG C 12 -21.32 30.28 16.76
CA ARG C 12 -21.71 29.33 15.73
C ARG C 12 -23.21 29.09 15.80
N LYS C 13 -23.89 29.25 14.67
CA LYS C 13 -25.28 28.85 14.60
C LYS C 13 -25.37 27.33 14.69
N ASP C 14 -25.77 26.82 15.85
CA ASP C 14 -25.89 25.40 16.07
C ASP C 14 -27.21 24.91 15.49
N PHE C 15 -27.13 23.85 14.68
CA PHE C 15 -28.32 23.25 14.10
C PHE C 15 -28.86 22.11 14.95
N SER C 16 -28.43 22.03 16.20
CA SER C 16 -28.89 20.97 17.08
C SER C 16 -30.36 21.14 17.39
N LYS C 17 -31.14 20.08 17.15
CA LYS C 17 -32.53 20.05 17.54
C LYS C 17 -32.72 19.45 18.93
N LEU C 18 -31.83 18.56 19.34
CA LEU C 18 -31.92 17.91 20.63
C LEU C 18 -31.43 18.83 21.73
N PRO C 19 -31.97 18.69 22.94
CA PRO C 19 -31.45 19.44 24.08
C PRO C 19 -30.20 18.76 24.64
N ASP C 20 -29.28 19.60 25.12
CA ASP C 20 -28.07 19.11 25.76
C ASP C 20 -28.37 18.80 27.22
N VAL C 21 -28.23 17.54 27.59
CA VAL C 21 -28.64 17.07 28.91
C VAL C 21 -27.47 17.05 29.88
N MET C 22 -26.25 17.02 29.37
CA MET C 22 -25.05 17.14 30.20
C MET C 22 -23.85 17.45 29.31
N ASP C 23 -22.97 18.30 29.82
CA ASP C 23 -21.84 18.77 29.04
C ASP C 23 -20.84 17.66 28.79
N VAL C 24 -20.13 17.77 27.67
CA VAL C 24 -19.10 16.79 27.34
C VAL C 24 -18.04 16.79 28.44
N PRO C 25 -17.66 15.64 28.98
CA PRO C 25 -16.66 15.62 30.04
C PRO C 25 -15.28 15.96 29.51
N TYR C 26 -14.39 16.30 30.43
CA TYR C 26 -13.02 16.59 30.07
C TYR C 26 -12.38 15.37 29.42
N LEU C 27 -11.75 15.57 28.27
CA LEU C 27 -11.32 14.44 27.44
C LEU C 27 -10.15 13.70 28.06
N LEU C 28 -9.16 14.43 28.56
CA LEU C 28 -7.91 13.81 29.00
C LEU C 28 -7.98 13.30 30.43
N ALA C 29 -9.14 13.41 31.08
CA ALA C 29 -9.27 12.91 32.45
C ALA C 29 -8.96 11.42 32.54
N ILE C 30 -9.13 10.69 31.44
CA ILE C 30 -8.86 9.27 31.44
C ILE C 30 -7.40 9.01 31.80
N GLN C 31 -6.48 9.75 31.19
CA GLN C 31 -5.08 9.62 31.56
C GLN C 31 -4.78 10.30 32.89
N LEU C 32 -5.27 11.53 33.06
CA LEU C 32 -4.86 12.35 34.19
C LEU C 32 -5.28 11.75 35.52
N ASP C 33 -6.49 11.22 35.63
CA ASP C 33 -6.90 10.62 36.89
C ASP C 33 -6.03 9.43 37.25
N SER C 34 -5.65 8.64 36.25
CA SER C 34 -4.92 7.40 36.52
C SER C 34 -3.57 7.69 37.16
N TYR C 35 -2.77 8.55 36.54
CA TYR C 35 -1.45 8.83 37.09
C TYR C 35 -1.56 9.50 38.45
N ARG C 36 -2.47 10.46 38.60
CA ARG C 36 -2.55 11.17 39.87
C ARG C 36 -3.07 10.27 40.98
N GLU C 37 -3.89 9.28 40.66
CA GLU C 37 -4.30 8.30 41.66
C GLU C 37 -3.16 7.36 42.00
N PHE C 38 -2.38 6.98 40.98
CA PHE C 38 -1.22 6.12 41.22
C PHE C 38 -0.19 6.84 42.09
N LEU C 39 -0.07 8.15 41.95
CA LEU C 39 0.90 8.92 42.72
C LEU C 39 0.47 9.11 44.16
N GLN C 40 -0.83 9.29 44.40
CA GLN C 40 -1.35 9.58 45.74
C GLN C 40 -0.63 10.79 46.33
N ALA C 41 -0.61 11.87 45.56
CA ALA C 41 0.17 13.05 45.93
C ALA C 41 -0.32 13.63 47.26
N GLY C 42 -1.62 13.76 47.42
CA GLY C 42 -2.17 14.25 48.67
C GLY C 42 -2.42 13.13 49.66
N ALA C 43 -1.49 12.93 50.58
CA ALA C 43 -1.56 11.83 51.52
C ALA C 43 -2.09 12.31 52.87
N THR C 44 -3.18 11.69 53.31
CA THR C 44 -3.71 11.94 54.64
C THR C 44 -2.76 11.29 55.66
N LYS C 45 -3.13 11.36 56.94
CA LYS C 45 -2.40 10.61 57.95
C LYS C 45 -2.32 9.14 57.55
N GLU C 46 -3.39 8.63 56.95
CA GLU C 46 -3.37 7.38 56.20
C GLU C 46 -3.82 7.70 54.78
N GLN C 47 -2.88 7.65 53.84
CA GLN C 47 -3.21 7.88 52.44
C GLN C 47 -4.13 6.78 51.93
N PHE C 48 -4.82 7.07 50.83
CA PHE C 48 -5.77 6.11 50.28
C PHE C 48 -5.08 4.79 49.99
N ARG C 49 -5.59 3.71 50.60
CA ARG C 49 -4.99 2.39 50.47
C ARG C 49 -5.19 1.77 49.09
N ASP C 50 -5.78 2.51 48.15
CA ASP C 50 -6.02 2.00 46.82
C ASP C 50 -4.71 1.87 46.06
N VAL C 51 -4.83 1.46 44.80
CA VAL C 51 -3.66 1.17 43.98
C VAL C 51 -2.74 2.37 43.89
N GLY C 52 -1.48 2.10 43.58
CA GLY C 52 -0.46 3.12 43.54
C GLY C 52 0.83 2.56 44.08
N LEU C 53 1.84 3.43 44.11
CA LEU C 53 3.11 3.04 44.71
C LEU C 53 2.90 2.68 46.17
N HIS C 54 1.98 3.38 46.82
CA HIS C 54 1.58 3.03 48.19
C HIS C 54 1.08 1.60 48.28
N ALA C 55 0.20 1.22 47.37
CA ALA C 55 -0.32 -0.15 47.37
C ALA C 55 0.81 -1.14 47.13
N ALA C 56 1.73 -0.81 46.23
CA ALA C 56 2.87 -1.69 45.96
C ALA C 56 3.78 -1.83 47.17
N PHE C 57 4.06 -0.73 47.87
CA PHE C 57 4.89 -0.81 49.07
C PHE C 57 4.28 -1.72 50.12
N LYS C 58 3.03 -1.45 50.51
CA LYS C 58 2.38 -2.35 51.47
C LYS C 58 2.12 -3.73 50.87
N SER C 59 2.25 -3.87 49.56
CA SER C 59 2.27 -5.20 48.96
C SER C 59 3.56 -5.93 49.30
N VAL C 60 4.70 -5.23 49.26
CA VAL C 60 5.97 -5.86 49.60
C VAL C 60 6.51 -5.39 50.96
N PHE C 61 5.63 -4.88 51.83
CA PHE C 61 6.09 -4.27 53.07
C PHE C 61 6.78 -5.25 54.02
N PRO C 62 6.11 -6.28 54.54
CA PRO C 62 6.75 -7.10 55.57
C PRO C 62 7.84 -7.98 54.99
N ILE C 63 8.95 -8.07 55.71
CA ILE C 63 10.09 -8.88 55.33
C ILE C 63 10.55 -9.69 56.54
N ILE C 64 10.79 -10.98 56.32
CA ILE C 64 11.32 -11.87 57.34
C ILE C 64 12.63 -12.45 56.84
N SER C 65 13.69 -12.31 57.62
CA SER C 65 14.97 -12.87 57.25
C SER C 65 14.87 -14.39 57.15
N TYR C 66 15.40 -14.93 56.06
CA TYR C 66 15.39 -16.38 55.82
C TYR C 66 16.16 -17.06 56.95
N SER C 67 15.44 -17.82 57.78
CA SER C 67 16.01 -18.46 58.96
C SER C 67 16.68 -17.43 59.87
N GLY C 68 16.06 -16.24 59.94
CA GLY C 68 16.60 -15.17 60.75
C GLY C 68 15.47 -14.32 61.29
N ASN C 69 15.79 -13.59 62.35
CA ASN C 69 14.84 -12.70 63.02
C ASN C 69 15.28 -11.28 62.75
N ALA C 70 14.83 -10.74 61.61
CA ALA C 70 15.14 -9.38 61.20
C ALA C 70 14.10 -8.93 60.19
N ALA C 71 13.44 -7.81 60.45
CA ALA C 71 12.30 -7.39 59.66
C ALA C 71 12.50 -5.97 59.14
N LEU C 72 11.80 -5.67 58.05
CA LEU C 72 11.80 -4.34 57.45
C LEU C 72 10.37 -3.85 57.33
N GLU C 73 9.92 -3.04 58.28
CA GLU C 73 8.60 -2.43 58.23
C GLU C 73 8.64 -1.23 57.29
N TYR C 74 7.54 -1.02 56.58
CA TYR C 74 7.42 0.11 55.65
C TYR C 74 6.53 1.18 56.27
N VAL C 75 7.07 2.39 56.37
CA VAL C 75 6.29 3.53 56.75
C VAL C 75 6.02 4.36 55.49
N GLY C 76 5.12 5.33 55.60
CA GLY C 76 4.70 6.11 54.45
C GLY C 76 5.82 6.77 53.69
N TYR C 77 5.77 6.66 52.37
CA TYR C 77 6.82 7.25 51.54
C TYR C 77 6.65 8.76 51.46
N ARG C 78 7.70 9.43 51.00
CA ARG C 78 7.69 10.87 50.79
C ARG C 78 8.08 11.15 49.36
N LEU C 79 7.22 11.88 48.65
CA LEU C 79 7.48 12.23 47.27
C LEU C 79 8.43 13.42 47.18
N GLY C 80 9.33 13.38 46.20
CA GLY C 80 10.26 14.47 45.99
C GLY C 80 9.61 15.61 45.23
N GLU C 81 10.38 16.69 45.13
CA GLU C 81 9.94 17.87 44.39
C GLU C 81 10.56 17.85 43.01
N PRO C 82 9.87 18.34 41.98
CA PRO C 82 10.41 18.26 40.62
C PRO C 82 11.73 19.00 40.50
N ALA C 83 12.78 18.27 40.15
CA ALA C 83 14.10 18.85 40.04
C ALA C 83 14.15 19.93 38.97
N PHE C 84 13.47 19.69 37.84
CA PHE C 84 13.42 20.64 36.75
C PHE C 84 11.98 21.03 36.47
N ASP C 85 11.83 22.10 35.70
CA ASP C 85 10.54 22.39 35.08
C ASP C 85 10.45 21.64 33.76
N VAL C 86 9.21 21.34 33.35
CA VAL C 86 9.01 20.51 32.16
C VAL C 86 9.63 21.17 30.94
N LYS C 87 9.45 22.48 30.79
CA LYS C 87 10.08 23.19 29.68
C LYS C 87 11.60 23.13 29.78
N GLU C 88 12.13 23.31 30.99
CA GLU C 88 13.56 23.14 31.19
C GLU C 88 14.00 21.73 30.86
N CYS C 89 13.18 20.74 31.24
CA CYS C 89 13.50 19.35 30.91
C CYS C 89 13.59 19.14 29.41
N VAL C 90 12.64 19.71 28.66
CA VAL C 90 12.70 19.61 27.21
C VAL C 90 13.95 20.29 26.68
N LEU C 91 14.28 21.46 27.22
CA LEU C 91 15.49 22.16 26.81
C LEU C 91 16.72 21.30 27.08
N ARG C 92 16.71 20.51 28.15
CA ARG C 92 17.87 19.73 28.55
C ARG C 92 17.75 18.24 28.25
N GLY C 93 16.59 17.64 28.50
CA GLY C 93 16.45 16.20 28.33
C GLY C 93 16.56 15.43 29.64
N VAL C 94 15.85 15.92 30.66
CA VAL C 94 15.98 15.36 32.01
C VAL C 94 14.81 14.47 32.40
N THR C 95 13.90 14.18 31.48
CA THR C 95 12.77 13.28 31.67
C THR C 95 11.75 13.79 32.67
N PHE C 96 11.84 15.05 33.10
CA PHE C 96 10.82 15.71 33.93
C PHE C 96 10.47 14.88 35.16
N ALA C 97 11.48 14.20 35.70
CA ALA C 97 11.29 13.24 36.77
C ALA C 97 11.10 13.95 38.10
N VAL C 98 10.64 13.20 39.09
CA VAL C 98 10.51 13.69 40.47
C VAL C 98 11.06 12.61 41.40
N PRO C 99 11.82 12.98 42.43
CA PRO C 99 12.44 11.98 43.28
C PRO C 99 11.41 11.30 44.17
N LEU C 100 11.85 10.22 44.81
CA LEU C 100 10.97 9.43 45.66
C LEU C 100 11.77 8.79 46.78
N ARG C 101 11.25 8.87 47.99
CA ARG C 101 11.86 8.22 49.14
C ARG C 101 10.76 7.66 50.04
N VAL C 102 11.11 6.61 50.77
CA VAL C 102 10.18 5.90 51.63
C VAL C 102 10.81 5.76 53.00
N LYS C 103 9.96 5.56 54.01
CA LYS C 103 10.42 5.41 55.39
C LYS C 103 10.33 3.93 55.75
N VAL C 104 11.43 3.40 56.28
CA VAL C 104 11.52 1.98 56.59
C VAL C 104 12.09 1.81 57.99
N ARG C 105 11.89 0.63 58.55
CA ARG C 105 12.32 0.31 59.91
C ARG C 105 12.93 -1.08 59.91
N LEU C 106 14.15 -1.20 60.42
CA LEU C 106 14.84 -2.48 60.52
C LEU C 106 14.63 -3.04 61.93
N ILE C 107 13.85 -4.11 62.03
CA ILE C 107 13.46 -4.67 63.32
C ILE C 107 14.12 -6.04 63.44
N ILE C 108 15.17 -6.12 64.26
CA ILE C 108 15.80 -7.40 64.56
C ILE C 108 15.11 -8.07 65.74
N PHE C 109 15.40 -9.35 65.93
CA PHE C 109 14.89 -10.10 67.06
C PHE C 109 15.86 -11.21 67.42
N ASP C 110 15.74 -11.72 68.65
CA ASP C 110 16.59 -12.78 69.16
C ASP C 110 15.98 -14.16 68.97
N ARG C 111 14.84 -14.24 68.28
CA ARG C 111 14.15 -15.50 68.01
C ARG C 111 13.79 -16.23 69.30
N GLU C 112 13.33 -15.46 70.29
CA GLU C 112 12.80 -16.02 71.53
C GLU C 112 11.28 -16.16 71.47
N SER C 113 10.73 -16.29 70.27
CA SER C 113 9.30 -16.46 70.03
C SER C 113 8.47 -15.29 70.57
N SER C 114 9.11 -14.15 70.83
CA SER C 114 8.43 -13.00 71.39
C SER C 114 9.24 -11.76 71.07
N ASN C 115 8.93 -10.67 71.78
CA ASN C 115 9.61 -9.38 71.60
C ASN C 115 10.98 -9.48 72.26
N LYS C 116 11.90 -10.13 71.55
CA LYS C 116 13.27 -10.28 72.01
C LYS C 116 14.21 -9.53 71.08
N ALA C 117 15.31 -9.03 71.65
CA ALA C 117 16.31 -8.24 70.95
C ALA C 117 15.66 -7.17 70.07
N ILE C 118 14.93 -6.29 70.75
CA ILE C 118 14.23 -5.21 70.06
C ILE C 118 15.24 -4.16 69.64
N LYS C 119 15.67 -4.23 68.38
CA LYS C 119 16.58 -3.25 67.81
C LYS C 119 15.90 -2.73 66.54
N ASP C 120 15.05 -1.72 66.70
CA ASP C 120 14.26 -1.17 65.61
C ASP C 120 15.02 0.01 65.03
N ILE C 121 15.72 -0.23 63.93
CA ILE C 121 16.49 0.81 63.25
C ILE C 121 15.58 1.43 62.19
N LYS C 122 15.06 2.61 62.46
CA LYS C 122 14.17 3.32 61.57
C LYS C 122 14.90 4.48 60.93
N GLU C 123 14.80 4.60 59.61
CA GLU C 123 15.38 5.72 58.90
C GLU C 123 14.74 5.80 57.52
N GLN C 124 14.70 7.03 56.98
CA GLN C 124 14.14 7.23 55.65
C GLN C 124 15.08 6.61 54.61
N GLU C 125 14.51 5.85 53.67
CA GLU C 125 15.31 5.15 52.70
C GLU C 125 15.94 6.13 51.70
N VAL C 126 16.80 5.57 50.87
CA VAL C 126 17.49 6.34 49.82
C VAL C 126 16.50 6.72 48.74
N TYR C 127 16.93 7.57 47.81
CA TYR C 127 16.06 8.02 46.73
C TYR C 127 15.83 6.85 45.79
N MET C 128 14.73 6.14 46.02
CA MET C 128 14.40 4.93 45.26
C MET C 128 13.89 5.36 43.89
N GLY C 129 14.84 5.70 43.01
CA GLY C 129 14.49 6.09 41.66
C GLY C 129 13.82 7.45 41.63
N GLU C 130 13.28 7.78 40.45
CA GLU C 130 12.57 9.03 40.24
C GLU C 130 11.40 8.77 39.30
N ILE C 131 10.22 9.22 39.70
CA ILE C 131 9.01 9.02 38.91
C ILE C 131 8.92 10.14 37.88
N PRO C 132 8.44 9.85 36.66
CA PRO C 132 8.52 10.86 35.59
C PRO C 132 7.48 11.97 35.67
N LEU C 133 6.47 11.87 36.52
CA LEU C 133 5.58 13.00 36.82
C LEU C 133 4.92 13.52 35.55
N MET C 134 3.99 12.71 35.06
CA MET C 134 3.14 13.02 33.91
C MET C 134 2.67 14.47 33.89
N THR C 135 2.76 15.10 32.72
CA THR C 135 2.57 16.54 32.58
C THR C 135 1.09 16.89 32.71
N GLU C 136 0.82 18.18 32.93
CA GLU C 136 -0.54 18.68 33.03
C GLU C 136 -1.35 18.44 31.77
N ASN C 137 -0.71 18.23 30.63
CA ASN C 137 -1.43 18.02 29.38
C ASN C 137 -1.64 16.54 29.07
N GLY C 138 -1.37 15.65 30.01
CA GLY C 138 -1.64 14.23 29.83
C GLY C 138 -0.47 13.40 29.41
N THR C 139 0.64 14.01 29.00
CA THR C 139 1.82 13.28 28.55
C THR C 139 2.94 13.44 29.59
N PHE C 140 4.12 12.94 29.23
CA PHE C 140 5.32 13.21 29.99
C PHE C 140 6.51 13.18 29.06
N ILE C 141 7.62 13.74 29.53
CA ILE C 141 8.82 13.89 28.72
C ILE C 141 9.83 12.85 29.19
N ILE C 142 10.46 12.18 28.23
CA ILE C 142 11.55 11.25 28.50
C ILE C 142 12.75 11.71 27.71
N ASN C 143 13.81 12.11 28.40
CA ASN C 143 15.05 12.55 27.79
C ASN C 143 14.84 13.67 26.79
N GLY C 144 13.89 14.56 27.07
CA GLY C 144 13.59 15.66 26.17
C GLY C 144 12.60 15.32 25.09
N THR C 145 12.08 14.11 25.07
CA THR C 145 11.08 13.70 24.09
C THR C 145 9.73 13.50 24.78
N GLU C 146 8.70 14.10 24.19
CA GLU C 146 7.36 13.98 24.72
C GLU C 146 6.74 12.67 24.25
N ARG C 147 6.29 11.86 25.19
CA ARG C 147 5.70 10.57 24.88
C ARG C 147 4.38 10.42 25.61
N VAL C 148 3.53 9.54 25.10
CA VAL C 148 2.26 9.23 25.73
C VAL C 148 2.17 7.72 25.92
N ILE C 149 1.44 7.35 26.96
CA ILE C 149 1.15 5.95 27.25
C ILE C 149 -0.26 5.67 26.73
N VAL C 150 -0.37 4.69 25.86
CA VAL C 150 -1.68 4.33 25.33
C VAL C 150 -2.31 3.28 26.22
N SER C 151 -3.57 3.51 26.58
CA SER C 151 -4.28 2.62 27.47
C SER C 151 -4.46 1.26 26.82
N GLN C 152 -3.96 0.22 27.47
CA GLN C 152 -4.06 -1.13 26.95
C GLN C 152 -5.40 -1.74 27.31
N LEU C 153 -6.08 -2.29 26.30
CA LEU C 153 -7.31 -3.04 26.49
C LEU C 153 -6.97 -4.51 26.41
N HIS C 154 -7.14 -5.22 27.51
CA HIS C 154 -6.72 -6.62 27.58
C HIS C 154 -7.82 -7.43 28.26
N ARG C 155 -7.60 -8.74 28.30
CA ARG C 155 -8.57 -9.63 28.91
C ARG C 155 -8.55 -9.47 30.42
N SER C 156 -9.72 -9.27 31.01
CA SER C 156 -9.80 -9.17 32.46
C SER C 156 -9.50 -10.53 33.08
N PRO C 157 -8.60 -10.60 34.06
CA PRO C 157 -8.31 -11.89 34.69
C PRO C 157 -9.54 -12.47 35.36
N GLY C 158 -9.66 -13.78 35.27
CA GLY C 158 -10.80 -14.47 35.83
C GLY C 158 -11.03 -15.78 35.10
N VAL C 159 -12.24 -16.30 35.22
CA VAL C 159 -12.63 -17.57 34.62
C VAL C 159 -13.39 -17.29 33.33
N PHE C 160 -13.13 -18.10 32.31
CA PHE C 160 -13.82 -17.98 31.03
C PHE C 160 -14.16 -19.37 30.52
N PHE C 161 -15.42 -19.53 30.11
CA PHE C 161 -15.94 -20.81 29.66
C PHE C 161 -16.19 -20.76 28.16
N ASP C 162 -15.58 -21.68 27.44
CA ASP C 162 -15.71 -21.74 25.99
C ASP C 162 -16.38 -23.03 25.58
N HIS C 163 -17.29 -22.92 24.61
CA HIS C 163 -17.87 -24.07 23.94
C HIS C 163 -17.80 -23.90 22.44
N ASP C 164 -16.77 -23.22 21.95
CA ASP C 164 -16.67 -22.93 20.53
C ASP C 164 -16.54 -24.22 19.73
N ARG C 165 -17.46 -24.40 18.79
CA ARG C 165 -17.42 -25.57 17.94
C ARG C 165 -16.13 -25.59 17.13
N GLY C 166 -15.47 -26.73 17.12
CA GLY C 166 -14.25 -26.90 16.37
C GLY C 166 -14.16 -28.29 15.80
N LYS C 167 -13.45 -28.40 14.68
CA LYS C 167 -13.24 -29.69 14.05
C LYS C 167 -12.25 -30.56 14.80
N THR C 168 -11.79 -30.13 15.99
CA THR C 168 -10.82 -30.92 16.75
C THR C 168 -11.41 -32.27 17.13
N HIS C 169 -12.66 -32.29 17.56
CA HIS C 169 -13.32 -33.54 17.90
C HIS C 169 -13.67 -34.38 16.68
N SER C 170 -13.59 -33.81 15.48
CA SER C 170 -14.03 -34.46 14.25
C SER C 170 -15.48 -34.90 14.34
N SER C 171 -16.23 -34.31 15.28
CA SER C 171 -17.62 -34.64 15.52
C SER C 171 -18.43 -33.36 15.53
N GLY C 172 -19.68 -33.44 15.98
CA GLY C 172 -20.55 -32.27 15.99
C GLY C 172 -19.99 -31.08 16.72
N LYS C 173 -19.84 -31.17 18.04
CA LYS C 173 -19.33 -30.06 18.83
C LYS C 173 -18.88 -30.58 20.19
N LEU C 174 -18.15 -29.73 20.91
CA LEU C 174 -17.71 -30.03 22.26
C LEU C 174 -17.91 -28.80 23.13
N LEU C 175 -18.50 -29.01 24.31
CA LEU C 175 -18.55 -27.96 25.32
C LEU C 175 -17.12 -27.84 25.85
N TYR C 176 -16.39 -26.91 25.27
CA TYR C 176 -14.94 -26.93 25.33
C TYR C 176 -14.45 -26.54 26.72
N SER C 177 -13.13 -26.38 26.84
CA SER C 177 -12.48 -26.16 28.11
C SER C 177 -12.86 -24.82 28.72
N ALA C 178 -12.32 -24.58 29.93
CA ALA C 178 -12.44 -23.31 30.61
C ALA C 178 -11.06 -22.88 31.05
N ARG C 179 -10.85 -21.56 31.10
CA ARG C 179 -9.55 -21.00 31.44
C ARG C 179 -9.72 -20.03 32.60
N ILE C 180 -8.88 -20.19 33.62
CA ILE C 180 -8.74 -19.24 34.71
C ILE C 180 -7.45 -18.48 34.47
N ILE C 181 -7.55 -17.16 34.38
CA ILE C 181 -6.40 -16.30 34.09
C ILE C 181 -6.10 -15.48 35.33
N PRO C 182 -4.91 -15.58 35.90
CA PRO C 182 -4.54 -14.72 37.03
C PRO C 182 -3.94 -13.40 36.55
N TYR C 183 -4.03 -12.40 37.41
CA TYR C 183 -3.35 -11.15 37.14
C TYR C 183 -1.84 -11.35 37.11
N ARG C 184 -1.35 -12.36 37.81
CA ARG C 184 0.05 -12.75 37.78
C ARG C 184 0.15 -14.16 38.30
N GLY C 185 0.76 -15.05 37.53
CA GLY C 185 0.90 -16.44 37.90
C GLY C 185 0.66 -17.32 36.70
N SER C 186 0.38 -18.60 36.96
CA SER C 186 0.15 -19.56 35.90
C SER C 186 -1.34 -19.70 35.63
N TRP C 187 -1.67 -20.06 34.40
CA TRP C 187 -3.05 -20.22 33.95
C TRP C 187 -3.40 -21.70 33.94
N LEU C 188 -4.45 -22.06 34.67
CA LEU C 188 -4.92 -23.44 34.73
C LEU C 188 -6.02 -23.65 33.71
N ASP C 189 -5.94 -24.76 32.99
CA ASP C 189 -6.89 -25.07 31.93
C ASP C 189 -7.56 -26.41 32.22
N PHE C 190 -8.87 -26.46 32.04
CA PHE C 190 -9.67 -27.64 32.34
C PHE C 190 -10.28 -28.10 31.02
N GLU C 191 -9.53 -28.92 30.28
CA GLU C 191 -9.98 -29.40 28.99
C GLU C 191 -11.11 -30.42 29.18
N PHE C 192 -11.90 -30.59 28.13
CA PHE C 192 -12.99 -31.55 28.12
C PHE C 192 -12.78 -32.50 26.95
N ASP C 193 -12.47 -33.75 27.25
CA ASP C 193 -12.16 -34.74 26.22
C ASP C 193 -13.40 -35.07 25.41
N PRO C 194 -13.22 -35.42 24.12
CA PRO C 194 -14.39 -35.74 23.29
C PRO C 194 -15.21 -36.89 23.84
N LYS C 195 -14.56 -37.89 24.44
CA LYS C 195 -15.27 -39.02 25.00
C LYS C 195 -15.77 -38.73 26.42
N ASP C 196 -16.48 -37.60 26.56
CA ASP C 196 -17.15 -37.22 27.81
C ASP C 196 -16.21 -37.33 29.01
N CYS C 197 -15.03 -36.75 28.89
CA CYS C 197 -14.05 -36.77 29.96
C CYS C 197 -13.48 -35.38 30.16
N VAL C 198 -13.00 -35.12 31.38
CA VAL C 198 -12.46 -33.83 31.77
C VAL C 198 -10.96 -33.96 31.98
N PHE C 199 -10.20 -33.17 31.23
CA PHE C 199 -8.75 -33.14 31.35
C PHE C 199 -8.33 -31.79 31.91
N VAL C 200 -7.33 -31.81 32.79
CA VAL C 200 -6.85 -30.61 33.43
C VAL C 200 -5.34 -30.51 33.25
N ARG C 201 -4.88 -29.32 32.89
CA ARG C 201 -3.45 -29.11 32.71
C ARG C 201 -3.08 -27.70 33.15
N ILE C 202 -1.82 -27.53 33.54
CA ILE C 202 -1.24 -26.22 33.76
C ILE C 202 -1.01 -25.58 32.41
N ASP C 203 -0.62 -24.30 32.40
CA ASP C 203 -0.45 -23.57 31.15
C ASP C 203 0.53 -24.29 30.23
N ARG C 204 1.63 -24.81 30.78
CA ARG C 204 2.68 -25.43 29.98
C ARG C 204 2.80 -26.92 30.29
N ARG C 205 1.67 -27.60 30.45
CA ARG C 205 1.67 -29.02 30.77
C ARG C 205 0.68 -29.73 29.85
N ARG C 206 0.92 -31.01 29.63
CA ARG C 206 0.07 -31.83 28.78
C ARG C 206 -1.23 -32.16 29.51
N LYS C 207 -2.20 -32.65 28.74
CA LYS C 207 -3.51 -32.96 29.29
C LYS C 207 -3.39 -34.03 30.37
N LEU C 208 -4.02 -33.80 31.50
CA LEU C 208 -4.10 -34.74 32.59
C LEU C 208 -5.52 -34.80 33.14
N PRO C 209 -5.97 -35.95 33.62
CA PRO C 209 -7.35 -36.03 34.12
C PRO C 209 -7.55 -35.20 35.38
N ALA C 210 -8.78 -34.70 35.54
CA ALA C 210 -9.08 -33.84 36.67
C ALA C 210 -8.97 -34.59 38.00
N SER C 211 -9.04 -35.91 37.97
CA SER C 211 -8.93 -36.70 39.18
C SER C 211 -7.61 -36.45 39.91
N VAL C 212 -6.53 -36.20 39.16
CA VAL C 212 -5.26 -35.90 39.79
C VAL C 212 -5.36 -34.62 40.62
N LEU C 213 -5.95 -33.58 40.04
CA LEU C 213 -6.10 -32.32 40.76
C LEU C 213 -7.03 -32.49 41.95
N LEU C 214 -8.11 -33.25 41.79
CA LEU C 214 -9.03 -33.46 42.89
C LEU C 214 -8.35 -34.17 44.06
N ARG C 215 -7.58 -35.22 43.74
CA ARG C 215 -6.85 -35.93 44.79
C ARG C 215 -5.81 -35.04 45.45
N ALA C 216 -5.08 -34.25 44.65
CA ALA C 216 -4.08 -33.36 45.23
C ALA C 216 -4.73 -32.31 46.13
N LEU C 217 -5.92 -31.84 45.77
CA LEU C 217 -6.64 -30.90 46.63
C LEU C 217 -7.02 -31.54 47.96
N GLY C 218 -6.99 -32.86 48.06
CA GLY C 218 -7.31 -33.56 49.29
C GLY C 218 -8.66 -34.22 49.31
N TYR C 219 -9.54 -33.94 48.36
CA TYR C 219 -10.83 -34.62 48.32
C TYR C 219 -10.64 -36.09 48.00
N SER C 220 -11.38 -36.95 48.69
CA SER C 220 -11.28 -38.39 48.49
C SER C 220 -11.81 -38.77 47.12
N THR C 221 -11.28 -39.86 46.58
CA THR C 221 -11.72 -40.36 45.28
C THR C 221 -13.21 -40.66 45.26
N GLU C 222 -13.81 -40.96 46.40
CA GLU C 222 -15.25 -41.13 46.51
C GLU C 222 -15.96 -39.92 47.08
N GLU C 223 -15.35 -39.22 48.02
CA GLU C 223 -15.96 -38.00 48.54
C GLU C 223 -16.10 -36.95 47.45
N ILE C 224 -15.05 -36.79 46.62
CA ILE C 224 -15.14 -35.84 45.51
C ILE C 224 -16.25 -36.24 44.55
N LEU C 225 -16.32 -37.53 44.23
CA LEU C 225 -17.37 -38.01 43.33
C LEU C 225 -18.75 -37.77 43.94
N ASN C 226 -18.91 -38.09 45.22
CA ASN C 226 -20.19 -37.89 45.88
C ASN C 226 -20.57 -36.42 45.93
N ALA C 227 -19.59 -35.53 46.03
CA ALA C 227 -19.87 -34.10 46.06
C ALA C 227 -20.23 -33.56 44.68
N PHE C 228 -19.55 -34.04 43.64
CA PHE C 228 -19.68 -33.48 42.30
C PHE C 228 -20.73 -34.17 41.46
N TYR C 229 -20.60 -35.47 41.24
CA TYR C 229 -21.53 -36.17 40.37
C TYR C 229 -22.93 -36.28 40.96
N ALA C 230 -23.03 -36.44 42.28
CA ALA C 230 -24.34 -36.55 42.91
C ALA C 230 -24.54 -35.41 43.91
N THR C 340 -24.44 -45.94 47.18
CA THR C 340 -25.05 -46.34 45.92
C THR C 340 -24.44 -45.58 44.75
N LEU C 341 -25.29 -45.15 43.82
CA LEU C 341 -24.86 -44.34 42.70
C LEU C 341 -26.06 -43.52 42.24
N TYR C 342 -26.09 -42.24 42.62
CA TYR C 342 -27.18 -41.35 42.23
C TYR C 342 -26.70 -40.45 41.09
N THR C 343 -27.40 -40.49 39.97
CA THR C 343 -27.02 -39.71 38.80
C THR C 343 -28.17 -39.70 37.81
N ASN C 344 -27.89 -39.19 36.62
CA ASN C 344 -28.81 -39.22 35.49
C ASN C 344 -28.01 -39.42 34.21
N ASP C 345 -28.69 -39.86 33.16
CA ASP C 345 -28.02 -40.25 31.92
C ASP C 345 -28.20 -39.22 30.81
N ILE C 346 -29.45 -38.88 30.47
CA ILE C 346 -29.68 -37.93 29.40
C ILE C 346 -29.06 -36.58 29.73
N ASP C 347 -29.32 -36.09 30.94
CA ASP C 347 -28.61 -34.97 31.51
C ASP C 347 -27.80 -35.48 32.69
N CYS C 348 -26.96 -34.60 33.25
CA CYS C 348 -26.11 -34.92 34.39
C CYS C 348 -25.25 -36.15 34.08
N GLY C 349 -24.73 -36.19 32.85
CA GLY C 349 -23.87 -37.26 32.43
C GLY C 349 -22.54 -37.23 33.18
N PRO C 350 -22.31 -38.22 34.02
CA PRO C 350 -21.17 -38.16 34.95
C PRO C 350 -19.83 -38.27 34.25
N PHE C 351 -19.45 -37.23 33.51
CA PHE C 351 -18.12 -37.17 32.93
C PHE C 351 -17.06 -37.12 34.01
N ILE C 352 -17.34 -36.43 35.13
CA ILE C 352 -16.40 -36.40 36.24
C ILE C 352 -16.16 -37.79 36.79
N SER C 353 -17.21 -38.62 36.83
CA SER C 353 -17.04 -40.00 37.27
C SER C 353 -16.10 -40.76 36.34
N ASP C 354 -16.28 -40.59 35.03
CA ASP C 354 -15.40 -41.26 34.08
C ASP C 354 -13.96 -40.79 34.27
N THR C 355 -13.75 -39.49 34.48
CA THR C 355 -12.41 -39.00 34.74
C THR C 355 -11.84 -39.59 36.02
N LEU C 356 -12.65 -39.72 37.07
CA LEU C 356 -12.20 -40.33 38.31
C LEU C 356 -11.85 -41.79 38.12
N LYS C 357 -12.32 -42.43 37.07
CA LYS C 357 -11.99 -43.81 36.76
C LYS C 357 -10.64 -43.96 36.08
N ILE C 358 -9.78 -42.95 36.09
CA ILE C 358 -8.50 -43.05 35.43
C ILE C 358 -7.39 -42.49 36.32
N ASP C 359 -6.15 -42.59 35.85
CA ASP C 359 -4.91 -42.07 36.41
C ASP C 359 -4.42 -42.87 37.62
N ASN C 360 -5.19 -43.83 38.13
CA ASN C 360 -4.75 -44.74 39.19
C ASN C 360 -4.07 -44.01 40.35
N THR C 361 -4.50 -42.78 40.61
CA THR C 361 -3.89 -41.93 41.63
C THR C 361 -4.78 -41.99 42.87
N SER C 362 -4.36 -42.81 43.84
CA SER C 362 -5.12 -42.96 45.08
C SER C 362 -4.66 -42.00 46.16
N ASN C 363 -3.39 -42.08 46.55
CA ASN C 363 -2.87 -41.20 47.59
C ASN C 363 -2.73 -39.78 47.07
N GLN C 364 -2.94 -38.81 47.97
CA GLN C 364 -2.63 -37.43 47.63
C GLN C 364 -1.16 -37.28 47.28
N LEU C 365 -0.30 -38.11 47.87
CA LEU C 365 1.10 -38.14 47.48
C LEU C 365 1.25 -38.59 46.03
N GLU C 366 0.43 -39.55 45.60
CA GLU C 366 0.46 -39.96 44.20
C GLU C 366 0.08 -38.80 43.28
N ALA C 367 -0.94 -38.04 43.65
CA ALA C 367 -1.31 -36.87 42.85
C ALA C 367 -0.17 -35.85 42.84
N LEU C 368 0.44 -35.62 44.00
CA LEU C 368 1.52 -34.63 44.08
C LEU C 368 2.71 -35.04 43.22
N VAL C 369 3.08 -36.33 43.26
CA VAL C 369 4.22 -36.77 42.47
C VAL C 369 3.89 -36.72 40.98
N GLU C 370 2.66 -37.06 40.60
CA GLU C 370 2.28 -36.94 39.19
C GLU C 370 2.35 -35.49 38.74
N ILE C 371 1.89 -34.57 39.59
CA ILE C 371 1.92 -33.15 39.25
C ILE C 371 3.35 -32.66 39.10
N TYR C 372 4.21 -33.00 40.06
CA TYR C 372 5.61 -32.57 39.97
C TYR C 372 6.29 -33.19 38.76
N ARG C 373 5.88 -34.40 38.38
CA ARG C 373 6.47 -35.05 37.21
C ARG C 373 6.03 -34.36 35.92
N MET C 374 4.73 -34.02 35.81
CA MET C 374 4.24 -33.37 34.60
C MET C 374 4.80 -31.96 34.48
N MET C 375 4.73 -31.18 35.56
CA MET C 375 5.15 -29.79 35.52
C MET C 375 6.66 -29.65 35.52
N ARG C 376 7.37 -30.48 36.29
CA ARG C 376 8.82 -30.41 36.42
C ARG C 376 9.39 -31.77 36.07
N PRO C 377 9.45 -32.09 34.78
CA PRO C 377 9.91 -33.42 34.36
C PRO C 377 11.43 -33.54 34.44
N GLY C 378 11.89 -34.75 34.20
CA GLY C 378 13.31 -35.06 34.24
C GLY C 378 13.84 -35.39 35.63
N GLU C 379 13.71 -34.45 36.55
CA GLU C 379 14.13 -34.70 37.93
C GLU C 379 13.13 -35.63 38.60
N PRO C 380 13.56 -36.77 39.13
CA PRO C 380 12.64 -37.62 39.89
C PRO C 380 12.07 -36.88 41.07
N PRO C 381 10.79 -37.05 41.37
CA PRO C 381 10.15 -36.20 42.37
C PRO C 381 10.40 -36.66 43.80
N THR C 382 10.45 -35.68 44.70
CA THR C 382 10.52 -35.90 46.12
C THR C 382 9.27 -35.35 46.79
N LYS C 383 8.86 -35.98 47.88
CA LYS C 383 7.62 -35.61 48.55
C LYS C 383 7.64 -34.14 48.95
N GLU C 384 8.71 -33.70 49.62
CA GLU C 384 8.82 -32.31 50.02
C GLU C 384 8.87 -31.39 48.81
N ALA C 385 9.67 -31.75 47.79
CA ALA C 385 9.80 -30.91 46.61
C ALA C 385 8.48 -30.81 45.86
N ALA C 386 7.81 -31.93 45.67
CA ALA C 386 6.53 -31.92 44.97
C ALA C 386 5.50 -31.10 45.73
N GLU C 387 5.44 -31.29 47.05
CA GLU C 387 4.48 -30.53 47.85
C GLU C 387 4.75 -29.04 47.78
N THR C 388 6.03 -28.65 47.89
CA THR C 388 6.37 -27.24 47.84
C THR C 388 6.03 -26.64 46.48
N LEU C 389 6.35 -27.36 45.40
CA LEU C 389 6.05 -26.85 44.06
C LEU C 389 4.56 -26.69 43.87
N PHE C 390 3.78 -27.69 44.28
CA PHE C 390 2.33 -27.61 44.13
C PHE C 390 1.76 -26.45 44.93
N GLY C 391 2.18 -26.30 46.18
CA GLY C 391 1.68 -25.19 46.98
C GLY C 391 2.05 -23.84 46.40
N ASN C 392 3.29 -23.71 45.92
CA ASN C 392 3.74 -22.45 45.34
C ASN C 392 2.91 -22.11 44.11
N LEU C 393 2.66 -23.09 43.26
CA LEU C 393 1.86 -22.83 42.06
C LEU C 393 0.40 -22.58 42.39
N PHE C 394 -0.11 -23.16 43.47
CA PHE C 394 -1.55 -23.14 43.75
C PHE C 394 -1.97 -21.94 44.58
N PHE C 395 -1.44 -21.80 45.79
CA PHE C 395 -1.99 -20.84 46.75
C PHE C 395 -0.90 -20.04 47.43
N SER C 396 0.03 -19.51 46.66
CA SER C 396 1.02 -18.61 47.22
C SER C 396 0.72 -17.17 46.81
N ALA C 397 0.71 -16.29 47.82
CA ALA C 397 0.50 -14.87 47.57
C ALA C 397 1.53 -14.27 46.64
N GLU C 398 2.75 -14.80 46.65
CA GLU C 398 3.75 -14.49 45.63
C GLU C 398 3.69 -15.59 44.58
N ARG C 399 4.20 -15.28 43.39
CA ARG C 399 4.22 -16.21 42.26
C ARG C 399 2.83 -16.62 41.79
N TYR C 400 1.79 -16.00 42.34
CA TYR C 400 0.43 -16.20 41.85
C TYR C 400 -0.47 -15.15 42.48
N ASP C 401 -1.34 -14.54 41.67
CA ASP C 401 -2.23 -13.51 42.18
C ASP C 401 -3.36 -13.23 41.20
N LEU C 402 -4.57 -13.12 41.74
CA LEU C 402 -5.68 -12.50 41.03
C LEU C 402 -5.92 -11.14 41.65
N SER C 403 -5.98 -10.10 40.82
CA SER C 403 -6.29 -8.79 41.36
C SER C 403 -7.71 -8.76 41.88
N ALA C 404 -8.05 -7.66 42.56
CA ALA C 404 -9.41 -7.48 43.07
C ALA C 404 -10.43 -7.67 41.95
N VAL C 405 -10.10 -7.18 40.76
CA VAL C 405 -10.95 -7.42 39.60
C VAL C 405 -11.04 -8.91 39.31
N GLY C 406 -9.91 -9.61 39.38
CA GLY C 406 -9.93 -11.04 39.10
C GLY C 406 -10.78 -11.80 40.10
N ARG C 407 -10.60 -11.52 41.39
CA ARG C 407 -11.38 -12.21 42.41
C ARG C 407 -12.86 -11.88 42.28
N MET C 408 -13.19 -10.61 42.05
CA MET C 408 -14.58 -10.23 41.91
C MET C 408 -15.21 -10.92 40.70
N LYS C 409 -14.49 -10.96 39.59
CA LYS C 409 -15.02 -11.61 38.40
C LYS C 409 -15.17 -13.11 38.59
N PHE C 410 -14.22 -13.75 39.27
CA PHE C 410 -14.35 -15.17 39.55
C PHE C 410 -15.60 -15.42 40.40
N ASN C 411 -15.77 -14.63 41.46
CA ASN C 411 -16.94 -14.80 42.33
C ASN C 411 -18.23 -14.58 41.55
N ARG C 412 -18.25 -13.56 40.68
CA ARG C 412 -19.47 -13.26 39.95
C ARG C 412 -19.79 -14.34 38.93
N ARG C 413 -18.80 -14.73 38.12
CA ARG C 413 -19.04 -15.72 37.08
C ARG C 413 -19.39 -17.08 37.66
N ILE C 414 -18.65 -17.54 38.67
CA ILE C 414 -19.00 -18.79 39.30
C ILE C 414 -20.29 -18.66 40.10
N GLY C 415 -20.64 -17.45 40.50
CA GLY C 415 -21.82 -17.23 41.31
C GLY C 415 -21.46 -17.18 42.78
N ARG C 416 -21.52 -15.99 43.37
CA ARG C 416 -21.20 -15.81 44.78
C ARG C 416 -21.63 -14.41 45.18
N THR C 417 -22.29 -14.32 46.33
CA THR C 417 -22.68 -13.02 46.86
C THR C 417 -21.47 -12.16 47.23
N GLU C 418 -20.37 -12.78 47.64
CA GLU C 418 -19.18 -12.03 48.01
C GLU C 418 -18.57 -11.38 46.77
N ILE C 419 -18.20 -10.11 46.90
CA ILE C 419 -17.51 -9.42 45.82
C ILE C 419 -16.00 -9.51 46.00
N GLU C 420 -15.50 -9.04 47.12
CA GLU C 420 -14.08 -9.13 47.44
C GLU C 420 -13.75 -10.53 47.95
N GLY C 421 -12.48 -10.90 47.79
CA GLY C 421 -12.02 -12.19 48.24
C GLY C 421 -10.51 -12.29 48.28
N PRO C 422 -10.00 -13.47 48.65
CA PRO C 422 -8.55 -13.66 48.69
C PRO C 422 -7.95 -13.65 47.29
N GLY C 423 -6.67 -13.33 47.23
CA GLY C 423 -5.97 -13.22 45.97
C GLY C 423 -5.57 -14.54 45.34
N VAL C 424 -5.49 -15.60 46.13
CA VAL C 424 -5.09 -16.90 45.65
C VAL C 424 -6.34 -17.74 45.39
N LEU C 425 -6.16 -18.83 44.64
CA LEU C 425 -7.28 -19.71 44.35
C LEU C 425 -7.69 -20.47 45.61
N SER C 426 -8.98 -20.42 45.93
CA SER C 426 -9.47 -21.10 47.11
C SER C 426 -9.48 -22.61 46.89
N LYS C 427 -9.45 -23.34 48.01
CA LYS C 427 -9.46 -24.80 47.94
C LYS C 427 -10.74 -25.29 47.25
N GLU C 428 -11.87 -24.70 47.59
CA GLU C 428 -13.14 -25.08 46.98
C GLU C 428 -13.47 -24.25 45.76
N ASP C 429 -12.62 -23.28 45.41
CA ASP C 429 -12.86 -22.51 44.19
C ASP C 429 -12.81 -23.41 42.97
N ILE C 430 -11.80 -24.28 42.91
CA ILE C 430 -11.69 -25.20 41.78
C ILE C 430 -12.90 -26.11 41.71
N ILE C 431 -13.41 -26.54 42.85
CA ILE C 431 -14.60 -27.38 42.86
C ILE C 431 -15.77 -26.64 42.23
N ASP C 432 -15.93 -25.36 42.58
CA ASP C 432 -16.97 -24.56 41.96
C ASP C 432 -16.76 -24.42 40.46
N VAL C 433 -15.50 -24.30 40.02
CA VAL C 433 -15.23 -24.19 38.59
C VAL C 433 -15.65 -25.46 37.88
N LEU C 434 -15.30 -26.63 38.43
CA LEU C 434 -15.75 -27.87 37.83
C LEU C 434 -17.26 -27.98 37.83
N LYS C 435 -17.91 -27.51 38.90
CA LYS C 435 -19.36 -27.54 38.95
C LYS C 435 -19.96 -26.70 37.82
N THR C 436 -19.44 -25.49 37.64
CA THR C 436 -19.91 -24.64 36.55
C THR C 436 -19.68 -25.31 35.20
N LEU C 437 -18.53 -25.95 35.04
CA LEU C 437 -18.22 -26.59 33.76
C LEU C 437 -19.18 -27.74 33.48
N VAL C 438 -19.45 -28.58 34.47
CA VAL C 438 -20.32 -29.72 34.22
C VAL C 438 -21.74 -29.24 33.98
N ASP C 439 -22.13 -28.14 34.64
CA ASP C 439 -23.44 -27.56 34.35
C ASP C 439 -23.51 -27.07 32.92
N ILE C 440 -22.47 -26.35 32.47
CA ILE C 440 -22.48 -25.82 31.11
C ILE C 440 -22.51 -26.96 30.10
N ARG C 441 -21.72 -28.01 30.33
CA ARG C 441 -21.73 -29.17 29.45
C ARG C 441 -23.09 -29.87 29.46
N ASN C 442 -23.73 -29.92 30.62
CA ASN C 442 -25.02 -30.57 30.77
C ASN C 442 -26.19 -29.67 30.38
N GLY C 443 -25.92 -28.46 29.90
CA GLY C 443 -26.96 -27.55 29.47
C GLY C 443 -27.32 -26.47 30.46
N LYS C 444 -26.93 -26.61 31.73
CA LYS C 444 -27.21 -25.57 32.69
C LYS C 444 -26.25 -24.40 32.50
N GLY C 445 -26.81 -23.23 32.20
CA GLY C 445 -26.00 -22.07 31.92
C GLY C 445 -25.55 -22.01 30.48
N ILE C 446 -24.89 -20.90 30.15
CA ILE C 446 -24.44 -20.61 28.79
C ILE C 446 -22.96 -20.23 28.83
N VAL C 447 -22.30 -20.44 27.70
CA VAL C 447 -20.86 -20.17 27.59
C VAL C 447 -20.64 -18.67 27.59
N ASP C 448 -19.45 -18.25 28.00
CA ASP C 448 -19.11 -16.84 28.02
C ASP C 448 -18.78 -16.35 26.62
N ASP C 449 -18.89 -15.04 26.43
CA ASP C 449 -18.59 -14.41 25.15
C ASP C 449 -17.54 -13.34 25.36
N ILE C 450 -16.37 -13.53 24.74
CA ILE C 450 -15.30 -12.57 24.89
C ILE C 450 -15.60 -11.27 24.17
N ASP C 451 -16.67 -11.23 23.37
CA ASP C 451 -17.02 -10.01 22.66
C ASP C 451 -17.39 -8.89 23.63
N HIS C 452 -18.08 -9.24 24.72
CA HIS C 452 -18.54 -8.24 25.68
C HIS C 452 -17.37 -7.44 26.20
N LEU C 453 -17.47 -6.11 26.11
CA LEU C 453 -16.42 -5.23 26.61
C LEU C 453 -16.32 -5.37 28.12
N GLY C 454 -17.34 -5.96 28.74
CA GLY C 454 -17.24 -6.33 30.13
C GLY C 454 -16.22 -7.41 30.38
N ASN C 455 -16.12 -8.38 29.47
CA ASN C 455 -15.11 -9.43 29.60
C ASN C 455 -13.71 -8.90 29.36
N ARG C 456 -13.58 -7.75 28.73
CA ARG C 456 -12.30 -7.08 28.54
C ARG C 456 -12.21 -5.91 29.52
N ARG C 457 -11.03 -5.31 29.60
CA ARG C 457 -10.83 -4.15 30.46
C ARG C 457 -9.70 -3.31 29.92
N VAL C 458 -9.83 -2.01 30.08
CA VAL C 458 -8.85 -1.05 29.59
C VAL C 458 -7.94 -0.65 30.75
N ARG C 459 -6.65 -0.80 30.56
CA ARG C 459 -5.69 -0.38 31.57
C ARG C 459 -5.52 1.12 31.50
N CYS C 460 -4.59 1.65 32.28
CA CYS C 460 -4.22 3.06 32.24
C CYS C 460 -2.82 3.18 32.81
N VAL C 461 -2.14 4.28 32.47
CA VAL C 461 -0.71 4.41 32.76
C VAL C 461 -0.42 4.05 34.21
N GLY C 462 -1.34 4.36 35.12
CA GLY C 462 -1.14 4.02 36.50
C GLY C 462 -0.99 2.53 36.73
N GLU C 463 -1.80 1.72 36.04
CA GLU C 463 -1.79 0.28 36.27
C GLU C 463 -0.44 -0.33 35.90
N MET C 464 0.04 -0.08 34.68
CA MET C 464 1.32 -0.65 34.29
C MET C 464 2.48 0.00 35.01
N ALA C 465 2.34 1.28 35.39
CA ALA C 465 3.36 1.89 36.22
C ALA C 465 3.49 1.15 37.55
N GLU C 466 2.35 0.86 38.18
CA GLU C 466 2.37 0.13 39.43
C GLU C 466 2.91 -1.27 39.23
N ASN C 467 2.61 -1.90 38.09
CA ASN C 467 3.11 -3.25 37.84
C ASN C 467 4.63 -3.24 37.70
N GLN C 468 5.18 -2.30 36.95
CA GLN C 468 6.62 -2.19 36.83
C GLN C 468 7.26 -1.89 38.17
N PHE C 469 6.63 -1.00 38.95
CA PHE C 469 7.15 -0.70 40.28
C PHE C 469 7.15 -1.94 41.15
N ARG C 470 6.10 -2.75 41.07
CA ARG C 470 6.04 -3.97 41.85
C ARG C 470 7.14 -4.95 41.44
N VAL C 471 7.40 -5.05 40.14
CA VAL C 471 8.45 -5.97 39.69
C VAL C 471 9.81 -5.52 40.21
N GLY C 472 10.12 -4.23 40.04
CA GLY C 472 11.37 -3.72 40.60
C GLY C 472 11.43 -3.89 42.10
N LEU C 473 10.29 -3.75 42.77
CA LEU C 473 10.23 -3.92 44.21
C LEU C 473 10.56 -5.34 44.62
N VAL C 474 10.01 -6.34 43.92
CA VAL C 474 10.32 -7.71 44.29
C VAL C 474 11.79 -8.02 44.01
N ARG C 475 12.36 -7.44 42.96
CA ARG C 475 13.79 -7.65 42.71
C ARG C 475 14.63 -7.05 43.84
N VAL C 476 14.35 -5.80 44.21
CA VAL C 476 15.08 -5.19 45.30
C VAL C 476 14.84 -5.94 46.60
N GLU C 477 13.63 -6.47 46.79
CA GLU C 477 13.30 -7.18 48.01
C GLU C 477 14.10 -8.46 48.13
N ARG C 478 14.19 -9.23 47.05
CA ARG C 478 14.97 -10.45 47.11
C ARG C 478 16.45 -10.13 47.31
N ALA C 479 16.92 -9.03 46.71
CA ALA C 479 18.29 -8.61 46.97
C ALA C 479 18.51 -8.31 48.44
N VAL C 480 17.57 -7.57 49.06
CA VAL C 480 17.70 -7.23 50.47
C VAL C 480 17.65 -8.48 51.33
N LYS C 481 16.72 -9.38 51.03
CA LYS C 481 16.57 -10.59 51.83
C LYS C 481 17.82 -11.44 51.75
N GLU C 482 18.43 -11.52 50.57
CA GLU C 482 19.73 -12.18 50.47
C GLU C 482 20.77 -11.44 51.31
N ARG C 483 20.74 -10.11 51.31
CA ARG C 483 21.72 -9.35 52.06
C ARG C 483 21.34 -9.25 53.54
N LEU C 484 20.11 -8.82 53.83
CA LEU C 484 19.69 -8.58 55.21
C LEU C 484 19.23 -9.89 55.87
N SER C 485 20.08 -10.89 55.75
CA SER C 485 19.89 -12.15 56.45
C SER C 485 21.08 -12.52 57.33
N MET C 486 22.30 -12.27 56.86
CA MET C 486 23.49 -12.54 57.64
C MET C 486 24.10 -11.29 58.26
N ALA C 487 23.83 -10.12 57.70
CA ALA C 487 24.33 -8.89 58.30
C ALA C 487 23.58 -8.59 59.60
N GLU C 488 24.35 -8.29 60.63
CA GLU C 488 23.81 -8.00 61.94
C GLU C 488 23.05 -6.68 61.92
N SER C 489 22.08 -6.55 62.83
CA SER C 489 21.37 -5.29 62.97
C SER C 489 22.35 -4.17 63.30
N GLU C 490 23.32 -4.44 64.17
CA GLU C 490 24.40 -3.49 64.38
C GLU C 490 25.36 -3.46 63.18
N GLY C 491 25.51 -4.59 62.49
CA GLY C 491 26.46 -4.66 61.41
C GLY C 491 26.10 -3.81 60.20
N LEU C 492 24.83 -3.47 60.05
CA LEU C 492 24.35 -2.77 58.87
C LEU C 492 23.35 -1.69 59.27
N MET C 493 23.08 -0.74 58.31
CA MET C 493 22.10 0.33 58.34
C MET C 493 21.06 0.13 57.24
N PRO C 494 19.81 0.55 57.46
CA PRO C 494 18.78 0.31 56.43
C PRO C 494 19.09 0.93 55.08
N GLN C 495 19.66 2.13 55.05
CA GLN C 495 19.95 2.80 53.79
C GLN C 495 20.97 2.05 52.94
N ASP C 496 22.04 1.54 53.55
CA ASP C 496 23.01 0.75 52.83
C ASP C 496 22.52 -0.66 52.53
N LEU C 497 21.46 -1.12 53.20
CA LEU C 497 20.95 -2.47 52.99
C LEU C 497 20.30 -2.59 51.62
N ILE C 498 19.66 -1.53 51.15
CA ILE C 498 18.83 -1.58 49.95
C ILE C 498 19.53 -0.87 48.81
N ASN C 499 19.66 -1.55 47.67
CA ASN C 499 20.14 -0.96 46.43
C ASN C 499 18.93 -0.70 45.53
N ALA C 500 18.68 0.56 45.24
CA ALA C 500 17.48 0.97 44.50
C ALA C 500 17.67 0.91 42.99
N LYS C 501 18.82 0.44 42.53
CA LYS C 501 19.07 0.36 41.09
C LYS C 501 18.01 -0.44 40.34
N PRO C 502 17.59 -1.64 40.78
CA PRO C 502 16.61 -2.39 39.97
C PRO C 502 15.30 -1.64 39.74
N VAL C 503 14.79 -0.94 40.75
CA VAL C 503 13.52 -0.25 40.59
C VAL C 503 13.64 0.86 39.57
N ALA C 504 14.68 1.67 39.69
CA ALA C 504 14.89 2.76 38.73
C ALA C 504 15.12 2.22 37.33
N ALA C 505 15.87 1.13 37.22
CA ALA C 505 16.12 0.54 35.91
C ALA C 505 14.83 0.05 35.27
N ALA C 506 13.98 -0.62 36.06
CA ALA C 506 12.71 -1.09 35.53
C ALA C 506 11.82 0.06 35.09
N ILE C 507 11.72 1.09 35.94
CA ILE C 507 10.90 2.24 35.57
C ILE C 507 11.41 2.86 34.28
N LYS C 508 12.72 3.03 34.18
CA LYS C 508 13.30 3.64 32.99
C LYS C 508 13.02 2.81 31.75
N GLU C 509 13.20 1.49 31.82
CA GLU C 509 13.05 0.71 30.59
C GLU C 509 11.59 0.62 30.21
N PHE C 510 10.69 0.57 31.20
CA PHE C 510 9.27 0.57 30.88
C PHE C 510 8.87 1.87 30.21
N PHE C 511 9.37 3.00 30.72
CA PHE C 511 8.95 4.28 30.20
C PHE C 511 9.66 4.66 28.91
N GLY C 512 10.76 3.98 28.57
CA GLY C 512 11.47 4.32 27.36
C GLY C 512 11.47 3.26 26.28
N SER C 513 10.96 2.07 26.59
CA SER C 513 11.05 0.95 25.67
C SER C 513 9.76 0.16 25.50
N SER C 514 8.75 0.40 26.33
CA SER C 514 7.53 -0.38 26.24
C SER C 514 6.83 -0.15 24.90
N GLN C 515 6.13 -1.18 24.43
CA GLN C 515 5.37 -1.04 23.20
C GLN C 515 4.36 0.08 23.30
N LEU C 516 3.74 0.25 24.45
CA LEU C 516 2.77 1.31 24.64
C LEU C 516 3.43 2.68 24.72
N SER C 517 4.60 2.81 25.34
CA SER C 517 5.28 4.08 25.36
C SER C 517 5.78 4.41 23.96
N GLN C 518 5.46 5.62 23.51
CA GLN C 518 5.83 6.03 22.15
C GLN C 518 5.78 7.53 21.98
N PHE C 519 6.57 8.04 21.05
CA PHE C 519 6.64 9.48 20.82
C PHE C 519 5.26 10.02 20.49
N MET C 520 4.76 10.92 21.33
CA MET C 520 3.46 11.49 21.09
C MET C 520 3.48 12.35 19.84
N ASP C 521 2.64 12.00 18.88
CA ASP C 521 2.50 12.76 17.65
C ASP C 521 1.99 14.16 17.97
N GLN C 522 2.50 15.16 17.26
CA GLN C 522 2.12 16.55 17.51
C GLN C 522 1.81 17.31 16.23
N ASN C 523 1.68 16.64 15.09
CA ASN C 523 1.44 17.34 13.84
C ASN C 523 0.14 18.13 13.86
N ASN C 524 -0.79 17.81 14.77
CA ASN C 524 -2.04 18.50 14.79
C ASN C 524 -2.68 18.32 16.17
N PRO C 525 -3.15 19.39 16.80
CA PRO C 525 -3.64 19.28 18.19
C PRO C 525 -4.70 18.21 18.38
N LEU C 526 -5.46 17.88 17.34
CA LEU C 526 -6.36 16.74 17.44
C LEU C 526 -5.58 15.44 17.60
N SER C 527 -4.39 15.35 17.01
CA SER C 527 -3.64 14.12 17.06
C SER C 527 -3.22 13.77 18.48
N GLU C 528 -2.75 14.77 19.24
CA GLU C 528 -2.42 14.52 20.64
C GLU C 528 -3.65 14.07 21.42
N ILE C 529 -4.77 14.74 21.20
CA ILE C 529 -5.98 14.43 21.96
C ILE C 529 -6.41 13.00 21.70
N THR C 530 -6.42 12.59 20.43
CA THR C 530 -6.81 11.23 20.13
C THR C 530 -5.76 10.20 20.51
N HIS C 531 -4.48 10.58 20.53
CA HIS C 531 -3.43 9.68 20.97
C HIS C 531 -3.56 9.39 22.46
N LYS C 532 -3.78 10.42 23.27
CA LYS C 532 -4.00 10.20 24.69
C LYS C 532 -5.33 9.51 24.95
N ARG C 533 -6.29 9.63 24.03
CA ARG C 533 -7.60 9.01 24.16
C ARG C 533 -7.69 7.71 23.38
N ARG C 534 -6.61 6.94 23.36
CA ARG C 534 -6.49 5.77 22.50
C ARG C 534 -6.42 4.51 23.35
N VAL C 535 -7.20 3.51 22.99
CA VAL C 535 -7.22 2.23 23.70
C VAL C 535 -6.75 1.16 22.71
N SER C 536 -5.68 0.47 23.07
CA SER C 536 -5.08 -0.54 22.21
C SER C 536 -5.21 -1.92 22.85
N ALA C 537 -5.06 -2.95 22.02
CA ALA C 537 -5.10 -4.32 22.47
C ALA C 537 -3.78 -5.06 22.34
N LEU C 538 -2.78 -4.45 21.72
CA LEU C 538 -1.46 -5.06 21.59
C LEU C 538 -0.69 -4.86 22.90
N GLY C 539 0.61 -5.17 22.87
CA GLY C 539 1.47 -4.94 24.01
C GLY C 539 1.49 -6.11 24.97
N PRO C 540 2.15 -5.93 26.11
CA PRO C 540 2.26 -7.02 27.09
C PRO C 540 0.89 -7.45 27.57
N GLY C 541 0.72 -8.76 27.75
CA GLY C 541 -0.58 -9.31 28.11
C GLY C 541 -1.64 -9.04 27.07
N GLY C 542 -1.25 -8.77 25.83
CA GLY C 542 -2.20 -8.48 24.78
C GLY C 542 -1.90 -9.30 23.54
N LEU C 543 -2.93 -9.46 22.72
CA LEU C 543 -2.80 -10.25 21.50
C LEU C 543 -1.85 -9.59 20.53
N THR C 544 -1.00 -10.38 19.90
CA THR C 544 -0.09 -9.88 18.88
C THR C 544 -0.80 -9.83 17.53
N ARG C 545 -0.14 -9.19 16.57
CA ARG C 545 -0.71 -9.08 15.23
C ARG C 545 -0.79 -10.41 14.50
N GLU C 546 -0.15 -11.45 15.02
CA GLU C 546 -0.24 -12.78 14.44
C GLU C 546 -1.35 -13.61 15.06
N ARG C 547 -2.06 -13.08 16.05
CA ARG C 547 -3.24 -13.71 16.62
C ARG C 547 -4.48 -12.86 16.35
N ALA C 548 -4.53 -12.24 15.19
CA ALA C 548 -5.61 -11.31 14.88
C ALA C 548 -6.96 -11.99 14.89
N GLY C 549 -7.17 -12.94 13.98
CA GLY C 549 -8.48 -13.53 13.89
C GLY C 549 -9.50 -12.50 13.44
N PHE C 550 -10.69 -12.62 13.99
CA PHE C 550 -11.78 -11.69 13.71
C PHE C 550 -12.45 -11.13 14.94
N GLU C 551 -12.50 -11.87 16.04
CA GLU C 551 -13.29 -11.42 17.19
C GLU C 551 -12.74 -10.12 17.74
N VAL C 552 -11.42 -10.03 17.91
CA VAL C 552 -10.84 -8.80 18.45
C VAL C 552 -10.93 -7.66 17.44
N ARG C 553 -10.92 -7.97 16.15
CA ARG C 553 -10.88 -6.95 15.11
C ARG C 553 -12.27 -6.54 14.65
N ASP C 554 -13.32 -6.93 15.37
CA ASP C 554 -14.68 -6.63 14.95
C ASP C 554 -15.39 -5.85 16.05
N VAL C 555 -16.37 -5.07 15.64
CA VAL C 555 -17.20 -4.31 16.56
C VAL C 555 -18.38 -5.16 16.98
N HIS C 556 -18.75 -5.05 18.26
CA HIS C 556 -19.88 -5.77 18.81
C HIS C 556 -20.81 -4.76 19.45
N PRO C 557 -22.08 -5.12 19.66
CA PRO C 557 -23.03 -4.16 20.24
C PRO C 557 -22.57 -3.64 21.59
N THR C 558 -21.75 -4.43 22.29
CA THR C 558 -21.19 -3.99 23.55
C THR C 558 -20.25 -2.80 23.41
N HIS C 559 -19.72 -2.54 22.20
CA HIS C 559 -18.90 -1.37 21.98
C HIS C 559 -19.70 -0.08 21.92
N TYR C 560 -21.02 -0.17 21.91
CA TYR C 560 -21.85 1.02 21.74
C TYR C 560 -21.59 2.01 22.86
N GLY C 561 -21.22 3.23 22.49
CA GLY C 561 -21.04 4.29 23.44
C GLY C 561 -19.78 4.20 24.28
N ARG C 562 -18.96 3.17 24.09
CA ARG C 562 -17.74 3.02 24.86
C ARG C 562 -16.49 3.17 24.00
N VAL C 563 -16.38 2.36 22.95
CA VAL C 563 -15.25 2.43 22.03
C VAL C 563 -15.77 2.88 20.68
N CYS C 564 -15.10 3.86 20.08
CA CYS C 564 -15.55 4.35 18.79
C CYS C 564 -15.49 3.22 17.77
N PRO C 565 -16.60 2.93 17.09
CA PRO C 565 -16.60 1.81 16.15
C PRO C 565 -15.97 2.14 14.82
N ILE C 566 -15.70 3.41 14.53
CA ILE C 566 -15.27 3.84 13.20
C ILE C 566 -13.88 4.46 13.19
N GLU C 567 -13.32 4.82 14.33
CA GLU C 567 -12.01 5.46 14.38
C GLU C 567 -10.97 4.40 14.71
N THR C 568 -10.35 3.85 13.68
CA THR C 568 -9.29 2.88 13.84
C THR C 568 -8.46 2.84 12.56
N PRO C 569 -7.14 2.70 12.65
CA PRO C 569 -6.31 2.79 11.45
C PRO C 569 -6.50 1.61 10.52
N GLU C 570 -6.68 1.92 9.23
CA GLU C 570 -6.75 0.89 8.22
C GLU C 570 -5.35 0.36 7.94
N GLY C 571 -5.21 -0.97 7.95
CA GLY C 571 -3.92 -1.57 7.72
C GLY C 571 -3.71 -2.82 8.56
N PRO C 572 -2.46 -3.16 8.81
CA PRO C 572 -2.17 -4.38 9.58
C PRO C 572 -2.78 -4.36 10.97
N ASN C 573 -2.83 -3.22 11.63
CA ASN C 573 -3.43 -3.08 12.95
C ASN C 573 -4.75 -2.34 12.77
N ILE C 574 -5.79 -3.10 12.46
CA ILE C 574 -7.14 -2.56 12.30
C ILE C 574 -8.04 -3.23 13.33
N GLY C 575 -8.73 -2.43 14.12
CA GLY C 575 -9.56 -2.97 15.18
C GLY C 575 -8.76 -3.29 16.42
N LEU C 576 -7.49 -3.68 16.23
CA LEU C 576 -6.62 -3.95 17.38
C LEU C 576 -6.42 -2.69 18.22
N ILE C 577 -6.29 -1.55 17.56
CA ILE C 577 -5.99 -0.29 18.21
C ILE C 577 -7.13 0.67 17.90
N ASN C 578 -7.99 0.91 18.89
CA ASN C 578 -9.21 1.69 18.70
C ASN C 578 -9.13 2.95 19.56
N SER C 579 -10.24 3.70 19.60
CA SER C 579 -10.32 4.93 20.35
C SER C 579 -11.59 4.95 21.18
N LEU C 580 -11.51 5.59 22.34
CA LEU C 580 -12.64 5.65 23.25
C LEU C 580 -13.71 6.60 22.71
N ALA C 581 -14.93 6.37 23.17
CA ALA C 581 -16.05 7.22 22.80
C ALA C 581 -15.85 8.62 23.38
N THR C 582 -16.71 9.55 22.95
CA THR C 582 -16.62 10.91 23.45
C THR C 582 -16.93 10.98 24.94
N TYR C 583 -17.92 10.20 25.40
CA TYR C 583 -18.29 10.17 26.80
C TYR C 583 -17.82 8.91 27.50
N ALA C 584 -16.74 8.30 27.03
CA ALA C 584 -16.26 7.06 27.62
C ALA C 584 -15.77 7.30 29.05
N ARG C 585 -15.81 6.24 29.85
CA ARG C 585 -15.46 6.34 31.25
C ARG C 585 -15.07 4.99 31.83
N THR C 586 -13.84 4.89 32.34
CA THR C 586 -13.40 3.67 32.99
C THR C 586 -14.14 3.48 34.31
N ASN C 587 -14.39 2.23 34.66
CA ASN C 587 -15.07 1.93 35.90
C ASN C 587 -14.06 1.85 37.04
N LYS C 588 -14.59 1.78 38.27
CA LYS C 588 -13.73 1.51 39.41
C LYS C 588 -12.96 0.20 39.22
N TYR C 589 -13.57 -0.78 38.57
CA TYR C 589 -12.94 -2.04 38.27
C TYR C 589 -12.19 -2.02 36.94
N GLY C 590 -12.06 -0.86 36.30
CA GLY C 590 -11.31 -0.76 35.07
C GLY C 590 -12.12 -1.04 33.82
N PHE C 591 -13.37 -1.47 33.93
CA PHE C 591 -14.20 -1.67 32.75
C PHE C 591 -14.73 -0.33 32.26
N LEU C 592 -15.41 -0.37 31.12
CA LEU C 592 -15.90 0.87 30.54
C LEU C 592 -17.35 1.13 30.96
N GLU C 593 -17.61 2.39 31.27
CA GLU C 593 -18.95 2.83 31.64
C GLU C 593 -19.38 3.92 30.68
N SER C 594 -20.67 3.97 30.41
CA SER C 594 -21.20 4.94 29.48
C SER C 594 -22.39 5.66 30.11
N PRO C 595 -22.58 6.93 29.78
CA PRO C 595 -23.65 7.70 30.41
C PRO C 595 -24.99 7.47 29.75
N TYR C 596 -26.03 7.46 30.58
CA TYR C 596 -27.40 7.33 30.11
C TYR C 596 -28.29 8.10 31.07
N ARG C 597 -29.47 8.48 30.58
CA ARG C 597 -30.47 9.12 31.42
C ARG C 597 -31.54 8.10 31.76
N VAL C 598 -31.79 7.91 33.05
CA VAL C 598 -32.86 7.02 33.48
C VAL C 598 -34.18 7.62 33.03
N VAL C 599 -35.05 6.80 32.45
CA VAL C 599 -36.35 7.23 31.97
C VAL C 599 -37.44 6.48 32.70
N LYS C 600 -38.40 7.21 33.25
CA LYS C 600 -39.61 6.62 33.77
C LYS C 600 -40.52 6.28 32.59
N ASP C 601 -41.41 5.30 32.81
CA ASP C 601 -42.23 4.73 31.73
C ASP C 601 -42.76 5.81 30.79
N SER C 602 -43.17 6.94 31.34
CA SER C 602 -43.57 8.06 30.48
C SER C 602 -42.50 9.15 30.44
N LEU C 603 -42.14 9.69 31.59
CA LEU C 603 -41.28 10.86 31.68
C LEU C 603 -39.81 10.44 31.61
N VAL C 604 -39.00 11.30 31.01
CA VAL C 604 -37.56 11.09 30.94
C VAL C 604 -36.93 11.80 32.14
N THR C 605 -36.58 11.03 33.16
CA THR C 605 -35.96 11.60 34.34
C THR C 605 -34.60 12.20 33.97
N ASP C 606 -34.33 13.38 34.52
CA ASP C 606 -33.10 14.10 34.18
C ASP C 606 -31.86 13.48 34.80
N GLU C 607 -32.01 12.53 35.72
CA GLU C 607 -30.85 11.92 36.34
C GLU C 607 -30.04 11.15 35.30
N ILE C 608 -28.73 11.12 35.52
CA ILE C 608 -27.78 10.54 34.57
C ILE C 608 -26.93 9.51 35.30
N VAL C 609 -26.79 8.34 34.70
CA VAL C 609 -26.04 7.24 35.31
C VAL C 609 -25.02 6.71 34.30
N PHE C 610 -23.85 6.34 34.82
CA PHE C 610 -22.84 5.67 34.01
C PHE C 610 -23.00 4.16 34.20
N LEU C 611 -23.03 3.44 33.09
CA LEU C 611 -23.35 2.02 33.12
C LEU C 611 -22.32 1.23 32.32
N SER C 612 -21.96 0.06 32.84
CA SER C 612 -21.02 -0.82 32.18
C SER C 612 -21.78 -1.80 31.30
N ALA C 613 -21.05 -2.53 30.45
CA ALA C 613 -21.68 -3.43 29.49
C ALA C 613 -22.50 -4.51 30.17
N ILE C 614 -21.95 -5.12 31.23
CA ILE C 614 -22.66 -6.19 31.90
C ILE C 614 -23.97 -5.72 32.52
N GLU C 615 -24.01 -4.49 33.02
CA GLU C 615 -25.20 -3.97 33.67
C GLU C 615 -26.23 -3.44 32.68
N GLU C 616 -25.89 -3.37 31.41
CA GLU C 616 -26.83 -2.94 30.39
C GLU C 616 -27.79 -4.03 29.97
N ALA C 617 -27.59 -5.26 30.47
CA ALA C 617 -28.39 -6.39 30.00
C ALA C 617 -29.87 -6.22 30.29
N ASP C 618 -30.23 -5.93 31.54
CA ASP C 618 -31.64 -5.89 31.91
C ASP C 618 -32.34 -4.70 31.26
N HIS C 619 -31.72 -3.52 31.34
CA HIS C 619 -32.36 -2.31 30.85
C HIS C 619 -32.54 -2.35 29.34
N VAL C 620 -33.64 -1.76 28.89
CA VAL C 620 -33.91 -1.56 27.46
C VAL C 620 -33.55 -0.12 27.14
N ILE C 621 -32.59 0.07 26.26
CA ILE C 621 -31.98 1.36 26.00
C ILE C 621 -32.56 1.94 24.73
N ALA C 622 -33.03 3.18 24.80
CA ALA C 622 -33.60 3.88 23.66
C ALA C 622 -32.60 4.87 23.09
N GLN C 623 -32.73 5.14 21.79
CA GLN C 623 -31.82 6.06 21.12
C GLN C 623 -31.97 7.46 21.70
N ALA C 624 -30.87 8.21 21.69
CA ALA C 624 -30.85 9.54 22.29
C ALA C 624 -31.82 10.51 21.63
N SER C 625 -32.20 10.25 20.38
CA SER C 625 -33.14 11.10 19.66
C SER C 625 -34.48 10.38 19.57
N ALA C 626 -35.52 11.01 20.07
CA ALA C 626 -36.87 10.46 20.02
C ALA C 626 -37.87 11.57 20.25
N THR C 627 -39.11 11.30 19.88
CA THR C 627 -40.19 12.27 20.09
C THR C 627 -40.38 12.51 21.59
N LEU C 628 -40.60 13.78 21.94
CA LEU C 628 -40.84 14.17 23.33
C LEU C 628 -42.03 15.10 23.39
N ASN C 629 -42.81 14.97 24.47
CA ASN C 629 -44.05 15.71 24.63
C ASN C 629 -43.86 17.07 25.27
N GLU C 630 -42.64 17.62 25.19
CA GLU C 630 -42.26 18.91 25.78
C GLU C 630 -42.38 18.89 27.30
N LYS C 631 -42.70 17.76 27.91
CA LYS C 631 -42.67 17.61 29.35
C LYS C 631 -41.86 16.40 29.77
N GLY C 632 -41.16 15.75 28.84
CA GLY C 632 -40.40 14.56 29.13
C GLY C 632 -41.06 13.25 28.75
N GLN C 633 -42.24 13.29 28.14
CA GLN C 633 -42.96 12.08 27.76
C GLN C 633 -42.63 11.75 26.32
N LEU C 634 -42.15 10.53 26.09
CA LEU C 634 -41.87 10.05 24.75
C LEU C 634 -43.18 9.81 24.01
N VAL C 635 -43.44 10.61 22.97
CA VAL C 635 -44.72 10.53 22.27
C VAL C 635 -44.74 9.48 21.17
N ASP C 636 -43.58 8.95 20.77
CA ASP C 636 -43.57 7.94 19.72
C ASP C 636 -44.19 6.64 20.23
N GLU C 637 -44.90 5.96 19.33
CA GLU C 637 -45.57 4.72 19.68
C GLU C 637 -44.63 3.53 19.66
N LEU C 638 -43.86 3.36 18.59
CA LEU C 638 -42.85 2.32 18.50
C LEU C 638 -41.50 2.98 18.43
N VAL C 639 -40.71 2.85 19.49
CA VAL C 639 -39.42 3.51 19.60
C VAL C 639 -38.32 2.46 19.49
N ALA C 640 -37.32 2.74 18.64
CA ALA C 640 -36.22 1.82 18.43
C ALA C 640 -35.38 1.71 19.69
N VAL C 641 -35.13 0.47 20.13
CA VAL C 641 -34.48 0.20 21.40
C VAL C 641 -33.53 -0.97 21.24
N ARG C 642 -32.84 -1.30 22.34
CA ARG C 642 -31.95 -2.46 22.39
C ARG C 642 -32.12 -3.11 23.76
N HIS C 643 -32.82 -4.23 23.81
CA HIS C 643 -33.10 -4.89 25.08
C HIS C 643 -31.87 -5.58 25.65
N LEU C 644 -31.25 -6.45 24.87
CA LEU C 644 -30.07 -7.21 25.28
C LEU C 644 -29.03 -7.20 24.19
N ASN C 645 -28.72 -6.00 23.69
CA ASN C 645 -27.73 -5.79 22.62
C ASN C 645 -28.24 -6.34 21.28
N GLU C 646 -29.53 -6.22 21.05
CA GLU C 646 -30.11 -6.48 19.74
C GLU C 646 -31.04 -5.32 19.43
N PHE C 647 -31.14 -4.95 18.16
CA PHE C 647 -31.80 -3.71 17.81
C PHE C 647 -33.20 -3.96 17.28
N THR C 648 -34.16 -3.28 17.86
CA THR C 648 -35.57 -3.40 17.47
C THR C 648 -36.30 -2.18 17.98
N VAL C 649 -37.57 -2.09 17.63
CA VAL C 649 -38.44 -1.03 18.12
C VAL C 649 -39.15 -1.53 19.36
N LYS C 650 -39.59 -0.59 20.20
CA LYS C 650 -40.29 -0.95 21.42
C LYS C 650 -41.27 0.17 21.75
N ALA C 651 -42.04 -0.01 22.81
CA ALA C 651 -43.01 0.97 23.23
C ALA C 651 -42.42 1.87 24.30
N PRO C 652 -42.83 3.14 24.36
CA PRO C 652 -42.32 4.04 25.40
C PRO C 652 -42.59 3.54 26.80
N GLU C 653 -43.65 2.78 27.01
CA GLU C 653 -43.91 2.18 28.31
C GLU C 653 -42.92 1.10 28.68
N ASP C 654 -42.06 0.69 27.75
CA ASP C 654 -41.11 -0.40 28.00
C ASP C 654 -39.68 0.07 28.18
N VAL C 655 -39.35 1.28 27.70
CA VAL C 655 -37.97 1.74 27.77
C VAL C 655 -37.57 2.02 29.22
N THR C 656 -36.28 1.87 29.50
CA THR C 656 -35.74 2.07 30.83
C THR C 656 -34.57 3.04 30.89
N LEU C 657 -33.71 3.08 29.88
CA LEU C 657 -32.65 4.07 29.79
C LEU C 657 -32.61 4.58 28.37
N MET C 658 -32.12 5.80 28.20
CA MET C 658 -32.02 6.39 26.87
C MET C 658 -30.81 7.33 26.86
N ASP C 659 -30.15 7.40 25.71
CA ASP C 659 -28.77 7.86 25.65
C ASP C 659 -28.65 9.36 25.91
N VAL C 660 -27.41 9.77 26.17
CA VAL C 660 -27.13 11.17 26.50
C VAL C 660 -27.07 12.01 25.24
N SER C 661 -26.15 11.70 24.34
CA SER C 661 -25.99 12.43 23.10
C SER C 661 -25.68 11.44 22.01
N PRO C 662 -26.13 11.69 20.78
CA PRO C 662 -25.79 10.78 19.68
C PRO C 662 -24.30 10.63 19.48
N LYS C 663 -23.52 11.68 19.77
CA LYS C 663 -22.09 11.61 19.58
C LYS C 663 -21.39 10.74 20.61
N GLN C 664 -22.09 10.23 21.61
CA GLN C 664 -21.44 9.41 22.63
C GLN C 664 -20.95 8.08 22.09
N VAL C 665 -21.18 7.80 20.81
CA VAL C 665 -20.72 6.56 20.19
C VAL C 665 -19.39 6.76 19.46
N VAL C 666 -19.25 7.86 18.74
CA VAL C 666 -18.09 8.09 17.91
C VAL C 666 -16.95 8.63 18.74
N SER C 667 -15.75 8.69 18.14
CA SER C 667 -14.58 9.22 18.80
C SER C 667 -14.58 10.75 18.72
N VAL C 668 -13.55 11.36 19.31
CA VAL C 668 -13.39 12.81 19.21
C VAL C 668 -13.17 13.22 17.78
N ALA C 669 -12.21 12.57 17.10
CA ALA C 669 -11.99 12.86 15.70
C ALA C 669 -13.21 12.52 14.87
N ALA C 670 -13.86 11.39 15.20
CA ALA C 670 -15.08 11.01 14.50
C ALA C 670 -16.21 11.99 14.75
N SER C 671 -16.23 12.66 15.90
CA SER C 671 -17.28 13.64 16.15
C SER C 671 -17.08 14.93 15.36
N LEU C 672 -15.91 15.15 14.79
CA LEU C 672 -15.61 16.42 14.16
C LEU C 672 -16.01 16.49 12.69
N ILE C 673 -16.37 15.38 12.06
CA ILE C 673 -16.81 15.45 10.67
C ILE C 673 -18.27 15.87 10.60
N PRO C 674 -18.57 17.00 9.96
CA PRO C 674 -19.96 17.39 9.78
C PRO C 674 -20.66 16.46 8.81
N PHE C 675 -21.98 16.38 8.97
CA PHE C 675 -22.82 15.57 8.10
C PHE C 675 -22.39 14.11 8.10
N LEU C 676 -21.82 13.67 9.22
CA LEU C 676 -21.34 12.29 9.32
C LEU C 676 -22.45 11.28 9.09
N GLU C 677 -23.69 11.67 9.39
CA GLU C 677 -24.82 10.80 9.15
C GLU C 677 -25.02 10.48 7.67
N HIS C 678 -24.39 11.25 6.79
CA HIS C 678 -24.58 11.10 5.36
C HIS C 678 -23.38 10.48 4.66
N ASP C 679 -22.45 9.90 5.41
CA ASP C 679 -21.25 9.29 4.86
C ASP C 679 -21.14 7.85 5.31
N ASP C 680 -20.67 6.98 4.43
CA ASP C 680 -20.54 5.59 4.79
C ASP C 680 -19.41 5.38 5.78
N ALA C 681 -19.44 4.24 6.46
CA ALA C 681 -18.53 4.01 7.57
C ALA C 681 -17.08 3.99 7.12
N ASN C 682 -16.79 3.37 5.97
CA ASN C 682 -15.42 3.34 5.47
C ASN C 682 -14.88 4.74 5.29
N ARG C 683 -15.61 5.57 4.54
CA ARG C 683 -15.16 6.93 4.30
C ARG C 683 -15.08 7.73 5.59
N ALA C 684 -15.95 7.44 6.56
CA ALA C 684 -15.82 8.08 7.87
C ALA C 684 -14.51 7.72 8.52
N LEU C 685 -14.14 6.44 8.47
CA LEU C 685 -12.89 6.00 9.06
C LEU C 685 -11.71 6.72 8.41
N MET C 686 -11.68 6.74 7.08
CA MET C 686 -10.57 7.42 6.42
C MET C 686 -10.59 8.91 6.73
N GLY C 687 -11.77 9.53 6.74
CA GLY C 687 -11.84 10.95 7.06
C GLY C 687 -11.25 11.26 8.42
N SER C 688 -11.60 10.45 9.42
CA SER C 688 -11.00 10.61 10.74
C SER C 688 -9.48 10.44 10.67
N ASN C 689 -9.02 9.42 9.93
CA ASN C 689 -7.60 9.13 9.89
C ASN C 689 -6.82 10.28 9.29
N MET C 690 -7.28 10.84 8.18
CA MET C 690 -6.57 11.99 7.60
C MET C 690 -6.76 13.24 8.45
N GLN C 691 -7.91 13.38 9.11
CA GLN C 691 -8.05 14.46 10.06
C GLN C 691 -6.97 14.40 11.12
N ARG C 692 -6.57 13.19 11.48
CA ARG C 692 -5.49 12.99 12.45
C ARG C 692 -4.13 13.43 11.91
N GLN C 693 -4.01 13.68 10.61
CA GLN C 693 -2.72 13.92 9.99
C GLN C 693 -2.68 15.27 9.30
N ALA C 694 -3.52 16.19 9.74
CA ALA C 694 -3.51 17.52 9.13
C ALA C 694 -2.25 18.27 9.57
N VAL C 695 -1.98 19.37 8.87
CA VAL C 695 -0.79 20.17 9.15
C VAL C 695 -1.22 21.62 9.40
N PRO C 696 -0.75 22.24 10.47
CA PRO C 696 -1.14 23.63 10.73
C PRO C 696 -0.63 24.54 9.63
N THR C 697 -1.53 25.36 9.09
CA THR C 697 -1.18 26.25 8.00
C THR C 697 -0.49 27.50 8.54
N LEU C 698 -0.11 28.39 7.65
CA LEU C 698 0.52 29.64 8.08
C LEU C 698 -0.45 30.50 8.88
N ARG C 699 -1.71 30.58 8.44
CA ARG C 699 -2.72 31.35 9.15
C ARG C 699 -4.00 30.52 9.16
N ALA C 700 -4.25 29.84 10.27
CA ALA C 700 -5.38 28.92 10.34
C ALA C 700 -6.69 29.69 10.25
N ASP C 701 -7.66 29.07 9.58
CA ASP C 701 -8.99 29.64 9.41
C ASP C 701 -10.02 28.65 9.91
N LYS C 702 -10.94 29.12 10.73
CA LYS C 702 -11.93 28.24 11.32
C LYS C 702 -12.80 27.64 10.22
N PRO C 703 -13.16 26.36 10.32
CA PRO C 703 -14.05 25.76 9.31
C PRO C 703 -15.42 26.40 9.36
N LEU C 704 -15.92 26.80 8.20
CA LEU C 704 -17.25 27.39 8.14
C LEU C 704 -18.31 26.40 8.58
N VAL C 705 -18.08 25.11 8.37
CA VAL C 705 -18.99 24.06 8.79
C VAL C 705 -18.29 23.29 9.91
N GLY C 706 -18.94 23.17 11.06
CA GLY C 706 -18.37 22.50 12.20
C GLY C 706 -19.40 21.69 12.96
N THR C 707 -18.90 20.93 13.92
CA THR C 707 -19.76 20.07 14.74
C THR C 707 -19.88 20.56 16.17
N GLY C 708 -19.43 21.78 16.46
CA GLY C 708 -19.56 22.32 17.80
C GLY C 708 -18.56 21.76 18.78
N MET C 709 -17.99 20.59 18.46
CA MET C 709 -17.01 19.97 19.34
C MET C 709 -15.65 20.64 19.26
N GLU C 710 -15.42 21.50 18.26
CA GLU C 710 -14.14 22.15 18.09
C GLU C 710 -13.75 22.97 19.32
N ARG C 711 -14.70 23.66 19.94
CA ARG C 711 -14.39 24.38 21.17
C ARG C 711 -13.90 23.43 22.25
N ASN C 712 -14.61 22.31 22.42
CA ASN C 712 -14.26 21.37 23.47
C ASN C 712 -12.86 20.82 23.28
N VAL C 713 -12.55 20.35 22.07
CA VAL C 713 -11.25 19.75 21.83
C VAL C 713 -10.16 20.81 21.90
N ALA C 714 -10.43 22.01 21.40
CA ALA C 714 -9.44 23.08 21.48
C ALA C 714 -9.10 23.41 22.91
N ARG C 715 -10.10 23.52 23.78
CA ARG C 715 -9.82 23.77 25.20
C ARG C 715 -9.08 22.60 25.82
N ASP C 716 -9.51 21.37 25.52
CA ASP C 716 -8.96 20.20 26.20
C ASP C 716 -7.50 19.99 25.85
N SER C 717 -7.13 20.23 24.61
CA SER C 717 -5.72 20.23 24.25
C SER C 717 -5.02 21.41 24.90
N GLY C 718 -3.79 21.19 25.33
CA GLY C 718 -3.06 22.21 26.04
C GLY C 718 -2.40 23.27 25.18
N VAL C 719 -2.68 23.29 23.88
CA VAL C 719 -2.00 24.23 23.00
C VAL C 719 -2.52 25.65 23.21
N CYS C 720 -3.66 25.79 23.88
CA CYS C 720 -4.29 27.09 24.06
C CYS C 720 -4.05 27.61 25.46
N VAL C 721 -3.67 28.87 25.57
CA VAL C 721 -3.49 29.52 26.86
C VAL C 721 -4.86 29.77 27.47
N VAL C 722 -5.10 29.23 28.66
CA VAL C 722 -6.41 29.26 29.29
C VAL C 722 -6.30 30.01 30.61
N ALA C 723 -7.31 30.81 30.92
CA ALA C 723 -7.32 31.62 32.13
C ALA C 723 -7.41 30.72 33.35
N ARG C 724 -6.32 30.58 34.08
CA ARG C 724 -6.34 29.83 35.33
C ARG C 724 -7.26 30.49 36.35
N ARG C 725 -7.21 31.83 36.43
CA ARG C 725 -8.09 32.58 37.31
C ARG C 725 -8.69 33.73 36.52
N GLY C 726 -9.96 34.03 36.79
CA GLY C 726 -10.60 35.14 36.11
C GLY C 726 -9.99 36.47 36.51
N GLY C 727 -10.05 37.43 35.60
CA GLY C 727 -9.51 38.75 35.86
C GLY C 727 -9.62 39.68 34.68
N VAL C 728 -8.72 40.65 34.58
CA VAL C 728 -8.68 41.59 33.47
C VAL C 728 -7.25 41.65 32.96
N ILE C 729 -7.11 41.84 31.65
CA ILE C 729 -5.79 41.80 31.04
C ILE C 729 -5.04 43.09 31.32
N ASP C 730 -3.97 42.99 32.10
CA ASP C 730 -3.14 44.16 32.38
C ASP C 730 -2.41 44.65 31.15
N SER C 731 -1.74 43.73 30.44
CA SER C 731 -1.07 44.07 29.19
C SER C 731 -0.89 42.79 28.41
N VAL C 732 -0.71 42.93 27.10
CA VAL C 732 -0.56 41.79 26.21
C VAL C 732 0.52 42.09 25.18
N ASP C 733 1.39 41.11 24.96
CA ASP C 733 2.38 41.18 23.89
C ASP C 733 2.34 39.88 23.13
N ALA C 734 3.07 39.85 22.02
CA ALA C 734 3.09 38.66 21.18
C ALA C 734 3.71 37.45 21.87
N SER C 735 4.41 37.66 22.99
CA SER C 735 5.10 36.57 23.65
C SER C 735 4.60 36.31 25.07
N ARG C 736 4.12 37.33 25.77
CA ARG C 736 3.69 37.16 27.16
C ARG C 736 2.38 37.88 27.37
N VAL C 737 1.66 37.43 28.40
CA VAL C 737 0.37 38.01 28.77
C VAL C 737 0.31 38.10 30.29
N VAL C 738 -0.06 39.27 30.80
CA VAL C 738 -0.24 39.50 32.24
C VAL C 738 -1.71 39.79 32.48
N VAL C 739 -2.27 39.18 33.52
CA VAL C 739 -3.67 39.34 33.85
C VAL C 739 -3.79 39.91 35.26
N ARG C 740 -4.42 41.08 35.36
CA ARG C 740 -4.79 41.59 36.67
C ARG C 740 -5.87 40.69 37.28
N VAL C 741 -5.48 39.89 38.24
CA VAL C 741 -6.38 38.89 38.81
C VAL C 741 -7.48 39.61 39.59
N ALA C 742 -8.69 39.07 39.51
CA ALA C 742 -9.81 39.65 40.23
C ALA C 742 -9.57 39.59 41.73
N ASP C 743 -9.98 40.65 42.44
CA ASP C 743 -9.79 40.69 43.88
C ASP C 743 -10.54 39.56 44.58
N ASP C 744 -11.69 39.17 44.05
CA ASP C 744 -12.46 38.09 44.65
C ASP C 744 -11.65 36.79 44.59
N GLU C 745 -11.07 36.48 43.43
CA GLU C 745 -10.29 35.25 43.25
C GLU C 745 -8.80 35.55 43.43
N VAL C 746 -8.45 35.98 44.64
CA VAL C 746 -7.07 36.30 44.97
C VAL C 746 -6.90 36.22 46.48
N GLU C 747 -5.69 35.93 46.92
CA GLU C 747 -5.37 35.87 48.34
C GLU C 747 -5.21 37.30 48.87
N THR C 748 -4.75 37.42 50.11
CA THR C 748 -4.54 38.74 50.70
C THR C 748 -3.42 39.49 49.99
N GLY C 749 -2.27 38.83 49.81
CA GLY C 749 -1.12 39.42 49.16
C GLY C 749 -0.87 38.80 47.80
N GLU C 750 0.04 39.44 47.06
CA GLU C 750 0.36 39.06 45.68
C GLU C 750 -0.91 38.94 44.85
N ALA C 751 -1.66 40.05 44.80
CA ALA C 751 -3.02 40.02 44.29
C ALA C 751 -3.06 39.78 42.78
N GLY C 752 -2.47 40.69 42.01
CA GLY C 752 -2.46 40.51 40.57
C GLY C 752 -1.21 39.84 40.08
N VAL C 753 -1.26 38.52 39.89
CA VAL C 753 -0.13 37.78 39.34
C VAL C 753 -0.66 36.66 38.45
N ASP C 754 -0.70 36.89 37.15
CA ASP C 754 -1.04 35.85 36.19
C ASP C 754 -0.19 36.10 34.94
N ILE C 755 1.00 35.51 34.92
CA ILE C 755 1.89 35.64 33.78
C ILE C 755 1.78 34.41 32.89
N TYR C 756 1.39 34.63 31.64
CA TYR C 756 1.35 33.55 30.66
C TYR C 756 2.35 33.86 29.56
N ASN C 757 3.46 33.13 29.54
CA ASN C 757 4.46 33.29 28.50
C ASN C 757 4.08 32.41 27.33
N LEU C 758 3.70 33.03 26.22
CA LEU C 758 3.26 32.30 25.06
C LEU C 758 4.41 31.50 24.48
N THR C 759 4.14 30.24 24.14
CA THR C 759 5.14 29.41 23.50
C THR C 759 5.30 29.84 22.05
N LYS C 760 6.44 30.44 21.73
CA LYS C 760 6.67 30.89 20.37
C LYS C 760 7.07 29.68 19.52
N TYR C 761 7.51 29.94 18.28
CA TYR C 761 7.71 28.89 17.31
C TYR C 761 8.62 27.81 17.84
N THR C 762 8.05 26.63 18.07
CA THR C 762 8.75 25.49 18.62
C THR C 762 8.43 24.27 17.78
N ARG C 763 9.33 23.30 17.84
CA ARG C 763 9.26 22.14 16.97
C ARG C 763 8.38 21.07 17.60
N SER C 764 7.43 20.56 16.81
CA SER C 764 6.63 19.43 17.23
C SER C 764 7.40 18.13 16.99
N ASN C 765 6.85 17.03 17.50
CA ASN C 765 7.44 15.73 17.23
C ASN C 765 7.45 15.36 15.77
N GLN C 766 6.63 16.02 14.95
CA GLN C 766 6.58 15.78 13.52
C GLN C 766 7.25 16.90 12.75
N ASN C 767 8.09 17.68 13.41
CA ASN C 767 8.85 18.77 12.82
C ASN C 767 7.97 19.88 12.26
N THR C 768 6.79 20.07 12.81
CA THR C 768 5.93 21.19 12.44
C THR C 768 6.05 22.29 13.48
N CYS C 769 5.75 23.51 13.06
CA CYS C 769 5.87 24.65 13.96
C CYS C 769 4.78 24.61 15.03
N ILE C 770 5.13 25.12 16.20
CA ILE C 770 4.19 25.25 17.30
C ILE C 770 4.37 26.65 17.88
N ASN C 771 3.36 27.49 17.74
CA ASN C 771 3.39 28.81 18.33
C ASN C 771 1.99 29.19 18.76
N GLN C 772 1.90 30.13 19.69
CA GLN C 772 0.62 30.60 20.21
C GLN C 772 0.47 32.08 19.92
N ARG C 773 -0.77 32.50 19.72
CA ARG C 773 -1.08 33.86 19.33
C ARG C 773 -2.01 34.50 20.36
N PRO C 774 -1.73 35.72 20.78
CA PRO C 774 -2.68 36.42 21.65
C PRO C 774 -3.96 36.72 20.90
N LEU C 775 -5.07 36.65 21.61
CA LEU C 775 -6.38 36.96 21.05
C LEU C 775 -7.17 37.84 22.00
N VAL C 776 -6.48 38.76 22.67
CA VAL C 776 -7.11 39.61 23.68
C VAL C 776 -6.31 40.90 23.76
N SER C 777 -7.01 42.00 23.99
CA SER C 777 -6.41 43.32 24.09
C SER C 777 -6.24 43.71 25.56
N LYS C 778 -5.60 44.85 25.78
CA LYS C 778 -5.40 45.37 27.12
C LYS C 778 -6.75 45.67 27.76
N GLY C 779 -6.82 45.48 29.08
CA GLY C 779 -8.00 45.84 29.83
C GLY C 779 -9.24 45.05 29.52
N ASP C 780 -9.13 43.92 28.82
CA ASP C 780 -10.29 43.10 28.57
C ASP C 780 -10.56 42.19 29.76
N VAL C 781 -11.78 42.19 30.25
CA VAL C 781 -12.17 41.36 31.37
C VAL C 781 -12.26 39.91 30.90
N VAL C 782 -11.63 39.01 31.66
CA VAL C 782 -11.65 37.60 31.34
C VAL C 782 -12.14 36.83 32.55
N ALA C 783 -12.95 35.82 32.28
CA ALA C 783 -13.43 34.91 33.31
C ALA C 783 -12.48 33.72 33.38
N ARG C 784 -12.54 33.00 34.50
CA ARG C 784 -11.72 31.81 34.65
C ARG C 784 -12.04 30.81 33.55
N GLY C 785 -11.00 30.26 32.94
CA GLY C 785 -11.17 29.29 31.89
C GLY C 785 -11.33 29.84 30.49
N ASP C 786 -11.28 31.16 30.31
CA ASP C 786 -11.33 31.73 28.97
C ASP C 786 -10.02 31.44 28.25
N ILE C 787 -10.02 31.56 26.93
CA ILE C 787 -8.86 31.24 26.10
C ILE C 787 -8.12 32.54 25.84
N LEU C 788 -7.00 32.74 26.53
CA LEU C 788 -6.22 33.96 26.37
C LEU C 788 -5.42 33.96 25.07
N ALA C 789 -4.79 32.83 24.76
CA ALA C 789 -4.02 32.69 23.54
C ALA C 789 -4.19 31.28 23.01
N ASP C 790 -4.25 31.15 21.69
CA ASP C 790 -4.51 29.87 21.06
C ASP C 790 -3.27 29.40 20.32
N GLY C 791 -3.07 28.08 20.33
CA GLY C 791 -1.90 27.50 19.72
C GLY C 791 -2.10 27.19 18.25
N PRO C 792 -1.35 26.23 17.74
CA PRO C 792 -1.44 25.90 16.31
C PRO C 792 -2.79 25.28 15.96
N SER C 793 -3.22 25.52 14.73
CA SER C 793 -4.45 24.96 14.19
C SER C 793 -5.69 25.38 14.98
N THR C 794 -5.61 26.51 15.66
CA THR C 794 -6.73 27.05 16.42
C THR C 794 -7.03 28.46 15.95
N ASP C 795 -8.32 28.78 15.83
CA ASP C 795 -8.75 30.10 15.39
C ASP C 795 -9.60 30.70 16.50
N MET C 796 -8.95 31.50 17.35
CA MET C 796 -9.60 32.15 18.50
C MET C 796 -10.54 31.21 19.24
N GLY C 797 -9.97 30.12 19.74
CA GLY C 797 -10.70 29.20 20.59
C GLY C 797 -11.33 28.03 19.88
N GLU C 798 -11.46 28.07 18.57
CA GLU C 798 -11.98 26.95 17.81
C GLU C 798 -10.83 26.14 17.24
N LEU C 799 -11.13 24.91 16.84
CA LEU C 799 -10.14 24.04 16.23
C LEU C 799 -10.21 24.20 14.71
N ALA C 800 -9.13 24.70 14.12
CA ALA C 800 -9.08 25.00 12.69
C ALA C 800 -7.93 24.24 12.08
N LEU C 801 -8.22 23.06 11.52
CA LEU C 801 -7.17 22.20 11.01
C LEU C 801 -6.64 22.71 9.67
N GLY C 802 -7.49 22.76 8.66
CA GLY C 802 -7.08 23.25 7.36
C GLY C 802 -7.72 24.58 7.05
N GLN C 803 -8.10 24.78 5.80
CA GLN C 803 -8.77 25.99 5.37
C GLN C 803 -9.93 25.63 4.44
N ASN C 804 -10.88 26.54 4.33
CA ASN C 804 -12.05 26.36 3.49
C ASN C 804 -11.98 27.31 2.29
N MET C 805 -12.15 26.76 1.10
CA MET C 805 -12.07 27.57 -0.11
C MET C 805 -13.24 27.24 -1.01
N ARG C 806 -13.46 28.13 -1.99
CA ARG C 806 -14.48 27.91 -3.01
C ARG C 806 -14.07 26.75 -3.89
N VAL C 807 -14.89 25.70 -3.93
CA VAL C 807 -14.59 24.50 -4.69
C VAL C 807 -15.70 24.27 -5.69
N ALA C 808 -15.39 23.48 -6.71
CA ALA C 808 -16.36 23.09 -7.72
C ALA C 808 -16.21 21.60 -7.99
N PHE C 809 -17.34 20.95 -8.29
CA PHE C 809 -17.39 19.52 -8.52
C PHE C 809 -17.69 19.27 -9.99
N MET C 810 -16.64 19.26 -10.81
CA MET C 810 -16.84 18.99 -12.23
C MET C 810 -15.54 18.48 -12.82
N PRO C 811 -15.59 17.51 -13.73
CA PRO C 811 -14.36 17.06 -14.38
C PRO C 811 -13.77 18.19 -15.21
N TRP C 812 -12.52 18.53 -14.94
CA TRP C 812 -11.87 19.66 -15.59
C TRP C 812 -10.65 19.15 -16.33
N ASN C 813 -10.80 18.94 -17.64
CA ASN C 813 -9.68 18.59 -18.52
C ASN C 813 -8.94 17.35 -18.03
N GLY C 814 -9.62 16.53 -17.24
CA GLY C 814 -9.02 15.30 -16.75
C GLY C 814 -7.90 15.54 -15.76
N PHE C 815 -7.75 16.76 -15.26
CA PHE C 815 -6.72 17.01 -14.26
C PHE C 815 -7.13 16.47 -12.90
N ASN C 816 -8.43 16.41 -12.62
CA ASN C 816 -8.94 15.64 -11.49
C ASN C 816 -9.46 14.30 -12.01
N PHE C 817 -8.52 13.51 -12.54
CA PHE C 817 -8.90 12.33 -13.29
C PHE C 817 -9.37 11.20 -12.39
N GLU C 818 -8.50 10.69 -11.52
CA GLU C 818 -8.88 9.64 -10.60
C GLU C 818 -9.27 10.19 -9.25
N ASP C 819 -8.32 10.80 -8.55
CA ASP C 819 -8.61 11.53 -7.32
C ASP C 819 -7.82 12.81 -7.22
N SER C 820 -7.10 13.21 -8.26
CA SER C 820 -6.25 14.37 -8.19
C SER C 820 -7.07 15.65 -8.01
N ILE C 821 -6.37 16.72 -7.67
CA ILE C 821 -7.00 18.01 -7.40
C ILE C 821 -6.41 19.05 -8.34
N CYS C 822 -7.29 19.81 -8.98
CA CYS C 822 -6.89 20.95 -9.78
C CYS C 822 -6.86 22.18 -8.89
N LEU C 823 -5.76 22.91 -8.93
CA LEU C 823 -5.48 23.96 -7.97
C LEU C 823 -5.36 25.30 -8.66
N SER C 824 -6.03 26.31 -8.11
CA SER C 824 -5.88 27.67 -8.59
C SER C 824 -4.55 28.24 -8.13
N GLU C 825 -4.10 29.28 -8.80
CA GLU C 825 -2.91 30.00 -8.36
C GLU C 825 -3.20 30.91 -7.18
N ARG C 826 -4.47 31.16 -6.88
CA ARG C 826 -4.79 32.03 -5.75
C ARG C 826 -4.25 31.48 -4.45
N VAL C 827 -4.45 30.18 -4.20
CA VAL C 827 -4.11 29.62 -2.90
C VAL C 827 -2.61 29.73 -2.63
N VAL C 828 -1.78 29.39 -3.62
CA VAL C 828 -0.35 29.57 -3.44
C VAL C 828 -0.01 31.05 -3.36
N GLN C 829 -0.71 31.88 -4.13
CA GLN C 829 -0.52 33.31 -4.02
C GLN C 829 -0.99 33.82 -2.66
N GLU C 830 -2.08 33.29 -2.13
CA GLU C 830 -2.56 33.67 -0.81
C GLU C 830 -1.94 32.83 0.30
N ASP C 831 -1.15 31.82 -0.04
CA ASP C 831 -0.47 30.98 0.96
C ASP C 831 -1.47 30.37 1.93
N ARG C 832 -2.60 29.93 1.40
CA ARG C 832 -3.61 29.31 2.24
C ARG C 832 -3.10 28.00 2.83
N PHE C 833 -2.22 27.30 2.12
CA PHE C 833 -1.74 26.01 2.58
C PHE C 833 -0.24 25.95 2.81
N THR C 834 0.45 27.09 2.82
CA THR C 834 1.86 27.08 3.19
C THR C 834 2.01 26.75 4.67
N THR C 835 3.06 26.01 4.99
CA THR C 835 3.28 25.56 6.37
C THR C 835 4.75 25.74 6.73
N ILE C 836 5.01 25.73 8.03
CA ILE C 836 6.35 25.95 8.58
C ILE C 836 6.88 24.61 9.07
N HIS C 837 8.17 24.37 8.83
CA HIS C 837 8.80 23.13 9.22
C HIS C 837 10.07 23.42 10.00
N ILE C 838 10.21 22.78 11.17
CA ILE C 838 11.36 22.96 12.04
C ILE C 838 12.05 21.62 12.21
N GLN C 839 13.34 21.57 11.92
CA GLN C 839 14.14 20.39 12.21
C GLN C 839 15.45 20.84 12.82
N GLU C 840 16.04 19.98 13.66
CA GLU C 840 17.23 20.35 14.39
C GLU C 840 18.42 19.53 13.92
N LEU C 841 19.61 20.11 14.12
CA LEU C 841 20.85 19.40 13.89
C LEU C 841 21.74 19.66 15.09
N THR C 842 22.38 18.60 15.59
CA THR C 842 23.14 18.68 16.82
C THR C 842 24.57 18.21 16.60
N CYS C 843 25.46 18.73 17.44
CA CYS C 843 26.86 18.35 17.42
C CYS C 843 27.37 18.27 18.84
N VAL C 844 28.36 17.41 19.06
CA VAL C 844 28.90 17.13 20.38
C VAL C 844 30.41 17.22 20.33
N ALA C 845 31.02 17.43 21.49
CA ALA C 845 32.48 17.51 21.61
C ALA C 845 32.99 16.19 22.17
N ARG C 846 33.59 15.38 21.29
CA ARG C 846 34.11 14.09 21.68
C ARG C 846 35.57 14.20 22.10
N ASP C 847 36.11 13.15 22.71
CA ASP C 847 37.49 13.26 23.25
C ASP C 847 38.36 12.15 22.65
N THR C 848 38.64 12.26 21.35
CA THR C 848 39.41 11.20 20.66
C THR C 848 40.61 10.79 21.52
N LYS C 849 40.84 9.47 21.68
CA LYS C 849 42.05 9.05 22.42
C LYS C 849 43.25 9.69 21.71
N LEU C 850 43.18 9.80 20.39
CA LEU C 850 44.25 10.50 19.64
C LEU C 850 44.43 11.88 20.27
N GLY C 851 43.34 12.62 20.47
CA GLY C 851 43.40 13.95 21.09
C GLY C 851 42.02 14.58 21.18
N PRO C 852 41.63 15.20 22.30
CA PRO C 852 40.27 15.72 22.42
C PRO C 852 39.88 16.75 21.35
N GLU C 853 38.59 16.86 21.04
CA GLU C 853 38.10 17.80 20.05
C GLU C 853 37.70 19.13 20.69
N GLU C 854 37.56 20.15 19.86
CA GLU C 854 37.19 21.48 20.31
C GLU C 854 36.27 22.13 19.28
N ILE C 855 35.51 23.11 19.73
CA ILE C 855 34.57 23.84 18.88
C ILE C 855 35.22 25.16 18.53
N THR C 856 35.88 25.21 17.38
CA THR C 856 36.65 26.37 16.96
C THR C 856 36.18 26.85 15.60
N ALA C 857 36.39 28.13 15.34
CA ALA C 857 36.08 28.72 14.04
C ALA C 857 37.23 28.63 13.05
N ASP C 858 38.47 28.49 13.52
CA ASP C 858 39.62 28.36 12.62
C ASP C 858 39.58 26.97 12.01
N ILE C 859 39.17 26.90 10.75
CA ILE C 859 39.00 25.65 10.03
C ILE C 859 39.90 25.68 8.81
N PRO C 860 40.68 24.63 8.54
CA PRO C 860 41.52 24.61 7.34
C PRO C 860 40.75 24.27 6.09
N ASN C 861 41.36 24.60 4.95
CA ASN C 861 40.90 24.22 3.62
C ASN C 861 39.43 24.61 3.38
N VAL C 862 39.00 25.68 4.03
CA VAL C 862 37.64 26.16 3.86
C VAL C 862 37.67 27.49 3.10
N GLY C 863 36.65 27.70 2.28
CA GLY C 863 36.48 28.98 1.63
C GLY C 863 36.11 30.03 2.65
N GLU C 864 36.66 31.24 2.49
CA GLU C 864 36.45 32.28 3.48
C GLU C 864 34.99 32.69 3.59
N ALA C 865 34.21 32.59 2.51
CA ALA C 865 32.81 33.00 2.59
C ALA C 865 32.04 32.15 3.58
N ALA C 866 32.31 30.85 3.61
CA ALA C 866 31.68 29.98 4.60
C ALA C 866 32.02 30.42 6.02
N LEU C 867 33.28 30.78 6.26
CA LEU C 867 33.67 31.28 7.58
C LEU C 867 32.94 32.59 7.89
N ASN C 868 32.79 33.45 6.89
CA ASN C 868 32.04 34.69 7.08
C ASN C 868 30.61 34.41 7.47
N LYS C 869 30.01 33.35 6.90
CA LYS C 869 28.71 32.91 7.38
C LYS C 869 28.77 32.53 8.86
N LEU C 870 29.82 31.84 9.26
CA LEU C 870 29.99 31.40 10.64
C LEU C 870 30.47 32.55 11.51
N ASP C 871 30.47 32.32 12.82
CA ASP C 871 30.94 33.32 13.75
C ASP C 871 32.36 32.99 14.21
N GLU C 872 32.88 33.81 15.13
CA GLU C 872 34.22 33.58 15.66
C GLU C 872 34.26 32.37 16.58
N ALA C 873 33.10 31.96 17.09
CA ALA C 873 33.04 30.80 17.97
C ALA C 873 32.79 29.50 17.23
N GLY C 874 32.59 29.55 15.92
CA GLY C 874 32.33 28.36 15.14
C GLY C 874 30.85 28.04 14.93
N ILE C 875 29.95 28.97 15.19
CA ILE C 875 28.52 28.73 15.10
C ILE C 875 27.90 29.75 14.15
N VAL C 876 26.88 29.30 13.41
CA VAL C 876 26.15 30.20 12.53
C VAL C 876 25.46 31.27 13.34
N TYR C 877 25.50 32.50 12.84
CA TYR C 877 24.70 33.56 13.45
C TYR C 877 23.22 33.23 13.32
N VAL C 878 22.49 33.42 14.42
CA VAL C 878 21.05 33.17 14.41
C VAL C 878 20.39 34.11 13.42
N GLY C 879 19.48 33.56 12.61
CA GLY C 879 18.81 34.36 11.61
C GLY C 879 19.61 34.47 10.34
N ALA C 880 20.14 33.34 9.87
CA ALA C 880 20.91 33.28 8.65
C ALA C 880 20.31 32.26 7.70
N GLU C 881 19.97 32.71 6.49
CA GLU C 881 19.45 31.81 5.48
C GLU C 881 20.56 30.86 5.02
N VAL C 882 20.22 29.58 4.97
CA VAL C 882 21.22 28.53 4.74
C VAL C 882 20.79 27.69 3.54
N GLN C 883 21.59 27.72 2.49
CA GLN C 883 21.38 26.83 1.35
C GLN C 883 21.98 25.46 1.70
N ALA C 884 21.88 24.51 0.78
CA ALA C 884 22.33 23.15 1.07
C ALA C 884 23.85 23.09 1.16
N GLY C 885 24.33 22.23 2.04
CA GLY C 885 25.75 21.94 2.15
C GLY C 885 26.56 22.94 2.94
N ASP C 886 25.91 24.00 3.42
CA ASP C 886 26.64 25.03 4.15
C ASP C 886 27.05 24.53 5.53
N ILE C 887 28.30 24.83 5.88
CA ILE C 887 28.85 24.46 7.17
C ILE C 887 28.10 25.18 8.28
N LEU C 888 27.84 24.47 9.38
CA LEU C 888 27.06 25.02 10.48
C LEU C 888 27.84 25.07 11.79
N VAL C 889 28.60 24.04 12.11
CA VAL C 889 29.32 23.96 13.38
C VAL C 889 30.82 23.85 13.10
N GLY C 890 31.60 24.58 13.88
CA GLY C 890 33.04 24.53 13.73
C GLY C 890 33.69 23.51 14.64
N LYS C 891 34.01 22.34 14.09
CA LYS C 891 34.56 21.23 14.85
C LYS C 891 35.88 20.83 14.21
N VAL C 892 36.88 20.56 15.05
CA VAL C 892 38.22 20.22 14.59
C VAL C 892 38.63 18.86 15.17
N THR C 893 39.18 18.00 14.31
CA THR C 893 39.56 16.62 14.72
C THR C 893 40.96 16.60 15.34
N PRO C 894 41.95 15.94 14.72
CA PRO C 894 43.29 15.82 15.33
C PRO C 894 43.86 17.17 15.78
N VAL C 918 45.50 17.84 11.76
CA VAL C 918 44.31 18.30 12.46
C VAL C 918 43.19 18.61 11.46
N LYS C 919 42.39 17.60 11.16
CA LYS C 919 41.29 17.74 10.21
C LYS C 919 40.13 18.50 10.85
N ASP C 920 39.02 18.57 10.13
CA ASP C 920 37.85 19.32 10.57
C ASP C 920 36.63 18.41 10.55
N THR C 921 35.93 18.33 11.67
CA THR C 921 34.66 17.61 11.78
C THR C 921 33.48 18.56 11.73
N SER C 922 33.59 19.63 10.94
CA SER C 922 32.58 20.66 10.88
C SER C 922 31.28 20.13 10.27
N LEU C 923 30.17 20.56 10.84
CA LEU C 923 28.85 20.09 10.43
C LEU C 923 28.29 20.94 9.31
N ARG C 924 27.69 20.27 8.33
CA ARG C 924 27.08 20.94 7.19
C ARG C 924 25.63 20.53 7.08
N VAL C 925 24.80 21.46 6.61
CA VAL C 925 23.38 21.15 6.42
C VAL C 925 23.24 20.10 5.31
N PRO C 926 22.39 19.10 5.48
CA PRO C 926 22.25 18.07 4.44
C PRO C 926 21.70 18.65 3.15
N THR C 927 22.05 17.98 2.05
CA THR C 927 21.54 18.38 0.75
C THR C 927 20.03 18.24 0.69
N GLY C 928 19.39 19.15 -0.03
CA GLY C 928 17.96 19.16 -0.14
C GLY C 928 17.29 19.90 0.99
N THR C 929 18.09 20.33 1.96
CA THR C 929 17.59 21.11 3.09
C THR C 929 18.04 22.56 2.93
N LYS C 930 17.07 23.48 2.91
CA LYS C 930 17.38 24.89 2.77
C LYS C 930 16.32 25.70 3.49
N GLY C 931 16.75 26.52 4.45
CA GLY C 931 15.83 27.33 5.21
C GLY C 931 16.53 28.44 5.97
N THR C 932 15.97 28.81 7.13
CA THR C 932 16.53 29.85 7.96
C THR C 932 16.76 29.31 9.36
N VAL C 933 17.96 29.55 9.89
CA VAL C 933 18.27 29.17 11.26
C VAL C 933 17.60 30.16 12.20
N ILE C 934 16.84 29.63 13.16
CA ILE C 934 16.10 30.48 14.07
C ILE C 934 16.60 30.37 15.51
N ASP C 935 17.27 29.30 15.87
CA ASP C 935 17.73 29.16 17.24
C ASP C 935 18.94 28.25 17.28
N VAL C 936 19.82 28.53 18.23
CA VAL C 936 21.00 27.71 18.50
C VAL C 936 21.01 27.41 19.99
N GLN C 937 21.35 26.17 20.34
CA GLN C 937 21.48 25.78 21.74
C GLN C 937 22.85 25.16 21.95
N VAL C 938 23.47 25.48 23.07
CA VAL C 938 24.78 24.96 23.42
C VAL C 938 24.73 24.51 24.88
N PHE C 939 25.22 23.29 25.13
CA PHE C 939 25.25 22.74 26.47
C PHE C 939 26.63 22.13 26.73
N THR C 940 27.16 22.37 27.92
CA THR C 940 28.52 21.97 28.26
C THR C 940 28.54 21.16 29.54
N ARG C 941 29.37 20.13 29.56
CA ARG C 941 29.49 19.27 30.73
C ARG C 941 30.11 20.03 31.89
N ASP C 942 29.78 19.60 33.11
CA ASP C 942 30.41 20.16 34.29
C ASP C 942 31.92 20.00 34.22
N GLY C 943 32.65 21.04 34.60
CA GLY C 943 34.08 21.05 34.46
C GLY C 943 34.58 21.52 33.11
N VAL C 944 33.70 21.98 32.23
CA VAL C 944 34.09 22.51 30.94
C VAL C 944 33.63 23.96 30.83
N GLU C 945 34.39 24.75 30.08
CA GLU C 945 34.16 26.18 30.00
C GLU C 945 32.89 26.50 29.23
N ARG C 946 32.29 27.65 29.55
CA ARG C 946 31.11 28.13 28.85
C ARG C 946 31.55 29.10 27.76
N ASP C 947 31.18 28.79 26.51
CA ASP C 947 31.59 29.60 25.38
C ASP C 947 30.84 30.94 25.39
N SER C 948 31.41 31.90 24.67
CA SER C 948 30.83 33.24 24.62
C SER C 948 29.39 33.22 24.14
N ARG C 949 29.05 32.28 23.25
CA ARG C 949 27.67 32.12 22.84
C ARG C 949 26.78 31.78 24.03
N ALA C 950 27.18 30.80 24.83
CA ALA C 950 26.40 30.43 26.00
C ALA C 950 26.34 31.57 27.00
N LEU C 951 27.46 32.30 27.15
CA LEU C 951 27.48 33.45 28.04
C LEU C 951 26.45 34.48 27.61
N SER C 952 26.44 34.82 26.32
CA SER C 952 25.48 35.79 25.81
C SER C 952 24.05 35.30 25.97
N ILE C 953 23.81 34.02 25.66
CA ILE C 953 22.47 33.47 25.77
C ILE C 953 21.96 33.57 27.20
N GLU C 954 22.76 33.10 28.15
CA GLU C 954 22.41 33.27 29.55
C GLU C 954 22.22 34.74 29.89
N LYS C 955 22.94 35.62 29.19
CA LYS C 955 22.78 37.04 29.46
C LYS C 955 21.38 37.51 29.14
N MET C 956 20.88 37.25 27.92
CA MET C 956 19.54 37.79 27.65
C MET C 956 18.49 37.02 28.44
N GLN C 957 18.75 35.75 28.74
CA GLN C 957 17.79 35.04 29.58
C GLN C 957 17.68 35.68 30.95
N LEU C 958 18.82 35.99 31.56
CA LEU C 958 18.83 36.64 32.87
C LEU C 958 18.15 38.00 32.80
N ASP C 959 18.42 38.75 31.73
CA ASP C 959 17.79 40.05 31.56
C ASP C 959 16.28 39.90 31.48
N GLN C 960 15.80 38.92 30.71
CA GLN C 960 14.37 38.70 30.55
C GLN C 960 13.73 38.38 31.89
N ILE C 961 14.36 37.48 32.65
CA ILE C 961 13.81 37.09 33.94
C ILE C 961 13.76 38.30 34.87
N ARG C 962 14.85 39.07 34.93
CA ARG C 962 14.90 40.24 35.78
C ARG C 962 13.81 41.23 35.41
N LYS C 963 13.64 41.50 34.12
CA LYS C 963 12.61 42.46 33.71
C LYS C 963 11.21 41.95 34.04
N ASP C 964 10.96 40.66 33.83
CA ASP C 964 9.64 40.12 34.13
C ASP C 964 9.32 40.27 35.61
N LEU C 965 10.25 39.87 36.47
CA LEU C 965 9.98 40.00 37.90
C LEU C 965 9.91 41.45 38.34
N ASN C 966 10.72 42.34 37.77
CA ASN C 966 10.64 43.75 38.12
C ASN C 966 9.28 44.32 37.74
N GLU C 967 8.77 43.96 36.57
CA GLU C 967 7.44 44.43 36.17
C GLU C 967 6.36 43.86 37.08
N GLU C 968 6.49 42.59 37.47
CA GLU C 968 5.52 42.00 38.39
C GLU C 968 5.53 42.71 39.73
N PHE C 969 6.72 43.09 40.21
CA PHE C 969 6.80 43.91 41.41
C PHE C 969 6.14 45.27 41.16
N ARG C 970 6.38 45.83 39.98
CA ARG C 970 5.91 47.18 39.68
C ARG C 970 4.40 47.26 39.76
N ILE C 971 3.70 46.29 39.16
CA ILE C 971 2.24 46.36 39.10
C ILE C 971 1.65 46.27 40.51
N VAL C 972 2.11 45.31 41.29
CA VAL C 972 1.55 45.12 42.62
C VAL C 972 1.91 46.29 43.53
N GLU C 973 3.13 46.81 43.42
CA GLU C 973 3.53 47.93 44.26
C GLU C 973 2.75 49.19 43.90
N GLY C 974 2.47 49.39 42.61
CA GLY C 974 1.65 50.51 42.22
C GLY C 974 0.23 50.38 42.74
N ALA C 975 -0.34 49.17 42.65
CA ALA C 975 -1.67 48.95 43.20
C ALA C 975 -1.71 49.26 44.69
N THR C 976 -0.73 48.75 45.44
CA THR C 976 -0.69 48.97 46.88
C THR C 976 -0.51 50.46 47.20
N PHE C 977 0.40 51.13 46.48
CA PHE C 977 0.66 52.54 46.75
C PHE C 977 -0.57 53.39 46.48
N GLU C 978 -1.24 53.15 45.35
CA GLU C 978 -2.42 53.95 45.05
C GLU C 978 -3.57 53.63 45.98
N ARG C 979 -3.71 52.36 46.40
CA ARG C 979 -4.71 52.01 47.40
C ARG C 979 -4.46 52.76 48.71
N LEU C 980 -3.20 52.83 49.13
CA LEU C 980 -2.85 53.55 50.35
C LEU C 980 -3.13 55.04 50.19
N ARG C 981 -2.76 55.61 49.04
CA ARG C 981 -2.98 57.04 48.83
C ARG C 981 -4.47 57.36 48.73
N ALA C 982 -5.28 56.41 48.28
CA ALA C 982 -6.73 56.60 48.23
C ALA C 982 -7.37 56.48 49.61
N ALA C 983 -6.88 55.56 50.44
CA ALA C 983 -7.44 55.43 51.78
C ALA C 983 -7.23 56.71 52.58
N LEU C 984 -6.05 57.31 52.48
CA LEU C 984 -5.74 58.56 53.14
C LEU C 984 -6.39 59.74 52.41
N VAL C 985 -6.68 60.80 53.17
CA VAL C 985 -7.43 61.95 52.68
C VAL C 985 -6.60 62.70 51.66
N GLY C 986 -7.24 63.65 50.96
CA GLY C 986 -6.53 64.39 49.94
C GLY C 986 -5.31 65.10 50.50
N ALA C 987 -4.17 64.86 49.86
CA ALA C 987 -2.89 65.41 50.31
C ALA C 987 -2.84 66.92 50.11
N ALA C 1020 -6.82 58.35 61.40
CA ALA C 1020 -6.29 59.64 61.80
C ALA C 1020 -4.79 59.72 61.54
N ASP C 1021 -4.11 60.61 62.28
CA ASP C 1021 -2.67 60.80 62.09
C ASP C 1021 -1.89 59.53 62.38
N ASP C 1022 -2.25 58.80 63.43
CA ASP C 1022 -1.58 57.54 63.74
C ASP C 1022 -1.93 56.44 62.75
N ALA C 1023 -3.19 56.38 62.31
CA ALA C 1023 -3.61 55.34 61.39
C ALA C 1023 -2.90 55.44 60.05
N LEU C 1024 -2.75 56.66 59.52
CA LEU C 1024 -2.07 56.83 58.25
C LEU C 1024 -0.59 56.43 58.34
N ASN C 1025 0.07 56.80 59.44
CA ASN C 1025 1.46 56.41 59.62
C ASN C 1025 1.59 54.89 59.75
N GLU C 1026 0.67 54.26 60.49
CA GLU C 1026 0.69 52.80 60.62
C GLU C 1026 0.49 52.13 59.26
N GLN C 1027 -0.44 52.64 58.46
CA GLN C 1027 -0.69 52.05 57.15
C GLN C 1027 0.51 52.24 56.24
N LEU C 1028 1.16 53.41 56.28
CA LEU C 1028 2.35 53.62 55.46
C LEU C 1028 3.47 52.67 55.87
N GLU C 1029 3.66 52.48 57.17
CA GLU C 1029 4.69 51.55 57.63
C GLU C 1029 4.39 50.13 57.20
N LYS C 1030 3.12 49.71 57.31
CA LYS C 1030 2.76 48.36 56.89
C LYS C 1030 2.94 48.18 55.38
N ALA C 1031 2.62 49.21 54.60
CA ALA C 1031 2.84 49.16 53.17
C ALA C 1031 4.33 49.03 52.86
N GLN C 1032 5.17 49.79 53.57
CA GLN C 1032 6.60 49.69 53.37
C GLN C 1032 7.11 48.28 53.72
N ALA C 1033 6.59 47.70 54.80
CA ALA C 1033 6.98 46.34 55.18
C ALA C 1033 6.58 45.33 54.11
N TYR C 1034 5.37 45.47 53.58
CA TYR C 1034 4.92 44.58 52.51
C TYR C 1034 5.78 44.73 51.27
N ILE C 1035 6.14 45.97 50.93
CA ILE C 1035 6.98 46.23 49.76
C ILE C 1035 8.34 45.56 49.93
N SER C 1036 8.93 45.71 51.12
CA SER C 1036 10.22 45.08 51.38
C SER C 1036 10.12 43.56 51.30
N ASP C 1037 9.04 42.99 51.85
CA ASP C 1037 8.86 41.55 51.79
C ASP C 1037 8.77 41.06 50.35
N ARG C 1038 7.97 41.75 49.53
CA ARG C 1038 7.83 41.33 48.14
C ARG C 1038 9.15 41.48 47.39
N ARG C 1039 9.88 42.57 47.66
CA ARG C 1039 11.17 42.78 47.02
C ARG C 1039 12.13 41.65 47.34
N GLN C 1040 12.21 41.27 48.61
CA GLN C 1040 13.14 40.21 48.99
C GLN C 1040 12.69 38.87 48.44
N LEU C 1041 11.38 38.62 48.39
CA LEU C 1041 10.88 37.41 47.75
C LEU C 1041 11.33 37.32 46.31
N LEU C 1042 11.09 38.38 45.55
CA LEU C 1042 11.41 38.37 44.13
C LEU C 1042 12.90 38.24 43.90
N ASP C 1043 13.70 38.95 44.70
CA ASP C 1043 15.14 38.85 44.55
C ASP C 1043 15.65 37.45 44.85
N ASP C 1044 15.14 36.82 45.92
CA ASP C 1044 15.53 35.45 46.22
C ASP C 1044 15.16 34.52 45.08
N LYS C 1045 13.95 34.69 44.53
CA LYS C 1045 13.55 33.88 43.38
C LYS C 1045 14.50 34.08 42.21
N PHE C 1046 14.92 35.32 41.97
CA PHE C 1046 15.83 35.59 40.85
C PHE C 1046 17.17 34.92 41.06
N GLU C 1047 17.72 35.01 42.28
CA GLU C 1047 18.97 34.32 42.54
C GLU C 1047 18.82 32.81 42.39
N ASP C 1048 17.68 32.27 42.80
CA ASP C 1048 17.45 30.84 42.63
C ASP C 1048 17.45 30.44 41.16
N LYS C 1049 16.75 31.22 40.33
CA LYS C 1049 16.72 30.92 38.90
C LYS C 1049 18.10 31.08 38.29
N LYS C 1050 18.82 32.13 38.69
CA LYS C 1050 20.17 32.34 38.20
C LYS C 1050 21.05 31.12 38.52
N ARG C 1051 21.04 30.70 39.79
CA ARG C 1051 21.83 29.54 40.19
C ARG C 1051 21.43 28.30 39.40
N LYS C 1052 20.13 28.09 39.19
CA LYS C 1052 19.69 27.00 38.34
C LYS C 1052 20.27 27.11 36.94
N LEU C 1053 20.40 28.33 36.41
CA LEU C 1053 20.91 28.51 35.06
C LEU C 1053 22.41 28.25 34.95
N GLN C 1054 23.21 28.76 35.90
CA GLN C 1054 24.66 28.66 35.78
C GLN C 1054 25.16 27.23 35.79
N GLN C 1055 24.34 26.27 36.23
CA GLN C 1055 24.76 24.88 36.29
C GLN C 1055 25.06 24.35 34.89
N GLY C 1056 25.94 23.34 34.86
CA GLY C 1056 26.23 22.61 33.64
C GLY C 1056 25.14 21.58 33.34
N ASP C 1057 25.47 20.67 32.43
CA ASP C 1057 24.55 19.62 32.05
C ASP C 1057 25.17 18.25 32.30
N ASP C 1058 24.30 17.25 32.42
CA ASP C 1058 24.72 15.87 32.57
C ASP C 1058 24.76 15.25 31.18
N LEU C 1059 25.70 15.74 30.37
CA LEU C 1059 25.82 15.25 29.01
C LEU C 1059 26.28 13.79 29.00
N ALA C 1060 26.19 13.17 27.83
CA ALA C 1060 26.60 11.80 27.69
C ALA C 1060 28.10 11.67 27.92
N PRO C 1061 28.56 10.53 28.43
CA PRO C 1061 30.01 10.32 28.62
C PRO C 1061 30.74 10.44 27.28
N GLY C 1062 31.92 11.04 27.32
CA GLY C 1062 32.67 11.32 26.12
C GLY C 1062 32.25 12.58 25.40
N VAL C 1063 31.22 13.27 25.88
CA VAL C 1063 30.73 14.50 25.27
C VAL C 1063 31.12 15.64 26.20
N LEU C 1064 32.00 16.52 25.72
CA LEU C 1064 32.42 17.67 26.52
C LEU C 1064 31.37 18.77 26.48
N LYS C 1065 31.09 19.29 25.28
CA LYS C 1065 30.05 20.30 25.08
C LYS C 1065 29.24 19.93 23.85
N ILE C 1066 27.94 20.10 23.92
CA ILE C 1066 27.03 19.74 22.83
C ILE C 1066 26.36 20.99 22.32
N VAL C 1067 26.10 21.03 21.01
CA VAL C 1067 25.49 22.17 20.36
C VAL C 1067 24.45 21.67 19.37
N LYS C 1068 23.26 22.25 19.42
CA LYS C 1068 22.19 21.93 18.49
C LYS C 1068 21.60 23.21 17.92
N VAL C 1069 21.17 23.13 16.66
CA VAL C 1069 20.67 24.28 15.93
C VAL C 1069 19.32 23.89 15.33
N TYR C 1070 18.53 24.91 15.01
CA TYR C 1070 17.21 24.73 14.44
C TYR C 1070 17.09 25.49 13.14
N LEU C 1071 16.23 24.99 12.25
CA LEU C 1071 15.98 25.63 10.97
C LEU C 1071 14.48 25.71 10.73
N ALA C 1072 14.06 26.75 10.01
CA ALA C 1072 12.66 26.95 9.68
C ALA C 1072 12.51 26.84 8.17
N ILE C 1073 11.49 26.10 7.73
CA ILE C 1073 11.24 25.88 6.32
C ILE C 1073 9.81 26.27 6.00
N LYS C 1074 9.63 27.11 4.98
CA LYS C 1074 8.31 27.52 4.52
C LYS C 1074 7.92 26.61 3.36
N ARG C 1075 7.14 25.58 3.67
CA ARG C 1075 6.74 24.61 2.67
C ARG C 1075 5.53 25.12 1.91
N ARG C 1076 5.77 25.71 0.75
CA ARG C 1076 4.69 26.10 -0.14
C ARG C 1076 4.08 24.85 -0.76
N ILE C 1077 2.75 24.87 -0.90
CA ILE C 1077 2.08 23.72 -1.48
C ILE C 1077 2.36 23.68 -2.98
N GLN C 1078 2.72 22.50 -3.45
CA GLN C 1078 3.15 22.31 -4.83
C GLN C 1078 2.51 21.05 -5.36
N PRO C 1079 2.42 20.90 -6.68
CA PRO C 1079 1.83 19.69 -7.25
C PRO C 1079 2.51 18.45 -6.70
N GLY C 1080 1.70 17.45 -6.33
CA GLY C 1080 2.16 16.22 -5.73
C GLY C 1080 1.82 16.09 -4.26
N ASP C 1081 1.62 17.21 -3.57
CA ASP C 1081 1.29 17.17 -2.15
C ASP C 1081 -0.10 16.59 -1.95
N LYS C 1082 -0.23 15.72 -0.96
CA LYS C 1082 -1.52 15.08 -0.70
C LYS C 1082 -2.44 16.01 0.05
N MET C 1083 -3.65 16.18 -0.48
CA MET C 1083 -4.68 16.98 0.15
C MET C 1083 -5.93 16.13 0.34
N ALA C 1084 -6.58 16.32 1.48
CA ALA C 1084 -7.73 15.48 1.82
C ALA C 1084 -8.69 16.31 2.65
N GLY C 1085 -9.97 16.18 2.32
CA GLY C 1085 -11.00 16.89 3.04
C GLY C 1085 -11.39 16.17 4.30
N ARG C 1086 -12.63 16.35 4.75
CA ARG C 1086 -13.07 15.76 6.01
C ARG C 1086 -13.90 14.50 5.87
N HIS C 1087 -14.40 14.19 4.67
CA HIS C 1087 -15.27 13.04 4.45
C HIS C 1087 -14.55 11.89 3.76
N GLY C 1088 -13.28 11.67 4.08
CA GLY C 1088 -12.54 10.58 3.48
C GLY C 1088 -12.27 10.78 2.00
N ASN C 1089 -12.21 12.03 1.58
CA ASN C 1089 -11.95 12.37 0.18
C ASN C 1089 -10.50 12.82 0.08
N LYS C 1090 -9.60 11.88 -0.18
CA LYS C 1090 -8.20 12.21 -0.33
C LYS C 1090 -7.97 12.86 -1.70
N GLY C 1091 -6.70 13.08 -2.02
CA GLY C 1091 -6.35 13.63 -3.30
C GLY C 1091 -4.93 14.13 -3.35
N VAL C 1092 -4.33 14.12 -4.54
CA VAL C 1092 -3.01 14.67 -4.75
C VAL C 1092 -3.14 15.83 -5.72
N VAL C 1093 -2.64 17.00 -5.31
CA VAL C 1093 -2.79 18.18 -6.14
C VAL C 1093 -2.08 17.96 -7.47
N SER C 1094 -2.84 18.02 -8.56
CA SER C 1094 -2.31 17.64 -9.87
C SER C 1094 -1.45 18.77 -10.46
N VAL C 1095 -2.05 19.92 -10.69
CA VAL C 1095 -1.35 21.07 -11.23
C VAL C 1095 -1.86 22.31 -10.52
N ILE C 1096 -1.22 23.44 -10.82
CA ILE C 1096 -1.64 24.74 -10.31
C ILE C 1096 -1.80 25.65 -11.53
N MET C 1097 -3.00 25.70 -12.07
CA MET C 1097 -3.22 26.53 -13.25
C MET C 1097 -3.57 27.95 -12.82
N PRO C 1098 -3.29 28.93 -13.67
CA PRO C 1098 -3.49 30.32 -13.28
C PRO C 1098 -4.97 30.64 -13.06
N VAL C 1099 -5.20 31.83 -12.52
CA VAL C 1099 -6.53 32.18 -12.05
C VAL C 1099 -7.54 32.22 -13.19
N GLU C 1100 -7.10 32.66 -14.38
CA GLU C 1100 -8.02 32.76 -15.49
C GLU C 1100 -8.62 31.40 -15.83
N ASP C 1101 -7.77 30.38 -15.91
CA ASP C 1101 -8.22 29.07 -16.36
C ASP C 1101 -9.22 28.43 -15.41
N MET C 1102 -9.29 28.91 -14.18
CA MET C 1102 -10.28 28.37 -13.25
C MET C 1102 -11.69 28.71 -13.72
N PRO C 1103 -12.65 27.82 -13.51
CA PRO C 1103 -14.04 28.15 -13.84
C PRO C 1103 -14.54 29.26 -12.95
N HIS C 1104 -15.12 30.28 -13.58
CA HIS C 1104 -15.55 31.47 -12.86
C HIS C 1104 -17.06 31.64 -12.97
N ASP C 1105 -17.65 32.17 -11.90
CA ASP C 1105 -19.07 32.45 -11.87
C ASP C 1105 -19.40 33.61 -12.80
N ALA C 1106 -20.67 33.71 -13.16
CA ALA C 1106 -21.13 34.84 -13.97
C ALA C 1106 -20.78 36.16 -13.32
N ASN C 1107 -20.76 36.21 -11.99
CA ASN C 1107 -20.31 37.40 -11.29
C ASN C 1107 -18.81 37.60 -11.42
N GLY C 1108 -18.09 36.63 -11.98
CA GLY C 1108 -16.64 36.71 -12.12
C GLY C 1108 -15.87 36.01 -11.03
N THR C 1109 -16.53 35.52 -9.99
CA THR C 1109 -15.83 34.85 -8.91
C THR C 1109 -15.34 33.49 -9.39
N PRO C 1110 -14.04 33.23 -9.35
CA PRO C 1110 -13.54 31.90 -9.72
C PRO C 1110 -13.47 30.98 -8.51
N VAL C 1111 -13.52 29.70 -8.79
CA VAL C 1111 -13.34 28.70 -7.76
C VAL C 1111 -11.86 28.48 -7.56
N ASP C 1112 -11.51 27.89 -6.42
CA ASP C 1112 -10.13 27.56 -6.12
C ASP C 1112 -9.81 26.10 -6.39
N ILE C 1113 -10.75 25.20 -6.10
CA ILE C 1113 -10.53 23.77 -6.14
C ILE C 1113 -11.56 23.15 -7.09
N VAL C 1114 -11.10 22.25 -7.94
CA VAL C 1114 -11.98 21.57 -8.88
C VAL C 1114 -11.88 20.09 -8.57
N LEU C 1115 -12.77 19.59 -7.71
CA LEU C 1115 -12.84 18.18 -7.41
C LEU C 1115 -13.48 17.40 -8.56
N ASN C 1116 -13.25 16.09 -8.55
CA ASN C 1116 -13.88 15.20 -9.49
C ASN C 1116 -15.19 14.70 -8.90
N PRO C 1117 -16.34 15.04 -9.51
CA PRO C 1117 -17.61 14.53 -8.97
C PRO C 1117 -17.72 13.02 -9.03
N LEU C 1118 -16.97 12.36 -9.91
CA LEU C 1118 -17.12 10.91 -10.07
C LEU C 1118 -16.64 10.14 -8.86
N GLY C 1119 -15.85 10.75 -7.98
CA GLY C 1119 -15.46 10.07 -6.77
C GLY C 1119 -16.52 9.97 -5.71
N VAL C 1120 -17.60 10.74 -5.84
CA VAL C 1120 -18.68 10.74 -4.86
C VAL C 1120 -19.50 9.46 -4.94
N PRO C 1121 -20.12 9.12 -6.07
CA PRO C 1121 -21.08 8.00 -6.06
C PRO C 1121 -20.49 6.66 -5.67
N SER C 1122 -19.22 6.39 -6.00
CA SER C 1122 -18.63 5.12 -5.62
C SER C 1122 -18.44 5.05 -4.11
N ARG C 1123 -17.60 5.92 -3.57
CA ARG C 1123 -17.41 6.01 -2.13
C ARG C 1123 -18.60 6.75 -1.55
N MET C 1124 -19.54 6.01 -0.99
CA MET C 1124 -20.83 6.60 -0.65
C MET C 1124 -20.70 7.54 0.54
N ASN C 1125 -20.14 8.72 0.31
CA ASN C 1125 -20.05 9.75 1.34
C ASN C 1125 -20.61 11.04 0.77
N VAL C 1126 -21.87 11.33 1.12
CA VAL C 1126 -22.54 12.53 0.64
C VAL C 1126 -22.13 13.77 1.41
N GLY C 1127 -21.38 13.61 2.51
CA GLY C 1127 -21.02 14.75 3.33
C GLY C 1127 -20.28 15.83 2.57
N GLN C 1128 -19.56 15.46 1.52
CA GLN C 1128 -18.90 16.48 0.72
C GLN C 1128 -19.92 17.44 0.12
N ILE C 1129 -21.00 16.91 -0.45
CA ILE C 1129 -21.96 17.75 -1.15
C ILE C 1129 -22.72 18.63 -0.17
N LEU C 1130 -23.18 18.06 0.94
CA LEU C 1130 -23.91 18.84 1.92
C LEU C 1130 -23.01 19.90 2.54
N GLU C 1131 -21.77 19.53 2.85
CA GLU C 1131 -20.83 20.50 3.40
C GLU C 1131 -20.57 21.61 2.41
N THR C 1132 -20.44 21.27 1.12
CA THR C 1132 -20.21 22.29 0.10
C THR C 1132 -21.38 23.25 0.02
N HIS C 1133 -22.60 22.72 0.01
CA HIS C 1133 -23.78 23.59 -0.04
C HIS C 1133 -23.83 24.51 1.18
N LEU C 1134 -23.63 23.94 2.36
CA LEU C 1134 -23.74 24.73 3.57
C LEU C 1134 -22.63 25.77 3.63
N GLY C 1135 -21.43 25.42 3.16
CA GLY C 1135 -20.36 26.39 3.12
C GLY C 1135 -20.61 27.50 2.13
N LEU C 1136 -21.22 27.17 1.00
CA LEU C 1136 -21.63 28.21 0.06
C LEU C 1136 -22.61 29.16 0.73
N ALA C 1137 -23.57 28.60 1.46
CA ALA C 1137 -24.52 29.45 2.18
C ALA C 1137 -23.81 30.31 3.22
N ALA C 1138 -22.85 29.73 3.94
CA ALA C 1138 -22.15 30.47 4.98
C ALA C 1138 -21.36 31.63 4.37
N LYS C 1139 -20.65 31.36 3.29
CA LYS C 1139 -19.88 32.42 2.64
C LYS C 1139 -20.79 33.49 2.07
N GLY C 1140 -21.96 33.09 1.54
CA GLY C 1140 -22.91 34.07 1.07
C GLY C 1140 -23.40 34.97 2.19
N LEU C 1141 -23.70 34.38 3.34
CA LEU C 1141 -24.13 35.19 4.48
C LEU C 1141 -23.01 36.10 4.94
N GLY C 1142 -21.78 35.61 4.95
CA GLY C 1142 -20.66 36.45 5.34
C GLY C 1142 -20.48 37.63 4.41
N GLU C 1143 -20.54 37.38 3.10
CA GLU C 1143 -20.46 38.49 2.15
C GLU C 1143 -21.63 39.45 2.33
N LYS C 1144 -22.82 38.92 2.57
CA LYS C 1144 -24.00 39.75 2.74
C LYS C 1144 -23.83 40.71 3.93
N ILE C 1145 -23.47 40.16 5.10
CA ILE C 1145 -23.29 41.00 6.27
C ILE C 1145 -22.13 41.95 6.05
N ASN C 1146 -21.14 41.52 5.27
CA ASN C 1146 -20.06 42.43 4.90
C ASN C 1146 -20.62 43.63 4.14
N ARG C 1147 -21.60 43.39 3.28
CA ARG C 1147 -22.12 44.50 2.49
C ARG C 1147 -22.98 45.42 3.34
N MET C 1148 -23.82 44.90 4.24
CA MET C 1148 -24.53 45.87 5.07
C MET C 1148 -23.58 46.56 6.04
N LEU C 1149 -22.50 45.90 6.43
CA LEU C 1149 -21.50 46.57 7.25
C LEU C 1149 -20.83 47.70 6.46
N GLU C 1150 -20.54 47.46 5.18
CA GLU C 1150 -19.98 48.51 4.34
C GLU C 1150 -21.03 49.57 4.03
N GLU C 1151 -22.30 49.19 3.98
CA GLU C 1151 -23.37 50.16 3.80
C GLU C 1151 -23.58 51.04 5.02
N GLN C 1152 -22.75 50.87 6.06
CA GLN C 1152 -22.81 51.69 7.26
C GLN C 1152 -24.20 51.62 7.90
N ARG C 1153 -24.78 50.42 7.87
CA ARG C 1153 -26.08 50.21 8.46
C ARG C 1153 -26.02 50.44 9.97
N LYS C 1154 -27.12 50.96 10.50
CA LYS C 1154 -27.21 51.14 11.94
C LYS C 1154 -27.29 49.78 12.63
N VAL C 1155 -26.92 49.78 13.91
CA VAL C 1155 -26.80 48.52 14.65
C VAL C 1155 -28.10 47.76 14.66
N ALA C 1156 -29.23 48.47 14.62
CA ALA C 1156 -30.53 47.80 14.67
C ALA C 1156 -30.72 46.86 13.49
N GLU C 1157 -30.33 47.30 12.28
CA GLU C 1157 -30.48 46.44 11.12
C GLU C 1157 -29.64 45.19 11.26
N LEU C 1158 -28.39 45.34 11.69
CA LEU C 1158 -27.53 44.17 11.86
C LEU C 1158 -28.10 43.23 12.90
N ARG C 1159 -28.53 43.79 14.03
CA ARG C 1159 -29.08 42.96 15.14
C ARG C 1159 -30.30 42.18 14.64
N LYS C 1160 -31.22 42.86 13.95
CA LYS C 1160 -32.44 42.18 13.51
C LYS C 1160 -32.13 41.12 12.46
N PHE C 1161 -31.20 41.42 11.54
CA PHE C 1161 -30.83 40.42 10.54
C PHE C 1161 -30.17 39.21 11.18
N LEU C 1162 -29.28 39.46 12.14
CA LEU C 1162 -28.65 38.35 12.85
C LEU C 1162 -29.68 37.51 13.60
N HIS C 1163 -30.64 38.16 14.25
CA HIS C 1163 -31.70 37.42 14.93
C HIS C 1163 -32.50 36.59 13.94
N GLU C 1164 -32.79 37.17 12.77
CA GLU C 1164 -33.45 36.41 11.71
C GLU C 1164 -32.64 35.19 11.34
N ILE C 1165 -31.31 35.33 11.31
CA ILE C 1165 -30.45 34.18 11.05
C ILE C 1165 -30.61 33.15 12.17
N TYR C 1166 -30.63 33.61 13.42
CA TYR C 1166 -30.55 32.73 14.58
C TYR C 1166 -31.92 32.33 15.12
N ASN C 1167 -33.00 32.79 14.51
CA ASN C 1167 -34.32 32.30 14.85
C ASN C 1167 -34.83 31.27 13.85
N GLU C 1168 -34.05 30.97 12.81
CA GLU C 1168 -34.53 30.22 11.67
C GLU C 1168 -34.97 28.79 12.01
N ILE C 1169 -34.04 27.93 12.40
CA ILE C 1169 -34.35 26.50 12.48
C ILE C 1169 -34.05 25.92 13.86
N GLY C 1170 -32.78 25.90 14.24
CA GLY C 1170 -32.32 25.16 15.40
C GLY C 1170 -31.47 26.00 16.33
N GLY C 1171 -30.92 25.30 17.33
CA GLY C 1171 -30.13 25.99 18.34
C GLY C 1171 -30.99 27.01 19.05
N ARG C 1172 -30.42 28.17 19.33
CA ARG C 1172 -31.20 29.27 19.89
C ARG C 1172 -30.38 30.55 19.84
N GLU C 1173 -31.05 31.66 19.55
CA GLU C 1173 -30.40 32.96 19.61
C GLU C 1173 -30.23 33.40 21.05
N GLU C 1174 -29.27 34.30 21.26
CA GLU C 1174 -29.06 34.89 22.57
C GLU C 1174 -28.91 36.40 22.51
N ASN C 1175 -29.27 37.03 21.39
CA ASN C 1175 -29.07 38.47 21.22
C ASN C 1175 -30.04 39.21 22.12
N LEU C 1176 -29.99 40.55 22.08
CA LEU C 1176 -30.65 41.46 22.98
C LEU C 1176 -30.07 41.38 24.37
N ASP C 1177 -29.14 40.46 24.63
CA ASP C 1177 -28.31 40.45 25.81
C ASP C 1177 -26.92 40.98 25.52
N GLU C 1178 -26.66 41.40 24.29
CA GLU C 1178 -25.37 41.91 23.86
C GLU C 1178 -25.48 43.38 23.56
N LEU C 1179 -24.54 44.18 24.06
CA LEU C 1179 -24.57 45.60 23.75
C LEU C 1179 -24.35 45.80 22.26
N GLY C 1180 -25.22 46.63 21.66
CA GLY C 1180 -25.23 46.78 20.23
C GLY C 1180 -23.91 47.24 19.63
N ASP C 1181 -23.50 48.47 19.97
CA ASP C 1181 -22.34 49.05 19.30
C ASP C 1181 -21.08 48.24 19.54
N ASN C 1182 -20.90 47.68 20.74
CA ASN C 1182 -19.69 46.91 20.98
C ASN C 1182 -19.82 45.47 20.48
N GLU C 1183 -20.74 44.71 21.07
CA GLU C 1183 -20.78 43.27 20.82
C GLU C 1183 -21.21 42.96 19.40
N ILE C 1184 -22.28 43.61 18.92
CA ILE C 1184 -22.77 43.31 17.59
C ILE C 1184 -21.76 43.73 16.54
N LEU C 1185 -21.12 44.88 16.72
CA LEU C 1185 -20.12 45.31 15.75
C LEU C 1185 -18.92 44.38 15.73
N ALA C 1186 -18.44 43.96 16.90
CA ALA C 1186 -17.33 43.03 16.93
C ALA C 1186 -17.72 41.71 16.29
N LEU C 1187 -18.93 41.24 16.57
CA LEU C 1187 -19.40 39.99 16.00
C LEU C 1187 -19.50 40.09 14.49
N ALA C 1188 -20.02 41.20 13.98
CA ALA C 1188 -20.13 41.37 12.54
C ALA C 1188 -18.75 41.45 11.89
N LYS C 1189 -17.83 42.17 12.53
CA LYS C 1189 -16.48 42.26 11.99
C LYS C 1189 -15.83 40.89 11.91
N ASN C 1190 -16.00 40.07 12.94
CA ASN C 1190 -15.49 38.70 12.93
C ASN C 1190 -16.20 37.82 11.92
N LEU C 1191 -17.51 38.01 11.76
CA LEU C 1191 -18.34 37.17 10.92
C LEU C 1191 -18.27 37.55 9.46
N ARG C 1192 -17.69 38.70 9.15
CA ARG C 1192 -17.61 39.20 7.79
C ARG C 1192 -16.99 38.20 6.84
N GLY C 1193 -16.09 37.35 7.33
CA GLY C 1193 -15.50 36.32 6.50
C GLY C 1193 -16.36 35.09 6.31
N GLY C 1194 -17.58 35.08 6.84
CA GLY C 1194 -18.45 33.94 6.67
C GLY C 1194 -18.94 33.39 8.00
N VAL C 1195 -20.23 33.10 8.09
CA VAL C 1195 -20.82 32.63 9.33
C VAL C 1195 -20.42 31.19 9.60
N PRO C 1196 -19.78 30.89 10.73
CA PRO C 1196 -19.44 29.50 11.03
C PRO C 1196 -20.66 28.72 11.46
N MET C 1197 -21.00 27.70 10.68
CA MET C 1197 -22.12 26.83 10.97
C MET C 1197 -21.68 25.77 11.97
N ALA C 1198 -22.62 25.31 12.78
CA ALA C 1198 -22.35 24.27 13.76
C ALA C 1198 -23.39 23.17 13.59
N THR C 1199 -22.97 22.05 13.01
CA THR C 1199 -23.90 20.95 12.78
C THR C 1199 -23.44 19.69 13.53
N PRO C 1200 -24.21 19.21 14.50
CA PRO C 1200 -23.82 17.99 15.21
C PRO C 1200 -23.79 16.79 14.26
N VAL C 1201 -23.22 15.70 14.77
CA VAL C 1201 -23.00 14.51 13.95
C VAL C 1201 -24.33 13.92 13.47
N PHE C 1202 -25.29 13.80 14.38
CA PHE C 1202 -26.58 13.23 14.05
C PHE C 1202 -27.75 14.15 14.34
N ASP C 1203 -27.60 15.10 15.24
CA ASP C 1203 -28.60 16.14 15.46
C ASP C 1203 -28.36 17.34 14.57
N GLY C 1204 -27.69 17.14 13.44
CA GLY C 1204 -27.20 18.23 12.63
C GLY C 1204 -28.29 18.85 11.76
N ALA C 1205 -27.82 19.62 10.78
CA ALA C 1205 -28.69 20.40 9.92
C ALA C 1205 -29.42 19.50 8.94
N LYS C 1206 -30.73 19.71 8.83
CA LYS C 1206 -31.52 19.00 7.84
C LYS C 1206 -31.39 19.68 6.48
N GLU C 1207 -31.73 18.95 5.43
CA GLU C 1207 -31.61 19.49 4.08
C GLU C 1207 -32.46 20.73 3.89
N ARG C 1208 -33.71 20.69 4.38
CA ARG C 1208 -34.59 21.84 4.19
C ARG C 1208 -34.07 23.05 4.95
N GLU C 1209 -33.36 22.84 6.05
CA GLU C 1209 -32.76 23.97 6.75
C GLU C 1209 -31.69 24.63 5.91
N ILE C 1210 -30.83 23.83 5.29
CA ILE C 1210 -29.83 24.38 4.38
C ILE C 1210 -30.50 25.10 3.23
N LYS C 1211 -31.59 24.54 2.72
CA LYS C 1211 -32.30 25.16 1.60
C LYS C 1211 -32.89 26.51 2.00
N ALA C 1212 -33.51 26.57 3.18
CA ALA C 1212 -34.07 27.83 3.64
C ALA C 1212 -32.98 28.86 3.87
N MET C 1213 -31.85 28.44 4.42
CA MET C 1213 -30.74 29.37 4.61
C MET C 1213 -30.21 29.86 3.27
N LEU C 1214 -30.10 28.96 2.29
CA LEU C 1214 -29.63 29.34 0.97
C LEU C 1214 -30.55 30.39 0.35
N LYS C 1215 -31.85 30.15 0.38
CA LYS C 1215 -32.76 31.14 -0.17
C LYS C 1215 -32.73 32.42 0.65
N LEU C 1216 -32.40 32.30 1.94
CA LEU C 1216 -32.13 33.49 2.75
C LEU C 1216 -30.82 34.14 2.31
N ALA C 1217 -29.83 33.34 1.98
CA ALA C 1217 -28.54 33.84 1.51
C ALA C 1217 -28.61 34.40 0.10
N ASP C 1218 -29.79 34.43 -0.50
CA ASP C 1218 -30.00 34.93 -1.86
C ASP C 1218 -29.19 34.15 -2.89
N LEU C 1219 -28.89 32.90 -2.60
CA LEU C 1219 -28.14 32.01 -3.47
C LEU C 1219 -29.10 31.06 -4.18
N PRO C 1220 -28.68 30.49 -5.31
CA PRO C 1220 -29.57 29.57 -6.02
C PRO C 1220 -30.00 28.41 -5.14
N GLU C 1221 -31.29 28.08 -5.23
CA GLU C 1221 -31.89 27.16 -4.27
C GLU C 1221 -31.27 25.77 -4.36
N SER C 1222 -31.14 25.22 -5.56
CA SER C 1222 -30.64 23.87 -5.72
C SER C 1222 -29.17 23.74 -5.36
N GLY C 1223 -28.53 24.81 -4.90
CA GLY C 1223 -27.12 24.76 -4.58
C GLY C 1223 -26.21 24.59 -5.77
N GLN C 1224 -26.73 24.77 -6.98
CA GLN C 1224 -25.95 24.60 -8.19
C GLN C 1224 -26.20 25.78 -9.11
N MET C 1225 -25.14 26.17 -9.82
CA MET C 1225 -25.24 27.29 -10.75
C MET C 1225 -24.48 26.90 -12.01
N ARG C 1226 -24.84 27.53 -13.12
CA ARG C 1226 -24.07 27.36 -14.34
C ARG C 1226 -22.81 28.21 -14.28
N LEU C 1227 -21.66 27.56 -14.43
CA LEU C 1227 -20.37 28.22 -14.36
C LEU C 1227 -19.91 28.61 -15.75
N PHE C 1228 -18.86 29.41 -15.79
CA PHE C 1228 -18.27 29.84 -17.05
C PHE C 1228 -16.86 29.27 -17.15
N ASP C 1229 -16.54 28.67 -18.29
CA ASP C 1229 -15.18 28.21 -18.51
C ASP C 1229 -14.21 29.38 -18.47
N GLY C 1230 -13.08 29.16 -17.82
CA GLY C 1230 -12.12 30.22 -17.62
C GLY C 1230 -11.18 30.42 -18.79
N ARG C 1231 -11.29 29.58 -19.81
CA ARG C 1231 -10.45 29.68 -20.99
C ARG C 1231 -11.27 29.95 -22.24
N THR C 1232 -12.34 29.20 -22.45
CA THR C 1232 -13.22 29.40 -23.59
C THR C 1232 -14.31 30.42 -23.34
N GLY C 1233 -14.53 30.81 -22.08
CA GLY C 1233 -15.60 31.73 -21.76
C GLY C 1233 -16.99 31.20 -21.98
N ASN C 1234 -17.13 29.97 -22.46
CA ASN C 1234 -18.44 29.40 -22.72
C ASN C 1234 -19.00 28.81 -21.45
N GLN C 1235 -20.25 29.17 -21.14
CA GLN C 1235 -20.93 28.63 -19.99
C GLN C 1235 -21.15 27.13 -20.17
N PHE C 1236 -20.82 26.36 -19.13
CA PHE C 1236 -21.14 24.94 -19.15
C PHE C 1236 -22.65 24.76 -19.18
N GLU C 1237 -23.09 23.83 -20.02
CA GLU C 1237 -24.52 23.65 -20.24
C GLU C 1237 -25.21 23.12 -18.99
N ARG C 1238 -24.50 22.35 -18.18
CA ARG C 1238 -25.25 21.95 -17.01
C ARG C 1238 -24.78 22.71 -15.78
N PRO C 1239 -25.70 23.13 -14.92
CA PRO C 1239 -25.29 23.79 -13.68
C PRO C 1239 -24.50 22.83 -12.81
N THR C 1240 -23.48 23.36 -12.15
CA THR C 1240 -22.56 22.56 -11.35
C THR C 1240 -22.66 22.95 -9.88
N THR C 1241 -22.23 22.03 -9.02
CA THR C 1241 -22.19 22.27 -7.58
C THR C 1241 -20.91 23.01 -7.25
N VAL C 1242 -21.05 24.19 -6.65
CA VAL C 1242 -19.90 24.90 -6.09
C VAL C 1242 -20.25 25.31 -4.67
N GLY C 1243 -19.22 25.69 -3.93
CA GLY C 1243 -19.40 26.06 -2.54
C GLY C 1243 -18.06 26.06 -1.85
N TYR C 1244 -18.13 26.12 -0.53
CA TYR C 1244 -16.92 26.21 0.27
C TYR C 1244 -16.77 24.95 1.11
N MET C 1245 -15.65 24.26 0.92
CA MET C 1245 -15.37 22.98 1.54
C MET C 1245 -14.08 23.10 2.34
N TYR C 1246 -14.08 22.55 3.54
CA TYR C 1246 -12.93 22.65 4.42
C TYR C 1246 -11.89 21.65 3.94
N MET C 1247 -10.84 22.15 3.32
CA MET C 1247 -9.81 21.34 2.69
C MET C 1247 -8.57 21.33 3.57
N LEU C 1248 -7.97 20.16 3.71
CA LEU C 1248 -6.78 20.01 4.54
C LEU C 1248 -5.58 19.64 3.69
N LYS C 1249 -4.40 19.80 4.28
CA LYS C 1249 -3.15 19.40 3.66
C LYS C 1249 -2.42 18.48 4.62
N LEU C 1250 -2.14 17.26 4.18
CA LEU C 1250 -1.61 16.24 5.06
C LEU C 1250 -0.09 16.28 5.09
N ASN C 1251 0.47 15.66 6.13
CA ASN C 1251 1.92 15.60 6.31
C ASN C 1251 2.50 14.51 5.43
N HIS C 1252 2.27 14.66 4.13
CA HIS C 1252 2.80 13.73 3.13
C HIS C 1252 3.33 14.51 1.94
N LEU C 1253 4.06 15.58 2.21
CA LEU C 1253 4.60 16.42 1.14
C LEU C 1253 5.63 15.66 0.33
N VAL C 1254 5.69 15.94 -0.97
CA VAL C 1254 6.63 15.28 -1.85
C VAL C 1254 8.08 15.61 -1.53
N ASP C 1255 8.33 16.74 -0.87
CA ASP C 1255 9.71 17.17 -0.62
C ASP C 1255 10.49 16.11 0.15
N ASP C 1256 9.82 15.39 1.04
CA ASP C 1256 10.45 14.29 1.75
C ASP C 1256 10.19 12.93 1.10
N LYS C 1257 9.48 12.91 -0.03
CA LYS C 1257 9.17 11.66 -0.70
C LYS C 1257 10.07 11.43 -1.91
N MET C 1258 10.56 12.50 -2.51
CA MET C 1258 11.36 12.42 -3.72
C MET C 1258 12.77 11.95 -3.36
N HIS C 1259 12.99 10.64 -3.42
CA HIS C 1259 14.32 10.07 -3.34
C HIS C 1259 14.79 9.69 -4.73
N ALA C 1260 16.09 9.68 -4.93
CA ALA C 1260 16.66 9.33 -6.22
C ALA C 1260 18.12 8.94 -6.02
N ARG C 1261 18.51 7.85 -6.66
CA ARG C 1261 19.85 7.30 -6.50
C ARG C 1261 20.43 6.94 -7.85
N SER C 1262 21.64 7.41 -8.12
CA SER C 1262 22.43 6.91 -9.23
C SER C 1262 23.44 5.87 -8.78
N THR C 1263 24.28 6.23 -7.82
CA THR C 1263 25.20 5.29 -7.19
C THR C 1263 25.55 5.85 -5.83
N GLY C 1264 26.09 4.99 -4.97
CA GLY C 1264 26.39 5.39 -3.62
C GLY C 1264 26.95 4.23 -2.83
N SER C 1265 26.99 4.41 -1.53
CA SER C 1265 27.50 3.36 -0.66
C SER C 1265 26.60 2.13 -0.73
N TYR C 1266 27.16 0.97 -0.44
CA TYR C 1266 26.41 -0.27 -0.38
C TYR C 1266 26.70 -0.99 0.93
N SER C 1267 25.83 -1.95 1.26
CA SER C 1267 26.04 -2.75 2.45
C SER C 1267 27.34 -3.53 2.34
N LEU C 1268 28.06 -3.62 3.46
CA LEU C 1268 29.35 -4.28 3.45
C LEU C 1268 29.22 -5.77 3.19
N VAL C 1269 28.22 -6.42 3.78
CA VAL C 1269 28.04 -7.84 3.58
C VAL C 1269 27.71 -8.14 2.13
N THR C 1270 26.59 -7.60 1.66
CA THR C 1270 26.20 -7.71 0.26
C THR C 1270 26.29 -6.32 -0.36
N GLN C 1271 27.10 -6.19 -1.40
CA GLN C 1271 27.36 -4.88 -2.00
C GLN C 1271 26.10 -4.44 -2.72
N GLN C 1272 25.11 -4.06 -1.95
CA GLN C 1272 23.81 -3.63 -2.46
C GLN C 1272 23.45 -2.29 -1.83
N PRO C 1273 22.80 -1.43 -2.65
CA PRO C 1273 22.48 -0.12 -2.17
C PRO C 1273 21.77 -0.23 -0.82
N LEU C 1274 21.98 0.77 0.04
CA LEU C 1274 21.26 0.79 1.32
C LEU C 1274 19.80 1.09 0.99
N GLY C 1275 18.87 0.92 1.93
CA GLY C 1275 17.45 1.06 1.57
C GLY C 1275 16.77 2.34 2.00
N GLY C 1276 17.50 3.34 2.47
CA GLY C 1276 16.82 4.53 3.00
C GLY C 1276 16.94 5.75 2.13
N LYS C 1277 15.88 6.53 1.99
CA LYS C 1277 16.01 7.81 1.27
C LYS C 1277 17.04 8.58 2.06
N ALA C 1278 17.01 8.41 3.38
CA ALA C 1278 18.00 9.07 4.25
C ALA C 1278 19.40 8.59 3.85
N GLN C 1279 19.52 7.31 3.49
CA GLN C 1279 20.85 6.74 3.18
C GLN C 1279 21.11 6.85 1.67
N PHE C 1280 20.29 7.64 0.95
CA PHE C 1280 20.44 7.76 -0.52
C PHE C 1280 20.36 6.36 -1.10
N GLY C 1281 19.43 5.56 -0.59
CA GLY C 1281 19.33 4.16 -1.03
C GLY C 1281 18.58 3.94 -2.33
N GLY C 1282 18.66 2.73 -2.88
CA GLY C 1282 17.92 2.40 -4.10
C GLY C 1282 16.81 1.42 -3.80
N GLN C 1283 15.66 1.54 -4.47
CA GLN C 1283 14.50 0.67 -4.17
C GLN C 1283 14.84 -0.80 -4.37
N ARG C 1284 14.13 -1.70 -3.69
CA ARG C 1284 14.38 -3.13 -3.83
C ARG C 1284 13.49 -3.70 -4.92
N PHE C 1285 14.09 -4.28 -5.93
CA PHE C 1285 13.36 -4.95 -7.00
C PHE C 1285 12.88 -6.29 -6.45
N GLY C 1286 11.78 -6.23 -5.72
CA GLY C 1286 11.28 -7.41 -5.01
C GLY C 1286 11.02 -8.58 -5.94
N GLU C 1287 10.86 -9.74 -5.30
CA GLU C 1287 10.68 -10.98 -6.06
C GLU C 1287 9.46 -10.92 -6.97
N MET C 1288 8.45 -10.13 -6.62
CA MET C 1288 7.34 -9.96 -7.54
C MET C 1288 7.76 -9.15 -8.76
N GLU C 1289 8.63 -8.16 -8.57
CA GLU C 1289 9.10 -7.38 -9.71
C GLU C 1289 9.86 -8.24 -10.70
N VAL C 1290 10.70 -9.16 -10.20
CA VAL C 1290 11.44 -10.01 -11.12
C VAL C 1290 10.50 -10.95 -11.85
N TRP C 1291 9.44 -11.41 -11.17
CA TRP C 1291 8.43 -12.22 -11.85
C TRP C 1291 7.81 -11.43 -12.99
N ALA C 1292 7.46 -10.18 -12.72
CA ALA C 1292 6.87 -9.35 -13.75
C ALA C 1292 7.84 -9.14 -14.90
N LEU C 1293 9.12 -9.00 -14.59
CA LEU C 1293 10.12 -8.84 -15.65
C LEU C 1293 10.22 -10.10 -16.51
N GLU C 1294 10.25 -11.28 -15.88
CA GLU C 1294 10.39 -12.50 -16.67
C GLU C 1294 9.10 -12.84 -17.39
N ALA C 1295 7.97 -12.25 -16.96
CA ALA C 1295 6.74 -12.40 -17.72
C ALA C 1295 6.90 -11.79 -19.10
N TYR C 1296 7.55 -10.64 -19.18
CA TYR C 1296 8.07 -10.16 -20.45
C TYR C 1296 9.26 -11.02 -20.86
N GLY C 1297 9.54 -11.01 -22.15
CA GLY C 1297 10.75 -11.67 -22.59
C GLY C 1297 12.01 -10.93 -22.25
N ALA C 1298 11.88 -9.77 -21.61
CA ALA C 1298 13.04 -8.96 -21.29
C ALA C 1298 13.90 -9.67 -20.25
N ALA C 1299 15.05 -10.18 -20.69
CA ALA C 1299 15.98 -10.86 -19.82
C ALA C 1299 17.30 -10.13 -19.67
N TYR C 1300 17.73 -9.43 -20.72
CA TYR C 1300 18.97 -8.66 -20.61
C TYR C 1300 18.84 -7.59 -19.54
N THR C 1301 17.71 -6.89 -19.49
CA THR C 1301 17.51 -5.90 -18.45
C THR C 1301 17.43 -6.56 -17.09
N LEU C 1302 16.80 -7.74 -17.01
CA LEU C 1302 16.73 -8.45 -15.75
C LEU C 1302 18.11 -8.83 -15.26
N GLN C 1303 18.93 -9.40 -16.15
CA GLN C 1303 20.28 -9.76 -15.77
C GLN C 1303 21.09 -8.52 -15.39
N GLU C 1304 20.86 -7.42 -16.11
CA GLU C 1304 21.55 -6.18 -15.82
C GLU C 1304 21.24 -5.69 -14.41
N MET C 1305 19.95 -5.57 -14.10
CA MET C 1305 19.55 -5.03 -12.81
C MET C 1305 19.90 -5.99 -11.69
N LEU C 1306 19.94 -7.29 -12.00
CA LEU C 1306 20.32 -8.29 -11.03
C LEU C 1306 21.80 -8.32 -10.74
N THR C 1307 22.65 -8.08 -11.73
CA THR C 1307 24.07 -8.30 -11.55
C THR C 1307 24.87 -6.99 -11.55
N VAL C 1308 24.73 -6.19 -12.58
CA VAL C 1308 25.64 -5.07 -12.76
C VAL C 1308 25.09 -3.78 -12.16
N LYS C 1309 23.77 -3.59 -12.14
CA LYS C 1309 23.22 -2.47 -11.39
C LYS C 1309 23.32 -2.64 -9.89
N SER C 1310 23.60 -3.85 -9.42
CA SER C 1310 23.62 -4.12 -7.99
C SER C 1310 24.32 -5.44 -7.76
N ASP C 1311 25.19 -5.46 -6.76
CA ASP C 1311 25.97 -6.65 -6.39
C ASP C 1311 26.91 -7.09 -7.51
N ASP C 1312 27.80 -6.18 -7.95
CA ASP C 1312 28.94 -6.56 -8.76
C ASP C 1312 30.03 -5.53 -8.57
N VAL C 1313 31.02 -5.86 -7.73
CA VAL C 1313 32.08 -4.92 -7.41
C VAL C 1313 32.86 -4.60 -8.68
N ASN C 1314 33.20 -5.63 -9.44
CA ASN C 1314 33.98 -5.42 -10.65
C ASN C 1314 33.12 -5.10 -11.86
N GLY C 1315 31.80 -5.03 -11.69
CA GLY C 1315 30.94 -4.70 -12.80
C GLY C 1315 30.47 -3.26 -12.75
N ARG C 1316 30.19 -2.77 -11.54
CA ARG C 1316 29.69 -1.41 -11.40
C ARG C 1316 30.72 -0.39 -11.85
N THR C 1317 31.96 -0.55 -11.38
CA THR C 1317 33.01 0.38 -11.81
C THR C 1317 33.15 0.38 -13.32
N LYS C 1318 33.19 -0.80 -13.92
CA LYS C 1318 33.47 -0.85 -15.35
C LYS C 1318 32.28 -0.34 -16.15
N MET C 1319 31.05 -0.52 -15.67
CA MET C 1319 29.96 -0.02 -16.51
C MET C 1319 29.88 1.48 -16.35
N TYR C 1320 30.32 1.99 -15.20
CA TYR C 1320 30.51 3.43 -15.06
C TYR C 1320 31.48 3.93 -16.12
N LYS C 1321 32.61 3.24 -16.27
CA LYS C 1321 33.56 3.59 -17.32
C LYS C 1321 32.88 3.57 -18.69
N ASN C 1322 32.12 2.52 -18.96
CA ASN C 1322 31.47 2.40 -20.27
C ASN C 1322 30.49 3.54 -20.50
N ILE C 1323 29.67 3.84 -19.51
CA ILE C 1323 28.63 4.85 -19.65
C ILE C 1323 29.26 6.21 -19.89
N VAL C 1324 30.27 6.56 -19.09
CA VAL C 1324 30.93 7.85 -19.30
C VAL C 1324 31.68 7.85 -20.62
N ASP C 1325 32.07 6.67 -21.11
CA ASP C 1325 32.62 6.57 -22.45
C ASP C 1325 31.54 6.48 -23.52
N GLY C 1326 30.28 6.40 -23.12
CA GLY C 1326 29.19 6.31 -24.06
C GLY C 1326 28.87 4.92 -24.55
N ASP C 1327 29.64 3.91 -24.16
CA ASP C 1327 29.35 2.53 -24.51
C ASP C 1327 28.41 1.96 -23.47
N HIS C 1328 27.53 1.07 -23.92
CA HIS C 1328 26.67 0.32 -23.01
C HIS C 1328 26.87 -1.15 -23.37
N ARG C 1329 27.89 -1.77 -22.79
CA ARG C 1329 28.23 -3.15 -23.06
C ARG C 1329 27.90 -4.10 -21.93
N MET C 1330 28.22 -3.72 -20.69
CA MET C 1330 27.74 -4.41 -19.50
C MET C 1330 28.22 -5.86 -19.49
N GLU C 1331 29.52 -6.01 -19.24
CA GLU C 1331 30.06 -7.31 -18.93
C GLU C 1331 29.32 -7.89 -17.72
N ALA C 1332 29.04 -9.19 -17.76
CA ALA C 1332 28.07 -9.77 -16.85
C ALA C 1332 28.57 -9.77 -15.41
N GLY C 1333 29.67 -10.45 -15.14
CA GLY C 1333 30.12 -10.56 -13.78
C GLY C 1333 29.41 -11.65 -13.00
N MET C 1334 29.69 -11.67 -11.69
CA MET C 1334 29.24 -12.72 -10.81
C MET C 1334 28.86 -12.12 -9.45
N PRO C 1335 27.57 -12.09 -9.10
CA PRO C 1335 27.16 -11.39 -7.88
C PRO C 1335 27.84 -11.93 -6.64
N GLU C 1336 28.27 -11.01 -5.77
CA GLU C 1336 28.95 -11.41 -4.54
C GLU C 1336 27.97 -11.93 -3.50
N SER C 1337 26.69 -11.57 -3.62
CA SER C 1337 25.70 -12.12 -2.70
C SER C 1337 25.61 -13.63 -2.85
N PHE C 1338 25.66 -14.13 -4.09
CA PHE C 1338 25.64 -15.58 -4.28
C PHE C 1338 26.87 -16.23 -3.68
N ASN C 1339 28.05 -15.63 -3.87
CA ASN C 1339 29.25 -16.20 -3.27
C ASN C 1339 29.18 -16.13 -1.76
N VAL C 1340 28.47 -15.13 -1.22
CA VAL C 1340 28.24 -15.07 0.22
C VAL C 1340 27.40 -16.26 0.66
N LEU C 1341 26.34 -16.54 -0.10
CA LEU C 1341 25.55 -17.74 0.19
C LEU C 1341 26.41 -18.98 0.11
N ILE C 1342 27.29 -19.04 -0.87
CA ILE C 1342 28.17 -20.19 -1.03
C ILE C 1342 29.06 -20.35 0.19
N LYS C 1343 29.63 -19.24 0.65
CA LYS C 1343 30.54 -19.28 1.80
C LYS C 1343 29.81 -19.73 3.05
N GLU C 1344 28.60 -19.22 3.28
CA GLU C 1344 27.89 -19.60 4.50
C GLU C 1344 27.41 -21.04 4.43
N ILE C 1345 27.00 -21.49 3.24
CA ILE C 1345 26.61 -22.89 3.10
C ILE C 1345 27.81 -23.79 3.34
N ARG C 1346 28.97 -23.42 2.81
CA ARG C 1346 30.20 -24.17 3.09
C ARG C 1346 30.50 -24.17 4.58
N SER C 1347 30.29 -23.04 5.25
CA SER C 1347 30.49 -23.02 6.70
C SER C 1347 29.47 -23.87 7.42
N LEU C 1348 28.35 -24.19 6.78
CA LEU C 1348 27.40 -25.15 7.32
C LEU C 1348 27.85 -26.58 7.13
N GLY C 1349 29.09 -26.80 6.73
CA GLY C 1349 29.58 -28.14 6.51
C GLY C 1349 28.90 -28.82 5.34
N ILE C 1350 28.72 -28.09 4.25
CA ILE C 1350 28.10 -28.63 3.04
C ILE C 1350 29.02 -28.30 1.88
N ASP C 1351 29.46 -29.33 1.15
CA ASP C 1351 30.40 -29.13 0.06
C ASP C 1351 29.68 -28.51 -1.13
N ILE C 1352 30.18 -27.38 -1.61
CA ILE C 1352 29.59 -26.64 -2.72
C ILE C 1352 30.67 -26.34 -3.75
N GLU C 1353 30.38 -26.63 -5.01
CA GLU C 1353 31.34 -26.39 -6.07
C GLU C 1353 30.61 -26.38 -7.40
N LEU C 1354 31.27 -25.80 -8.40
CA LEU C 1354 30.75 -25.73 -9.76
C LEU C 1354 31.57 -26.63 -10.67
N GLU C 1355 30.91 -27.30 -11.59
CA GLU C 1355 31.58 -28.24 -12.49
C GLU C 1355 32.40 -27.58 -13.56
N THR C 1356 32.55 -26.26 -13.54
CA THR C 1356 33.35 -25.53 -14.53
C THR C 1356 32.88 -25.82 -15.95
N GLU D 16 33.99 -19.65 -17.50
CA GLU D 16 32.63 -19.87 -17.03
C GLU D 16 32.56 -21.08 -16.11
N PHE D 17 31.37 -21.63 -15.96
CA PHE D 17 31.13 -22.77 -15.07
C PHE D 17 29.72 -23.28 -15.31
N ASP D 18 29.33 -24.30 -14.55
CA ASP D 18 28.00 -24.88 -14.64
C ASP D 18 27.87 -25.94 -13.55
N ALA D 19 26.66 -26.46 -13.41
CA ALA D 19 26.38 -27.68 -12.64
C ALA D 19 26.84 -27.52 -11.19
N ILE D 20 26.18 -26.61 -10.49
CA ILE D 20 26.45 -26.42 -9.08
C ILE D 20 26.17 -27.72 -8.32
N ARG D 21 27.03 -28.04 -7.37
CA ARG D 21 27.01 -29.33 -6.68
C ARG D 21 26.61 -29.16 -5.22
N ILE D 22 26.24 -30.28 -4.60
CA ILE D 22 25.98 -30.35 -3.17
C ILE D 22 26.68 -31.59 -2.64
N GLY D 23 27.36 -31.46 -1.50
CA GLY D 23 27.99 -32.60 -0.87
C GLY D 23 28.17 -32.36 0.62
N LEU D 24 28.56 -33.44 1.30
CA LEU D 24 28.87 -33.37 2.72
C LEU D 24 30.28 -32.86 2.90
N ALA D 25 30.58 -32.38 4.11
CA ALA D 25 31.89 -31.81 4.39
C ALA D 25 32.83 -32.87 4.92
N SER D 26 33.91 -33.13 4.18
CA SER D 26 34.84 -34.04 4.78
C SER D 26 35.87 -33.28 5.60
N PRO D 27 36.07 -33.65 6.86
CA PRO D 27 37.02 -32.90 7.69
C PRO D 27 38.36 -32.67 7.00
N GLU D 28 38.79 -33.63 6.18
CA GLU D 28 39.99 -33.42 5.37
C GLU D 28 39.80 -32.24 4.43
N MET D 29 38.73 -32.24 3.63
CA MET D 29 38.55 -31.15 2.70
C MET D 29 38.09 -29.88 3.43
N ILE D 30 37.55 -30.04 4.64
CA ILE D 30 37.31 -28.87 5.48
C ILE D 30 38.62 -28.16 5.79
N ARG D 31 39.61 -28.93 6.27
CA ARG D 31 40.93 -28.37 6.53
C ARG D 31 41.55 -27.83 5.26
N SER D 32 41.24 -28.46 4.13
CA SER D 32 41.66 -27.91 2.84
C SER D 32 41.07 -26.53 2.61
N TRP D 33 39.79 -26.36 2.96
CA TRP D 33 39.17 -25.04 2.90
C TRP D 33 39.82 -24.09 3.90
N SER D 34 40.08 -24.55 5.10
CA SER D 34 40.46 -23.66 6.18
C SER D 34 41.84 -23.06 5.95
N PHE D 35 41.97 -21.80 6.34
CA PHE D 35 43.25 -21.11 6.33
C PHE D 35 43.84 -20.99 7.72
N GLY D 36 43.31 -21.71 8.70
CA GLY D 36 43.83 -21.65 10.05
C GLY D 36 42.97 -22.45 11.00
N GLU D 37 43.38 -22.45 12.26
CA GLU D 37 42.66 -23.14 13.33
C GLU D 37 42.45 -22.13 14.44
N VAL D 38 41.33 -21.42 14.40
CA VAL D 38 41.09 -20.35 15.36
C VAL D 38 41.05 -20.92 16.77
N LYS D 39 41.89 -20.36 17.64
CA LYS D 39 41.95 -20.83 19.02
C LYS D 39 41.62 -19.77 20.05
N LYS D 40 41.55 -18.49 19.67
CA LYS D 40 41.27 -17.43 20.61
C LYS D 40 39.85 -16.92 20.39
N PRO D 41 38.96 -17.10 21.36
CA PRO D 41 37.57 -16.65 21.17
C PRO D 41 37.45 -15.14 20.99
N GLU D 42 38.34 -14.39 21.64
CA GLU D 42 38.28 -12.93 21.54
C GLU D 42 38.71 -12.50 20.13
N THR D 43 38.26 -11.29 19.78
CA THR D 43 38.45 -10.81 18.39
C THR D 43 39.43 -9.66 18.32
N ILE D 44 39.03 -8.57 17.65
CA ILE D 44 39.90 -7.37 17.54
C ILE D 44 40.05 -6.80 18.96
N ASN D 45 41.22 -6.25 19.28
CA ASN D 45 41.36 -5.60 20.61
C ASN D 45 40.76 -4.19 20.53
N TYR D 46 39.83 -3.86 21.41
CA TYR D 46 39.34 -2.46 21.42
C TYR D 46 40.50 -1.56 21.85
N ARG D 47 41.19 -1.98 22.92
CA ARG D 47 42.28 -1.13 23.47
C ARG D 47 43.42 -1.01 22.45
N THR D 48 43.82 -2.13 21.87
CA THR D 48 44.86 -2.06 20.82
C THR D 48 44.09 -2.29 19.53
N PHE D 49 44.08 -1.32 18.62
CA PHE D 49 43.18 -1.49 17.45
C PHE D 49 43.81 -2.50 16.50
N LYS D 50 43.74 -3.78 16.87
CA LYS D 50 44.31 -4.87 16.05
C LYS D 50 43.59 -6.17 16.38
N PRO D 51 43.47 -7.14 15.44
CA PRO D 51 42.88 -8.44 15.79
C PRO D 51 43.96 -9.27 16.50
N GLU D 52 43.57 -10.33 17.21
CA GLU D 52 44.56 -11.10 18.01
C GLU D 52 44.98 -12.38 17.29
N ARG D 53 46.24 -12.82 17.43
CA ARG D 53 46.61 -14.11 16.85
C ARG D 53 45.60 -15.17 17.27
N ASP D 54 45.21 -16.01 16.30
CA ASP D 54 44.26 -17.10 16.50
C ASP D 54 42.88 -16.60 16.91
N GLY D 55 42.61 -15.30 16.74
CA GLY D 55 41.31 -14.77 17.03
C GLY D 55 40.32 -15.02 15.90
N LEU D 56 39.12 -14.47 16.08
CA LEU D 56 38.07 -14.60 15.07
C LEU D 56 38.35 -13.78 13.82
N PHE D 57 39.37 -12.93 13.86
CA PHE D 57 39.73 -12.07 12.74
C PHE D 57 41.22 -12.08 12.46
N CYS D 58 41.90 -13.17 12.82
CA CYS D 58 43.35 -13.19 12.78
C CYS D 58 43.86 -13.06 11.36
N ALA D 59 44.83 -12.16 11.16
CA ALA D 59 45.37 -11.93 9.83
C ALA D 59 46.16 -13.13 9.33
N LYS D 60 46.74 -13.92 10.24
CA LYS D 60 47.42 -15.14 9.84
C LYS D 60 46.49 -16.03 9.04
N ILE D 61 45.19 -15.97 9.36
CA ILE D 61 44.23 -16.87 8.74
C ILE D 61 43.50 -16.18 7.60
N PHE D 62 42.94 -15.00 7.84
CA PHE D 62 41.94 -14.44 6.96
C PHE D 62 42.47 -13.46 5.94
N GLY D 63 43.50 -12.68 6.29
CA GLY D 63 44.09 -11.77 5.34
C GLY D 63 44.37 -10.41 5.91
N PRO D 64 44.68 -9.45 5.05
CA PRO D 64 45.10 -8.13 5.50
C PRO D 64 43.92 -7.21 5.80
N VAL D 65 44.12 -6.37 6.81
CA VAL D 65 43.15 -5.33 7.14
C VAL D 65 43.13 -4.28 6.05
N LYS D 66 44.26 -3.63 5.82
CA LYS D 66 44.41 -2.71 4.70
C LYS D 66 45.15 -3.41 3.57
N ASP D 67 44.75 -3.11 2.34
CA ASP D 67 45.27 -3.81 1.18
C ASP D 67 46.79 -3.73 1.11
N TYR D 68 47.41 -4.88 0.86
CA TYR D 68 48.84 -4.98 0.59
C TYR D 68 49.66 -4.43 1.76
N GLU D 69 49.42 -4.98 2.94
CA GLU D 69 50.18 -4.61 4.13
C GLU D 69 50.43 -5.84 4.99
N CYS D 70 51.50 -5.78 5.77
CA CYS D 70 51.89 -6.84 6.67
C CYS D 70 51.82 -6.32 8.10
N LEU D 71 51.82 -7.25 9.05
CA LEU D 71 51.48 -6.92 10.45
C LEU D 71 52.38 -5.82 10.99
N CYS D 72 53.69 -6.00 10.91
CA CYS D 72 54.58 -4.95 11.38
C CYS D 72 54.80 -3.88 10.33
N GLY D 73 54.13 -3.97 9.18
CA GLY D 73 54.38 -3.03 8.12
C GLY D 73 55.74 -3.18 7.49
N LYS D 74 56.38 -4.33 7.67
CA LYS D 74 57.71 -4.53 7.10
C LYS D 74 57.68 -4.39 5.59
N TYR D 75 56.68 -4.97 4.95
CA TYR D 75 56.49 -4.84 3.51
C TYR D 75 55.28 -3.94 3.26
N LYS D 76 55.51 -2.63 3.27
CA LYS D 76 54.51 -1.67 2.83
C LYS D 76 54.40 -1.64 1.31
N ARG D 77 55.39 -2.16 0.60
CA ARG D 77 55.42 -2.10 -0.84
C ARG D 77 54.30 -2.93 -1.45
N LEU D 78 53.85 -2.51 -2.62
CA LEU D 78 52.80 -3.20 -3.36
C LEU D 78 53.38 -4.15 -4.42
N LYS D 79 54.70 -4.16 -4.58
CA LYS D 79 55.36 -4.96 -5.60
C LYS D 79 55.12 -6.45 -5.42
N HIS D 80 55.40 -6.99 -4.25
CA HIS D 80 55.11 -8.38 -3.93
C HIS D 80 53.73 -8.44 -3.31
N ARG D 81 52.76 -8.97 -4.07
CA ARG D 81 51.39 -9.06 -3.59
C ARG D 81 51.06 -10.43 -3.00
N GLY D 82 52.03 -11.34 -2.94
CA GLY D 82 51.74 -12.67 -2.44
C GLY D 82 52.69 -13.16 -1.37
N VAL D 83 53.81 -12.45 -1.18
CA VAL D 83 54.82 -12.91 -0.24
C VAL D 83 54.30 -12.80 1.20
N ILE D 84 54.92 -13.59 2.07
CA ILE D 84 54.64 -13.55 3.51
C ILE D 84 55.92 -13.12 4.21
N CYS D 85 55.85 -12.05 4.98
CA CYS D 85 57.05 -11.52 5.61
C CYS D 85 57.47 -12.40 6.78
N GLU D 86 58.71 -12.20 7.24
CA GLU D 86 59.28 -13.03 8.29
C GLU D 86 58.70 -12.72 9.67
N LYS D 87 58.89 -11.49 10.16
CA LYS D 87 58.21 -11.10 11.40
C LYS D 87 56.71 -11.03 11.19
N CYS D 88 56.29 -10.52 10.02
CA CYS D 88 54.89 -10.45 9.66
C CYS D 88 54.51 -11.71 8.90
N GLY D 89 54.19 -12.78 9.64
CA GLY D 89 53.91 -14.06 9.05
C GLY D 89 52.73 -14.07 8.09
N VAL D 90 51.68 -13.32 8.42
CA VAL D 90 50.50 -13.30 7.56
C VAL D 90 50.88 -12.74 6.21
N GLU D 91 50.55 -13.47 5.15
CA GLU D 91 51.01 -13.11 3.82
C GLU D 91 50.38 -11.80 3.37
N VAL D 92 51.20 -10.92 2.82
CA VAL D 92 50.73 -9.70 2.21
C VAL D 92 49.92 -10.06 0.97
N ALA D 93 48.76 -9.44 0.81
CA ALA D 93 47.85 -9.80 -0.26
C ALA D 93 46.74 -8.76 -0.35
N LEU D 94 45.79 -9.01 -1.23
CA LEU D 94 44.67 -8.11 -1.41
C LEU D 94 43.74 -8.14 -0.21
N ALA D 95 43.11 -7.00 0.08
CA ALA D 95 42.30 -6.88 1.29
C ALA D 95 41.00 -7.65 1.21
N LYS D 96 40.40 -7.76 0.02
CA LYS D 96 39.11 -8.43 -0.10
C LYS D 96 39.18 -9.92 0.23
N VAL D 97 40.37 -10.50 0.26
CA VAL D 97 40.50 -11.94 0.49
C VAL D 97 39.89 -12.35 1.82
N ARG D 98 39.59 -11.39 2.69
CA ARG D 98 38.92 -11.69 3.95
C ARG D 98 37.54 -12.27 3.76
N ARG D 99 36.95 -12.11 2.57
CA ARG D 99 35.64 -12.68 2.29
C ARG D 99 35.69 -14.13 1.84
N GLU D 100 36.78 -14.56 1.22
CA GLU D 100 36.87 -15.94 0.74
C GLU D 100 37.56 -16.86 1.73
N ARG D 101 38.65 -16.43 2.34
CA ARG D 101 39.39 -17.27 3.26
C ARG D 101 38.50 -17.66 4.42
N MET D 102 38.50 -18.95 4.76
CA MET D 102 37.78 -19.47 5.90
C MET D 102 38.75 -20.26 6.77
N GLY D 103 38.35 -20.49 8.03
CA GLY D 103 39.12 -21.27 8.95
C GLY D 103 38.26 -22.35 9.59
N HIS D 104 38.91 -23.19 10.38
CA HIS D 104 38.25 -24.27 11.07
C HIS D 104 38.48 -24.15 12.56
N ILE D 105 37.73 -24.94 13.31
CA ILE D 105 37.94 -25.11 14.74
C ILE D 105 38.18 -26.60 14.99
N GLU D 106 39.24 -26.90 15.73
CA GLU D 106 39.55 -28.26 16.11
C GLU D 106 38.83 -28.57 17.41
N LEU D 107 37.85 -29.47 17.35
CA LEU D 107 37.00 -29.76 18.48
C LEU D 107 37.63 -30.83 19.36
N ALA D 108 37.54 -30.64 20.67
CA ALA D 108 38.02 -31.65 21.60
C ALA D 108 37.27 -32.94 21.43
N SER D 109 36.02 -32.87 20.98
CA SER D 109 35.23 -34.05 20.71
C SER D 109 34.42 -33.89 19.44
N PRO D 110 34.21 -34.98 18.70
CA PRO D 110 33.23 -34.93 17.60
C PRO D 110 31.85 -34.64 18.16
N VAL D 111 31.10 -33.82 17.42
CA VAL D 111 29.77 -33.41 17.83
C VAL D 111 28.79 -33.70 16.72
N ALA D 112 27.56 -34.04 17.09
CA ALA D 112 26.55 -34.40 16.10
C ALA D 112 26.00 -33.15 15.43
N HIS D 113 25.78 -33.27 14.13
CA HIS D 113 25.12 -32.21 13.37
C HIS D 113 23.63 -32.24 13.64
N ILE D 114 23.02 -31.06 13.76
CA ILE D 114 21.64 -30.99 14.21
C ILE D 114 20.69 -31.23 13.04
N TRP D 115 20.98 -30.65 11.88
CA TRP D 115 20.06 -30.73 10.75
C TRP D 115 19.74 -32.17 10.39
N PHE D 116 20.77 -32.98 10.16
CA PHE D 116 20.56 -34.38 9.84
C PHE D 116 19.94 -35.15 10.98
N LEU D 117 19.96 -34.61 12.20
CA LEU D 117 19.33 -35.22 13.34
C LEU D 117 17.91 -34.73 13.58
N LYS D 118 17.69 -33.41 13.52
CA LYS D 118 16.41 -32.84 13.88
C LYS D 118 15.47 -32.61 12.71
N SER D 119 15.89 -32.89 11.48
CA SER D 119 14.96 -32.89 10.37
C SER D 119 13.94 -34.01 10.56
N LEU D 120 12.78 -33.85 9.95
CA LEU D 120 11.66 -34.76 10.22
C LEU D 120 12.03 -36.22 10.08
N PRO D 121 12.70 -36.69 9.02
CA PRO D 121 13.36 -37.99 9.10
C PRO D 121 14.77 -37.88 9.62
N SER D 122 15.03 -38.45 10.78
CA SER D 122 16.35 -38.38 11.40
C SER D 122 17.34 -39.16 10.56
N ARG D 123 18.15 -38.45 9.76
CA ARG D 123 19.09 -39.14 8.83
C ARG D 123 19.93 -40.18 9.59
N ILE D 124 20.59 -39.78 10.68
CA ILE D 124 21.42 -40.75 11.38
C ILE D 124 20.59 -41.90 11.91
N GLY D 125 19.41 -41.61 12.47
CA GLY D 125 18.56 -42.68 12.94
C GLY D 125 18.14 -43.62 11.83
N LEU D 126 17.88 -43.06 10.64
CA LEU D 126 17.56 -43.89 9.49
C LEU D 126 18.76 -44.73 9.08
N LEU D 127 19.95 -44.14 9.05
CA LEU D 127 21.14 -44.91 8.75
C LEU D 127 21.45 -45.96 9.80
N LEU D 128 21.11 -45.70 11.06
CA LEU D 128 21.33 -46.66 12.12
C LEU D 128 20.09 -47.48 12.44
N ASP D 129 18.99 -47.27 11.72
CA ASP D 129 17.83 -48.17 11.75
C ASP D 129 17.19 -48.26 13.13
N MET D 130 17.20 -47.13 13.86
CA MET D 130 16.45 -47.05 15.10
C MET D 130 16.13 -45.60 15.43
N THR D 131 15.18 -45.43 16.36
CA THR D 131 14.53 -44.14 16.55
C THR D 131 15.47 -43.10 17.14
N LEU D 132 15.08 -41.83 16.99
CA LEU D 132 15.93 -40.73 17.43
C LEU D 132 15.93 -40.58 18.95
N ARG D 133 14.97 -41.18 19.65
CA ARG D 133 15.03 -41.18 21.11
C ARG D 133 16.33 -41.80 21.59
N ASP D 134 16.75 -42.89 20.98
CA ASP D 134 17.95 -43.60 21.44
C ASP D 134 19.20 -42.75 21.24
N ILE D 135 19.34 -42.13 20.07
CA ILE D 135 20.51 -41.31 19.83
C ILE D 135 20.49 -40.07 20.70
N GLU D 136 19.31 -39.51 20.95
CA GLU D 136 19.21 -38.40 21.88
C GLU D 136 19.68 -38.81 23.27
N ARG D 137 19.27 -39.99 23.72
CA ARG D 137 19.76 -40.52 24.98
C ARG D 137 21.28 -40.61 24.98
N VAL D 138 21.85 -41.22 23.93
CA VAL D 138 23.29 -41.43 23.88
C VAL D 138 24.01 -40.11 23.70
N LEU D 139 23.44 -39.20 22.90
CA LEU D 139 24.10 -37.91 22.67
C LEU D 139 24.25 -37.14 23.97
N TYR D 140 23.40 -37.41 24.95
CA TYR D 140 23.50 -36.74 26.24
C TYR D 140 24.09 -37.63 27.33
N PHE D 141 24.78 -38.69 26.94
CA PHE D 141 25.49 -39.58 27.88
C PHE D 141 24.52 -40.15 28.92
N GLU D 142 23.31 -40.47 28.47
CA GLU D 142 22.29 -41.02 29.34
C GLU D 142 22.27 -42.54 29.34
N SER D 143 22.47 -43.16 28.19
CA SER D 143 22.55 -44.61 28.08
C SER D 143 23.74 -44.99 27.21
N TYR D 144 24.44 -46.05 27.60
CA TYR D 144 25.52 -46.56 26.79
C TYR D 144 24.96 -47.21 25.52
N VAL D 145 25.87 -47.74 24.71
CA VAL D 145 25.51 -48.57 23.57
C VAL D 145 26.67 -49.52 23.32
N VAL D 146 26.34 -50.76 22.95
CA VAL D 146 27.33 -51.82 22.84
C VAL D 146 28.12 -51.65 21.56
N ILE D 147 29.44 -51.62 21.67
CA ILE D 147 30.35 -51.62 20.54
C ILE D 147 31.10 -52.94 20.54
N ASP D 148 31.10 -53.62 19.40
CA ASP D 148 31.77 -54.91 19.23
C ASP D 148 31.30 -55.90 20.29
N PRO D 149 30.02 -56.27 20.30
CA PRO D 149 29.56 -57.23 21.30
C PRO D 149 30.27 -58.58 21.22
N GLY D 150 30.77 -58.95 20.05
CA GLY D 150 31.53 -60.17 19.93
C GLY D 150 30.71 -61.39 20.34
N MET D 151 31.37 -62.30 21.06
CA MET D 151 30.71 -63.50 21.59
C MET D 151 30.32 -63.21 23.03
N THR D 152 29.30 -62.37 23.20
CA THR D 152 28.84 -61.99 24.52
C THR D 152 27.33 -61.80 24.46
N THR D 153 26.71 -61.82 25.65
CA THR D 153 25.27 -61.64 25.73
C THR D 153 24.82 -60.30 25.17
N LEU D 154 25.71 -59.31 25.11
CA LEU D 154 25.37 -58.02 24.53
C LEU D 154 25.26 -58.13 23.02
N GLU D 155 24.59 -57.13 22.43
CA GLU D 155 24.46 -57.01 20.99
C GLU D 155 24.65 -55.54 20.61
N LYS D 156 25.04 -55.33 19.35
CA LYS D 156 25.46 -54.01 18.91
C LYS D 156 24.39 -52.95 19.17
N GLY D 157 23.14 -53.25 18.84
CA GLY D 157 22.08 -52.29 19.04
C GLY D 157 21.69 -52.06 20.48
N GLN D 158 22.10 -52.93 21.39
CA GLN D 158 21.68 -52.84 22.79
C GLN D 158 22.21 -51.55 23.42
N LEU D 159 21.35 -50.88 24.18
CA LEU D 159 21.72 -49.72 24.99
C LEU D 159 21.30 -49.97 26.44
N LEU D 160 22.08 -49.42 27.37
CA LEU D 160 21.90 -49.73 28.78
C LEU D 160 22.29 -48.54 29.66
N ASN D 161 21.89 -48.62 30.92
CA ASN D 161 22.18 -47.59 31.91
C ASN D 161 23.39 -47.96 32.75
N ASP D 162 23.68 -47.10 33.73
CA ASP D 162 24.91 -47.21 34.50
C ASP D 162 24.97 -48.52 35.27
N GLU D 163 23.91 -48.86 35.99
CA GLU D 163 23.88 -50.11 36.74
C GLU D 163 23.97 -51.31 35.80
N GLN D 164 23.21 -51.27 34.71
CA GLN D 164 23.28 -52.33 33.71
C GLN D 164 24.67 -52.37 33.08
N TYR D 165 25.28 -51.20 32.88
CA TYR D 165 26.63 -51.15 32.33
C TYR D 165 27.63 -51.83 33.24
N PHE D 166 27.56 -51.54 34.54
CA PHE D 166 28.48 -52.16 35.49
C PHE D 166 28.25 -53.66 35.56
N GLU D 167 26.98 -54.08 35.57
CA GLU D 167 26.68 -55.51 35.59
C GLU D 167 27.20 -56.20 34.35
N ALA D 168 27.04 -55.57 33.18
CA ALA D 168 27.51 -56.15 31.93
C ALA D 168 29.02 -56.22 31.90
N LEU D 169 29.69 -55.19 32.41
CA LEU D 169 31.14 -55.23 32.50
C LEU D 169 31.61 -56.33 33.44
N GLU D 170 30.89 -56.53 34.55
CA GLU D 170 31.26 -57.60 35.47
C GLU D 170 31.08 -58.97 34.83
N GLU D 171 29.96 -59.18 34.14
CA GLU D 171 29.66 -60.50 33.59
C GLU D 171 30.47 -60.80 32.34
N PHE D 172 30.79 -59.78 31.54
CA PHE D 172 31.53 -59.96 30.30
C PHE D 172 33.02 -59.65 30.47
N GLY D 173 33.33 -58.48 31.02
CA GLY D 173 34.69 -58.06 31.23
C GLY D 173 35.32 -57.43 30.00
N ASP D 174 35.35 -58.20 28.91
CA ASP D 174 35.90 -57.71 27.65
C ASP D 174 35.02 -58.23 26.52
N ASP D 175 35.42 -57.91 25.29
CA ASP D 175 34.66 -58.25 24.09
C ASP D 175 33.26 -57.64 24.12
N PHE D 176 33.00 -56.73 25.07
CA PHE D 176 31.75 -56.00 25.11
C PHE D 176 32.08 -54.56 25.48
N ASP D 177 32.33 -53.74 24.48
CA ASP D 177 32.70 -52.35 24.68
C ASP D 177 31.44 -51.48 24.67
N ALA D 178 31.24 -50.73 25.76
CA ALA D 178 30.10 -49.84 25.89
C ALA D 178 30.60 -48.41 25.78
N ARG D 179 29.96 -47.62 24.91
CA ARG D 179 30.36 -46.25 24.68
C ARG D 179 29.15 -45.34 24.90
N MET D 180 29.42 -44.04 24.93
CA MET D 180 28.39 -43.04 25.23
C MET D 180 28.82 -41.71 24.65
N GLY D 181 27.92 -41.06 23.92
CA GLY D 181 28.19 -39.75 23.37
C GLY D 181 28.24 -39.75 21.85
N ALA D 182 28.52 -38.56 21.31
CA ALA D 182 28.59 -38.40 19.87
C ALA D 182 29.71 -39.22 19.27
N GLU D 183 30.79 -39.43 20.02
CA GLU D 183 31.88 -40.27 19.53
C GLU D 183 31.42 -41.70 19.33
N ALA D 184 30.49 -42.18 20.18
CA ALA D 184 29.90 -43.49 19.95
C ALA D 184 29.16 -43.51 18.61
N VAL D 185 28.43 -42.45 18.30
CA VAL D 185 27.74 -42.37 17.02
C VAL D 185 28.74 -42.38 15.88
N HIS D 186 29.83 -41.64 16.02
CA HIS D 186 30.86 -41.62 14.97
C HIS D 186 31.45 -43.01 14.76
N GLU D 187 31.73 -43.71 15.87
CA GLU D 187 32.25 -45.07 15.76
C GLU D 187 31.23 -46.01 15.14
N LEU D 188 29.95 -45.74 15.36
CA LEU D 188 28.91 -46.51 14.69
C LEU D 188 28.91 -46.26 13.19
N LEU D 189 29.11 -45.00 12.80
CA LEU D 189 28.93 -44.62 11.40
C LEU D 189 29.98 -45.29 10.50
N ASN D 190 31.25 -45.18 10.86
CA ASN D 190 32.28 -45.81 10.04
C ASN D 190 32.23 -47.33 10.13
N ALA D 191 31.45 -47.89 11.05
CA ALA D 191 31.27 -49.33 11.16
C ALA D 191 29.92 -49.76 10.60
N ILE D 192 29.49 -49.12 9.51
CA ILE D 192 28.15 -49.37 8.99
C ILE D 192 28.11 -50.47 7.95
N ASP D 193 29.23 -50.72 7.24
CA ASP D 193 29.28 -51.69 6.15
C ASP D 193 28.17 -51.42 5.14
N LEU D 194 28.30 -50.26 4.48
CA LEU D 194 27.24 -49.76 3.60
C LEU D 194 26.87 -50.79 2.54
N GLU D 195 27.87 -51.45 1.96
CA GLU D 195 27.57 -52.50 0.98
C GLU D 195 26.84 -53.66 1.65
N HIS D 196 27.35 -54.14 2.79
CA HIS D 196 26.71 -55.25 3.48
C HIS D 196 25.32 -54.87 3.97
N GLU D 197 25.18 -53.66 4.52
CA GLU D 197 23.87 -53.21 4.99
C GLU D 197 22.89 -53.10 3.84
N ILE D 198 23.34 -52.56 2.70
CA ILE D 198 22.46 -52.42 1.55
C ILE D 198 22.04 -53.79 1.03
N GLY D 199 22.98 -54.74 0.99
CA GLY D 199 22.64 -56.08 0.56
C GLY D 199 21.64 -56.75 1.49
N ARG D 200 21.85 -56.59 2.81
CA ARG D 200 20.91 -57.15 3.76
C ARG D 200 19.53 -56.55 3.60
N LEU D 201 19.46 -55.23 3.43
CA LEU D 201 18.18 -54.56 3.25
C LEU D 201 17.49 -55.02 1.97
N ARG D 202 18.26 -55.16 0.88
CA ARG D 202 17.69 -55.62 -0.37
C ARG D 202 17.15 -57.04 -0.24
N GLU D 203 17.89 -57.91 0.46
CA GLU D 203 17.41 -59.26 0.69
C GLU D 203 16.15 -59.28 1.53
N GLU D 204 16.10 -58.45 2.57
CA GLU D 204 14.99 -58.45 3.51
C GLU D 204 13.74 -57.77 2.98
N ILE D 205 13.88 -56.84 2.04
CA ILE D 205 12.76 -56.03 1.54
C ILE D 205 11.62 -56.90 1.02
N PRO D 206 11.86 -57.89 0.16
CA PRO D 206 10.74 -58.71 -0.34
C PRO D 206 10.34 -59.86 0.58
N GLN D 207 11.15 -60.18 1.59
CA GLN D 207 10.81 -61.28 2.48
C GLN D 207 9.51 -61.02 3.20
N THR D 208 9.29 -59.79 3.65
CA THR D 208 8.06 -59.42 4.33
C THR D 208 7.14 -58.65 3.38
N ASN D 209 5.87 -59.05 3.37
CA ASN D 209 4.86 -58.41 2.56
C ASN D 209 4.13 -57.29 3.28
N SER D 210 4.44 -57.05 4.55
CA SER D 210 3.80 -55.98 5.28
C SER D 210 4.22 -54.62 4.71
N GLU D 211 3.25 -53.71 4.63
CA GLU D 211 3.46 -52.47 3.88
C GLU D 211 4.41 -51.53 4.62
N THR D 212 4.21 -51.35 5.92
CA THR D 212 5.01 -50.38 6.66
C THR D 212 6.47 -50.81 6.70
N LYS D 213 6.73 -52.09 6.99
CA LYS D 213 8.10 -52.55 7.09
C LYS D 213 8.80 -52.47 5.74
N ILE D 214 8.08 -52.81 4.66
CA ILE D 214 8.68 -52.71 3.34
C ILE D 214 8.93 -51.25 2.98
N LYS D 215 8.09 -50.34 3.48
CA LYS D 215 8.34 -48.91 3.26
C LYS D 215 9.62 -48.48 3.96
N LYS D 216 9.80 -48.90 5.21
CA LYS D 216 11.01 -48.57 5.94
C LYS D 216 12.24 -49.13 5.23
N LEU D 217 12.15 -50.38 4.79
CA LEU D 217 13.26 -51.01 4.10
C LEU D 217 13.56 -50.29 2.79
N SER D 218 12.52 -49.83 2.09
CA SER D 218 12.71 -49.06 0.88
C SER D 218 13.47 -47.78 1.18
N LYS D 219 13.10 -47.08 2.25
CA LYS D 219 13.80 -45.87 2.61
C LYS D 219 15.26 -46.15 2.95
N ARG D 220 15.51 -47.24 3.68
CA ARG D 220 16.88 -47.60 4.00
C ARG D 220 17.68 -47.86 2.74
N LEU D 221 17.10 -48.61 1.80
CA LEU D 221 17.79 -48.87 0.54
C LEU D 221 18.03 -47.59 -0.23
N LYS D 222 17.06 -46.67 -0.23
CA LYS D 222 17.25 -45.41 -0.92
C LYS D 222 18.42 -44.64 -0.34
N LEU D 223 18.49 -44.55 1.00
CA LEU D 223 19.58 -43.84 1.64
C LEU D 223 20.92 -44.50 1.34
N MET D 224 20.97 -45.83 1.45
CA MET D 224 22.22 -46.53 1.21
C MET D 224 22.68 -46.38 -0.23
N GLU D 225 21.74 -46.49 -1.17
CA GLU D 225 22.09 -46.32 -2.58
C GLU D 225 22.55 -44.90 -2.86
N ALA D 226 21.89 -43.91 -2.27
CA ALA D 226 22.31 -42.52 -2.46
C ALA D 226 23.72 -42.31 -1.91
N PHE D 227 24.01 -42.88 -0.74
CA PHE D 227 25.34 -42.73 -0.17
C PHE D 227 26.39 -43.42 -1.02
N GLN D 228 26.10 -44.65 -1.48
CA GLN D 228 27.09 -45.38 -2.26
C GLN D 228 27.36 -44.70 -3.60
N GLY D 229 26.30 -44.33 -4.32
CA GLY D 229 26.48 -43.68 -5.60
C GLY D 229 27.11 -42.30 -5.46
N SER D 230 26.73 -41.57 -4.42
CA SER D 230 27.26 -40.23 -4.17
C SER D 230 28.69 -40.24 -3.71
N GLY D 231 29.24 -41.41 -3.35
CA GLY D 231 30.57 -41.45 -2.77
C GLY D 231 30.67 -40.73 -1.45
N ASN D 232 29.55 -40.50 -0.79
CA ASN D 232 29.53 -39.77 0.47
C ASN D 232 29.80 -40.73 1.62
N LYS D 233 30.61 -40.29 2.56
CA LYS D 233 30.90 -41.14 3.71
C LYS D 233 30.03 -40.73 4.87
N PRO D 234 29.19 -41.64 5.38
CA PRO D 234 28.31 -41.26 6.51
C PRO D 234 29.06 -40.80 7.73
N GLU D 235 30.29 -41.28 7.95
CA GLU D 235 31.06 -40.86 9.12
C GLU D 235 31.28 -39.36 9.13
N TRP D 236 31.21 -38.70 7.98
CA TRP D 236 31.32 -37.24 7.93
C TRP D 236 30.12 -36.55 8.56
N MET D 237 29.05 -37.31 8.85
CA MET D 237 27.83 -36.70 9.37
C MET D 237 28.07 -36.05 10.72
N VAL D 238 28.75 -36.74 11.63
CA VAL D 238 29.16 -36.17 12.90
C VAL D 238 30.53 -35.53 12.70
N LEU D 239 30.56 -34.21 12.75
CA LEU D 239 31.77 -33.48 12.38
C LEU D 239 32.78 -33.48 13.52
N THR D 240 34.04 -33.70 13.15
CA THR D 240 35.15 -33.57 14.09
C THR D 240 35.63 -32.12 14.15
N VAL D 241 35.65 -31.46 13.00
CA VAL D 241 35.96 -30.04 12.91
C VAL D 241 34.82 -29.36 12.17
N LEU D 242 34.70 -28.05 12.37
CA LEU D 242 33.69 -27.29 11.65
C LEU D 242 34.32 -26.02 11.10
N PRO D 243 33.78 -25.50 10.00
CA PRO D 243 34.35 -24.29 9.41
C PRO D 243 33.92 -23.04 10.16
N VAL D 244 34.60 -21.94 9.85
CA VAL D 244 34.26 -20.65 10.41
C VAL D 244 33.88 -19.71 9.28
N LEU D 245 32.90 -18.87 9.56
CA LEU D 245 32.50 -17.90 8.56
C LEU D 245 33.60 -16.85 8.38
N PRO D 246 33.86 -16.44 7.13
CA PRO D 246 34.82 -15.37 6.91
C PRO D 246 34.39 -14.11 7.65
N PRO D 247 35.35 -13.35 8.18
CA PRO D 247 35.00 -12.24 9.06
C PRO D 247 34.13 -11.18 8.42
N ASP D 248 34.32 -10.87 7.14
CA ASP D 248 33.55 -9.81 6.51
C ASP D 248 32.07 -10.14 6.49
N LEU D 249 31.73 -11.41 6.34
CA LEU D 249 30.33 -11.82 6.32
C LEU D 249 29.72 -11.87 7.71
N ARG D 250 30.54 -11.82 8.76
CA ARG D 250 30.03 -11.75 10.13
C ARG D 250 30.60 -10.53 10.83
N PRO D 251 30.48 -9.35 10.22
CA PRO D 251 31.24 -8.21 10.72
C PRO D 251 30.65 -7.65 12.01
N LEU D 252 31.51 -7.05 12.81
CA LEU D 252 31.10 -6.25 13.94
C LEU D 252 31.39 -4.79 13.63
N VAL D 253 30.39 -3.94 13.82
CA VAL D 253 30.52 -2.54 13.45
C VAL D 253 30.46 -1.68 14.71
N PRO D 254 31.40 -0.75 14.88
CA PRO D 254 31.32 0.18 16.00
C PRO D 254 30.52 1.42 15.60
N LEU D 255 29.98 2.08 16.61
CA LEU D 255 29.17 3.28 16.39
C LEU D 255 29.82 4.45 17.12
N ASP D 256 29.36 5.64 16.79
CA ASP D 256 29.88 6.85 17.42
C ASP D 256 29.68 6.78 18.93
N GLY D 257 30.69 7.22 19.67
CA GLY D 257 30.70 7.13 21.10
C GLY D 257 31.34 5.89 21.67
N GLY D 258 32.11 5.15 20.87
CA GLY D 258 32.78 3.96 21.36
C GLY D 258 31.91 2.74 21.49
N ARG D 259 30.67 2.80 21.01
CA ARG D 259 29.79 1.65 21.00
C ARG D 259 30.20 0.73 19.85
N PHE D 260 30.15 -0.59 20.11
CA PHE D 260 30.37 -1.59 19.07
C PHE D 260 29.14 -2.46 18.94
N ALA D 261 28.84 -2.86 17.71
CA ALA D 261 27.69 -3.72 17.43
C ALA D 261 28.21 -4.97 16.73
N THR D 262 28.06 -6.12 17.38
CA THR D 262 28.60 -7.38 16.86
C THR D 262 27.47 -8.26 16.37
N SER D 263 27.73 -9.04 15.32
CA SER D 263 26.73 -9.96 14.82
C SER D 263 26.55 -11.13 15.77
N ASP D 264 25.41 -11.80 15.65
CA ASP D 264 25.13 -12.95 16.50
C ASP D 264 26.14 -14.07 16.27
N LEU D 265 26.53 -14.28 15.01
CA LEU D 265 27.47 -15.34 14.69
C LEU D 265 28.76 -15.18 15.47
N ASN D 266 29.20 -13.93 15.68
CA ASN D 266 30.39 -13.72 16.48
C ASN D 266 30.21 -14.18 17.90
N ASP D 267 29.05 -13.90 18.51
CA ASP D 267 28.79 -14.35 19.86
C ASP D 267 28.79 -15.88 19.93
N LEU D 268 28.15 -16.51 18.94
CA LEU D 268 28.08 -17.97 18.91
C LEU D 268 29.48 -18.57 18.78
N TYR D 269 30.30 -17.98 17.91
CA TYR D 269 31.66 -18.45 17.75
C TYR D 269 32.45 -18.30 19.03
N ARG D 270 32.30 -17.15 19.70
CA ARG D 270 32.99 -16.95 20.96
C ARG D 270 32.59 -18.01 21.97
N ARG D 271 31.29 -18.30 22.04
CA ARG D 271 30.79 -19.29 22.98
C ARG D 271 31.40 -20.66 22.71
N VAL D 272 31.36 -21.09 21.44
CA VAL D 272 31.83 -22.45 21.14
C VAL D 272 33.32 -22.56 21.33
N ILE D 273 34.08 -21.51 20.97
CA ILE D 273 35.52 -21.55 21.17
C ILE D 273 35.85 -21.60 22.65
N ASN D 274 35.13 -20.81 23.45
CA ASN D 274 35.29 -20.85 24.90
C ASN D 274 35.09 -22.26 25.43
N ARG D 275 34.02 -22.91 24.97
CA ARG D 275 33.71 -24.23 25.52
C ARG D 275 34.70 -25.28 25.04
N ASN D 276 35.20 -25.15 23.81
CA ASN D 276 36.22 -26.07 23.32
C ASN D 276 37.52 -25.93 24.11
N ASN D 277 37.92 -24.68 24.39
CA ASN D 277 39.10 -24.47 25.22
C ASN D 277 38.89 -25.03 26.61
N ARG D 278 37.69 -24.85 27.17
CA ARG D 278 37.38 -25.47 28.44
C ARG D 278 37.58 -26.98 28.39
N LEU D 279 37.03 -27.62 27.36
CA LEU D 279 37.16 -29.06 27.22
C LEU D 279 38.62 -29.48 27.18
N LYS D 280 39.43 -28.85 26.33
CA LYS D 280 40.79 -29.34 26.17
C LYS D 280 41.58 -29.23 27.46
N ARG D 281 41.44 -28.11 28.17
CA ARG D 281 42.23 -27.86 29.37
C ARG D 281 41.71 -28.62 30.58
N LEU D 282 40.43 -28.98 30.62
CA LEU D 282 40.02 -29.88 31.67
C LEU D 282 40.35 -31.32 31.33
N LEU D 283 40.45 -31.62 30.02
CA LEU D 283 40.71 -32.99 29.59
C LEU D 283 42.16 -33.40 29.81
N ASP D 284 43.11 -32.52 29.50
CA ASP D 284 44.51 -32.88 29.63
C ASP D 284 44.91 -33.16 31.07
N LEU D 285 44.13 -32.69 32.05
CA LEU D 285 44.38 -32.98 33.45
C LEU D 285 43.49 -34.11 33.96
N ALA D 286 42.74 -34.76 33.07
CA ALA D 286 41.88 -35.88 33.41
C ALA D 286 40.86 -35.48 34.48
N ALA D 287 39.97 -34.59 34.08
CA ALA D 287 38.92 -34.10 34.95
C ALA D 287 37.95 -35.24 35.31
N PRO D 288 37.20 -35.10 36.40
CA PRO D 288 36.25 -36.15 36.76
C PRO D 288 35.25 -36.41 35.63
N ASP D 289 34.90 -37.69 35.48
CA ASP D 289 34.16 -38.11 34.30
C ASP D 289 32.80 -37.41 34.20
N ILE D 290 32.14 -37.19 35.35
CA ILE D 290 30.88 -36.47 35.31
C ILE D 290 31.08 -35.06 34.78
N ILE D 291 32.12 -34.38 35.25
CA ILE D 291 32.37 -33.02 34.79
C ILE D 291 32.72 -33.01 33.32
N VAL D 292 33.54 -33.94 32.87
CA VAL D 292 33.95 -33.93 31.47
C VAL D 292 32.76 -34.21 30.56
N ARG D 293 31.90 -35.18 30.93
CA ARG D 293 30.75 -35.45 30.07
C ARG D 293 29.78 -34.28 30.08
N ASN D 294 29.65 -33.60 31.23
CA ASN D 294 28.79 -32.43 31.28
C ASN D 294 29.31 -31.35 30.34
N GLU D 295 30.62 -31.14 30.32
CA GLU D 295 31.18 -30.14 29.42
C GLU D 295 31.02 -30.56 27.96
N LYS D 296 31.19 -31.84 27.66
CA LYS D 296 30.90 -32.32 26.32
C LYS D 296 29.47 -31.98 25.93
N ARG D 297 28.53 -32.18 26.85
CA ARG D 297 27.14 -31.88 26.56
C ARG D 297 26.92 -30.40 26.30
N MET D 298 27.54 -29.53 27.11
CA MET D 298 27.32 -28.11 26.83
C MET D 298 27.97 -27.71 25.52
N LEU D 299 29.09 -28.33 25.15
CA LEU D 299 29.69 -28.01 23.86
C LEU D 299 28.80 -28.49 22.72
N GLN D 300 28.20 -29.67 22.86
CA GLN D 300 27.25 -30.13 21.86
C GLN D 300 26.10 -29.14 21.72
N GLU D 301 25.55 -28.69 22.85
CA GLU D 301 24.46 -27.73 22.79
C GLU D 301 24.91 -26.41 22.17
N ALA D 302 26.15 -25.99 22.46
CA ALA D 302 26.64 -24.72 21.94
C ALA D 302 26.83 -24.77 20.44
N VAL D 303 27.42 -25.86 19.94
CA VAL D 303 27.59 -25.96 18.49
C VAL D 303 26.23 -26.12 17.82
N ASP D 304 25.30 -26.83 18.47
CA ASP D 304 23.94 -26.87 17.96
C ASP D 304 23.40 -25.45 17.81
N ALA D 305 23.48 -24.67 18.88
CA ALA D 305 22.91 -23.33 18.88
C ALA D 305 23.59 -22.45 17.84
N LEU D 306 24.88 -22.68 17.60
CA LEU D 306 25.56 -21.95 16.55
C LEU D 306 25.00 -22.30 15.18
N LEU D 307 25.03 -23.59 14.84
CA LEU D 307 24.70 -23.99 13.47
C LEU D 307 23.21 -23.82 13.20
N ASP D 308 22.37 -23.81 14.23
CA ASP D 308 20.97 -23.50 14.08
C ASP D 308 20.42 -23.11 15.45
N ASN D 309 19.23 -22.50 15.46
CA ASN D 309 18.65 -22.07 16.72
C ASN D 309 17.17 -22.39 16.74
N GLY D 310 16.64 -22.54 17.96
CA GLY D 310 15.23 -22.71 18.16
C GLY D 310 14.75 -24.14 18.01
N ARG D 311 15.60 -25.01 17.46
CA ARG D 311 15.16 -26.38 17.25
C ARG D 311 15.09 -27.16 18.55
N ARG D 312 16.09 -27.01 19.42
CA ARG D 312 16.08 -27.68 20.72
C ARG D 312 16.11 -26.72 21.89
N GLY D 313 17.06 -25.79 21.92
CA GLY D 313 17.30 -25.01 23.12
C GLY D 313 16.79 -23.57 23.10
N ARG D 314 16.68 -22.99 21.91
CA ARG D 314 16.22 -21.61 21.74
C ARG D 314 17.09 -20.64 22.54
N ALA D 315 18.37 -20.61 22.17
CA ALA D 315 19.34 -19.77 22.87
C ALA D 315 18.99 -18.29 22.71
N ILE D 316 19.38 -17.51 23.72
CA ILE D 316 19.02 -16.11 23.82
C ILE D 316 20.29 -15.28 23.94
N THR D 317 20.19 -14.02 23.53
CA THR D 317 21.29 -13.08 23.72
C THR D 317 21.27 -12.53 25.14
N GLY D 318 22.23 -11.67 25.44
CA GLY D 318 22.34 -11.08 26.77
C GLY D 318 21.54 -9.79 26.87
N SER D 319 20.68 -9.74 27.88
CA SER D 319 19.87 -8.56 28.16
C SER D 319 19.05 -8.12 26.95
N ASN D 320 18.53 -9.09 26.22
CA ASN D 320 17.62 -8.80 25.11
C ASN D 320 16.79 -10.04 24.80
N LYS D 321 15.47 -9.86 24.73
CA LYS D 321 14.56 -10.97 24.53
C LYS D 321 14.58 -11.49 23.09
N ARG D 322 15.24 -10.79 22.18
CA ARG D 322 15.32 -11.24 20.81
C ARG D 322 16.25 -12.44 20.71
N PRO D 323 15.78 -13.58 20.23
CA PRO D 323 16.65 -14.76 20.12
C PRO D 323 17.79 -14.51 19.14
N LEU D 324 18.92 -15.15 19.42
CA LEU D 324 20.08 -15.04 18.56
C LEU D 324 19.80 -15.64 17.19
N LYS D 325 20.31 -14.98 16.15
CA LYS D 325 20.03 -15.36 14.77
C LYS D 325 21.14 -16.26 14.26
N SER D 326 20.90 -17.57 14.30
CA SER D 326 21.91 -18.55 13.94
C SER D 326 22.06 -18.63 12.42
N LEU D 327 22.87 -19.59 11.97
CA LEU D 327 23.24 -19.67 10.57
C LEU D 327 22.03 -19.94 9.66
N ALA D 328 21.15 -20.85 10.08
CA ALA D 328 19.97 -21.14 9.28
C ALA D 328 19.18 -19.88 8.98
N ASP D 329 19.13 -18.95 9.92
CA ASP D 329 18.50 -17.66 9.70
C ASP D 329 19.20 -16.85 8.62
N MET D 330 20.52 -16.97 8.51
CA MET D 330 21.23 -16.35 7.39
C MET D 330 20.86 -17.00 6.06
N ILE D 331 20.91 -18.33 5.99
CA ILE D 331 20.62 -18.98 4.73
C ILE D 331 19.17 -18.77 4.31
N LYS D 332 18.28 -18.56 5.27
CA LYS D 332 16.89 -18.26 4.91
C LYS D 332 16.77 -16.90 4.26
N GLY D 333 17.65 -15.96 4.61
CA GLY D 333 17.54 -14.60 4.10
C GLY D 333 16.46 -13.84 4.85
N LYS D 334 16.26 -12.58 4.48
CA LYS D 334 15.21 -11.78 5.10
C LYS D 334 13.86 -12.27 4.61
N GLN D 335 12.80 -11.71 5.16
CA GLN D 335 11.42 -12.05 4.76
C GLN D 335 11.19 -13.55 4.83
N GLY D 336 11.71 -14.17 5.87
CA GLY D 336 11.64 -15.61 5.99
C GLY D 336 12.51 -16.31 4.97
N ARG D 337 11.88 -17.08 4.08
CA ARG D 337 12.60 -17.89 3.10
C ARG D 337 12.79 -17.19 1.77
N PHE D 338 11.98 -16.18 1.45
CA PHE D 338 12.13 -15.45 0.20
C PHE D 338 13.38 -14.55 0.29
N ARG D 339 14.50 -15.04 -0.24
CA ARG D 339 15.79 -14.43 0.03
C ARG D 339 15.85 -13.02 -0.52
N GLN D 340 15.84 -12.04 0.37
CA GLN D 340 15.95 -10.64 -0.02
C GLN D 340 17.29 -10.32 -0.67
N ASN D 341 18.40 -10.83 -0.15
CA ASN D 341 19.69 -10.53 -0.74
C ASN D 341 19.84 -11.21 -2.09
N LEU D 342 19.31 -12.43 -2.21
CA LEU D 342 19.48 -13.21 -3.42
C LEU D 342 18.48 -12.87 -4.52
N LEU D 343 17.24 -12.53 -4.17
CA LEU D 343 16.23 -12.28 -5.19
C LEU D 343 15.77 -10.82 -5.18
N GLY D 344 15.74 -10.20 -4.00
CA GLY D 344 15.28 -8.83 -3.91
C GLY D 344 16.26 -7.82 -4.47
N LYS D 345 17.40 -7.68 -3.82
CA LYS D 345 18.58 -7.03 -4.42
C LYS D 345 18.27 -5.60 -4.86
N ARG D 346 18.13 -4.73 -3.85
CA ARG D 346 17.97 -3.30 -4.09
C ARG D 346 18.87 -2.82 -5.22
N VAL D 347 18.35 -1.95 -6.07
CA VAL D 347 18.97 -1.66 -7.35
C VAL D 347 19.30 -0.17 -7.47
N ASP D 348 20.50 0.10 -7.98
CA ASP D 348 20.93 1.47 -8.24
C ASP D 348 20.18 2.04 -9.43
N TYR D 349 20.42 3.32 -9.71
CA TYR D 349 19.71 4.05 -10.75
C TYR D 349 18.20 3.86 -10.61
N SER D 350 17.72 4.06 -9.39
CA SER D 350 16.31 3.93 -9.07
C SER D 350 15.86 5.13 -8.25
N GLY D 351 14.56 5.37 -8.27
CA GLY D 351 13.98 6.44 -7.48
C GLY D 351 12.49 6.24 -7.38
N ARG D 352 11.84 7.14 -6.66
CA ARG D 352 10.40 7.05 -6.53
C ARG D 352 9.84 8.40 -6.12
N SER D 353 8.54 8.56 -6.35
CA SER D 353 7.82 9.76 -5.97
C SER D 353 6.33 9.46 -6.09
N VAL D 354 5.51 10.43 -5.75
CA VAL D 354 4.07 10.28 -5.90
C VAL D 354 3.70 10.49 -7.36
N ILE D 355 2.53 10.02 -7.73
CA ILE D 355 2.07 10.17 -9.10
C ILE D 355 1.29 11.46 -9.25
N THR D 356 1.12 11.87 -10.50
CA THR D 356 0.26 12.99 -10.85
C THR D 356 -0.26 12.74 -12.25
N VAL D 357 -1.56 12.96 -12.44
CA VAL D 357 -2.14 12.69 -13.75
C VAL D 357 -1.69 13.73 -14.75
N GLY D 358 -1.09 13.27 -15.84
CA GLY D 358 -0.81 14.13 -16.96
C GLY D 358 -1.71 13.82 -18.12
N PRO D 359 -2.74 14.65 -18.32
CA PRO D 359 -3.65 14.41 -19.45
C PRO D 359 -3.09 14.87 -20.78
N THR D 360 -2.06 15.71 -20.77
CA THR D 360 -1.41 16.16 -22.00
C THR D 360 -0.28 15.22 -22.41
N LEU D 361 -0.30 13.99 -21.92
CA LEU D 361 0.75 13.01 -22.18
C LEU D 361 0.30 12.02 -23.23
N ARG D 362 1.14 11.78 -24.22
CA ARG D 362 0.92 10.67 -25.12
C ARG D 362 1.18 9.36 -24.40
N LEU D 363 0.60 8.28 -24.91
CA LEU D 363 0.64 7.00 -24.20
C LEU D 363 2.08 6.53 -23.98
N HIS D 364 2.93 6.67 -24.98
CA HIS D 364 4.29 6.16 -24.86
C HIS D 364 5.17 7.02 -23.96
N GLN D 365 4.71 8.17 -23.52
CA GLN D 365 5.55 9.10 -22.78
C GLN D 365 4.99 9.31 -21.38
N CYS D 366 5.87 9.69 -20.47
CA CYS D 366 5.51 9.96 -19.08
C CYS D 366 6.32 11.15 -18.59
N GLY D 367 5.77 11.84 -17.61
CA GLY D 367 6.45 12.99 -17.03
C GLY D 367 7.57 12.58 -16.11
N LEU D 368 8.47 13.53 -15.86
CA LEU D 368 9.60 13.26 -14.99
C LEU D 368 10.12 14.55 -14.35
N PRO D 369 10.26 14.58 -13.03
CA PRO D 369 10.86 15.74 -12.39
C PRO D 369 12.30 15.96 -12.85
N LYS D 370 12.68 17.22 -12.91
CA LYS D 370 14.02 17.56 -13.38
C LYS D 370 15.09 16.95 -12.50
N LYS D 371 14.94 17.11 -11.17
CA LYS D 371 15.99 16.64 -10.27
C LYS D 371 16.15 15.13 -10.30
N MET D 372 15.06 14.37 -10.36
CA MET D 372 15.20 12.93 -10.50
C MET D 372 15.91 12.58 -11.80
N ALA D 373 15.59 13.28 -12.87
CA ALA D 373 16.21 13.00 -14.16
C ALA D 373 17.71 13.23 -14.10
N LEU D 374 18.13 14.39 -13.56
CA LEU D 374 19.55 14.69 -13.52
C LEU D 374 20.28 13.81 -12.52
N GLU D 375 19.61 13.37 -11.46
CA GLU D 375 20.25 12.48 -10.52
C GLU D 375 20.45 11.09 -11.12
N LEU D 376 19.41 10.55 -11.75
CA LEU D 376 19.50 9.19 -12.28
C LEU D 376 20.50 9.11 -13.42
N PHE D 377 20.39 10.00 -14.40
CA PHE D 377 21.21 9.94 -15.60
C PHE D 377 22.57 10.59 -15.42
N LYS D 378 23.00 10.79 -14.18
CA LYS D 378 24.24 11.52 -13.90
C LYS D 378 25.44 10.98 -14.67
N PRO D 379 25.71 9.68 -14.73
CA PRO D 379 26.84 9.23 -15.55
C PRO D 379 26.67 9.56 -17.02
N PHE D 380 25.45 9.50 -17.55
CA PHE D 380 25.22 9.90 -18.93
C PHE D 380 25.54 11.38 -19.12
N ILE D 381 25.14 12.21 -18.17
CA ILE D 381 25.47 13.63 -18.24
C ILE D 381 26.98 13.82 -18.25
N PHE D 382 27.68 13.09 -17.39
CA PHE D 382 29.13 13.21 -17.34
C PHE D 382 29.75 12.83 -18.68
N GLY D 383 29.30 11.71 -19.25
CA GLY D 383 29.85 11.27 -20.52
C GLY D 383 29.62 12.30 -21.62
N LYS D 384 28.38 12.79 -21.72
CA LYS D 384 28.08 13.76 -22.77
C LYS D 384 28.85 15.06 -22.56
N LEU D 385 28.93 15.53 -21.32
CA LEU D 385 29.63 16.78 -21.05
C LEU D 385 31.11 16.67 -21.40
N GLU D 386 31.74 15.55 -21.04
CA GLU D 386 33.13 15.36 -21.42
C GLU D 386 33.26 15.25 -22.93
N GLY D 387 32.28 14.64 -23.59
CA GLY D 387 32.36 14.49 -25.04
C GLY D 387 32.29 15.80 -25.78
N ARG D 388 31.28 16.63 -25.48
CA ARG D 388 31.07 17.81 -26.30
C ARG D 388 32.09 18.90 -25.98
N GLY D 389 32.70 18.86 -24.80
CA GLY D 389 33.83 19.71 -24.52
C GLY D 389 33.65 20.74 -23.43
N MET D 390 32.42 21.02 -22.98
CA MET D 390 32.29 21.92 -21.85
C MET D 390 32.77 21.28 -20.56
N ALA D 391 33.04 19.98 -20.57
CA ALA D 391 33.69 19.31 -19.46
C ALA D 391 35.04 18.77 -19.92
N THR D 392 36.10 19.20 -19.25
CA THR D 392 37.43 18.64 -19.44
C THR D 392 37.83 17.75 -18.27
N THR D 393 37.68 18.23 -17.05
CA THR D 393 37.79 17.42 -15.86
C THR D 393 36.40 17.12 -15.31
N ILE D 394 36.30 16.03 -14.56
CA ILE D 394 35.02 15.68 -13.99
C ILE D 394 34.66 16.58 -12.82
N LYS D 395 35.65 17.21 -12.20
CA LYS D 395 35.35 18.17 -11.13
C LYS D 395 34.54 19.33 -11.68
N ALA D 396 34.92 19.84 -12.85
CA ALA D 396 34.14 20.89 -13.49
C ALA D 396 32.75 20.40 -13.85
N ALA D 397 32.63 19.15 -14.31
CA ALA D 397 31.32 18.60 -14.62
C ALA D 397 30.43 18.55 -13.38
N LYS D 398 30.99 18.11 -12.26
CA LYS D 398 30.24 18.13 -11.01
C LYS D 398 29.89 19.56 -10.62
N LYS D 399 30.79 20.50 -10.88
CA LYS D 399 30.53 21.89 -10.57
C LYS D 399 29.32 22.41 -11.35
N MET D 400 29.24 22.10 -12.64
CA MET D 400 28.11 22.63 -13.41
C MET D 400 26.83 21.88 -13.06
N VAL D 401 26.90 20.58 -12.81
CA VAL D 401 25.68 19.86 -12.50
C VAL D 401 25.13 20.30 -11.15
N GLU D 402 26.00 20.58 -10.19
CA GLU D 402 25.53 21.07 -8.90
C GLU D 402 24.98 22.49 -8.99
N ARG D 403 25.54 23.34 -9.86
CA ARG D 403 25.00 24.67 -10.03
C ARG D 403 23.89 24.73 -11.06
N GLU D 404 23.77 23.71 -11.91
CA GLU D 404 22.73 23.62 -12.93
C GLU D 404 22.74 24.85 -13.85
N LEU D 405 23.83 24.99 -14.59
CA LEU D 405 23.88 26.01 -15.62
C LEU D 405 22.84 25.70 -16.68
N PRO D 406 22.39 26.70 -17.43
CA PRO D 406 21.46 26.42 -18.54
C PRO D 406 22.02 25.43 -19.53
N GLU D 407 23.34 25.29 -19.60
CA GLU D 407 23.96 24.32 -20.50
C GLU D 407 23.56 22.89 -20.15
N VAL D 408 23.53 22.55 -18.86
CA VAL D 408 23.31 21.16 -18.48
C VAL D 408 21.91 20.70 -18.85
N TRP D 409 20.94 21.61 -18.93
CA TRP D 409 19.60 21.21 -19.32
C TRP D 409 19.55 20.75 -20.77
N ASP D 410 20.37 21.35 -21.63
CA ASP D 410 20.38 20.94 -23.03
C ASP D 410 20.84 19.50 -23.16
N VAL D 411 21.99 19.17 -22.57
CA VAL D 411 22.51 17.81 -22.66
C VAL D 411 21.58 16.84 -21.94
N LEU D 412 21.00 17.27 -20.82
CA LEU D 412 20.05 16.42 -20.10
C LEU D 412 18.87 16.08 -20.99
N ALA D 413 18.29 17.07 -21.65
CA ALA D 413 17.19 16.80 -22.56
C ALA D 413 17.64 15.89 -23.70
N GLU D 414 18.85 16.09 -24.19
CA GLU D 414 19.34 15.27 -25.29
C GLU D 414 19.44 13.80 -24.89
N VAL D 415 20.04 13.51 -23.73
CA VAL D 415 20.16 12.11 -23.33
C VAL D 415 18.80 11.52 -22.99
N ILE D 416 17.92 12.32 -22.39
CA ILE D 416 16.57 11.84 -22.12
C ILE D 416 15.82 11.56 -23.42
N ARG D 417 16.19 12.24 -24.51
CA ARG D 417 15.30 12.37 -25.66
C ARG D 417 14.77 11.02 -26.14
N GLU D 418 15.66 10.05 -26.36
CA GLU D 418 15.25 8.76 -26.89
C GLU D 418 15.57 7.63 -25.93
N HIS D 419 15.76 7.94 -24.65
CA HIS D 419 16.09 6.91 -23.69
C HIS D 419 14.82 6.47 -22.97
N PRO D 420 14.31 5.27 -23.21
CA PRO D 420 13.14 4.81 -22.48
C PRO D 420 13.46 4.64 -20.99
N VAL D 421 12.43 4.87 -20.17
CA VAL D 421 12.56 4.79 -18.73
C VAL D 421 11.57 3.73 -18.23
N LEU D 422 11.92 3.12 -17.11
CA LEU D 422 11.21 1.95 -16.63
C LEU D 422 10.45 2.31 -15.35
N LEU D 423 9.18 1.93 -15.29
CA LEU D 423 8.28 2.34 -14.23
C LEU D 423 7.56 1.12 -13.64
N ASN D 424 7.33 1.14 -12.33
CA ASN D 424 6.56 0.10 -11.68
C ASN D 424 5.98 0.61 -10.36
N ARG D 425 4.83 0.04 -10.00
CA ARG D 425 4.16 0.38 -8.75
C ARG D 425 4.59 -0.59 -7.66
N ALA D 426 4.10 -0.35 -6.46
CA ALA D 426 4.56 -1.17 -5.35
C ALA D 426 4.05 -2.60 -5.49
N PRO D 427 2.74 -2.87 -5.42
CA PRO D 427 2.29 -4.25 -5.62
C PRO D 427 2.20 -4.55 -7.12
N THR D 428 3.17 -5.30 -7.63
CA THR D 428 3.16 -5.71 -9.02
C THR D 428 2.56 -7.11 -9.11
N LEU D 429 1.31 -7.17 -9.56
CA LEU D 429 0.58 -8.42 -9.64
C LEU D 429 0.61 -9.05 -11.01
N HIS D 430 1.05 -8.32 -12.04
CA HIS D 430 1.20 -8.87 -13.37
C HIS D 430 2.16 -7.97 -14.13
N ARG D 431 2.63 -8.46 -15.28
CA ARG D 431 3.65 -7.73 -16.02
C ARG D 431 3.22 -6.32 -16.37
N LEU D 432 1.92 -6.06 -16.47
CA LEU D 432 1.50 -4.68 -16.65
C LEU D 432 1.75 -3.83 -15.42
N GLY D 433 2.02 -4.44 -14.27
CA GLY D 433 2.37 -3.67 -13.09
C GLY D 433 3.68 -2.93 -13.21
N ILE D 434 4.50 -3.28 -14.20
CA ILE D 434 5.77 -2.61 -14.46
C ILE D 434 5.86 -2.37 -15.97
N GLN D 435 6.04 -1.11 -16.36
CA GLN D 435 6.00 -0.76 -17.77
C GLN D 435 7.07 0.26 -18.07
N ALA D 436 7.43 0.34 -19.34
CA ALA D 436 8.45 1.27 -19.82
C ALA D 436 7.78 2.47 -20.46
N PHE D 437 8.42 3.63 -20.35
CA PHE D 437 7.89 4.87 -20.89
C PHE D 437 9.04 5.69 -21.47
N GLU D 438 8.68 6.68 -22.26
CA GLU D 438 9.65 7.61 -22.78
C GLU D 438 9.53 8.94 -22.05
N PRO D 439 10.44 9.23 -21.14
CA PRO D 439 10.20 10.30 -20.17
C PRO D 439 10.15 11.68 -20.81
N VAL D 440 9.40 12.56 -20.16
CA VAL D 440 9.31 13.96 -20.54
C VAL D 440 9.63 14.81 -19.31
N LEU D 441 10.59 15.71 -19.46
CA LEU D 441 11.00 16.54 -18.33
C LEU D 441 9.90 17.51 -17.94
N ILE D 442 9.62 17.61 -16.65
CA ILE D 442 8.68 18.58 -16.11
C ILE D 442 9.28 19.21 -14.88
N GLU D 443 8.80 20.40 -14.55
CA GLU D 443 9.25 21.15 -13.38
C GLU D 443 8.33 20.77 -12.22
N GLY D 444 8.89 20.09 -11.23
CA GLY D 444 8.13 19.67 -10.08
C GLY D 444 8.85 18.55 -9.35
N LYS D 445 8.13 17.91 -8.44
CA LYS D 445 8.68 16.79 -7.70
C LYS D 445 7.82 15.54 -7.83
N ALA D 446 6.72 15.61 -8.57
CA ALA D 446 5.85 14.47 -8.76
C ALA D 446 6.05 13.87 -10.15
N ILE D 447 5.64 12.62 -10.29
CA ILE D 447 5.81 11.87 -11.53
C ILE D 447 4.49 11.93 -12.28
N GLN D 448 4.49 12.62 -13.41
CA GLN D 448 3.29 12.68 -14.24
C GLN D 448 3.06 11.34 -14.91
N LEU D 449 1.83 10.87 -14.88
CA LEU D 449 1.48 9.56 -15.40
C LEU D 449 0.32 9.67 -16.38
N HIS D 450 0.32 8.77 -17.36
CA HIS D 450 -0.74 8.74 -18.34
C HIS D 450 -2.01 8.16 -17.72
N PRO D 451 -3.13 8.89 -17.82
CA PRO D 451 -4.35 8.42 -17.12
C PRO D 451 -4.82 7.06 -17.58
N LEU D 452 -4.65 6.72 -18.85
CA LEU D 452 -5.09 5.43 -19.33
C LEU D 452 -4.34 4.28 -18.69
N VAL D 453 -3.08 4.48 -18.32
CA VAL D 453 -2.29 3.37 -17.81
C VAL D 453 -2.57 3.09 -16.34
N CYS D 454 -3.28 3.99 -15.65
CA CYS D 454 -3.54 3.79 -14.23
C CYS D 454 -4.33 2.51 -13.97
N ALA D 455 -5.22 2.14 -14.90
CA ALA D 455 -6.00 0.93 -14.71
C ALA D 455 -5.10 -0.30 -14.64
N ALA D 456 -4.10 -0.37 -15.52
CA ALA D 456 -3.15 -1.48 -15.48
C ALA D 456 -2.38 -1.48 -14.17
N TYR D 457 -1.84 -0.32 -13.80
CA TYR D 457 -1.15 -0.22 -12.52
C TYR D 457 -2.08 -0.34 -11.34
N ASN D 458 -3.39 -0.22 -11.55
CA ASN D 458 -4.36 -0.17 -10.46
C ASN D 458 -3.98 0.93 -9.48
N ALA D 459 -3.50 2.05 -10.02
CA ALA D 459 -2.93 3.12 -9.23
C ALA D 459 -3.81 4.36 -9.34
N ASP D 460 -4.54 4.66 -8.29
CA ASP D 460 -5.23 5.92 -8.19
C ASP D 460 -4.27 7.00 -7.71
N PHE D 461 -4.67 8.25 -7.88
CA PHE D 461 -3.85 9.38 -7.46
C PHE D 461 -4.18 9.85 -6.07
N ASP D 462 -4.59 8.94 -5.20
CA ASP D 462 -4.87 9.26 -3.80
C ASP D 462 -3.61 9.25 -2.94
N GLY D 463 -2.43 9.29 -3.54
CA GLY D 463 -1.21 9.31 -2.77
C GLY D 463 -0.27 8.17 -3.10
N ASP D 464 -0.56 7.45 -4.18
CA ASP D 464 0.30 6.34 -4.56
C ASP D 464 1.68 6.85 -4.95
N GLN D 465 2.69 6.10 -4.56
CA GLN D 465 4.07 6.37 -4.94
C GLN D 465 4.48 5.38 -6.01
N MET D 466 5.26 5.86 -6.97
CA MET D 466 5.54 5.13 -8.18
C MET D 466 7.05 5.04 -8.34
N ALA D 467 7.57 3.82 -8.42
CA ALA D 467 9.01 3.60 -8.44
C ALA D 467 9.53 3.63 -9.88
N VAL D 468 10.67 4.29 -10.07
CA VAL D 468 11.25 4.50 -11.39
C VAL D 468 12.59 3.77 -11.48
N HIS D 469 12.90 3.31 -12.69
CA HIS D 469 14.19 2.72 -12.99
C HIS D 469 14.56 3.08 -14.42
N VAL D 470 15.84 3.00 -14.74
CA VAL D 470 16.34 3.34 -16.07
C VAL D 470 17.17 2.16 -16.57
N PRO D 471 16.94 1.69 -17.80
CA PRO D 471 17.80 0.66 -18.38
C PRO D 471 19.03 1.27 -19.03
N LEU D 472 20.17 0.63 -18.80
CA LEU D 472 21.45 1.17 -19.23
C LEU D 472 21.92 0.62 -20.57
N THR D 473 22.05 -0.70 -20.70
CA THR D 473 22.55 -1.27 -21.94
C THR D 473 21.60 -1.01 -23.09
N LEU D 474 22.16 -0.89 -24.29
CA LEU D 474 21.33 -0.85 -25.49
C LEU D 474 20.40 -2.05 -25.53
N GLU D 475 20.87 -3.21 -25.08
CA GLU D 475 20.01 -4.39 -25.00
C GLU D 475 18.80 -4.11 -24.14
N ALA D 476 19.02 -3.53 -22.96
CA ALA D 476 17.92 -3.30 -22.04
C ALA D 476 16.97 -2.23 -22.57
N GLN D 477 17.52 -1.15 -23.14
CA GLN D 477 16.66 -0.10 -23.68
C GLN D 477 15.82 -0.63 -24.83
N LEU D 478 16.41 -1.47 -25.68
CA LEU D 478 15.64 -2.07 -26.77
C LEU D 478 14.59 -3.03 -26.24
N GLU D 479 14.92 -3.78 -25.17
CA GLU D 479 13.93 -4.64 -24.56
C GLU D 479 12.77 -3.83 -24.02
N ALA D 480 13.05 -2.69 -23.42
CA ALA D 480 12.00 -1.82 -22.92
C ALA D 480 11.15 -1.28 -24.06
N ARG D 481 11.79 -0.71 -25.07
CA ARG D 481 11.06 -0.06 -26.15
C ARG D 481 10.26 -1.04 -26.99
N ALA D 482 10.80 -2.23 -27.24
CA ALA D 482 10.14 -3.18 -28.12
C ALA D 482 9.26 -4.18 -27.39
N LEU D 483 9.40 -4.32 -26.08
CA LEU D 483 8.66 -5.34 -25.36
C LEU D 483 7.91 -4.79 -24.16
N MET D 484 8.42 -3.75 -23.53
CA MET D 484 7.82 -3.23 -22.31
C MET D 484 7.25 -1.84 -22.45
N MET D 485 7.33 -1.24 -23.63
CA MET D 485 6.69 0.06 -23.84
C MET D 485 5.19 -0.07 -23.60
N SER D 486 4.62 0.97 -22.99
CA SER D 486 3.19 0.94 -22.68
C SER D 486 2.35 0.68 -23.91
N THR D 487 2.79 1.14 -25.08
CA THR D 487 2.05 0.90 -26.30
C THR D 487 2.04 -0.58 -26.65
N ASN D 488 3.15 -1.28 -26.38
CA ASN D 488 3.24 -2.69 -26.76
C ASN D 488 2.18 -3.52 -26.06
N ASN D 489 1.99 -3.30 -24.77
CA ASN D 489 1.06 -4.11 -23.97
C ASN D 489 -0.25 -3.34 -23.82
N ILE D 490 -1.21 -3.65 -24.68
CA ILE D 490 -2.55 -3.08 -24.61
C ILE D 490 -3.55 -4.08 -24.06
N LEU D 491 -3.50 -5.31 -24.55
CA LEU D 491 -4.44 -6.33 -24.10
C LEU D 491 -3.91 -7.03 -22.85
N SER D 492 -4.82 -7.45 -21.99
CA SER D 492 -4.42 -8.15 -20.79
C SER D 492 -3.81 -9.50 -21.14
N PRO D 493 -2.67 -9.86 -20.53
CA PRO D 493 -2.18 -11.23 -20.68
C PRO D 493 -3.12 -12.28 -20.10
N ALA D 494 -3.99 -11.91 -19.17
CA ALA D 494 -4.95 -12.87 -18.64
C ALA D 494 -6.02 -13.19 -19.67
N ASN D 495 -6.44 -12.19 -20.44
CA ASN D 495 -7.47 -12.38 -21.45
C ASN D 495 -7.36 -11.28 -22.48
N GLY D 496 -7.66 -11.62 -23.72
CA GLY D 496 -7.43 -10.72 -24.83
C GLY D 496 -8.13 -9.38 -24.73
N GLU D 497 -8.97 -9.22 -23.71
CA GLU D 497 -9.65 -7.96 -23.50
C GLU D 497 -8.61 -6.84 -23.29
N PRO D 498 -8.80 -5.69 -23.92
CA PRO D 498 -7.84 -4.59 -23.73
C PRO D 498 -7.80 -4.14 -22.29
N ILE D 499 -6.64 -3.67 -21.87
CA ILE D 499 -6.47 -3.16 -20.52
C ILE D 499 -6.20 -1.67 -20.49
N ILE D 500 -5.76 -1.06 -21.58
CA ILE D 500 -5.62 0.40 -21.66
C ILE D 500 -6.97 0.91 -22.13
N VAL D 501 -7.88 1.07 -21.18
CA VAL D 501 -9.28 1.33 -21.46
C VAL D 501 -9.67 2.67 -20.86
N PRO D 502 -10.57 3.42 -21.49
CA PRO D 502 -11.04 4.67 -20.89
C PRO D 502 -11.59 4.46 -19.49
N SER D 503 -11.10 5.27 -18.57
CA SER D 503 -11.51 5.22 -17.18
C SER D 503 -12.66 6.20 -16.94
N GLN D 504 -12.96 6.46 -15.66
CA GLN D 504 -14.16 7.17 -15.24
C GLN D 504 -14.48 8.42 -16.06
N ASP D 505 -13.58 9.40 -16.04
CA ASP D 505 -13.94 10.72 -16.55
C ASP D 505 -14.07 10.73 -18.07
N VAL D 506 -13.12 10.09 -18.76
CA VAL D 506 -13.20 10.04 -20.21
C VAL D 506 -14.42 9.24 -20.66
N VAL D 507 -14.76 8.18 -19.91
CA VAL D 507 -15.98 7.44 -20.21
C VAL D 507 -17.19 8.33 -20.03
N MET D 508 -17.20 9.14 -18.96
CA MET D 508 -18.30 10.07 -18.75
C MET D 508 -18.43 11.02 -19.93
N GLY D 509 -17.31 11.60 -20.36
CA GLY D 509 -17.36 12.53 -21.48
C GLY D 509 -17.89 11.88 -22.74
N LEU D 510 -17.38 10.69 -23.06
CA LEU D 510 -17.82 10.00 -24.27
C LEU D 510 -19.30 9.67 -24.20
N TYR D 511 -19.75 9.16 -23.06
CA TYR D 511 -21.16 8.81 -22.92
C TYR D 511 -22.04 10.05 -23.04
N TYR D 512 -21.62 11.15 -22.42
CA TYR D 512 -22.40 12.38 -22.51
C TYR D 512 -22.48 12.87 -23.95
N MET D 513 -21.38 12.80 -24.69
CA MET D 513 -21.41 13.19 -26.10
C MET D 513 -22.41 12.35 -26.87
N THR D 514 -22.41 11.05 -26.64
CA THR D 514 -23.27 10.13 -27.38
C THR D 514 -24.60 9.89 -26.68
N ARG D 515 -25.37 10.96 -26.50
CA ARG D 515 -26.74 10.86 -26.03
C ARG D 515 -27.66 11.49 -27.06
N GLU D 516 -28.96 11.41 -26.81
CA GLU D 516 -29.95 12.05 -27.67
C GLU D 516 -30.98 12.78 -26.82
N ALA D 517 -31.21 14.03 -27.17
CA ALA D 517 -32.29 14.82 -26.58
C ALA D 517 -33.46 14.86 -27.55
N ILE D 518 -34.66 14.64 -27.02
CA ILE D 518 -35.85 14.56 -27.85
C ILE D 518 -36.06 15.88 -28.59
N ASN D 519 -35.91 16.99 -27.89
CA ASN D 519 -36.07 18.31 -28.47
C ASN D 519 -34.85 19.15 -28.12
N ALA D 520 -33.90 19.22 -29.06
CA ALA D 520 -32.68 20.00 -28.87
C ALA D 520 -32.50 20.91 -30.07
N LYS D 521 -31.74 21.98 -29.86
CA LYS D 521 -31.52 22.96 -30.91
C LYS D 521 -30.84 22.31 -32.11
N GLY D 522 -31.35 22.60 -33.31
CA GLY D 522 -30.74 22.12 -34.53
C GLY D 522 -31.03 20.69 -34.90
N GLU D 523 -32.00 20.05 -34.25
CA GLU D 523 -32.35 18.68 -34.60
C GLU D 523 -33.07 18.66 -35.94
N GLY D 524 -32.78 17.61 -36.72
CA GLY D 524 -33.44 17.40 -38.00
C GLY D 524 -32.78 18.06 -39.18
N MET D 525 -31.80 18.91 -38.95
CA MET D 525 -31.13 19.54 -40.07
C MET D 525 -29.83 18.79 -40.38
N ALA D 526 -29.45 18.80 -41.64
CA ALA D 526 -28.47 17.87 -42.17
C ALA D 526 -27.12 18.55 -42.39
N PHE D 527 -26.09 17.72 -42.52
CA PHE D 527 -24.72 18.19 -42.68
C PHE D 527 -24.05 17.43 -43.83
N ALA D 528 -23.29 18.17 -44.64
CA ALA D 528 -22.56 17.55 -45.74
C ALA D 528 -21.32 16.79 -45.28
N ASP D 529 -20.72 17.21 -44.16
CA ASP D 529 -19.51 16.57 -43.68
C ASP D 529 -19.39 16.75 -42.17
N LEU D 530 -18.55 15.93 -41.57
CA LEU D 530 -18.30 16.05 -40.13
C LEU D 530 -17.77 17.43 -39.78
N GLN D 531 -16.91 17.97 -40.64
CA GLN D 531 -16.37 19.29 -40.38
C GLN D 531 -17.47 20.34 -40.31
N GLU D 532 -18.51 20.19 -41.13
CA GLU D 532 -19.66 21.08 -41.03
C GLU D 532 -20.32 20.94 -39.66
N VAL D 533 -20.45 19.71 -39.16
CA VAL D 533 -21.06 19.52 -37.85
C VAL D 533 -20.24 20.19 -36.77
N ASP D 534 -18.91 20.02 -36.83
CA ASP D 534 -18.04 20.66 -35.85
C ASP D 534 -18.16 22.17 -35.93
N ARG D 535 -18.19 22.70 -37.14
CA ARG D 535 -18.31 24.14 -37.34
C ARG D 535 -19.62 24.65 -36.74
N ALA D 536 -20.71 23.92 -36.96
CA ALA D 536 -21.99 24.36 -36.40
C ALA D 536 -22.00 24.29 -34.88
N TYR D 537 -21.45 23.21 -34.32
CA TYR D 537 -21.51 23.04 -32.87
C TYR D 537 -20.62 24.05 -32.16
N ARG D 538 -19.38 24.18 -32.61
CA ARG D 538 -18.46 25.14 -32.00
C ARG D 538 -19.02 26.55 -32.09
N SER D 539 -19.77 26.84 -33.16
CA SER D 539 -20.48 28.09 -33.27
C SER D 539 -21.58 28.23 -32.22
N GLY D 540 -21.93 27.14 -31.54
CA GLY D 540 -22.93 27.19 -30.51
C GLY D 540 -24.35 27.21 -31.00
N GLN D 541 -24.56 27.15 -32.32
CA GLN D 541 -25.90 27.17 -32.88
C GLN D 541 -26.51 25.77 -32.99
N ALA D 542 -25.80 24.75 -32.54
CA ALA D 542 -26.30 23.39 -32.58
C ALA D 542 -26.04 22.72 -31.24
N SER D 543 -27.07 22.06 -30.71
CA SER D 543 -26.90 21.33 -29.46
C SER D 543 -25.92 20.18 -29.64
N LEU D 544 -25.29 19.78 -28.54
CA LEU D 544 -24.28 18.73 -28.62
C LEU D 544 -24.90 17.41 -29.02
N HIS D 545 -26.14 17.17 -28.63
CA HIS D 545 -26.83 15.91 -28.89
C HIS D 545 -28.24 16.19 -29.38
N ALA D 546 -28.41 16.21 -30.70
CA ALA D 546 -29.70 16.38 -31.35
C ALA D 546 -29.75 15.48 -32.57
N ARG D 547 -30.90 14.85 -32.78
CA ARG D 547 -31.06 13.98 -33.94
C ARG D 547 -30.87 14.76 -35.22
N VAL D 548 -29.87 14.38 -36.00
CA VAL D 548 -29.49 15.09 -37.22
C VAL D 548 -29.16 14.09 -38.31
N LYS D 549 -29.10 14.58 -39.53
CA LYS D 549 -28.67 13.81 -40.69
C LYS D 549 -27.29 14.31 -41.10
N VAL D 550 -26.43 13.38 -41.53
CA VAL D 550 -25.12 13.78 -42.05
C VAL D 550 -24.62 12.66 -42.96
N ARG D 551 -24.16 13.06 -44.14
CA ARG D 551 -23.47 12.14 -45.04
C ARG D 551 -22.01 12.09 -44.64
N ILE D 552 -21.47 10.88 -44.57
CA ILE D 552 -20.16 10.65 -43.98
C ILE D 552 -19.35 9.74 -44.89
N ASN D 553 -18.04 9.79 -44.74
CA ASN D 553 -17.12 9.04 -45.57
C ASN D 553 -16.51 7.93 -44.73
N GLU D 554 -17.12 6.75 -44.77
CA GLU D 554 -16.64 5.60 -44.02
C GLU D 554 -15.83 4.69 -44.93
N LYS D 555 -14.62 4.36 -44.49
CA LYS D 555 -13.72 3.47 -45.21
C LYS D 555 -13.85 2.08 -44.59
N ILE D 556 -14.25 1.12 -45.39
CA ILE D 556 -14.57 -0.21 -44.88
C ILE D 556 -13.53 -1.20 -45.38
N LYS D 557 -13.03 -2.03 -44.45
CA LYS D 557 -12.06 -3.06 -44.77
C LYS D 557 -12.69 -4.46 -44.82
N GLY D 558 -13.89 -4.57 -45.37
CA GLY D 558 -14.57 -5.86 -45.38
C GLY D 558 -13.80 -6.95 -46.08
N GLU D 559 -13.03 -6.59 -47.09
CA GLU D 559 -12.19 -7.53 -47.82
C GLU D 559 -10.75 -7.10 -47.67
N ASP D 560 -9.89 -8.05 -47.31
CA ASP D 560 -8.51 -7.72 -46.97
C ASP D 560 -7.74 -7.28 -48.21
N GLY D 561 -7.07 -6.13 -48.11
CA GLY D 561 -6.31 -5.59 -49.20
C GLY D 561 -6.94 -4.41 -49.90
N GLN D 562 -8.25 -4.23 -49.78
CA GLN D 562 -8.93 -3.10 -50.40
C GLN D 562 -9.78 -2.42 -49.35
N LEU D 563 -9.39 -1.20 -48.98
CA LEU D 563 -10.14 -0.41 -48.02
C LEU D 563 -11.23 0.33 -48.77
N THR D 564 -12.44 -0.20 -48.73
CA THR D 564 -13.56 0.32 -49.50
C THR D 564 -14.14 1.53 -48.80
N ALA D 565 -14.18 2.66 -49.50
CA ALA D 565 -14.76 3.89 -48.96
C ALA D 565 -16.12 4.13 -49.60
N ASN D 566 -17.10 4.47 -48.78
CA ASN D 566 -18.44 4.77 -49.26
C ASN D 566 -19.00 5.94 -48.47
N THR D 567 -19.87 6.71 -49.11
CA THR D 567 -20.57 7.81 -48.47
C THR D 567 -22.00 7.41 -48.17
N ARG D 568 -22.49 7.83 -47.00
CA ARG D 568 -23.82 7.42 -46.58
C ARG D 568 -24.43 8.50 -45.69
N ILE D 569 -25.68 8.85 -46.00
CA ILE D 569 -26.46 9.78 -45.20
C ILE D 569 -27.04 9.01 -44.02
N VAL D 570 -26.81 9.50 -42.81
CA VAL D 570 -27.17 8.77 -41.60
C VAL D 570 -27.90 9.69 -40.62
N ASP D 571 -28.97 9.18 -40.03
CA ASP D 571 -29.72 9.87 -38.98
C ASP D 571 -29.03 9.58 -37.65
N THR D 572 -28.37 10.60 -37.08
CA THR D 572 -27.59 10.42 -35.87
C THR D 572 -27.74 11.65 -34.98
N THR D 573 -26.98 11.66 -33.90
CA THR D 573 -26.85 12.82 -33.04
C THR D 573 -25.57 13.56 -33.38
N VAL D 574 -25.51 14.82 -32.96
CA VAL D 574 -24.34 15.64 -33.26
C VAL D 574 -23.11 15.10 -32.56
N GLY D 575 -23.27 14.68 -31.30
CA GLY D 575 -22.12 14.22 -30.53
C GLY D 575 -21.45 13.01 -31.15
N ARG D 576 -22.24 12.03 -31.58
CA ARG D 576 -21.66 10.83 -32.18
C ARG D 576 -20.95 11.18 -33.48
N ALA D 577 -21.53 12.07 -34.27
CA ALA D 577 -20.89 12.49 -35.51
C ALA D 577 -19.54 13.15 -35.21
N LEU D 578 -19.51 14.00 -34.18
CA LEU D 578 -18.25 14.62 -33.78
C LEU D 578 -17.25 13.56 -33.36
N LEU D 579 -17.71 12.56 -32.60
CA LEU D 579 -16.82 11.52 -32.13
C LEU D 579 -16.21 10.74 -33.29
N PHE D 580 -17.01 10.45 -34.30
CA PHE D 580 -16.56 9.57 -35.38
C PHE D 580 -15.33 10.10 -36.09
N GLN D 581 -15.13 11.42 -36.10
CA GLN D 581 -13.95 11.99 -36.74
C GLN D 581 -12.66 11.48 -36.12
N VAL D 582 -12.71 11.03 -34.87
CA VAL D 582 -11.53 10.49 -34.20
C VAL D 582 -11.25 9.06 -34.63
N VAL D 583 -12.30 8.28 -34.88
CA VAL D 583 -12.19 6.87 -35.23
C VAL D 583 -11.32 6.70 -36.47
N PRO D 584 -10.43 5.71 -36.50
CA PRO D 584 -9.61 5.48 -37.69
C PRO D 584 -10.43 5.04 -38.89
N ALA D 585 -9.75 4.79 -40.02
CA ALA D 585 -10.41 4.57 -41.30
C ALA D 585 -10.65 3.10 -41.61
N GLY D 586 -10.86 2.28 -40.59
CA GLY D 586 -11.09 0.87 -40.85
C GLY D 586 -12.36 0.32 -40.24
N LEU D 587 -13.21 1.21 -39.72
CA LEU D 587 -14.38 0.74 -39.00
C LEU D 587 -15.65 1.37 -39.55
N PRO D 588 -16.78 0.67 -39.48
CA PRO D 588 -18.05 1.30 -39.86
C PRO D 588 -18.44 2.36 -38.86
N PHE D 589 -19.10 3.41 -39.34
CA PHE D 589 -19.59 4.45 -38.45
C PHE D 589 -20.63 3.94 -37.47
N ASP D 590 -21.36 2.88 -37.85
CA ASP D 590 -22.44 2.39 -37.02
C ASP D 590 -21.97 1.94 -35.64
N VAL D 591 -20.67 1.67 -35.48
CA VAL D 591 -20.14 1.25 -34.18
C VAL D 591 -20.12 2.37 -33.15
N VAL D 592 -20.39 3.61 -33.56
CA VAL D 592 -20.44 4.74 -32.63
C VAL D 592 -21.81 5.35 -32.53
N ASN D 593 -22.77 4.88 -33.33
CA ASN D 593 -24.12 5.45 -33.33
C ASN D 593 -24.91 5.12 -32.09
N GLN D 594 -24.42 4.23 -31.23
CA GLN D 594 -25.13 3.87 -30.01
C GLN D 594 -24.70 4.80 -28.87
N SER D 595 -25.08 4.46 -27.64
CA SER D 595 -24.90 5.35 -26.50
C SER D 595 -23.47 5.39 -25.99
N MET D 596 -22.61 4.47 -26.41
CA MET D 596 -21.19 4.49 -26.05
C MET D 596 -20.99 4.40 -24.55
N LYS D 597 -21.41 3.27 -23.98
CA LYS D 597 -21.13 2.97 -22.58
C LYS D 597 -19.72 2.41 -22.47
N LYS D 598 -19.30 2.10 -21.24
CA LYS D 598 -17.93 1.65 -21.03
C LYS D 598 -17.68 0.31 -21.70
N LYS D 599 -18.61 -0.64 -21.56
CA LYS D 599 -18.45 -1.93 -22.20
C LYS D 599 -18.43 -1.77 -23.71
N ALA D 600 -19.30 -0.91 -24.25
CA ALA D 600 -19.28 -0.65 -25.69
C ALA D 600 -17.94 -0.07 -26.11
N ILE D 601 -17.37 0.82 -25.29
CA ILE D 601 -16.06 1.38 -25.60
C ILE D 601 -14.99 0.30 -25.63
N SER D 602 -15.02 -0.60 -24.65
CA SER D 602 -14.06 -1.68 -24.60
C SER D 602 -14.18 -2.56 -25.85
N LYS D 603 -15.41 -2.91 -26.21
CA LYS D 603 -15.62 -3.73 -27.39
C LYS D 603 -15.13 -3.03 -28.65
N LEU D 604 -15.41 -1.72 -28.77
CA LEU D 604 -14.95 -0.99 -29.94
C LEU D 604 -13.43 -0.95 -30.00
N ILE D 605 -12.77 -0.75 -28.87
CA ILE D 605 -11.31 -0.73 -28.86
C ILE D 605 -10.77 -2.08 -29.28
N ASN D 606 -11.31 -3.16 -28.70
CA ASN D 606 -10.84 -4.49 -29.05
C ASN D 606 -11.06 -4.77 -30.52
N HIS D 607 -12.22 -4.40 -31.05
CA HIS D 607 -12.51 -4.59 -32.45
C HIS D 607 -11.54 -3.82 -33.34
N CYS D 608 -11.26 -2.56 -32.99
CA CYS D 608 -10.37 -1.74 -33.80
C CYS D 608 -8.95 -2.31 -33.78
N TYR D 609 -8.51 -2.80 -32.63
CA TYR D 609 -7.16 -3.35 -32.55
C TYR D 609 -6.98 -4.52 -33.49
N ARG D 610 -7.96 -5.42 -33.53
CA ARG D 610 -7.89 -6.59 -34.39
C ARG D 610 -8.12 -6.27 -35.85
N VAL D 611 -8.68 -5.09 -36.15
CA VAL D 611 -9.02 -4.76 -37.52
C VAL D 611 -7.97 -3.84 -38.12
N VAL D 612 -7.77 -2.68 -37.49
CA VAL D 612 -6.94 -1.64 -38.09
C VAL D 612 -5.46 -1.92 -37.82
N GLY D 613 -5.12 -2.24 -36.58
CA GLY D 613 -3.74 -2.53 -36.26
C GLY D 613 -3.44 -2.14 -34.82
N LEU D 614 -2.19 -1.73 -34.60
CA LEU D 614 -1.74 -1.32 -33.28
C LEU D 614 -1.34 0.16 -33.22
N LYS D 615 -0.50 0.62 -34.15
CA LYS D 615 -0.13 2.03 -34.15
C LYS D 615 -1.37 2.91 -34.27
N ASP D 616 -2.20 2.62 -35.25
CA ASP D 616 -3.45 3.37 -35.38
C ASP D 616 -4.34 3.15 -34.17
N THR D 617 -4.26 1.98 -33.54
CA THR D 617 -5.08 1.72 -32.36
C THR D 617 -4.69 2.65 -31.23
N VAL D 618 -3.40 2.83 -30.98
CA VAL D 618 -2.97 3.70 -29.90
C VAL D 618 -3.22 5.16 -30.26
N ILE D 619 -3.11 5.51 -31.54
CA ILE D 619 -3.46 6.86 -31.96
C ILE D 619 -4.93 7.12 -31.65
N PHE D 620 -5.79 6.16 -31.97
CA PHE D 620 -7.20 6.27 -31.67
C PHE D 620 -7.43 6.39 -30.17
N ALA D 621 -6.70 5.60 -29.38
CA ALA D 621 -6.88 5.66 -27.94
C ALA D 621 -6.53 7.04 -27.39
N ASP D 622 -5.40 7.60 -27.81
CA ASP D 622 -5.00 8.91 -27.34
C ASP D 622 -6.00 9.98 -27.77
N GLN D 623 -6.40 9.96 -29.05
CA GLN D 623 -7.38 10.93 -29.52
C GLN D 623 -8.68 10.82 -28.76
N LEU D 624 -9.11 9.58 -28.50
CA LEU D 624 -10.37 9.36 -27.81
C LEU D 624 -10.30 9.87 -26.38
N MET D 625 -9.17 9.64 -25.71
CA MET D 625 -8.99 10.22 -24.38
C MET D 625 -9.07 11.74 -24.45
N TYR D 626 -8.40 12.34 -25.43
CA TYR D 626 -8.40 13.79 -25.52
C TYR D 626 -9.82 14.31 -25.67
N THR D 627 -10.59 13.70 -26.56
CA THR D 627 -11.97 14.12 -26.78
C THR D 627 -12.83 13.89 -25.54
N GLY D 628 -12.70 12.73 -24.90
CA GLY D 628 -13.50 12.46 -23.72
C GLY D 628 -13.22 13.46 -22.61
N PHE D 629 -11.94 13.73 -22.35
CA PHE D 629 -11.58 14.73 -21.36
C PHE D 629 -12.16 16.08 -21.72
N ALA D 630 -11.98 16.49 -22.98
CA ALA D 630 -12.40 17.82 -23.39
C ALA D 630 -13.91 18.00 -23.20
N TYR D 631 -14.69 17.06 -23.72
CA TYR D 631 -16.14 17.23 -23.66
C TYR D 631 -16.74 16.84 -22.32
N SER D 632 -15.99 16.14 -21.46
CA SER D 632 -16.41 16.05 -20.07
C SER D 632 -16.20 17.37 -19.37
N THR D 633 -15.10 18.06 -19.70
CA THR D 633 -14.90 19.42 -19.18
C THR D 633 -15.99 20.37 -19.67
N ILE D 634 -16.37 20.27 -20.95
CA ILE D 634 -17.44 21.10 -21.46
C ILE D 634 -18.74 20.80 -20.72
N SER D 635 -19.04 19.52 -20.55
CA SER D 635 -20.24 19.13 -19.83
C SER D 635 -20.19 19.66 -18.40
N GLY D 636 -21.28 20.26 -17.96
CA GLY D 636 -21.36 20.76 -16.61
C GLY D 636 -21.80 19.68 -15.64
N VAL D 637 -21.35 18.45 -15.87
CA VAL D 637 -21.78 17.34 -15.03
C VAL D 637 -21.26 17.53 -13.62
N SER D 638 -22.17 17.42 -12.65
CA SER D 638 -21.83 17.67 -11.25
C SER D 638 -22.85 16.98 -10.38
N ILE D 639 -22.48 16.74 -9.13
CA ILE D 639 -23.32 16.04 -8.17
C ILE D 639 -23.83 17.03 -7.14
N GLY D 640 -25.15 17.07 -6.98
CA GLY D 640 -25.75 17.86 -5.92
C GLY D 640 -26.77 17.03 -5.19
N VAL D 641 -27.21 17.55 -4.03
CA VAL D 641 -28.16 16.82 -3.21
C VAL D 641 -29.47 16.56 -3.92
N ASN D 642 -29.85 17.39 -4.88
CA ASN D 642 -31.08 17.18 -5.63
C ASN D 642 -30.97 16.05 -6.62
N ASP D 643 -29.75 15.58 -6.93
CA ASP D 643 -29.60 14.52 -7.90
C ASP D 643 -30.14 13.19 -7.38
N PHE D 644 -29.89 12.89 -6.12
CA PHE D 644 -30.45 11.68 -5.52
C PHE D 644 -31.95 11.87 -5.39
N VAL D 645 -32.72 11.07 -6.12
CA VAL D 645 -34.17 11.20 -6.18
C VAL D 645 -34.79 10.06 -5.38
N ILE D 646 -35.57 10.41 -4.37
CA ILE D 646 -36.25 9.42 -3.56
C ILE D 646 -37.66 9.24 -4.12
N PRO D 647 -38.02 8.04 -4.55
CA PRO D 647 -39.36 7.84 -5.10
C PRO D 647 -40.42 8.11 -4.06
N ASP D 648 -41.51 8.74 -4.52
CA ASP D 648 -42.59 9.06 -3.59
C ASP D 648 -43.23 7.81 -3.01
N GLU D 649 -43.21 6.71 -3.76
CA GLU D 649 -43.80 5.47 -3.28
C GLU D 649 -42.97 4.82 -2.18
N LYS D 650 -41.75 5.28 -1.93
CA LYS D 650 -40.93 4.65 -0.90
C LYS D 650 -41.59 4.77 0.46
N ALA D 651 -42.16 5.93 0.77
CA ALA D 651 -42.82 6.11 2.05
C ALA D 651 -43.98 5.14 2.21
N ARG D 652 -44.80 5.00 1.17
CA ARG D 652 -45.93 4.08 1.25
C ARG D 652 -45.46 2.65 1.41
N ILE D 653 -44.42 2.26 0.67
CA ILE D 653 -43.91 0.89 0.76
C ILE D 653 -43.37 0.63 2.16
N ILE D 654 -42.64 1.60 2.72
CA ILE D 654 -42.10 1.44 4.06
C ILE D 654 -43.22 1.35 5.08
N ASN D 655 -44.26 2.17 4.92
CA ASN D 655 -45.40 2.08 5.84
C ASN D 655 -46.07 0.73 5.75
N ALA D 656 -46.24 0.21 4.53
CA ALA D 656 -46.83 -1.11 4.37
C ALA D 656 -45.98 -2.18 5.03
N ALA D 657 -44.67 -2.11 4.83
CA ALA D 657 -43.77 -3.08 5.44
C ALA D 657 -43.83 -3.00 6.95
N THR D 658 -43.85 -1.78 7.50
CA THR D 658 -43.92 -1.61 8.94
C THR D 658 -45.22 -2.16 9.50
N ASP D 659 -46.34 -1.90 8.82
CA ASP D 659 -47.62 -2.43 9.28
C ASP D 659 -47.61 -3.95 9.25
N GLU D 660 -47.09 -4.53 8.18
CA GLU D 660 -47.07 -5.98 8.06
C GLU D 660 -46.19 -6.60 9.14
N VAL D 661 -45.02 -6.00 9.39
CA VAL D 661 -44.12 -6.57 10.38
C VAL D 661 -44.69 -6.39 11.78
N LYS D 662 -45.40 -5.29 12.03
CA LYS D 662 -46.06 -5.13 13.32
C LYS D 662 -47.14 -6.17 13.52
N GLU D 663 -47.92 -6.44 12.47
CA GLU D 663 -48.94 -7.49 12.55
C GLU D 663 -48.30 -8.85 12.81
N ILE D 664 -47.19 -9.14 12.11
CA ILE D 664 -46.51 -10.42 12.31
C ILE D 664 -45.95 -10.51 13.72
N GLU D 665 -45.42 -9.41 14.24
CA GLU D 665 -44.89 -9.39 15.60
C GLU D 665 -46.01 -9.65 16.61
N SER D 666 -47.17 -9.03 16.39
CA SER D 666 -48.31 -9.30 17.25
C SER D 666 -48.72 -10.77 17.18
N GLN D 667 -48.72 -11.35 15.98
CA GLN D 667 -49.04 -12.75 15.82
C GLN D 667 -48.06 -13.63 16.59
N TYR D 668 -46.77 -13.30 16.52
CA TYR D 668 -45.76 -14.05 17.26
C TYR D 668 -45.97 -13.90 18.76
N ALA D 669 -46.27 -12.69 19.21
CA ALA D 669 -46.49 -12.45 20.63
C ALA D 669 -47.69 -13.24 21.13
N SER D 670 -48.72 -13.38 20.30
CA SER D 670 -49.86 -14.22 20.66
C SER D 670 -49.47 -15.70 20.76
N GLY D 671 -48.30 -16.07 20.23
CA GLY D 671 -47.83 -17.43 20.30
C GLY D 671 -48.19 -18.30 19.12
N LEU D 672 -49.09 -17.82 18.26
CA LEU D 672 -49.45 -18.60 17.07
C LEU D 672 -48.26 -18.74 16.13
N VAL D 673 -47.37 -17.76 16.11
CA VAL D 673 -46.18 -17.77 15.28
C VAL D 673 -44.97 -18.04 16.16
N THR D 674 -44.11 -18.96 15.74
CA THR D 674 -42.89 -19.24 16.46
C THR D 674 -41.81 -18.23 16.10
N GLN D 675 -40.76 -18.18 16.93
CA GLN D 675 -39.71 -17.19 16.75
C GLN D 675 -38.92 -17.45 15.47
N GLY D 676 -38.46 -18.68 15.27
CA GLY D 676 -37.64 -18.97 14.11
C GLY D 676 -38.32 -18.74 12.79
N GLU D 677 -39.55 -19.21 12.63
CA GLU D 677 -40.34 -18.94 11.45
C GLU D 677 -40.62 -17.46 11.28
N LYS D 678 -40.89 -16.75 12.38
CA LYS D 678 -41.11 -15.31 12.31
C LYS D 678 -39.89 -14.58 11.77
N TYR D 679 -38.70 -14.97 12.21
CA TYR D 679 -37.49 -14.32 11.73
C TYR D 679 -37.36 -14.45 10.22
N ASN D 680 -37.54 -15.66 9.70
CA ASN D 680 -37.46 -15.86 8.27
C ASN D 680 -38.56 -15.09 7.54
N LYS D 681 -39.76 -15.09 8.08
CA LYS D 681 -40.85 -14.37 7.43
C LYS D 681 -40.55 -12.88 7.34
N VAL D 682 -40.04 -12.30 8.43
CA VAL D 682 -39.81 -10.86 8.42
C VAL D 682 -38.63 -10.51 7.53
N ILE D 683 -37.58 -11.34 7.50
CA ILE D 683 -36.47 -11.03 6.61
C ILE D 683 -36.91 -11.17 5.16
N ASP D 684 -37.76 -12.15 4.86
CA ASP D 684 -38.30 -12.26 3.51
C ASP D 684 -39.11 -11.03 3.16
N LEU D 685 -39.96 -10.56 4.09
CA LEU D 685 -40.75 -9.37 3.86
C LEU D 685 -39.86 -8.17 3.59
N TRP D 686 -38.81 -8.02 4.39
CA TRP D 686 -37.93 -6.87 4.23
C TRP D 686 -37.16 -6.93 2.92
N SER D 687 -36.69 -8.12 2.55
CA SER D 687 -35.98 -8.27 1.28
C SER D 687 -36.89 -7.94 0.11
N LYS D 688 -38.13 -8.44 0.16
CA LYS D 688 -39.07 -8.14 -0.92
C LYS D 688 -39.36 -6.65 -0.99
N ALA D 689 -39.54 -6.02 0.17
CA ALA D 689 -39.79 -4.58 0.19
C ALA D 689 -38.61 -3.81 -0.37
N ASN D 690 -37.39 -4.21 0.00
CA ASN D 690 -36.21 -3.53 -0.49
C ASN D 690 -36.08 -3.68 -2.00
N ASP D 691 -36.34 -4.89 -2.51
CA ASP D 691 -36.30 -5.09 -3.94
C ASP D 691 -37.33 -4.24 -4.65
N GLU D 692 -38.54 -4.17 -4.10
CA GLU D 692 -39.58 -3.34 -4.70
C GLU D 692 -39.17 -1.87 -4.70
N VAL D 693 -38.60 -1.40 -3.59
CA VAL D 693 -38.17 -0.01 -3.49
C VAL D 693 -37.08 0.28 -4.51
N SER D 694 -36.10 -0.61 -4.60
CA SER D 694 -35.01 -0.40 -5.54
C SER D 694 -35.51 -0.40 -6.97
N LYS D 695 -36.40 -1.33 -7.31
CA LYS D 695 -36.95 -1.37 -8.66
C LYS D 695 -37.73 -0.10 -8.97
N ALA D 696 -38.57 0.34 -8.04
CA ALA D 696 -39.37 1.54 -8.27
C ALA D 696 -38.50 2.77 -8.42
N MET D 697 -37.49 2.91 -7.56
CA MET D 697 -36.63 4.09 -7.62
C MET D 697 -35.77 4.08 -8.87
N MET D 698 -35.30 2.90 -9.28
CA MET D 698 -34.52 2.81 -10.52
C MET D 698 -35.38 3.17 -11.71
N ALA D 699 -36.62 2.67 -11.75
CA ALA D 699 -37.52 3.03 -12.83
C ALA D 699 -37.84 4.52 -12.82
N ASN D 700 -38.02 5.10 -11.64
CA ASN D 700 -38.24 6.53 -11.54
C ASN D 700 -37.05 7.29 -12.10
N LEU D 701 -35.85 6.93 -11.67
CA LEU D 701 -34.67 7.68 -12.07
C LEU D 701 -34.39 7.54 -13.56
N SER D 702 -34.45 6.33 -14.10
CA SER D 702 -34.06 6.08 -15.48
C SER D 702 -34.92 6.88 -16.45
N LYS D 703 -36.23 6.89 -16.21
CA LYS D 703 -37.17 7.58 -17.08
C LYS D 703 -37.50 8.97 -16.57
N GLU D 704 -36.76 9.50 -15.61
CA GLU D 704 -37.06 10.79 -15.01
C GLU D 704 -36.68 11.89 -16.00
N LYS D 705 -37.47 12.00 -17.06
CA LYS D 705 -37.26 13.04 -18.05
C LYS D 705 -38.52 13.26 -18.86
N VAL D 706 -39.16 14.42 -18.68
CA VAL D 706 -40.33 14.81 -19.46
C VAL D 706 -39.98 16.06 -20.23
N VAL D 707 -40.12 16.01 -21.55
CA VAL D 707 -39.73 17.10 -22.43
C VAL D 707 -40.83 17.32 -23.45
N ASP D 708 -40.88 18.54 -23.99
CA ASP D 708 -41.88 18.91 -24.99
C ASP D 708 -41.21 19.00 -26.35
N ARG D 709 -41.78 18.31 -27.34
CA ARG D 709 -41.27 18.36 -28.71
C ARG D 709 -42.36 18.93 -29.60
N GLU D 710 -42.37 20.26 -29.74
CA GLU D 710 -43.28 20.96 -30.63
C GLU D 710 -44.73 20.57 -30.35
N GLY D 711 -45.18 20.88 -29.14
CA GLY D 711 -46.53 20.53 -28.75
C GLY D 711 -46.59 19.56 -27.58
N LYS D 712 -47.02 18.34 -27.86
CA LYS D 712 -47.22 17.35 -26.80
C LYS D 712 -45.93 17.07 -26.06
N GLU D 713 -46.01 17.06 -24.73
CA GLU D 713 -44.90 16.64 -23.90
C GLU D 713 -44.65 15.15 -24.06
N VAL D 714 -43.39 14.75 -23.95
CA VAL D 714 -42.98 13.37 -24.10
C VAL D 714 -41.96 13.05 -23.03
N ASP D 715 -41.66 11.76 -22.89
CA ASP D 715 -40.66 11.29 -21.96
C ASP D 715 -39.46 10.73 -22.70
N GLN D 716 -38.32 10.74 -22.04
CA GLN D 716 -37.07 10.29 -22.64
C GLN D 716 -36.15 9.80 -21.53
N GLU D 717 -34.97 9.34 -21.94
CA GLU D 717 -33.97 8.89 -20.97
C GLU D 717 -33.55 10.04 -20.07
N SER D 718 -33.23 9.71 -18.83
CA SER D 718 -32.88 10.73 -17.86
C SER D 718 -31.52 11.35 -18.17
N PHE D 719 -31.36 12.59 -17.73
CA PHE D 719 -30.06 13.24 -17.73
C PHE D 719 -29.66 13.71 -16.33
N ASN D 720 -30.18 13.05 -15.30
CA ASN D 720 -29.65 13.25 -13.96
C ASN D 720 -28.20 12.80 -13.90
N SER D 721 -27.33 13.68 -13.41
CA SER D 721 -25.90 13.42 -13.46
C SER D 721 -25.56 12.05 -12.89
N MET D 722 -26.09 11.74 -11.71
CA MET D 722 -25.80 10.45 -11.10
C MET D 722 -26.33 9.32 -11.97
N TYR D 723 -27.38 9.59 -12.74
CA TYR D 723 -27.88 8.56 -13.65
C TYR D 723 -26.88 8.26 -14.75
N MET D 724 -26.23 9.27 -15.32
CA MET D 724 -25.15 8.98 -16.27
C MET D 724 -23.99 8.29 -15.58
N MET D 725 -23.65 8.73 -14.37
CA MET D 725 -22.58 8.05 -13.64
C MET D 725 -22.87 6.56 -13.51
N ALA D 726 -24.10 6.19 -13.21
CA ALA D 726 -24.44 4.78 -13.08
C ALA D 726 -24.51 4.09 -14.44
N ASP D 727 -25.37 4.59 -15.33
CA ASP D 727 -25.66 3.89 -16.58
C ASP D 727 -24.44 3.81 -17.48
N SER D 728 -23.67 4.89 -17.58
CA SER D 728 -22.49 4.87 -18.44
C SER D 728 -21.46 3.85 -17.96
N GLY D 729 -21.56 3.43 -16.71
CA GLY D 729 -20.57 2.54 -16.16
C GLY D 729 -19.27 3.21 -15.81
N ALA D 730 -19.20 4.54 -15.88
CA ALA D 730 -17.96 5.24 -15.55
C ALA D 730 -17.60 5.01 -14.09
N ARG D 731 -18.57 5.11 -13.20
CA ARG D 731 -18.33 4.91 -11.78
C ARG D 731 -19.66 4.66 -11.07
N GLY D 732 -19.63 3.78 -10.09
CA GLY D 732 -20.82 3.45 -9.33
C GLY D 732 -21.44 2.15 -9.78
N SER D 733 -22.43 1.71 -9.00
CA SER D 733 -23.13 0.46 -9.27
C SER D 733 -24.55 0.55 -8.73
N ALA D 734 -25.42 -0.30 -9.28
CA ALA D 734 -26.82 -0.29 -8.87
C ALA D 734 -26.96 -0.49 -7.37
N ALA D 735 -26.13 -1.35 -6.77
CA ALA D 735 -26.16 -1.52 -5.33
C ALA D 735 -25.85 -0.22 -4.62
N GLN D 736 -24.88 0.54 -5.12
CA GLN D 736 -24.55 1.82 -4.49
C GLN D 736 -25.66 2.85 -4.66
N ILE D 737 -26.34 2.85 -5.80
CA ILE D 737 -27.54 3.67 -5.93
C ILE D 737 -28.55 3.26 -4.88
N ARG D 738 -28.68 1.96 -4.65
CA ARG D 738 -29.66 1.46 -3.68
C ARG D 738 -29.40 2.04 -2.30
N GLN D 739 -28.12 2.12 -1.89
CA GLN D 739 -27.79 2.72 -0.61
C GLN D 739 -27.87 4.23 -0.63
N LEU D 740 -27.64 4.86 -1.78
CA LEU D 740 -27.59 6.31 -1.87
C LEU D 740 -28.96 6.95 -1.89
N ALA D 741 -29.80 6.57 -2.83
CA ALA D 741 -31.13 7.14 -2.98
C ALA D 741 -32.25 6.18 -2.63
N GLY D 742 -31.97 5.10 -1.89
CA GLY D 742 -32.99 4.15 -1.51
C GLY D 742 -32.70 3.56 -0.14
N MET D 743 -33.73 2.91 0.40
CA MET D 743 -33.59 2.18 1.65
C MET D 743 -32.48 1.15 1.52
N ARG D 744 -31.63 1.08 2.55
CA ARG D 744 -30.36 0.38 2.44
C ARG D 744 -30.46 -1.13 2.65
N GLY D 745 -31.63 -1.66 2.96
CA GLY D 745 -31.70 -3.10 3.07
C GLY D 745 -31.18 -3.61 4.40
N LEU D 746 -31.01 -4.93 4.46
CA LEU D 746 -30.58 -5.60 5.68
C LEU D 746 -29.08 -5.53 5.84
N MET D 747 -28.64 -5.27 7.07
CA MET D 747 -27.24 -5.41 7.44
C MET D 747 -27.07 -6.73 8.17
N ALA D 748 -25.85 -7.26 8.11
CA ALA D 748 -25.54 -8.59 8.63
C ALA D 748 -24.74 -8.46 9.92
N LYS D 749 -25.11 -9.27 10.91
CA LYS D 749 -24.38 -9.30 12.17
C LYS D 749 -23.01 -9.95 11.97
N PRO D 750 -22.09 -9.75 12.90
CA PRO D 750 -20.78 -10.40 12.79
C PRO D 750 -20.87 -11.91 12.65
N ASP D 751 -21.89 -12.54 13.24
CA ASP D 751 -22.09 -13.97 13.05
C ASP D 751 -22.57 -14.33 11.65
N GLY D 752 -22.66 -13.35 10.75
CA GLY D 752 -23.20 -13.58 9.44
C GLY D 752 -24.71 -13.54 9.35
N SER D 753 -25.40 -13.47 10.49
CA SER D 753 -26.85 -13.39 10.49
C SER D 753 -27.29 -11.99 10.11
N ILE D 754 -28.29 -11.92 9.23
CA ILE D 754 -28.86 -10.64 8.84
C ILE D 754 -29.65 -10.08 10.01
N ILE D 755 -29.44 -8.80 10.31
CA ILE D 755 -30.18 -8.16 11.38
C ILE D 755 -31.65 -8.12 11.00
N GLU D 756 -32.51 -8.51 11.95
CA GLU D 756 -33.94 -8.58 11.64
C GLU D 756 -34.56 -7.22 11.37
N THR D 757 -33.87 -6.14 11.70
CA THR D 757 -34.37 -4.79 11.44
C THR D 757 -33.45 -4.09 10.44
N PRO D 758 -33.97 -3.63 9.31
CA PRO D 758 -33.11 -3.06 8.28
C PRO D 758 -32.85 -1.58 8.52
N ILE D 759 -32.14 -0.99 7.57
CA ILE D 759 -31.93 0.46 7.53
C ILE D 759 -32.90 1.04 6.52
N THR D 760 -33.96 1.67 7.02
CA THR D 760 -34.97 2.23 6.13
C THR D 760 -34.46 3.48 5.42
N ALA D 761 -33.49 4.16 6.02
CA ALA D 761 -33.02 5.43 5.50
C ALA D 761 -31.88 5.22 4.50
N ASN D 762 -31.77 6.17 3.58
CA ASN D 762 -30.66 6.23 2.64
C ASN D 762 -29.65 7.25 3.15
N PHE D 763 -28.58 7.44 2.37
CA PHE D 763 -27.54 8.35 2.79
C PHE D 763 -27.94 9.80 2.65
N ARG D 764 -28.76 10.13 1.65
CA ARG D 764 -29.26 11.51 1.56
C ARG D 764 -30.16 11.83 2.75
N GLU D 765 -30.93 10.85 3.22
CA GLU D 765 -31.81 11.09 4.35
C GLU D 765 -31.03 11.21 5.64
N GLY D 766 -29.86 10.58 5.72
CA GLY D 766 -29.13 10.47 6.96
C GLY D 766 -29.59 9.26 7.77
N LEU D 767 -28.71 8.79 8.64
CA LEU D 767 -28.95 7.58 9.40
C LEU D 767 -28.98 7.85 10.89
N ASN D 768 -29.73 7.01 11.60
CA ASN D 768 -29.73 7.05 13.05
C ASN D 768 -28.43 6.46 13.57
N VAL D 769 -28.17 6.67 14.86
CA VAL D 769 -26.96 6.14 15.46
C VAL D 769 -26.97 4.62 15.42
N LEU D 770 -28.12 4.01 15.61
CA LEU D 770 -28.21 2.55 15.56
C LEU D 770 -27.89 2.03 14.16
N GLN D 771 -28.53 2.60 13.15
CA GLN D 771 -28.29 2.13 11.79
C GLN D 771 -26.85 2.34 11.39
N TYR D 772 -26.28 3.48 11.77
CA TYR D 772 -24.86 3.71 11.52
C TYR D 772 -24.02 2.68 12.23
N PHE D 773 -24.41 2.31 13.45
CA PHE D 773 -23.68 1.30 14.20
C PHE D 773 -23.66 -0.04 13.46
N ILE D 774 -24.78 -0.43 12.88
CA ILE D 774 -24.82 -1.70 12.15
C ILE D 774 -24.03 -1.61 10.84
N SER D 775 -24.19 -0.51 10.11
CA SER D 775 -23.36 -0.32 8.93
C SER D 775 -21.89 -0.37 9.28
N THR D 776 -21.54 0.05 10.48
CA THR D 776 -20.17 -0.06 10.95
C THR D 776 -19.75 -1.51 11.09
N HIS D 777 -20.65 -2.36 11.60
CA HIS D 777 -20.37 -3.79 11.63
C HIS D 777 -19.98 -4.27 10.25
N GLY D 778 -20.82 -3.95 9.27
CA GLY D 778 -20.56 -4.41 7.91
C GLY D 778 -19.25 -3.89 7.33
N ALA D 779 -19.02 -2.59 7.47
CA ALA D 779 -17.84 -1.97 6.88
C ALA D 779 -16.57 -2.49 7.54
N ARG D 780 -16.57 -2.64 8.87
CA ARG D 780 -15.40 -3.17 9.54
C ARG D 780 -15.17 -4.62 9.16
N LYS D 781 -16.25 -5.39 8.96
CA LYS D 781 -16.09 -6.72 8.41
C LYS D 781 -15.29 -6.69 7.12
N GLY D 782 -15.74 -5.86 6.18
CA GLY D 782 -15.07 -5.81 4.90
C GLY D 782 -13.63 -5.36 5.00
N LEU D 783 -13.40 -4.29 5.76
CA LEU D 783 -12.06 -3.74 5.86
C LEU D 783 -11.10 -4.73 6.52
N ALA D 784 -11.55 -5.39 7.58
CA ALA D 784 -10.69 -6.38 8.23
C ALA D 784 -10.41 -7.54 7.29
N ASP D 785 -11.43 -8.01 6.56
CA ASP D 785 -11.21 -9.12 5.65
C ASP D 785 -10.24 -8.75 4.54
N THR D 786 -10.17 -7.46 4.20
CA THR D 786 -9.34 -7.02 3.08
C THR D 786 -7.88 -7.44 3.25
N ALA D 787 -7.28 -7.12 4.40
CA ALA D 787 -5.85 -7.37 4.60
C ALA D 787 -5.54 -8.86 4.54
N LEU D 788 -6.36 -9.66 5.21
CA LEU D 788 -6.12 -11.10 5.21
C LEU D 788 -6.29 -11.69 3.81
N LYS D 789 -7.28 -11.18 3.06
CA LYS D 789 -7.43 -11.63 1.68
C LYS D 789 -6.19 -11.30 0.87
N THR D 790 -5.64 -10.10 1.05
CA THR D 790 -4.43 -9.72 0.32
C THR D 790 -3.28 -10.65 0.67
N ALA D 791 -3.11 -10.95 1.95
CA ALA D 791 -2.02 -11.83 2.37
C ALA D 791 -2.19 -13.22 1.77
N ASN D 792 -3.40 -13.75 1.81
CA ASN D 792 -3.65 -15.08 1.25
C ASN D 792 -3.38 -15.09 -0.25
N SER D 793 -3.83 -14.06 -0.95
CA SER D 793 -3.61 -13.98 -2.39
C SER D 793 -2.12 -13.92 -2.70
N GLY D 794 -1.38 -13.15 -1.90
CA GLY D 794 0.06 -13.06 -2.11
C GLY D 794 0.73 -14.40 -1.93
N TYR D 795 0.38 -15.12 -0.87
CA TYR D 795 0.96 -16.45 -0.68
C TYR D 795 0.61 -17.37 -1.84
N LEU D 796 -0.65 -17.35 -2.27
CA LEU D 796 -1.07 -18.22 -3.35
C LEU D 796 -0.34 -17.91 -4.64
N THR D 797 -0.20 -16.63 -4.98
CA THR D 797 0.46 -16.29 -6.23
C THR D 797 1.96 -16.58 -6.15
N ARG D 798 2.57 -16.43 -4.97
CA ARG D 798 3.97 -16.81 -4.86
C ARG D 798 4.14 -18.31 -5.09
N ARG D 799 3.26 -19.11 -4.48
CA ARG D 799 3.33 -20.55 -4.69
C ARG D 799 3.13 -20.89 -6.16
N LEU D 800 2.19 -20.22 -6.81
CA LEU D 800 1.90 -20.50 -8.21
C LEU D 800 3.09 -20.16 -9.10
N VAL D 801 3.66 -18.96 -8.92
CA VAL D 801 4.78 -18.56 -9.76
C VAL D 801 5.99 -19.45 -9.49
N ASP D 802 6.16 -19.92 -8.25
CA ASP D 802 7.28 -20.80 -8.00
C ASP D 802 7.08 -22.19 -8.60
N VAL D 803 5.85 -22.70 -8.60
CA VAL D 803 5.61 -24.02 -9.15
C VAL D 803 5.64 -24.03 -10.68
N ALA D 804 5.51 -22.87 -11.32
CA ALA D 804 5.38 -22.81 -12.77
C ALA D 804 6.39 -21.87 -13.40
N GLN D 805 7.46 -21.54 -12.66
CA GLN D 805 8.45 -20.61 -13.20
C GLN D 805 9.21 -21.23 -14.37
N ASP D 806 9.56 -22.52 -14.26
CA ASP D 806 10.42 -23.14 -15.26
C ASP D 806 9.73 -23.32 -16.60
N LEU D 807 8.41 -23.41 -16.63
CA LEU D 807 7.71 -23.76 -17.86
C LEU D 807 7.81 -22.62 -18.87
N VAL D 808 8.37 -22.92 -20.04
CA VAL D 808 8.61 -21.93 -21.07
C VAL D 808 8.26 -22.55 -22.42
N VAL D 809 7.76 -21.74 -23.35
CA VAL D 809 7.57 -22.20 -24.71
C VAL D 809 8.93 -22.50 -25.31
N THR D 810 9.21 -23.79 -25.53
CA THR D 810 10.51 -24.22 -26.03
C THR D 810 10.42 -24.80 -27.43
N GLU D 811 9.47 -25.69 -27.67
CA GLU D 811 9.32 -26.29 -28.98
C GLU D 811 8.43 -25.39 -29.84
N ILE D 812 8.25 -25.78 -31.10
CA ILE D 812 7.35 -25.06 -31.98
C ILE D 812 6.10 -25.87 -32.32
N ASP D 813 6.17 -27.20 -32.40
CA ASP D 813 5.00 -28.01 -32.68
C ASP D 813 5.29 -29.43 -32.22
N CYS D 814 4.64 -29.85 -31.14
CA CYS D 814 4.76 -31.23 -30.71
C CYS D 814 4.18 -32.17 -31.76
N GLY D 815 3.08 -31.78 -32.39
CA GLY D 815 2.43 -32.61 -33.37
C GLY D 815 1.51 -33.67 -32.79
N THR D 816 1.32 -33.69 -31.48
CA THR D 816 0.45 -34.68 -30.88
C THR D 816 -0.99 -34.45 -31.34
N GLU D 817 -1.75 -35.54 -31.40
CA GLU D 817 -3.13 -35.50 -31.88
C GLU D 817 -4.09 -35.76 -30.74
N HIS D 818 -3.69 -35.34 -29.54
CA HIS D 818 -4.57 -35.38 -28.38
C HIS D 818 -4.92 -33.95 -27.98
N GLY D 819 -6.18 -33.76 -27.62
CA GLY D 819 -6.65 -32.46 -27.19
C GLY D 819 -7.72 -32.63 -26.15
N LEU D 820 -8.51 -31.59 -25.95
CA LEU D 820 -9.59 -31.60 -24.99
C LEU D 820 -10.91 -31.31 -25.69
N LEU D 821 -11.85 -32.24 -25.55
CA LEU D 821 -13.18 -32.05 -26.14
C LEU D 821 -13.87 -30.94 -25.34
N MET D 822 -13.93 -29.76 -25.93
CA MET D 822 -14.24 -28.54 -25.21
C MET D 822 -15.47 -27.89 -25.81
N SER D 823 -16.43 -27.55 -24.97
CA SER D 823 -17.77 -27.16 -25.38
C SER D 823 -18.20 -25.92 -24.60
N PRO D 824 -19.21 -25.20 -25.08
CA PRO D 824 -19.65 -24.00 -24.35
C PRO D 824 -20.15 -24.35 -22.97
N HIS D 825 -19.97 -23.42 -22.03
CA HIS D 825 -20.46 -23.62 -20.67
C HIS D 825 -21.98 -23.50 -20.69
N ILE D 826 -22.65 -24.63 -20.48
CA ILE D 826 -24.09 -24.72 -20.61
C ILE D 826 -24.79 -24.81 -19.25
N GLU D 827 -24.03 -25.01 -18.18
CA GLU D 827 -24.54 -25.28 -16.84
C GLU D 827 -25.79 -24.48 -16.52
N GLY D 828 -26.82 -25.18 -16.04
CA GLY D 828 -28.12 -24.60 -15.83
C GLY D 828 -28.99 -24.69 -17.05
N GLY D 829 -30.08 -23.92 -17.02
CA GLY D 829 -30.94 -23.83 -18.18
C GLY D 829 -30.48 -22.86 -19.24
N ASP D 830 -29.49 -22.03 -18.92
CA ASP D 830 -29.02 -20.99 -19.83
C ASP D 830 -27.56 -21.23 -20.20
N VAL D 831 -27.17 -20.66 -21.33
CA VAL D 831 -25.78 -20.74 -21.78
C VAL D 831 -24.95 -19.78 -20.94
N VAL D 832 -23.96 -20.32 -20.24
CA VAL D 832 -23.11 -19.48 -19.40
C VAL D 832 -22.03 -18.82 -20.24
N GLU D 833 -21.32 -19.62 -21.04
CA GLU D 833 -20.23 -19.12 -21.86
C GLU D 833 -20.41 -19.63 -23.28
N PRO D 834 -20.40 -18.76 -24.28
CA PRO D 834 -20.48 -19.22 -25.67
C PRO D 834 -19.24 -20.02 -26.03
N LEU D 835 -19.44 -20.98 -26.93
CA LEU D 835 -18.33 -21.84 -27.34
C LEU D 835 -17.24 -21.02 -28.02
N GLY D 836 -17.63 -20.09 -28.89
CA GLY D 836 -16.65 -19.34 -29.65
C GLY D 836 -15.71 -18.53 -28.77
N GLU D 837 -16.25 -17.94 -27.71
CA GLU D 837 -15.40 -17.20 -26.79
C GLU D 837 -14.39 -18.11 -26.11
N ARG D 838 -14.80 -19.34 -25.78
CA ARG D 838 -13.87 -20.27 -25.16
C ARG D 838 -12.76 -20.68 -26.11
N VAL D 839 -13.08 -20.94 -27.37
CA VAL D 839 -12.12 -21.46 -28.33
C VAL D 839 -11.28 -20.37 -28.95
N LEU D 840 -11.57 -19.11 -28.68
CA LEU D 840 -10.82 -18.02 -29.29
C LEU D 840 -9.36 -18.08 -28.84
N GLY D 841 -8.46 -17.79 -29.78
CA GLY D 841 -7.05 -17.80 -29.50
C GLY D 841 -6.44 -19.17 -29.32
N ARG D 842 -7.18 -20.24 -29.60
CA ARG D 842 -6.68 -21.59 -29.46
C ARG D 842 -6.39 -22.19 -30.83
N VAL D 843 -6.00 -23.45 -30.83
CA VAL D 843 -5.70 -24.17 -32.06
C VAL D 843 -6.41 -25.52 -32.00
N ILE D 844 -6.76 -26.04 -33.16
CA ILE D 844 -7.58 -27.24 -33.24
C ILE D 844 -6.70 -28.46 -33.05
N ALA D 845 -7.33 -29.57 -32.65
CA ALA D 845 -6.63 -30.83 -32.46
C ALA D 845 -7.05 -31.92 -33.42
N ARG D 846 -8.10 -31.69 -34.21
CA ARG D 846 -8.56 -32.68 -35.18
C ARG D 846 -9.42 -31.97 -36.21
N ASP D 847 -9.99 -32.75 -37.12
CA ASP D 847 -10.92 -32.21 -38.12
C ASP D 847 -12.12 -31.58 -37.45
N VAL D 848 -12.78 -30.68 -38.18
CA VAL D 848 -14.07 -30.14 -37.80
C VAL D 848 -15.07 -30.49 -38.88
N PHE D 849 -16.22 -31.01 -38.47
CA PHE D 849 -17.17 -31.59 -39.41
C PHE D 849 -18.51 -30.89 -39.30
N LYS D 850 -19.22 -30.88 -40.44
CA LYS D 850 -20.60 -30.43 -40.46
C LYS D 850 -21.45 -31.38 -39.63
N PRO D 851 -22.70 -31.00 -39.33
CA PRO D 851 -23.61 -31.99 -38.74
C PRO D 851 -23.70 -33.25 -39.56
N GLY D 852 -23.69 -33.12 -40.89
CA GLY D 852 -23.40 -34.24 -41.76
C GLY D 852 -21.92 -34.53 -41.73
N SER D 853 -21.58 -35.78 -41.47
CA SER D 853 -20.18 -36.16 -41.27
C SER D 853 -19.42 -36.07 -42.59
N ASP D 854 -18.11 -36.35 -42.51
CA ASP D 854 -17.18 -36.38 -43.64
C ASP D 854 -17.00 -35.03 -44.30
N GLU D 855 -17.56 -33.95 -43.75
CA GLU D 855 -17.45 -32.61 -44.32
C GLU D 855 -16.44 -31.83 -43.48
N VAL D 856 -15.18 -31.84 -43.92
CA VAL D 856 -14.10 -31.20 -43.17
C VAL D 856 -14.32 -29.69 -43.19
N ILE D 857 -14.68 -29.13 -42.04
CA ILE D 857 -14.86 -27.68 -41.94
C ILE D 857 -13.53 -26.99 -41.66
N VAL D 858 -12.96 -27.28 -40.50
CA VAL D 858 -11.64 -26.78 -40.12
C VAL D 858 -10.70 -27.98 -40.08
N PRO D 859 -9.69 -28.02 -40.93
CA PRO D 859 -8.97 -29.28 -41.16
C PRO D 859 -8.13 -29.76 -39.99
N ALA D 860 -7.26 -28.90 -39.48
CA ALA D 860 -6.18 -29.36 -38.62
C ALA D 860 -5.88 -28.27 -37.60
N GLY D 861 -4.69 -28.34 -37.03
CA GLY D 861 -4.32 -27.39 -36.01
C GLY D 861 -4.11 -26.00 -36.59
N THR D 862 -5.19 -25.40 -37.04
CA THR D 862 -5.18 -24.02 -37.50
C THR D 862 -5.67 -23.14 -36.37
N LEU D 863 -4.92 -22.07 -36.08
CA LEU D 863 -5.27 -21.17 -34.99
C LEU D 863 -6.64 -20.56 -35.20
N ILE D 864 -7.48 -20.61 -34.17
CA ILE D 864 -8.81 -20.01 -34.27
C ILE D 864 -8.69 -18.51 -34.09
N ASP D 865 -9.23 -17.76 -35.03
CA ASP D 865 -9.21 -16.31 -35.01
C ASP D 865 -10.63 -15.77 -35.14
N GLU D 866 -10.74 -14.45 -35.29
CA GLU D 866 -12.05 -13.82 -35.36
C GLU D 866 -12.83 -14.33 -36.58
N LYS D 867 -12.16 -14.43 -37.72
CA LYS D 867 -12.81 -14.99 -38.90
C LYS D 867 -13.24 -16.43 -38.64
N TRP D 868 -12.38 -17.21 -38.00
CA TRP D 868 -12.71 -18.61 -37.77
C TRP D 868 -13.81 -18.76 -36.72
N VAL D 869 -13.80 -17.93 -35.67
CA VAL D 869 -14.88 -18.05 -34.69
C VAL D 869 -16.20 -17.62 -35.30
N ASP D 870 -16.18 -16.60 -36.16
CA ASP D 870 -17.41 -16.23 -36.86
C ASP D 870 -17.85 -17.34 -37.80
N PHE D 871 -16.90 -18.03 -38.43
CA PHE D 871 -17.24 -19.16 -39.27
C PHE D 871 -17.92 -20.26 -38.46
N LEU D 872 -17.38 -20.56 -37.28
CA LEU D 872 -17.98 -21.57 -36.43
C LEU D 872 -19.38 -21.16 -35.99
N GLU D 873 -19.57 -19.89 -35.64
CA GLU D 873 -20.90 -19.41 -35.33
C GLU D 873 -21.83 -19.52 -36.53
N VAL D 874 -21.30 -19.33 -37.73
CA VAL D 874 -22.12 -19.46 -38.93
C VAL D 874 -22.64 -20.89 -39.05
N MET D 875 -21.77 -21.86 -38.82
CA MET D 875 -22.19 -23.26 -38.77
C MET D 875 -22.82 -23.52 -37.41
N SER D 876 -23.19 -24.77 -37.16
CA SER D 876 -23.82 -25.18 -35.91
C SER D 876 -22.82 -25.91 -35.02
N VAL D 877 -21.57 -25.46 -35.03
CA VAL D 877 -20.53 -26.12 -34.26
C VAL D 877 -20.86 -26.01 -32.77
N ASP D 878 -20.78 -27.13 -32.07
CA ASP D 878 -21.03 -27.17 -30.64
C ASP D 878 -19.88 -27.74 -29.84
N GLU D 879 -19.23 -28.79 -30.32
CA GLU D 879 -18.17 -29.46 -29.59
C GLU D 879 -16.93 -29.53 -30.47
N VAL D 880 -15.80 -29.13 -29.91
CA VAL D 880 -14.52 -29.17 -30.61
C VAL D 880 -13.46 -29.69 -29.64
N VAL D 881 -12.39 -30.25 -30.21
CA VAL D 881 -11.25 -30.71 -29.45
C VAL D 881 -10.05 -29.84 -29.83
N VAL D 882 -9.44 -29.22 -28.83
CA VAL D 882 -8.39 -28.23 -29.05
C VAL D 882 -7.12 -28.68 -28.34
N ARG D 883 -6.00 -28.34 -28.95
CA ARG D 883 -4.70 -28.68 -28.39
C ARG D 883 -4.46 -27.88 -27.13
N SER D 884 -3.88 -28.52 -26.13
CA SER D 884 -3.69 -27.95 -24.81
C SER D 884 -2.32 -28.32 -24.27
N PRO D 885 -1.77 -27.52 -23.35
CA PRO D 885 -0.50 -27.91 -22.74
C PRO D 885 -0.58 -29.17 -21.90
N ILE D 886 -1.78 -29.63 -21.54
CA ILE D 886 -1.88 -30.97 -20.97
C ILE D 886 -1.50 -32.02 -22.01
N THR D 887 -1.75 -31.72 -23.27
CA THR D 887 -1.13 -32.38 -24.41
C THR D 887 0.27 -31.77 -24.59
N CYS D 888 0.84 -31.87 -25.79
CA CYS D 888 2.15 -31.29 -26.08
C CYS D 888 3.24 -32.00 -25.27
N GLU D 889 3.39 -33.28 -25.60
CA GLU D 889 4.25 -34.20 -24.88
C GLU D 889 5.73 -33.84 -24.97
N THR D 890 6.06 -32.70 -25.58
CA THR D 890 7.45 -32.30 -25.72
C THR D 890 8.13 -32.23 -24.36
N ARG D 891 9.37 -32.70 -24.33
CA ARG D 891 10.13 -32.76 -23.09
C ARG D 891 10.70 -31.39 -22.73
N HIS D 892 10.59 -31.04 -21.44
CA HIS D 892 11.21 -29.85 -20.90
C HIS D 892 10.75 -28.59 -21.62
N GLY D 893 9.47 -28.30 -21.54
CA GLY D 893 8.94 -27.09 -22.15
C GLY D 893 7.51 -27.31 -22.63
N ILE D 894 7.14 -26.57 -23.66
CA ILE D 894 5.82 -26.68 -24.25
C ILE D 894 5.88 -26.15 -25.67
N CYS D 895 5.27 -26.90 -26.60
CA CYS D 895 5.20 -26.48 -27.99
C CYS D 895 4.29 -25.27 -28.15
N ALA D 896 4.50 -24.55 -29.25
CA ALA D 896 3.81 -23.29 -29.46
C ALA D 896 2.39 -23.46 -30.02
N MET D 897 2.04 -24.65 -30.51
CA MET D 897 0.66 -24.86 -30.98
C MET D 897 -0.26 -25.25 -29.82
N CYS D 898 0.13 -26.26 -29.04
CA CYS D 898 -0.76 -26.73 -27.99
C CYS D 898 -1.08 -25.63 -26.99
N TYR D 899 -0.15 -24.71 -26.79
CA TYR D 899 -0.49 -23.44 -26.16
C TYR D 899 -1.03 -22.52 -27.25
N GLY D 900 -2.17 -21.89 -26.97
CA GLY D 900 -2.89 -21.13 -27.99
C GLY D 900 -2.19 -19.86 -28.39
N ARG D 901 -2.96 -18.95 -28.96
CA ARG D 901 -2.45 -17.63 -29.30
C ARG D 901 -1.97 -16.92 -28.05
N ASP D 902 -0.95 -16.09 -28.21
CA ASP D 902 -0.55 -15.20 -27.13
C ASP D 902 -1.71 -14.29 -26.77
N LEU D 903 -1.76 -13.87 -25.51
CA LEU D 903 -2.86 -13.04 -25.08
C LEU D 903 -2.55 -11.56 -25.24
N ALA D 904 -1.34 -11.15 -24.90
CA ALA D 904 -0.95 -9.76 -25.06
C ALA D 904 -0.67 -9.43 -26.52
N ARG D 905 -0.62 -10.43 -27.39
CA ARG D 905 -0.39 -10.25 -28.81
C ARG D 905 -1.51 -10.91 -29.60
N GLY D 906 -1.88 -10.28 -30.71
CA GLY D 906 -2.80 -10.94 -31.63
C GLY D 906 -2.16 -12.10 -32.35
N HIS D 907 -0.83 -12.16 -32.35
CA HIS D 907 -0.11 -13.24 -33.02
C HIS D 907 0.01 -14.45 -32.10
N ARG D 908 0.34 -15.58 -32.71
CA ARG D 908 0.68 -16.77 -31.95
C ARG D 908 1.88 -16.49 -31.04
N VAL D 909 2.03 -17.34 -30.03
CA VAL D 909 3.15 -17.18 -29.11
C VAL D 909 4.47 -17.38 -29.85
N ASN D 910 5.54 -16.91 -29.23
CA ASN D 910 6.88 -17.04 -29.76
C ASN D 910 7.69 -17.92 -28.82
N ILE D 911 8.61 -18.70 -29.40
CA ILE D 911 9.48 -19.54 -28.61
C ILE D 911 10.30 -18.68 -27.66
N GLY D 912 10.34 -19.06 -26.40
CA GLY D 912 11.04 -18.29 -25.38
C GLY D 912 10.15 -17.43 -24.53
N GLU D 913 8.83 -17.59 -24.62
CA GLU D 913 7.91 -16.79 -23.83
C GLU D 913 7.58 -17.54 -22.55
N ALA D 914 7.85 -16.91 -21.41
CA ALA D 914 7.69 -17.54 -20.11
C ALA D 914 6.20 -17.60 -19.77
N VAL D 915 5.50 -18.48 -20.47
CA VAL D 915 4.06 -18.60 -20.27
C VAL D 915 3.75 -19.02 -18.85
N GLY D 916 4.63 -19.81 -18.24
CA GLY D 916 4.38 -20.24 -16.87
C GLY D 916 4.27 -19.07 -15.91
N VAL D 917 5.21 -18.13 -16.01
CA VAL D 917 5.16 -16.94 -15.16
C VAL D 917 3.93 -16.10 -15.51
N ILE D 918 3.66 -15.96 -16.81
CA ILE D 918 2.48 -15.20 -17.23
C ILE D 918 1.22 -15.85 -16.70
N ALA D 919 1.11 -17.18 -16.83
CA ALA D 919 -0.06 -17.87 -16.33
C ALA D 919 -0.21 -17.67 -14.82
N ALA D 920 0.89 -17.82 -14.09
CA ALA D 920 0.82 -17.70 -12.63
C ALA D 920 0.42 -16.30 -12.21
N GLN D 921 0.98 -15.28 -12.86
CA GLN D 921 0.58 -13.92 -12.53
C GLN D 921 -0.88 -13.69 -12.86
N SER D 922 -1.34 -14.16 -14.02
CA SER D 922 -2.71 -13.94 -14.42
C SER D 922 -3.68 -14.60 -13.46
N ILE D 923 -3.40 -15.83 -13.04
CA ILE D 923 -4.32 -16.53 -12.15
C ILE D 923 -4.31 -15.89 -10.77
N GLY D 924 -3.15 -15.44 -10.31
CA GLY D 924 -3.04 -14.89 -8.97
C GLY D 924 -3.34 -13.42 -8.83
N GLU D 925 -3.34 -12.66 -9.93
CA GLU D 925 -3.59 -11.23 -9.82
C GLU D 925 -4.96 -10.92 -9.23
N PRO D 926 -6.06 -11.49 -9.69
CA PRO D 926 -7.38 -11.10 -9.17
C PRO D 926 -7.72 -11.72 -7.83
N GLY D 927 -6.75 -12.26 -7.09
CA GLY D 927 -7.05 -12.86 -5.81
C GLY D 927 -7.67 -11.88 -4.84
N THR D 928 -7.25 -10.61 -4.89
CA THR D 928 -7.80 -9.59 -4.01
C THR D 928 -9.29 -9.41 -4.22
N GLN D 929 -9.76 -9.50 -5.46
CA GLN D 929 -11.17 -9.26 -5.74
C GLN D 929 -12.07 -10.37 -5.21
N LEU D 930 -11.53 -11.50 -4.81
CA LEU D 930 -12.34 -12.59 -4.30
C LEU D 930 -12.69 -12.33 -2.83
N THR D 931 -13.29 -13.34 -2.21
CA THR D 931 -13.64 -13.26 -0.79
C THR D 931 -12.99 -14.41 -0.03
N ALA D 947 -35.83 -29.09 -7.16
CA ALA D 947 -34.86 -30.11 -7.55
C ALA D 947 -35.55 -31.46 -7.65
N ASP D 948 -36.87 -31.45 -7.82
CA ASP D 948 -37.65 -32.68 -7.86
C ASP D 948 -37.73 -33.24 -9.28
N ASN D 949 -38.31 -32.47 -10.20
CA ASN D 949 -38.52 -32.90 -11.56
C ASN D 949 -37.58 -32.12 -12.49
N VAL D 950 -37.67 -32.42 -13.77
CA VAL D 950 -36.86 -31.74 -14.78
C VAL D 950 -37.72 -30.72 -15.50
N GLN D 951 -37.39 -29.43 -15.31
CA GLN D 951 -38.17 -28.31 -15.80
C GLN D 951 -37.41 -27.69 -16.97
N VAL D 952 -37.94 -27.84 -18.19
CA VAL D 952 -37.27 -27.28 -19.35
C VAL D 952 -37.41 -25.77 -19.34
N LYS D 953 -36.39 -25.07 -19.86
CA LYS D 953 -36.46 -23.61 -19.90
C LYS D 953 -37.21 -23.13 -21.13
N ASN D 954 -36.69 -23.45 -22.32
CA ASN D 954 -37.22 -22.92 -23.56
C ASN D 954 -37.73 -24.06 -24.44
N GLY D 955 -38.20 -23.70 -25.63
CA GLY D 955 -38.67 -24.67 -26.59
C GLY D 955 -37.55 -25.23 -27.44
N GLY D 956 -37.33 -26.54 -27.39
CA GLY D 956 -36.26 -27.15 -28.15
C GLY D 956 -36.43 -28.65 -28.33
N THR D 957 -35.67 -29.22 -29.26
CA THR D 957 -35.71 -30.66 -29.49
C THR D 957 -35.07 -31.39 -28.32
N ILE D 958 -35.72 -32.44 -27.86
CA ILE D 958 -35.24 -33.20 -26.71
C ILE D 958 -34.32 -34.32 -27.17
N ARG D 959 -33.15 -34.40 -26.55
CA ARG D 959 -32.21 -35.48 -26.83
C ARG D 959 -31.70 -36.04 -25.51
N LEU D 960 -31.36 -37.33 -25.53
CA LEU D 960 -30.90 -38.02 -24.34
C LEU D 960 -29.43 -38.39 -24.48
N HIS D 961 -28.69 -38.25 -23.38
CA HIS D 961 -27.26 -38.53 -23.36
C HIS D 961 -26.97 -39.46 -22.20
N ASN D 962 -26.23 -40.54 -22.48
CA ASN D 962 -25.84 -41.53 -21.46
C ASN D 962 -27.06 -42.10 -20.74
N LEU D 963 -28.14 -42.30 -21.48
CA LEU D 963 -29.38 -42.80 -20.90
C LEU D 963 -29.48 -44.31 -21.10
N LYS D 964 -29.73 -45.01 -20.00
CA LYS D 964 -29.86 -46.48 -20.01
C LYS D 964 -31.02 -46.85 -19.10
N HIS D 965 -32.17 -47.16 -19.68
CA HIS D 965 -33.35 -47.49 -18.91
C HIS D 965 -34.37 -48.17 -19.82
N VAL D 966 -35.19 -49.04 -19.23
CA VAL D 966 -36.22 -49.77 -19.94
C VAL D 966 -37.56 -49.11 -19.68
N VAL D 967 -38.39 -49.06 -20.73
CA VAL D 967 -39.66 -48.36 -20.63
C VAL D 967 -40.56 -49.03 -19.61
N ARG D 968 -41.35 -48.21 -18.92
CA ARG D 968 -42.31 -48.72 -17.94
C ARG D 968 -43.47 -49.40 -18.68
N ALA D 969 -44.42 -49.93 -17.90
CA ALA D 969 -45.60 -50.54 -18.50
C ALA D 969 -46.38 -49.53 -19.32
N ASP D 970 -46.53 -48.32 -18.82
CA ASP D 970 -47.19 -47.25 -19.54
C ASP D 970 -46.23 -46.43 -20.40
N GLY D 971 -44.95 -46.78 -20.41
CA GLY D 971 -43.98 -46.05 -21.20
C GLY D 971 -43.37 -44.89 -20.45
N ALA D 972 -43.50 -44.90 -19.12
CA ALA D 972 -42.95 -43.83 -18.31
C ALA D 972 -41.43 -43.77 -18.42
N LEU D 973 -40.79 -44.92 -18.62
CA LEU D 973 -39.34 -45.03 -18.79
C LEU D 973 -38.62 -44.40 -17.60
N VAL D 974 -38.82 -45.02 -16.45
CA VAL D 974 -38.16 -44.62 -15.22
C VAL D 974 -36.71 -45.07 -15.29
N ALA D 975 -35.79 -44.13 -15.06
CA ALA D 975 -34.36 -44.39 -15.18
C ALA D 975 -33.75 -44.52 -13.79
N VAL D 976 -33.62 -45.76 -13.32
CA VAL D 976 -32.91 -45.99 -12.06
C VAL D 976 -31.41 -45.83 -12.22
N SER D 977 -30.92 -45.74 -13.45
CA SER D 977 -29.49 -45.56 -13.68
C SER D 977 -29.03 -44.20 -13.16
N ARG D 978 -27.87 -44.20 -12.50
CA ARG D 978 -27.34 -42.96 -11.96
C ARG D 978 -26.80 -42.04 -13.04
N SER D 979 -26.04 -42.59 -13.99
CA SER D 979 -25.46 -41.78 -15.06
C SER D 979 -26.53 -41.52 -16.12
N GLY D 980 -26.83 -40.25 -16.35
CA GLY D 980 -27.81 -39.87 -17.35
C GLY D 980 -28.12 -38.39 -17.34
N GLU D 981 -28.19 -37.80 -18.53
CA GLU D 981 -28.45 -36.37 -18.63
C GLU D 981 -29.44 -36.13 -19.76
N LEU D 982 -30.17 -35.03 -19.65
CA LEU D 982 -31.16 -34.63 -20.65
C LEU D 982 -30.68 -33.35 -21.31
N ALA D 983 -30.63 -33.35 -22.63
CA ALA D 983 -30.19 -32.20 -23.40
C ALA D 983 -31.30 -31.77 -24.36
N VAL D 984 -31.62 -30.49 -24.31
CA VAL D 984 -32.65 -29.90 -25.16
C VAL D 984 -31.93 -29.25 -26.33
N ALA D 985 -31.80 -30.00 -27.43
CA ALA D 985 -31.13 -29.48 -28.61
C ALA D 985 -31.96 -28.39 -29.26
N ASP D 986 -31.28 -27.38 -29.80
CA ASP D 986 -31.95 -26.30 -30.50
C ASP D 986 -32.40 -26.77 -31.88
N ASP D 987 -33.16 -25.91 -32.56
CA ASP D 987 -33.57 -26.21 -33.93
C ASP D 987 -32.37 -26.36 -34.85
N PHE D 988 -31.30 -25.60 -34.57
CA PHE D 988 -30.05 -25.82 -35.29
C PHE D 988 -29.45 -27.17 -34.95
N GLY D 989 -29.63 -27.63 -33.71
CA GLY D 989 -29.13 -28.93 -33.30
C GLY D 989 -28.31 -28.86 -32.02
N ARG D 990 -27.76 -27.68 -31.73
CA ARG D 990 -26.93 -27.51 -30.56
C ARG D 990 -27.78 -27.56 -29.29
N GLU D 991 -27.20 -28.07 -28.21
CA GLU D 991 -27.89 -28.19 -26.93
C GLU D 991 -27.87 -26.85 -26.23
N ARG D 992 -28.99 -26.12 -26.30
CA ARG D 992 -29.08 -24.83 -25.63
C ARG D 992 -29.09 -24.97 -24.12
N GLU D 993 -29.47 -26.14 -23.61
CA GLU D 993 -29.44 -26.39 -22.17
C GLU D 993 -29.29 -27.88 -21.95
N ARG D 994 -28.79 -28.23 -20.77
CA ARG D 994 -28.64 -29.62 -20.38
C ARG D 994 -29.12 -29.79 -18.94
N TYR D 995 -29.69 -30.96 -18.66
CA TYR D 995 -30.17 -31.29 -17.33
C TYR D 995 -29.68 -32.68 -16.95
N LYS D 996 -29.41 -32.87 -15.67
CA LYS D 996 -28.94 -34.14 -15.15
C LYS D 996 -30.13 -34.95 -14.65
N LEU D 997 -30.26 -36.18 -15.14
CA LEU D 997 -31.39 -37.01 -14.80
C LEU D 997 -31.07 -37.87 -13.59
N PRO D 998 -31.79 -37.72 -12.48
CA PRO D 998 -31.51 -38.53 -11.30
C PRO D 998 -32.00 -39.96 -11.48
N TYR D 999 -31.51 -40.83 -10.60
CA TYR D 999 -31.97 -42.22 -10.58
C TYR D 999 -33.46 -42.27 -10.26
N GLY D 1000 -34.17 -43.19 -10.91
CA GLY D 1000 -35.60 -43.29 -10.71
C GLY D 1000 -36.38 -42.09 -11.20
N ALA D 1001 -36.06 -41.59 -12.41
CA ALA D 1001 -36.73 -40.45 -12.99
C ALA D 1001 -37.68 -40.90 -14.08
N VAL D 1002 -38.95 -40.55 -13.94
CA VAL D 1002 -39.96 -40.85 -14.95
C VAL D 1002 -40.02 -39.67 -15.91
N ILE D 1003 -39.88 -39.94 -17.20
CA ILE D 1003 -39.73 -38.90 -18.20
C ILE D 1003 -40.69 -39.16 -19.35
N SER D 1004 -41.35 -38.09 -19.80
CA SER D 1004 -42.21 -38.15 -20.98
C SER D 1004 -41.30 -38.17 -22.20
N VAL D 1005 -40.93 -39.38 -22.64
CA VAL D 1005 -39.90 -39.55 -23.65
C VAL D 1005 -40.52 -39.32 -25.02
N LYS D 1006 -40.14 -38.22 -25.65
CA LYS D 1006 -40.52 -37.88 -27.02
C LYS D 1006 -39.29 -37.42 -27.79
N GLU D 1007 -38.23 -38.21 -27.71
CA GLU D 1007 -36.91 -37.81 -28.21
C GLU D 1007 -36.98 -37.23 -29.61
N GLY D 1008 -36.60 -35.96 -29.72
CA GLY D 1008 -36.67 -35.24 -30.97
C GLY D 1008 -37.85 -34.29 -31.09
N ASP D 1009 -38.87 -34.45 -30.25
CA ASP D 1009 -40.06 -33.62 -30.32
C ASP D 1009 -39.85 -32.33 -29.54
N LYS D 1010 -40.10 -31.20 -30.19
CA LYS D 1010 -39.93 -29.91 -29.54
C LYS D 1010 -40.92 -29.77 -28.39
N VAL D 1011 -40.39 -29.53 -27.19
CA VAL D 1011 -41.19 -29.38 -25.98
C VAL D 1011 -41.35 -27.89 -25.71
N ASP D 1012 -42.57 -27.47 -25.37
CA ASP D 1012 -42.83 -26.07 -25.13
C ASP D 1012 -42.03 -25.57 -23.92
N PRO D 1013 -41.69 -24.29 -23.90
CA PRO D 1013 -40.94 -23.75 -22.76
C PRO D 1013 -41.69 -23.94 -21.45
N GLY D 1014 -40.94 -24.27 -20.41
CA GLY D 1014 -41.52 -24.48 -19.09
C GLY D 1014 -42.15 -25.83 -18.86
N ALA D 1015 -42.14 -26.71 -19.85
CA ALA D 1015 -42.69 -28.04 -19.67
C ALA D 1015 -41.82 -28.87 -18.73
N ILE D 1016 -42.49 -29.68 -17.91
CA ILE D 1016 -41.77 -30.63 -17.07
C ILE D 1016 -41.79 -31.97 -17.77
N VAL D 1017 -40.80 -32.21 -18.62
CA VAL D 1017 -40.79 -33.43 -19.42
C VAL D 1017 -40.55 -34.66 -18.55
N ALA D 1018 -39.58 -34.58 -17.64
CA ALA D 1018 -39.30 -35.65 -16.71
C ALA D 1018 -39.95 -35.32 -15.37
N LYS D 1019 -40.55 -36.32 -14.75
CA LYS D 1019 -41.31 -36.10 -13.52
C LYS D 1019 -40.67 -36.87 -12.37
N TRP D 1020 -39.35 -36.76 -12.25
CA TRP D 1020 -38.67 -37.34 -11.11
C TRP D 1020 -39.16 -36.70 -9.82
N ASP D 1021 -39.09 -37.48 -8.75
CA ASP D 1021 -39.43 -36.99 -7.41
C ASP D 1021 -38.81 -37.91 -6.38
N PRO D 1022 -37.48 -37.95 -6.26
CA PRO D 1022 -36.87 -38.97 -5.40
C PRO D 1022 -37.32 -38.87 -3.96
N HIS D 1023 -37.01 -37.77 -3.28
CA HIS D 1023 -37.46 -37.53 -1.91
C HIS D 1023 -37.02 -38.65 -0.96
N THR D 1024 -36.28 -39.60 -1.50
CA THR D 1024 -36.03 -40.91 -0.92
C THR D 1024 -35.11 -41.65 -1.87
N HIS D 1025 -34.66 -42.84 -1.46
CA HIS D 1025 -33.94 -43.71 -2.38
C HIS D 1025 -34.88 -44.80 -2.85
N PRO D 1026 -35.58 -44.62 -3.97
CA PRO D 1026 -36.50 -45.67 -4.44
C PRO D 1026 -35.74 -46.85 -4.99
N ILE D 1027 -36.26 -48.04 -4.74
CA ILE D 1027 -35.67 -49.28 -5.21
C ILE D 1027 -36.49 -49.75 -6.41
N VAL D 1028 -35.94 -49.57 -7.61
CA VAL D 1028 -36.69 -49.90 -8.82
C VAL D 1028 -36.83 -51.41 -8.95
N THR D 1029 -37.80 -51.81 -9.77
CA THR D 1029 -38.08 -53.22 -10.03
C THR D 1029 -38.26 -53.38 -11.54
N GLU D 1030 -37.16 -53.67 -12.25
CA GLU D 1030 -37.22 -53.87 -13.69
C GLU D 1030 -37.94 -55.16 -14.06
N VAL D 1031 -38.15 -56.06 -13.10
CA VAL D 1031 -38.82 -57.33 -13.37
C VAL D 1031 -40.28 -57.22 -12.96
N ASP D 1032 -41.10 -58.16 -13.41
CA ASP D 1032 -42.54 -58.15 -13.16
C ASP D 1032 -42.97 -59.48 -12.55
N GLY D 1033 -44.13 -59.46 -11.90
CA GLY D 1033 -44.73 -60.63 -11.32
C GLY D 1033 -44.98 -60.47 -9.83
N THR D 1034 -45.64 -61.48 -9.27
CA THR D 1034 -45.99 -61.50 -7.85
C THR D 1034 -44.75 -61.86 -7.04
N VAL D 1035 -44.20 -60.88 -6.33
CA VAL D 1035 -42.99 -61.11 -5.56
C VAL D 1035 -43.31 -61.90 -4.29
N ALA D 1036 -42.25 -62.39 -3.66
CA ALA D 1036 -42.36 -63.15 -2.41
C ALA D 1036 -41.42 -62.50 -1.39
N PHE D 1037 -41.98 -61.65 -0.53
CA PHE D 1037 -41.20 -60.96 0.50
C PHE D 1037 -40.85 -61.97 1.59
N VAL D 1038 -39.79 -62.73 1.35
CA VAL D 1038 -39.35 -63.79 2.25
C VAL D 1038 -38.49 -63.17 3.34
N GLY D 1039 -38.67 -63.65 4.57
CA GLY D 1039 -37.93 -63.13 5.70
C GLY D 1039 -38.44 -61.81 6.23
N MET D 1040 -39.59 -61.34 5.75
CA MET D 1040 -40.18 -60.08 6.20
C MET D 1040 -40.97 -60.36 7.47
N GLU D 1041 -40.28 -60.43 8.60
CA GLU D 1041 -40.89 -60.73 9.88
C GLU D 1041 -41.43 -59.44 10.50
N GLU D 1042 -42.69 -59.46 10.90
CA GLU D 1042 -43.34 -58.28 11.46
C GLU D 1042 -42.83 -58.08 12.89
N GLY D 1043 -41.75 -57.31 13.00
CA GLY D 1043 -41.16 -57.02 14.29
C GLY D 1043 -39.70 -57.39 14.36
N ILE D 1044 -39.30 -58.42 13.64
CA ILE D 1044 -37.93 -58.89 13.59
C ILE D 1044 -37.21 -58.41 12.34
N THR D 1045 -37.93 -58.24 11.24
CA THR D 1045 -37.37 -57.71 10.01
C THR D 1045 -38.22 -56.60 9.40
N VAL D 1046 -39.54 -56.67 9.57
CA VAL D 1046 -40.45 -55.66 9.05
C VAL D 1046 -41.42 -55.26 10.16
N LYS D 1047 -42.26 -54.26 9.90
CA LYS D 1047 -43.28 -53.86 10.87
C LYS D 1047 -44.37 -53.09 10.14
N ARG D 1048 -45.61 -53.60 10.19
CA ARG D 1048 -46.74 -52.96 9.53
C ARG D 1048 -47.20 -51.76 10.36
N GLN D 1049 -46.33 -50.76 10.42
CA GLN D 1049 -46.60 -49.54 11.16
C GLN D 1049 -47.23 -48.53 10.21
N THR D 1050 -48.45 -48.13 10.50
CA THR D 1050 -49.22 -47.22 9.65
C THR D 1050 -49.38 -45.87 10.34
N ASP D 1051 -49.34 -44.80 9.55
CA ASP D 1051 -49.39 -43.44 10.08
C ASP D 1051 -50.83 -43.07 10.43
N GLU D 1052 -51.01 -41.88 10.98
CA GLU D 1052 -52.33 -41.43 11.39
C GLU D 1052 -53.18 -41.05 10.18
N LEU D 1053 -54.50 -41.09 10.38
CA LEU D 1053 -55.47 -40.83 9.32
C LEU D 1053 -55.27 -41.77 8.14
N THR D 1054 -54.85 -43.00 8.42
CA THR D 1054 -54.54 -44.00 7.40
C THR D 1054 -53.54 -43.42 6.38
N GLY D 1055 -52.54 -42.71 6.89
CA GLY D 1055 -51.56 -42.07 6.03
C GLY D 1055 -50.79 -43.03 5.14
N LEU D 1056 -50.71 -44.30 5.52
CA LEU D 1056 -50.04 -45.31 4.70
C LEU D 1056 -50.52 -46.68 5.12
N THR D 1057 -50.70 -47.57 4.15
CA THR D 1057 -50.96 -48.99 4.40
C THR D 1057 -49.74 -49.75 3.90
N ASN D 1058 -48.73 -49.86 4.77
CA ASN D 1058 -47.44 -50.40 4.37
C ASN D 1058 -46.85 -51.17 5.54
N ILE D 1059 -45.67 -51.73 5.32
CA ILE D 1059 -44.91 -52.41 6.37
C ILE D 1059 -43.50 -51.84 6.36
N GLU D 1060 -43.07 -51.32 7.52
CA GLU D 1060 -41.75 -50.71 7.65
C GLU D 1060 -40.75 -51.73 8.17
N VAL D 1061 -39.62 -51.85 7.48
CA VAL D 1061 -38.62 -52.84 7.82
C VAL D 1061 -37.95 -52.49 9.14
N MET D 1062 -37.66 -53.51 9.93
CA MET D 1062 -37.03 -53.34 11.23
C MET D 1062 -35.53 -53.10 11.09
N ASP D 1063 -35.00 -52.19 11.90
CA ASP D 1063 -33.59 -51.85 11.81
C ASP D 1063 -32.73 -53.03 12.24
N PRO D 1064 -31.51 -53.15 11.73
CA PRO D 1064 -30.64 -54.25 12.16
C PRO D 1064 -30.34 -54.26 13.64
N LYS D 1065 -30.34 -53.09 14.30
CA LYS D 1065 -30.16 -53.01 15.74
C LYS D 1065 -31.50 -53.02 16.49
N ASP D 1066 -32.51 -52.32 15.96
CA ASP D 1066 -33.81 -52.30 16.59
C ASP D 1066 -34.58 -53.60 16.44
N ARG D 1067 -34.09 -54.53 15.62
CA ARG D 1067 -34.75 -55.81 15.42
C ARG D 1067 -34.53 -56.69 16.64
N PRO D 1068 -35.13 -57.88 16.65
CA PRO D 1068 -34.85 -58.84 17.72
C PRO D 1068 -33.42 -59.37 17.61
N ALA D 1069 -33.02 -60.11 18.65
CA ALA D 1069 -31.68 -60.69 18.64
C ALA D 1069 -31.48 -61.62 17.46
N ALA D 1070 -32.46 -62.50 17.19
CA ALA D 1070 -32.47 -63.28 15.96
C ALA D 1070 -32.90 -62.46 14.76
N GLY D 1071 -33.81 -61.52 14.93
CA GLY D 1071 -34.23 -60.64 13.85
C GLY D 1071 -33.18 -59.64 13.42
N LYS D 1072 -32.17 -59.40 14.26
CA LYS D 1072 -31.06 -58.55 13.85
C LYS D 1072 -30.34 -59.13 12.65
N ASP D 1073 -30.13 -60.45 12.64
CA ASP D 1073 -29.53 -61.11 11.49
C ASP D 1073 -30.55 -61.39 10.38
N ILE D 1074 -31.85 -61.27 10.67
CA ILE D 1074 -32.88 -61.50 9.68
C ILE D 1074 -33.02 -60.27 8.81
N ARG D 1075 -32.92 -60.46 7.50
CA ARG D 1075 -33.05 -59.38 6.54
C ARG D 1075 -34.16 -59.72 5.57
N PRO D 1076 -35.13 -58.83 5.36
CA PRO D 1076 -36.21 -59.10 4.40
C PRO D 1076 -35.65 -59.28 3.00
N ALA D 1077 -36.24 -60.21 2.24
CA ALA D 1077 -35.82 -60.49 0.89
C ALA D 1077 -37.05 -60.78 0.05
N VAL D 1078 -37.31 -59.93 -0.94
CA VAL D 1078 -38.45 -60.10 -1.83
C VAL D 1078 -37.99 -61.01 -2.97
N LYS D 1079 -38.27 -62.30 -2.83
CA LYS D 1079 -37.88 -63.26 -3.86
C LYS D 1079 -38.62 -62.97 -5.15
N LEU D 1080 -37.87 -62.83 -6.24
CA LEU D 1080 -38.43 -62.43 -7.52
C LEU D 1080 -39.19 -63.61 -8.13
N ILE D 1081 -40.48 -63.67 -7.87
CA ILE D 1081 -41.36 -64.66 -8.48
C ILE D 1081 -42.30 -63.94 -9.43
N ASP D 1082 -42.76 -64.66 -10.45
CA ASP D 1082 -43.71 -64.10 -11.41
C ASP D 1082 -45.10 -64.08 -10.78
N ALA D 1083 -46.10 -63.71 -11.58
CA ALA D 1083 -47.46 -63.67 -11.06
C ALA D 1083 -47.98 -65.05 -10.73
N ALA D 1084 -47.59 -66.07 -11.49
CA ALA D 1084 -48.05 -67.43 -11.26
C ALA D 1084 -47.11 -68.24 -10.38
N GLY D 1085 -45.87 -67.81 -10.21
CA GLY D 1085 -44.92 -68.53 -9.38
C GLY D 1085 -43.63 -68.86 -10.09
N LYS D 1086 -43.39 -68.24 -11.24
CA LYS D 1086 -42.16 -68.46 -11.99
C LYS D 1086 -41.05 -67.58 -11.43
N ASP D 1087 -39.93 -68.21 -11.08
CA ASP D 1087 -38.80 -67.47 -10.53
C ASP D 1087 -38.22 -66.55 -11.61
N LEU D 1088 -38.04 -65.28 -11.25
CA LEU D 1088 -37.47 -64.29 -12.14
C LEU D 1088 -36.06 -63.95 -11.69
N LEU D 1089 -35.16 -63.78 -12.66
CA LEU D 1089 -33.77 -63.51 -12.34
C LEU D 1089 -33.29 -62.35 -13.20
N LEU D 1090 -32.37 -61.58 -12.64
CA LEU D 1090 -31.82 -60.42 -13.33
C LEU D 1090 -31.02 -60.84 -14.55
N PRO D 1091 -31.02 -60.02 -15.60
CA PRO D 1091 -30.21 -60.34 -16.77
C PRO D 1091 -28.73 -60.32 -16.43
N GLY D 1092 -28.00 -61.25 -17.03
CA GLY D 1092 -26.56 -61.30 -16.83
C GLY D 1092 -26.09 -62.22 -15.71
N THR D 1093 -26.77 -62.16 -14.56
CA THR D 1093 -26.37 -62.93 -13.39
C THR D 1093 -27.57 -63.73 -12.90
N ASP D 1094 -27.32 -65.01 -12.59
CA ASP D 1094 -28.41 -65.97 -12.46
C ASP D 1094 -29.32 -65.67 -11.26
N VAL D 1095 -28.87 -64.88 -10.30
CA VAL D 1095 -29.66 -64.71 -9.08
C VAL D 1095 -30.90 -63.88 -9.39
N PRO D 1096 -31.98 -64.01 -8.62
CA PRO D 1096 -33.11 -63.10 -8.78
C PRO D 1096 -32.72 -61.68 -8.39
N ALA D 1097 -33.50 -60.71 -8.85
CA ALA D 1097 -33.29 -59.34 -8.42
C ALA D 1097 -33.93 -59.14 -7.06
N GLN D 1098 -33.61 -60.04 -6.12
CA GLN D 1098 -34.20 -60.05 -4.79
C GLN D 1098 -33.34 -59.16 -3.90
N TYR D 1099 -33.40 -57.86 -4.15
CA TYR D 1099 -32.66 -56.93 -3.31
C TYR D 1099 -33.23 -56.96 -1.89
N PHE D 1100 -32.34 -56.93 -0.90
CA PHE D 1100 -32.78 -56.91 0.48
C PHE D 1100 -33.53 -55.62 0.77
N LEU D 1101 -34.46 -55.70 1.72
CA LEU D 1101 -35.23 -54.55 2.13
C LEU D 1101 -34.71 -54.03 3.46
N PRO D 1102 -33.77 -53.08 3.44
CA PRO D 1102 -33.17 -52.62 4.70
C PRO D 1102 -34.12 -51.76 5.51
N ALA D 1103 -33.66 -51.28 6.66
CA ALA D 1103 -34.48 -50.40 7.48
C ALA D 1103 -34.77 -49.10 6.73
N ASN D 1104 -35.73 -48.34 7.26
CA ASN D 1104 -36.14 -47.04 6.70
C ASN D 1104 -36.56 -47.18 5.24
N ALA D 1105 -37.09 -48.35 4.92
CA ALA D 1105 -37.60 -48.63 3.58
C ALA D 1105 -39.12 -48.60 3.61
N LEU D 1106 -39.69 -48.45 2.41
CA LEU D 1106 -41.15 -48.34 2.26
C LEU D 1106 -41.58 -49.35 1.21
N VAL D 1107 -42.20 -50.44 1.65
CA VAL D 1107 -42.77 -51.44 0.76
C VAL D 1107 -44.27 -51.30 0.84
N ASN D 1108 -44.84 -50.47 -0.03
CA ASN D 1108 -46.29 -50.28 -0.05
C ASN D 1108 -46.97 -51.34 -0.91
N LEU D 1109 -46.29 -51.84 -1.93
CA LEU D 1109 -46.83 -52.94 -2.72
C LEU D 1109 -47.04 -54.16 -1.85
N THR D 1110 -48.22 -54.76 -1.97
CA THR D 1110 -48.53 -55.95 -1.19
C THR D 1110 -47.61 -57.09 -1.58
N ASP D 1111 -47.20 -57.88 -0.59
CA ASP D 1111 -46.44 -59.10 -0.88
C ASP D 1111 -47.31 -60.02 -1.73
N GLY D 1112 -46.74 -60.56 -2.80
CA GLY D 1112 -47.51 -61.37 -3.73
C GLY D 1112 -48.30 -60.59 -4.75
N ALA D 1113 -48.15 -59.28 -4.79
CA ALA D 1113 -48.83 -58.45 -5.79
C ALA D 1113 -47.91 -58.22 -6.98
N LYS D 1114 -48.44 -58.47 -8.18
CA LYS D 1114 -47.65 -58.30 -9.40
C LYS D 1114 -47.32 -56.83 -9.63
N VAL D 1115 -46.04 -56.50 -9.64
CA VAL D 1115 -45.57 -55.15 -9.84
C VAL D 1115 -45.00 -55.02 -11.25
N SER D 1116 -45.38 -53.95 -11.94
CA SER D 1116 -44.89 -53.71 -13.30
C SER D 1116 -43.40 -53.38 -13.29
N ILE D 1117 -42.83 -53.31 -14.48
CA ILE D 1117 -41.40 -53.00 -14.62
C ILE D 1117 -41.16 -51.58 -14.14
N GLY D 1118 -40.13 -51.40 -13.32
CA GLY D 1118 -39.80 -50.11 -12.77
C GLY D 1118 -40.52 -49.75 -11.49
N ASP D 1119 -41.06 -50.73 -10.77
CA ASP D 1119 -41.77 -50.45 -9.54
C ASP D 1119 -40.81 -50.08 -8.42
N VAL D 1120 -41.16 -49.03 -7.68
CA VAL D 1120 -40.37 -48.59 -6.53
C VAL D 1120 -40.64 -49.56 -5.38
N VAL D 1121 -39.73 -50.51 -5.17
CA VAL D 1121 -39.93 -51.54 -4.16
C VAL D 1121 -39.74 -50.95 -2.76
N ALA D 1122 -38.57 -50.38 -2.51
CA ALA D 1122 -38.24 -49.80 -1.22
C ALA D 1122 -37.82 -48.35 -1.38
N ARG D 1123 -38.19 -47.52 -0.41
CA ARG D 1123 -37.91 -46.08 -0.44
C ARG D 1123 -37.11 -45.72 0.79
N ILE D 1124 -35.92 -45.15 0.58
CA ILE D 1124 -35.02 -44.82 1.69
C ILE D 1124 -34.68 -43.33 1.65
N PRO D 1125 -35.22 -42.52 2.55
CA PRO D 1125 -34.94 -41.08 2.51
C PRO D 1125 -33.46 -40.80 2.68
N GLN D 1126 -33.00 -39.77 1.97
CA GLN D 1126 -31.60 -39.40 1.96
C GLN D 1126 -31.17 -38.77 3.29
N THR D 1135 -15.54 -23.66 0.88
CA THR D 1135 -16.71 -23.41 0.06
C THR D 1135 -16.35 -22.62 -1.19
N GLY D 1136 -16.07 -21.33 -1.01
CA GLY D 1136 -15.76 -20.46 -2.13
C GLY D 1136 -14.67 -19.48 -1.78
N GLY D 1137 -14.26 -18.71 -2.76
CA GLY D 1137 -13.22 -17.71 -2.57
C GLY D 1137 -11.83 -18.31 -2.61
N LEU D 1138 -10.88 -17.53 -2.10
CA LEU D 1138 -9.50 -17.97 -2.07
C LEU D 1138 -9.30 -19.32 -1.39
N PRO D 1139 -9.95 -19.63 -0.26
CA PRO D 1139 -9.79 -20.98 0.29
C PRO D 1139 -10.15 -22.07 -0.69
N ARG D 1140 -11.21 -21.89 -1.47
CA ARG D 1140 -11.62 -22.94 -2.40
C ARG D 1140 -10.58 -23.14 -3.50
N VAL D 1141 -10.09 -22.05 -4.09
CA VAL D 1141 -9.12 -22.19 -5.17
C VAL D 1141 -7.81 -22.73 -4.63
N ALA D 1142 -7.40 -22.32 -3.43
CA ALA D 1142 -6.20 -22.89 -2.84
C ALA D 1142 -6.36 -24.37 -2.59
N ASP D 1143 -7.53 -24.78 -2.09
CA ASP D 1143 -7.80 -26.19 -1.86
C ASP D 1143 -7.74 -26.98 -3.15
N LEU D 1144 -8.29 -26.41 -4.23
CA LEU D 1144 -8.22 -27.07 -5.53
C LEU D 1144 -6.78 -27.21 -5.99
N PHE D 1145 -6.01 -26.13 -5.89
CA PHE D 1145 -4.62 -26.15 -6.35
C PHE D 1145 -3.74 -27.06 -5.52
N GLU D 1146 -4.10 -27.34 -4.27
CA GLU D 1146 -3.39 -28.35 -3.51
C GLU D 1146 -3.99 -29.74 -3.70
N ALA D 1147 -5.17 -29.82 -4.28
CA ALA D 1147 -5.84 -31.11 -4.47
C ALA D 1147 -5.95 -31.87 -3.15
N ARG D 1148 -6.18 -31.13 -2.07
CA ARG D 1148 -6.32 -31.74 -0.75
C ARG D 1148 -7.55 -32.64 -0.71
N ARG D 1149 -7.45 -33.73 0.06
CA ARG D 1149 -8.56 -34.66 0.15
C ARG D 1149 -9.60 -34.13 1.14
N PRO D 1150 -10.85 -33.97 0.72
CA PRO D 1150 -11.90 -33.53 1.64
C PRO D 1150 -12.09 -34.53 2.77
N LYS D 1151 -12.66 -34.05 3.87
CA LYS D 1151 -12.80 -34.87 5.07
C LYS D 1151 -13.60 -36.14 4.75
N GLU D 1152 -14.71 -35.98 4.04
CA GLU D 1152 -15.47 -37.12 3.58
C GLU D 1152 -15.62 -37.00 2.07
N PRO D 1153 -14.67 -37.49 1.28
CA PRO D 1153 -14.80 -37.40 -0.18
C PRO D 1153 -15.90 -38.30 -0.69
N SER D 1154 -16.44 -37.94 -1.86
CA SER D 1154 -17.44 -38.78 -2.49
C SER D 1154 -16.86 -40.16 -2.77
N ILE D 1155 -17.59 -41.19 -2.38
CA ILE D 1155 -17.14 -42.56 -2.57
C ILE D 1155 -17.50 -43.00 -3.98
N LEU D 1156 -16.48 -43.33 -4.77
CA LEU D 1156 -16.64 -43.56 -6.20
C LEU D 1156 -16.47 -45.03 -6.54
N ALA D 1157 -17.04 -45.42 -7.68
CA ALA D 1157 -16.94 -46.79 -8.16
C ALA D 1157 -15.53 -47.08 -8.70
N GLU D 1158 -15.15 -48.35 -8.65
CA GLU D 1158 -13.86 -48.78 -9.17
C GLU D 1158 -13.95 -49.31 -10.59
N ILE D 1159 -14.72 -50.38 -10.80
CA ILE D 1159 -14.87 -51.03 -12.10
C ILE D 1159 -16.35 -51.32 -12.32
N SER D 1160 -16.80 -51.10 -13.56
CA SER D 1160 -18.20 -51.32 -13.89
C SER D 1160 -18.56 -52.79 -13.81
N GLY D 1161 -19.82 -53.07 -13.48
CA GLY D 1161 -20.28 -54.42 -13.36
C GLY D 1161 -21.42 -54.53 -12.36
N THR D 1162 -21.67 -55.75 -11.91
CA THR D 1162 -22.72 -56.00 -10.95
C THR D 1162 -22.26 -55.62 -9.55
N ILE D 1163 -23.00 -54.73 -8.89
CA ILE D 1163 -22.69 -54.32 -7.54
C ILE D 1163 -23.36 -55.29 -6.57
N SER D 1164 -22.96 -55.25 -5.31
CA SER D 1164 -23.54 -56.10 -4.26
C SER D 1164 -23.93 -55.24 -3.08
N PHE D 1165 -24.28 -55.89 -1.98
CA PHE D 1165 -24.62 -55.23 -0.73
C PHE D 1165 -23.45 -55.32 0.25
N GLY D 1166 -23.43 -54.39 1.20
CA GLY D 1166 -22.34 -54.33 2.16
C GLY D 1166 -22.68 -55.07 3.45
N LYS D 1167 -21.66 -55.71 4.02
CA LYS D 1167 -21.84 -56.46 5.26
C LYS D 1167 -21.63 -55.53 6.45
N GLU D 1168 -22.74 -55.04 7.02
CA GLU D 1168 -22.68 -54.13 8.15
C GLU D 1168 -22.25 -54.80 9.44
N THR D 1169 -22.16 -56.13 9.47
CA THR D 1169 -21.72 -56.82 10.67
C THR D 1169 -20.30 -56.44 11.04
N LYS D 1170 -19.41 -56.36 10.05
CA LYS D 1170 -18.05 -55.90 10.32
C LYS D 1170 -18.01 -54.40 10.57
N GLY D 1171 -19.08 -53.69 10.21
CA GLY D 1171 -19.10 -52.25 10.28
C GLY D 1171 -18.68 -51.57 8.99
N LYS D 1172 -18.09 -52.30 8.05
CA LYS D 1172 -17.70 -51.76 6.76
C LYS D 1172 -18.51 -52.47 5.68
N ARG D 1173 -19.19 -51.69 4.85
CA ARG D 1173 -20.06 -52.25 3.82
C ARG D 1173 -19.22 -52.77 2.66
N ARG D 1174 -19.07 -54.08 2.56
CA ARG D 1174 -18.29 -54.73 1.51
C ARG D 1174 -19.23 -55.15 0.39
N LEU D 1175 -19.35 -54.30 -0.61
CA LEU D 1175 -20.18 -54.57 -1.78
C LEU D 1175 -19.25 -55.05 -2.90
N VAL D 1176 -19.30 -56.35 -3.19
CA VAL D 1176 -18.41 -56.93 -4.17
C VAL D 1176 -18.88 -56.57 -5.57
N ILE D 1177 -17.92 -56.41 -6.49
CA ILE D 1177 -18.20 -56.06 -7.87
C ILE D 1177 -18.07 -57.32 -8.72
N THR D 1178 -19.06 -57.55 -9.60
CA THR D 1178 -19.08 -58.70 -10.49
C THR D 1178 -19.24 -58.20 -11.91
N PRO D 1179 -18.18 -57.67 -12.52
CA PRO D 1179 -18.26 -57.25 -13.92
C PRO D 1179 -18.61 -58.41 -14.83
N ASN D 1180 -19.46 -58.11 -15.82
CA ASN D 1180 -19.96 -59.16 -16.70
C ASN D 1180 -18.87 -59.68 -17.63
N ASP D 1181 -18.08 -58.77 -18.20
CA ASP D 1181 -17.00 -59.20 -19.10
C ASP D 1181 -15.99 -60.07 -18.37
N GLY D 1182 -15.62 -59.68 -17.16
CA GLY D 1182 -14.80 -60.52 -16.31
C GLY D 1182 -15.01 -60.13 -14.86
N SER D 1183 -15.35 -61.10 -14.02
CA SER D 1183 -15.72 -60.84 -12.64
C SER D 1183 -14.47 -60.58 -11.82
N ASP D 1184 -14.28 -59.34 -11.41
CA ASP D 1184 -13.18 -59.00 -10.53
C ASP D 1184 -13.72 -58.76 -9.14
N PRO D 1185 -13.54 -59.69 -8.21
CA PRO D 1185 -14.17 -59.55 -6.89
C PRO D 1185 -13.61 -58.42 -6.06
N TYR D 1186 -12.44 -57.89 -6.40
CA TYR D 1186 -11.80 -56.88 -5.57
C TYR D 1186 -12.69 -55.65 -5.45
N GLU D 1187 -13.23 -55.44 -4.26
CA GLU D 1187 -14.14 -54.33 -3.99
C GLU D 1187 -14.04 -54.00 -2.51
N GLU D 1188 -13.48 -52.83 -2.21
CA GLU D 1188 -13.21 -52.47 -0.83
C GLU D 1188 -14.52 -52.29 -0.06
N LEU D 1189 -14.41 -52.32 1.27
CA LEU D 1189 -15.55 -52.21 2.15
C LEU D 1189 -15.61 -50.80 2.74
N ILE D 1190 -16.71 -50.12 2.50
CA ILE D 1190 -16.92 -48.75 2.98
C ILE D 1190 -17.51 -48.81 4.38
N PRO D 1191 -16.86 -48.23 5.38
CA PRO D 1191 -17.46 -48.23 6.72
C PRO D 1191 -18.81 -47.52 6.73
N LYS D 1192 -19.73 -48.07 7.50
CA LYS D 1192 -21.09 -47.55 7.57
C LYS D 1192 -21.17 -46.22 8.32
N TRP D 1193 -20.07 -45.76 8.91
CA TRP D 1193 -20.07 -44.47 9.60
C TRP D 1193 -20.50 -43.36 8.65
N ARG D 1194 -20.09 -43.45 7.39
CA ARG D 1194 -20.57 -42.56 6.35
C ARG D 1194 -21.77 -43.21 5.66
N HIS D 1195 -22.79 -42.40 5.40
CA HIS D 1195 -23.98 -42.90 4.72
C HIS D 1195 -23.66 -43.18 3.26
N LEU D 1196 -24.05 -44.37 2.81
CA LEU D 1196 -23.88 -44.77 1.42
C LEU D 1196 -25.25 -44.84 0.78
N ASN D 1197 -25.42 -44.17 -0.35
CA ASN D 1197 -26.68 -44.14 -1.07
C ASN D 1197 -26.72 -45.16 -2.21
N VAL D 1198 -25.70 -46.01 -2.32
CA VAL D 1198 -25.62 -46.96 -3.40
C VAL D 1198 -26.67 -48.05 -3.21
N PHE D 1199 -27.28 -48.47 -4.31
CA PHE D 1199 -28.29 -49.54 -4.31
C PHE D 1199 -27.62 -50.83 -4.73
N GLU D 1200 -27.78 -51.87 -3.91
CA GLU D 1200 -27.13 -53.15 -4.17
C GLU D 1200 -27.70 -53.80 -5.41
N GLY D 1201 -26.90 -54.68 -6.02
CA GLY D 1201 -27.33 -55.40 -7.20
C GLY D 1201 -27.59 -54.54 -8.41
N GLU D 1202 -26.76 -53.53 -8.66
CA GLU D 1202 -26.94 -52.61 -9.78
C GLU D 1202 -25.66 -52.57 -10.61
N GLN D 1203 -25.72 -51.85 -11.72
CA GLN D 1203 -24.54 -51.67 -12.55
C GLN D 1203 -23.54 -50.77 -11.84
N VAL D 1204 -22.27 -51.19 -11.83
CA VAL D 1204 -21.27 -50.48 -11.05
C VAL D 1204 -20.85 -49.18 -11.72
N ASN D 1205 -20.68 -49.19 -13.05
CA ASN D 1205 -20.39 -47.97 -13.81
C ASN D 1205 -19.09 -47.31 -13.33
N ARG D 1206 -17.98 -47.99 -13.64
CA ARG D 1206 -16.66 -47.72 -13.06
C ARG D 1206 -16.41 -46.25 -12.73
N GLY D 1207 -16.70 -45.35 -13.66
CA GLY D 1207 -16.42 -43.95 -13.43
C GLY D 1207 -17.37 -43.31 -12.44
N GLU D 1208 -18.54 -43.91 -12.22
CA GLU D 1208 -19.60 -43.27 -11.46
C GLU D 1208 -19.26 -43.23 -9.98
N VAL D 1209 -20.17 -42.62 -9.21
CA VAL D 1209 -20.01 -42.42 -7.79
C VAL D 1209 -20.87 -43.44 -7.04
N ILE D 1210 -20.30 -44.05 -6.01
CA ILE D 1210 -21.02 -45.03 -5.21
C ILE D 1210 -21.84 -44.30 -4.16
N SER D 1211 -21.19 -43.42 -3.40
CA SER D 1211 -21.87 -42.64 -2.37
C SER D 1211 -21.48 -41.18 -2.53
N ASP D 1212 -22.47 -40.31 -2.38
CA ASP D 1212 -22.30 -38.89 -2.62
C ASP D 1212 -21.31 -38.28 -1.63
N GLY D 1213 -20.98 -37.02 -1.91
CA GLY D 1213 -20.02 -36.25 -1.15
C GLY D 1213 -19.23 -35.33 -2.05
N PRO D 1214 -18.34 -34.53 -1.46
CA PRO D 1214 -17.43 -33.71 -2.29
C PRO D 1214 -16.50 -34.56 -3.15
N SER D 1215 -16.11 -33.99 -4.28
CA SER D 1215 -15.44 -34.74 -5.34
C SER D 1215 -13.92 -34.74 -5.18
N ASN D 1216 -13.37 -35.93 -5.02
CA ASN D 1216 -11.93 -35.86 -4.82
C ASN D 1216 -11.16 -35.88 -6.14
N PRO D 1217 -10.03 -35.25 -6.22
CA PRO D 1217 -9.33 -35.15 -7.50
C PRO D 1217 -8.49 -36.35 -7.89
N HIS D 1218 -7.77 -36.91 -6.93
CA HIS D 1218 -6.78 -37.94 -7.25
C HIS D 1218 -7.45 -39.17 -7.83
N ASP D 1219 -8.60 -39.54 -7.30
CA ASP D 1219 -9.28 -40.73 -7.80
C ASP D 1219 -9.90 -40.49 -9.16
N ILE D 1220 -10.31 -39.25 -9.47
CA ILE D 1220 -10.64 -38.95 -10.87
C ILE D 1220 -9.43 -39.13 -11.76
N LEU D 1221 -8.27 -38.64 -11.32
CA LEU D 1221 -7.07 -38.80 -12.14
C LEU D 1221 -6.78 -40.29 -12.39
N ARG D 1222 -6.78 -41.09 -11.33
CA ARG D 1222 -6.39 -42.48 -11.46
C ARG D 1222 -7.46 -43.35 -12.08
N LEU D 1223 -8.72 -42.92 -12.08
CA LEU D 1223 -9.80 -43.74 -12.62
C LEU D 1223 -10.43 -43.13 -13.87
N LEU D 1224 -10.90 -41.89 -13.79
CA LEU D 1224 -11.56 -41.27 -14.91
C LEU D 1224 -10.61 -40.87 -16.02
N GLY D 1225 -9.36 -40.57 -15.68
CA GLY D 1225 -8.39 -40.19 -16.68
C GLY D 1225 -7.76 -38.85 -16.39
N VAL D 1226 -7.18 -38.23 -17.42
CA VAL D 1226 -6.51 -36.94 -17.29
C VAL D 1226 -7.39 -35.79 -17.75
N SER D 1227 -7.87 -35.87 -19.00
CA SER D 1227 -8.67 -34.79 -19.56
C SER D 1227 -9.92 -34.54 -18.73
N SER D 1228 -10.53 -35.61 -18.21
CA SER D 1228 -11.69 -35.44 -17.34
C SER D 1228 -11.30 -34.68 -16.08
N LEU D 1229 -10.17 -35.02 -15.48
CA LEU D 1229 -9.72 -34.32 -14.28
C LEU D 1229 -9.43 -32.86 -14.59
N ALA D 1230 -8.76 -32.60 -15.71
CA ALA D 1230 -8.46 -31.22 -16.08
C ALA D 1230 -9.74 -30.44 -16.28
N LYS D 1231 -10.73 -31.04 -16.95
CA LYS D 1231 -11.99 -30.37 -17.16
C LYS D 1231 -12.67 -30.05 -15.83
N TYR D 1232 -12.68 -31.01 -14.92
CA TYR D 1232 -13.33 -30.78 -13.63
C TYR D 1232 -12.64 -29.66 -12.87
N ILE D 1233 -11.31 -29.69 -12.83
CA ILE D 1233 -10.57 -28.68 -12.09
C ILE D 1233 -10.80 -27.30 -12.72
N VAL D 1234 -10.74 -27.22 -14.04
CA VAL D 1234 -10.92 -25.94 -14.71
C VAL D 1234 -12.31 -25.39 -14.44
N ASN D 1235 -13.32 -26.25 -14.54
CA ASN D 1235 -14.68 -25.80 -14.27
C ASN D 1235 -14.84 -25.35 -12.83
N GLU D 1236 -14.26 -26.09 -11.90
CA GLU D 1236 -14.40 -25.75 -10.49
C GLU D 1236 -13.76 -24.40 -10.18
N ILE D 1237 -12.58 -24.14 -10.74
CA ILE D 1237 -11.92 -22.87 -10.50
C ILE D 1237 -12.67 -21.74 -11.20
N GLN D 1238 -13.11 -21.98 -12.43
CA GLN D 1238 -13.77 -20.93 -13.19
C GLN D 1238 -15.14 -20.61 -12.64
N ASP D 1239 -15.76 -21.55 -11.92
CA ASP D 1239 -16.99 -21.21 -11.22
C ASP D 1239 -16.75 -20.12 -10.20
N VAL D 1240 -15.73 -20.31 -9.35
CA VAL D 1240 -15.39 -19.30 -8.36
C VAL D 1240 -15.05 -17.99 -9.04
N TYR D 1241 -14.26 -18.04 -10.10
CA TYR D 1241 -13.82 -16.80 -10.73
C TYR D 1241 -14.96 -16.07 -11.42
N ARG D 1242 -15.79 -16.80 -12.15
CA ARG D 1242 -16.96 -16.21 -12.81
C ARG D 1242 -17.97 -15.69 -11.81
N LEU D 1243 -17.99 -16.24 -10.59
CA LEU D 1243 -18.90 -15.72 -9.58
C LEU D 1243 -18.60 -14.26 -9.29
N GLN D 1244 -17.32 -13.90 -9.27
CA GLN D 1244 -16.95 -12.50 -9.06
C GLN D 1244 -16.89 -11.72 -10.35
N GLY D 1245 -17.17 -12.34 -11.48
CA GLY D 1245 -17.18 -11.66 -12.76
C GLY D 1245 -15.82 -11.43 -13.37
N VAL D 1246 -14.74 -11.79 -12.66
CA VAL D 1246 -13.41 -11.65 -13.24
C VAL D 1246 -13.20 -12.70 -14.31
N LYS D 1247 -12.71 -12.27 -15.46
CA LYS D 1247 -12.53 -13.14 -16.63
C LYS D 1247 -11.06 -13.49 -16.77
N ILE D 1248 -10.79 -14.79 -16.92
CA ILE D 1248 -9.44 -15.29 -17.14
C ILE D 1248 -9.49 -16.40 -18.17
N ASN D 1249 -8.49 -16.44 -19.06
CA ASN D 1249 -8.42 -17.50 -20.03
C ASN D 1249 -8.03 -18.81 -19.35
N ASP D 1250 -8.65 -19.90 -19.83
CA ASP D 1250 -8.37 -21.22 -19.29
C ASP D 1250 -6.96 -21.70 -19.59
N LYS D 1251 -6.27 -21.06 -20.53
CA LYS D 1251 -4.90 -21.43 -20.84
C LYS D 1251 -4.03 -21.43 -19.59
N HIS D 1252 -4.20 -20.43 -18.73
CA HIS D 1252 -3.34 -20.30 -17.56
C HIS D 1252 -3.58 -21.43 -16.56
N ILE D 1253 -4.84 -21.69 -16.23
CA ILE D 1253 -5.13 -22.77 -15.29
C ILE D 1253 -4.69 -24.10 -15.87
N GLU D 1254 -4.87 -24.29 -17.17
CA GLU D 1254 -4.44 -25.52 -17.80
C GLU D 1254 -2.92 -25.65 -17.77
N THR D 1255 -2.20 -24.56 -17.95
CA THR D 1255 -0.74 -24.58 -17.83
C THR D 1255 -0.32 -25.00 -16.43
N ILE D 1256 -0.99 -24.42 -15.43
CA ILE D 1256 -0.73 -24.84 -14.06
C ILE D 1256 -0.98 -26.33 -13.90
N LEU D 1257 -2.07 -26.82 -14.50
CA LEU D 1257 -2.37 -28.25 -14.41
C LEU D 1257 -1.25 -29.08 -15.01
N ARG D 1258 -0.71 -28.64 -16.14
CA ARG D 1258 0.43 -29.32 -16.72
C ARG D 1258 1.58 -29.37 -15.74
N GLN D 1259 1.81 -28.27 -15.03
CA GLN D 1259 2.86 -28.26 -14.01
C GLN D 1259 2.57 -29.22 -12.87
N MET D 1260 1.29 -29.38 -12.48
CA MET D 1260 0.94 -30.32 -11.43
C MET D 1260 1.33 -31.74 -11.80
N LEU D 1261 1.01 -32.15 -13.03
CA LEU D 1261 1.07 -33.55 -13.43
C LEU D 1261 2.41 -33.91 -14.03
N ARG D 1262 3.48 -33.17 -13.72
CA ARG D 1262 4.77 -33.43 -14.33
C ARG D 1262 5.42 -34.70 -13.83
N LYS D 1263 4.90 -35.31 -12.77
CA LYS D 1263 5.49 -36.49 -12.16
C LYS D 1263 4.56 -37.68 -12.32
N VAL D 1264 5.15 -38.86 -12.43
CA VAL D 1264 4.39 -40.10 -12.58
C VAL D 1264 4.94 -41.13 -11.60
N GLU D 1265 4.09 -42.08 -11.23
CA GLU D 1265 4.48 -43.16 -10.34
C GLU D 1265 4.46 -44.48 -11.11
N VAL D 1266 5.42 -45.34 -10.80
CA VAL D 1266 5.62 -46.58 -11.53
C VAL D 1266 5.03 -47.73 -10.74
N SER D 1267 4.39 -48.66 -11.46
CA SER D 1267 3.89 -49.89 -10.86
C SER D 1267 4.89 -51.03 -11.00
N GLU D 1268 5.25 -51.40 -12.21
CA GLU D 1268 6.27 -52.41 -12.49
C GLU D 1268 7.27 -51.80 -13.45
N SER D 1269 8.49 -51.56 -12.97
CA SER D 1269 9.47 -50.82 -13.76
C SER D 1269 10.21 -51.73 -14.73
N GLY D 1270 10.94 -52.72 -14.21
CA GLY D 1270 11.90 -53.43 -15.02
C GLY D 1270 13.17 -52.66 -15.31
N ASP D 1271 13.18 -51.34 -15.13
CA ASP D 1271 14.37 -50.52 -15.27
C ASP D 1271 14.61 -49.59 -14.10
N SER D 1272 13.66 -49.44 -13.18
CA SER D 1272 13.81 -48.57 -12.01
C SER D 1272 13.18 -49.25 -10.80
N SER D 1273 12.97 -48.49 -9.73
CA SER D 1273 12.32 -49.04 -8.55
C SER D 1273 10.89 -49.43 -8.87
N PHE D 1274 10.35 -50.34 -8.05
CA PHE D 1274 8.97 -50.77 -8.23
C PHE D 1274 8.02 -49.59 -8.17
N ILE D 1275 8.11 -48.80 -7.11
CA ILE D 1275 7.28 -47.63 -6.91
C ILE D 1275 8.18 -46.42 -6.73
N LYS D 1276 7.95 -45.39 -7.54
CA LYS D 1276 8.73 -44.16 -7.46
C LYS D 1276 7.97 -43.05 -8.15
N GLY D 1277 7.86 -41.91 -7.47
CA GLY D 1277 7.33 -40.72 -8.11
C GLY D 1277 8.42 -40.02 -8.87
N ASP D 1278 8.46 -40.20 -10.18
CA ASP D 1278 9.53 -39.68 -11.02
C ASP D 1278 8.93 -38.91 -12.18
N GLN D 1279 9.73 -38.00 -12.73
CA GLN D 1279 9.26 -37.15 -13.81
C GLN D 1279 8.86 -38.00 -15.01
N VAL D 1280 7.75 -37.62 -15.64
CA VAL D 1280 7.27 -38.36 -16.80
C VAL D 1280 8.28 -38.29 -17.93
N GLU D 1281 9.10 -37.23 -17.97
CA GLU D 1281 10.17 -37.17 -18.96
C GLU D 1281 11.15 -38.31 -18.77
N LEU D 1282 11.53 -38.59 -17.52
CA LEU D 1282 12.42 -39.70 -17.23
C LEU D 1282 11.80 -41.02 -17.70
N THR D 1283 10.51 -41.22 -17.39
CA THR D 1283 9.84 -42.45 -17.80
C THR D 1283 9.81 -42.58 -19.30
N GLN D 1284 9.51 -41.50 -20.01
CA GLN D 1284 9.47 -41.55 -21.47
C GLN D 1284 10.83 -41.89 -22.04
N VAL D 1285 11.88 -41.25 -21.53
CA VAL D 1285 13.23 -41.51 -22.03
C VAL D 1285 13.62 -42.96 -21.78
N LEU D 1286 13.38 -43.44 -20.56
CA LEU D 1286 13.76 -44.81 -20.22
C LEU D 1286 12.99 -45.81 -21.05
N GLU D 1287 11.69 -45.59 -21.22
CA GLU D 1287 10.88 -46.52 -22.01
C GLU D 1287 11.32 -46.53 -23.46
N GLU D 1288 11.60 -45.35 -24.03
CA GLU D 1288 12.07 -45.29 -25.42
C GLU D 1288 13.41 -46.01 -25.57
N ASN D 1289 14.32 -45.83 -24.61
CA ASN D 1289 15.60 -46.51 -24.68
C ASN D 1289 15.44 -48.02 -24.54
N GLU D 1290 14.59 -48.47 -23.62
CA GLU D 1290 14.41 -49.89 -23.37
C GLU D 1290 13.69 -50.60 -24.51
N GLN D 1291 12.81 -49.89 -25.22
CA GLN D 1291 12.16 -50.47 -26.40
C GLN D 1291 13.21 -50.90 -27.41
N LEU D 1292 14.02 -49.96 -27.88
CA LEU D 1292 15.18 -50.27 -28.72
C LEU D 1292 16.38 -50.44 -27.80
N GLY D 1293 16.30 -51.44 -26.93
CA GLY D 1293 17.33 -51.66 -25.93
C GLY D 1293 17.52 -53.11 -25.56
N THR D 1294 17.77 -53.37 -24.27
CA THR D 1294 18.06 -54.70 -23.79
C THR D 1294 16.92 -55.66 -24.11
N GLU D 1295 15.76 -55.43 -23.51
CA GLU D 1295 14.58 -56.26 -23.74
C GLU D 1295 13.36 -55.36 -23.94
N ASP D 1296 12.37 -55.91 -24.63
CA ASP D 1296 11.10 -55.22 -24.74
C ASP D 1296 10.31 -55.25 -23.43
N LYS D 1297 10.68 -56.15 -22.52
CA LYS D 1297 10.02 -56.27 -21.23
C LYS D 1297 10.60 -55.31 -20.19
N PHE D 1298 11.74 -54.70 -20.49
CA PHE D 1298 12.30 -53.69 -19.60
C PHE D 1298 11.41 -52.46 -19.60
N PRO D 1299 10.61 -52.25 -20.65
CA PRO D 1299 9.70 -51.10 -20.67
C PRO D 1299 8.78 -51.11 -19.45
N ALA D 1300 8.59 -49.94 -18.86
CA ALA D 1300 7.94 -49.84 -17.58
C ALA D 1300 6.46 -49.46 -17.73
N LYS D 1301 5.65 -49.99 -16.82
CA LYS D 1301 4.26 -49.59 -16.67
C LYS D 1301 4.15 -48.68 -15.46
N TYR D 1302 3.53 -47.52 -15.67
CA TYR D 1302 3.51 -46.49 -14.65
C TYR D 1302 2.14 -45.84 -14.61
N GLU D 1303 1.84 -45.21 -13.48
CA GLU D 1303 0.59 -44.50 -13.27
C GLU D 1303 0.87 -43.02 -13.11
N ARG D 1304 0.06 -42.21 -13.77
CA ARG D 1304 0.14 -40.76 -13.59
C ARG D 1304 -0.28 -40.39 -12.17
N VAL D 1305 0.44 -39.43 -11.59
CA VAL D 1305 0.19 -39.02 -10.21
C VAL D 1305 0.04 -37.51 -10.17
N LEU D 1306 -0.86 -37.05 -9.31
CA LEU D 1306 -1.18 -35.63 -9.17
C LEU D 1306 -0.50 -35.09 -7.93
N LEU D 1307 0.14 -33.92 -8.07
CA LEU D 1307 0.83 -33.27 -6.97
C LEU D 1307 0.30 -31.85 -6.79
N GLY D 1308 0.11 -31.46 -5.54
CA GLY D 1308 -0.23 -30.07 -5.25
C GLY D 1308 0.94 -29.16 -5.57
N ILE D 1309 0.62 -27.87 -5.76
CA ILE D 1309 1.64 -26.92 -6.21
C ILE D 1309 2.77 -26.83 -5.19
N THR D 1310 2.45 -26.74 -3.91
CA THR D 1310 3.50 -26.68 -2.91
C THR D 1310 4.28 -27.99 -2.86
N LYS D 1311 3.61 -29.12 -3.06
CA LYS D 1311 4.31 -30.39 -3.07
C LYS D 1311 5.13 -30.54 -4.35
N ALA D 1312 4.54 -30.20 -5.49
CA ALA D 1312 5.25 -30.36 -6.75
C ALA D 1312 6.49 -29.48 -6.82
N SER D 1313 6.36 -28.22 -6.41
CA SER D 1313 7.49 -27.30 -6.49
C SER D 1313 8.67 -27.76 -5.65
N LEU D 1314 8.40 -28.35 -4.49
CA LEU D 1314 9.48 -28.87 -3.65
C LEU D 1314 10.12 -30.13 -4.23
N SER D 1315 9.46 -30.81 -5.15
CA SER D 1315 9.97 -32.03 -5.74
C SER D 1315 10.56 -31.80 -7.13
N THR D 1316 11.08 -30.60 -7.39
CA THR D 1316 11.68 -30.31 -8.68
C THR D 1316 13.03 -30.99 -8.81
N GLU D 1317 13.46 -31.20 -10.05
CA GLU D 1317 14.79 -31.76 -10.28
C GLU D 1317 15.86 -30.83 -9.75
N SER D 1318 15.72 -29.53 -9.99
CA SER D 1318 16.67 -28.57 -9.46
C SER D 1318 16.37 -28.27 -8.01
N PHE D 1319 17.33 -28.56 -7.14
CA PHE D 1319 17.16 -28.32 -5.71
C PHE D 1319 17.19 -26.85 -5.36
N ILE D 1320 17.83 -26.03 -6.19
CA ILE D 1320 17.98 -24.61 -5.86
C ILE D 1320 16.62 -23.94 -5.78
N SER D 1321 15.75 -24.22 -6.75
CA SER D 1321 14.44 -23.57 -6.77
C SER D 1321 13.65 -23.91 -5.51
N ALA D 1322 13.65 -25.17 -5.11
CA ALA D 1322 12.99 -25.55 -3.88
C ALA D 1322 13.64 -24.91 -2.67
N ALA D 1323 14.97 -24.76 -2.71
CA ALA D 1323 15.67 -24.12 -1.61
C ALA D 1323 15.23 -22.68 -1.42
N SER D 1324 15.00 -21.96 -2.51
CA SER D 1324 14.53 -20.59 -2.42
C SER D 1324 13.04 -20.50 -2.20
N PHE D 1325 12.31 -21.62 -2.17
CA PHE D 1325 10.88 -21.58 -2.01
C PHE D 1325 10.46 -21.70 -0.55
N GLN D 1326 10.73 -22.85 0.06
CA GLN D 1326 10.37 -23.13 1.44
C GLN D 1326 11.28 -24.26 1.92
N GLU D 1327 11.05 -24.68 3.16
CA GLU D 1327 11.62 -25.92 3.69
C GLU D 1327 13.12 -25.98 3.46
N THR D 1328 13.76 -24.80 3.49
CA THR D 1328 15.15 -24.69 3.05
C THR D 1328 16.03 -25.69 3.80
N THR D 1329 15.78 -25.89 5.09
CA THR D 1329 16.53 -26.88 5.84
C THR D 1329 16.29 -28.27 5.27
N ARG D 1330 15.02 -28.64 5.06
CA ARG D 1330 14.69 -29.97 4.58
C ARG D 1330 15.27 -30.23 3.19
N VAL D 1331 15.04 -29.30 2.27
CA VAL D 1331 15.51 -29.51 0.91
C VAL D 1331 17.03 -29.51 0.86
N LEU D 1332 17.66 -28.66 1.67
CA LEU D 1332 19.12 -28.66 1.73
C LEU D 1332 19.64 -29.98 2.25
N THR D 1333 18.98 -30.56 3.26
CA THR D 1333 19.39 -31.86 3.76
C THR D 1333 19.20 -32.93 2.69
N GLU D 1334 18.12 -32.86 1.92
CA GLU D 1334 17.93 -33.83 0.84
C GLU D 1334 19.06 -33.73 -0.16
N ALA D 1335 19.42 -32.50 -0.53
CA ALA D 1335 20.51 -32.32 -1.47
C ALA D 1335 21.81 -32.86 -0.90
N ALA D 1336 22.05 -32.62 0.39
CA ALA D 1336 23.30 -33.04 1.01
C ALA D 1336 23.41 -34.56 1.06
N VAL D 1337 22.37 -35.23 1.56
CA VAL D 1337 22.42 -36.69 1.67
C VAL D 1337 22.42 -37.34 0.29
N THR D 1338 21.72 -36.74 -0.66
CA THR D 1338 21.68 -37.28 -2.00
C THR D 1338 22.88 -36.86 -2.85
N GLY D 1339 23.69 -35.93 -2.35
CA GLY D 1339 24.80 -35.43 -3.16
C GLY D 1339 24.35 -34.85 -4.47
N LYS D 1340 23.24 -34.09 -4.46
CA LYS D 1340 22.63 -33.64 -5.69
C LYS D 1340 23.52 -32.66 -6.43
N ARG D 1341 23.42 -32.71 -7.76
CA ARG D 1341 24.07 -31.76 -8.64
C ARG D 1341 22.98 -31.05 -9.45
N ASP D 1342 23.00 -29.73 -9.43
CA ASP D 1342 21.98 -28.94 -10.10
C ASP D 1342 22.58 -28.32 -11.35
N PHE D 1343 22.03 -28.66 -12.51
CA PHE D 1343 22.32 -27.95 -13.74
C PHE D 1343 21.32 -26.83 -13.87
N LEU D 1344 21.81 -25.59 -13.89
CA LEU D 1344 20.92 -24.44 -13.80
C LEU D 1344 20.13 -24.30 -15.09
N ARG D 1345 19.04 -25.05 -15.20
CA ARG D 1345 18.21 -25.09 -16.40
C ARG D 1345 16.79 -24.63 -16.11
N GLY D 1346 16.62 -23.80 -15.08
CA GLY D 1346 15.35 -23.15 -14.81
C GLY D 1346 15.54 -21.65 -14.75
N LEU D 1347 14.42 -20.95 -14.60
CA LEU D 1347 14.49 -19.50 -14.50
C LEU D 1347 15.17 -19.06 -13.22
N LYS D 1348 14.62 -19.49 -12.07
CA LYS D 1348 15.07 -18.98 -10.78
C LYS D 1348 16.55 -19.25 -10.55
N GLU D 1349 17.06 -20.37 -11.06
CA GLU D 1349 18.48 -20.67 -10.89
C GLU D 1349 19.33 -19.66 -11.63
N ASN D 1350 19.01 -19.39 -12.89
CA ASN D 1350 19.75 -18.38 -13.64
C ASN D 1350 19.54 -17.00 -13.04
N VAL D 1351 18.42 -16.80 -12.36
CA VAL D 1351 18.21 -15.57 -11.60
C VAL D 1351 19.23 -15.44 -10.50
N VAL D 1352 19.24 -16.41 -9.58
CA VAL D 1352 20.07 -16.30 -8.38
C VAL D 1352 21.54 -16.28 -8.75
N VAL D 1353 21.95 -17.06 -9.75
CA VAL D 1353 23.36 -17.05 -10.12
C VAL D 1353 23.72 -15.77 -10.88
N GLY D 1354 22.73 -15.06 -11.41
CA GLY D 1354 23.00 -13.85 -12.16
C GLY D 1354 23.20 -14.04 -13.63
N ARG D 1355 22.94 -15.24 -14.15
CA ARG D 1355 23.02 -15.52 -15.57
C ARG D 1355 21.77 -15.02 -16.25
N LEU D 1356 21.79 -15.01 -17.59
CA LEU D 1356 20.63 -14.61 -18.35
C LEU D 1356 19.50 -15.62 -18.17
N ILE D 1357 18.28 -15.17 -18.37
CA ILE D 1357 17.12 -16.05 -18.26
C ILE D 1357 17.16 -17.06 -19.39
N PRO D 1358 16.87 -18.34 -19.12
CA PRO D 1358 16.79 -19.31 -20.22
C PRO D 1358 15.73 -18.94 -21.23
N ALA D 1359 14.72 -18.21 -20.78
CA ALA D 1359 13.65 -17.78 -21.66
C ALA D 1359 13.90 -16.36 -22.14
N GLY D 1360 12.93 -15.78 -22.84
CA GLY D 1360 13.06 -14.42 -23.31
C GLY D 1360 14.19 -14.28 -24.31
N THR D 1361 14.83 -13.11 -24.27
CA THR D 1361 15.93 -12.84 -25.18
C THR D 1361 17.18 -13.66 -24.87
N GLY D 1362 17.28 -14.22 -23.67
CA GLY D 1362 18.40 -15.06 -23.33
C GLY D 1362 18.29 -16.46 -23.89
N LEU D 1363 17.21 -16.75 -24.61
CA LEU D 1363 17.05 -18.07 -25.21
C LEU D 1363 18.16 -18.34 -26.22
N ALA D 1364 18.52 -17.35 -27.02
CA ALA D 1364 19.59 -17.53 -27.99
C ALA D 1364 20.91 -17.84 -27.31
N TYR D 1365 21.21 -17.11 -26.23
CA TYR D 1365 22.44 -17.33 -25.49
C TYR D 1365 22.48 -18.73 -24.89
N HIS D 1366 21.37 -19.16 -24.29
CA HIS D 1366 21.30 -20.50 -23.74
C HIS D 1366 21.43 -21.54 -24.83
N SER D 1367 20.82 -21.28 -25.98
CA SER D 1367 20.91 -22.20 -27.10
C SER D 1367 22.34 -22.39 -27.55
N GLU D 1368 23.06 -21.28 -27.72
CA GLU D 1368 24.46 -21.38 -28.14
C GLU D 1368 25.31 -22.04 -27.06
N ARG D 1369 24.98 -21.79 -25.79
CA ARG D 1369 25.72 -22.44 -24.71
C ARG D 1369 25.55 -23.94 -24.76
N LYS D 1370 24.30 -24.40 -24.92
CA LYS D 1370 24.04 -25.83 -25.03
C LYS D 1370 24.71 -26.40 -26.28
N ARG D 1371 24.67 -25.66 -27.38
CA ARG D 1371 25.31 -26.10 -28.61
C ARG D 1371 26.79 -26.35 -28.38
N GLN D 1372 27.49 -25.35 -27.84
CA GLN D 1372 28.93 -25.46 -27.64
C GLN D 1372 29.30 -26.45 -26.55
N ARG D 1373 28.40 -26.73 -25.61
CA ARG D 1373 28.74 -27.63 -24.52
C ARG D 1373 28.46 -29.08 -24.90
N ASP D 1374 27.22 -29.39 -25.30
CA ASP D 1374 26.87 -30.75 -25.65
C ASP D 1374 27.65 -31.23 -26.87
N LEU D 1375 27.79 -30.39 -27.88
CA LEU D 1375 28.55 -30.76 -29.07
C LEU D 1375 30.02 -30.44 -28.89
N GLY D 1376 30.71 -31.24 -28.07
CA GLY D 1376 32.11 -31.02 -27.82
C GLY D 1376 32.37 -30.05 -26.68
N ALA E 2 10.25 9.40 -38.19
CA ALA E 2 9.05 8.85 -37.55
C ALA E 2 9.40 8.27 -36.19
N ARG E 3 8.70 7.20 -35.82
CA ARG E 3 8.92 6.51 -34.57
C ARG E 3 9.29 5.05 -34.85
N VAL E 4 9.51 4.28 -33.79
CA VAL E 4 9.87 2.89 -33.94
C VAL E 4 8.67 2.10 -34.45
N THR E 5 8.85 1.40 -35.56
CA THR E 5 7.81 0.54 -36.11
C THR E 5 7.92 -0.86 -35.50
N VAL E 6 7.84 -0.91 -34.18
CA VAL E 6 8.05 -2.15 -33.43
C VAL E 6 6.90 -3.13 -33.55
N GLU E 7 5.83 -2.78 -34.26
CA GLU E 7 4.70 -3.68 -34.43
C GLU E 7 4.73 -4.40 -35.77
N ASP E 8 4.79 -3.66 -36.87
CA ASP E 8 4.85 -4.27 -38.18
C ASP E 8 6.12 -5.08 -38.39
N CYS E 9 7.26 -4.54 -37.94
CA CYS E 9 8.51 -5.27 -38.06
C CYS E 9 8.51 -6.52 -37.18
N LEU E 10 7.83 -6.47 -36.03
CA LEU E 10 7.72 -7.66 -35.19
C LEU E 10 6.96 -8.77 -35.89
N ASP E 11 6.03 -8.41 -36.79
CA ASP E 11 5.29 -9.42 -37.53
C ASP E 11 6.13 -10.03 -38.64
N ASN E 12 7.01 -9.23 -39.26
CA ASN E 12 7.82 -9.71 -40.37
C ASN E 12 8.72 -10.87 -39.93
N VAL E 13 9.44 -10.68 -38.83
CA VAL E 13 10.23 -11.77 -38.26
C VAL E 13 9.34 -12.71 -37.47
N ASP E 14 8.19 -12.24 -37.00
CA ASP E 14 7.24 -13.04 -36.22
C ASP E 14 7.88 -13.60 -34.96
N ASN E 15 8.87 -12.89 -34.42
CA ASN E 15 9.53 -13.31 -33.19
C ASN E 15 9.44 -12.28 -32.09
N ARG E 16 9.77 -11.02 -32.39
CA ARG E 16 9.87 -9.91 -31.44
C ARG E 16 11.00 -10.09 -30.45
N PHE E 17 11.75 -11.19 -30.53
CA PHE E 17 12.96 -11.38 -29.74
C PHE E 17 14.21 -11.29 -30.61
N GLU E 18 14.27 -12.11 -31.66
CA GLU E 18 15.34 -11.97 -32.63
C GLU E 18 15.40 -10.56 -33.17
N LEU E 19 14.25 -9.93 -33.33
CA LEU E 19 14.23 -8.52 -33.71
C LEU E 19 15.11 -7.71 -32.76
N VAL E 20 14.94 -7.93 -31.46
CA VAL E 20 15.76 -7.22 -30.48
C VAL E 20 17.23 -7.59 -30.64
N MET E 21 17.51 -8.87 -30.92
CA MET E 21 18.89 -9.28 -31.07
C MET E 21 19.57 -8.53 -32.22
N LEU E 22 19.01 -8.66 -33.43
CA LEU E 22 19.56 -7.96 -34.61
C LEU E 22 19.63 -6.45 -34.33
N ALA E 23 18.62 -5.91 -33.64
CA ALA E 23 18.60 -4.48 -33.33
C ALA E 23 19.80 -4.12 -32.46
N THR E 24 20.12 -4.96 -31.48
CA THR E 24 21.27 -4.69 -30.63
C THR E 24 22.56 -4.71 -31.44
N LYS E 25 22.72 -5.70 -32.31
CA LYS E 25 23.94 -5.74 -33.12
C LYS E 25 24.03 -4.52 -34.03
N ARG E 26 22.91 -4.12 -34.64
CA ARG E 26 22.93 -2.94 -35.51
C ARG E 26 23.25 -1.68 -34.73
N ALA E 27 22.70 -1.54 -33.52
CA ALA E 27 22.99 -0.36 -32.72
C ALA E 27 24.44 -0.35 -32.26
N ARG E 28 25.01 -1.52 -31.99
CA ARG E 28 26.43 -1.59 -31.63
C ARG E 28 27.30 -1.25 -32.82
N GLN E 29 26.88 -1.66 -34.03
CA GLN E 29 27.59 -1.24 -35.23
C GLN E 29 27.56 0.27 -35.38
N LEU E 30 26.40 0.87 -35.06
CA LEU E 30 26.27 2.32 -35.11
C LEU E 30 27.20 2.98 -34.09
N ALA E 31 27.19 2.50 -32.84
CA ALA E 31 27.97 3.12 -31.79
C ALA E 31 29.46 2.99 -32.06
N THR E 32 29.90 1.80 -32.50
CA THR E 32 31.30 1.60 -32.85
C THR E 32 31.71 2.38 -34.09
N GLY E 33 30.77 2.92 -34.84
CA GLY E 33 31.08 3.66 -36.04
C GLY E 33 31.56 2.82 -37.19
N GLY E 34 31.51 1.49 -37.07
CA GLY E 34 31.97 0.61 -38.12
C GLY E 34 31.10 0.54 -39.34
N LYS E 35 29.88 1.10 -39.26
CA LYS E 35 28.98 1.11 -40.39
C LYS E 35 28.26 2.45 -40.42
N GLU E 36 27.54 2.68 -41.53
CA GLU E 36 26.77 3.88 -41.78
C GLU E 36 25.30 3.52 -41.62
N PRO E 37 24.48 4.46 -41.17
CA PRO E 37 23.02 4.27 -41.26
C PRO E 37 22.54 4.33 -42.69
N LYS E 38 22.15 3.19 -43.27
CA LYS E 38 21.54 3.23 -44.60
C LYS E 38 20.22 3.99 -44.60
N VAL E 39 19.65 4.23 -43.43
CA VAL E 39 18.57 5.18 -43.30
C VAL E 39 19.16 6.54 -42.98
N ALA E 40 18.59 7.59 -43.57
CA ALA E 40 19.05 8.94 -43.30
C ALA E 40 18.73 9.28 -41.85
N TRP E 41 19.73 9.82 -41.15
CA TRP E 41 19.51 10.21 -39.76
C TRP E 41 18.46 11.30 -39.66
N GLU E 42 17.58 11.16 -38.69
CA GLU E 42 16.62 12.20 -38.34
C GLU E 42 16.90 12.70 -36.94
N ASN E 43 18.19 12.77 -36.60
CA ASN E 43 18.68 13.30 -35.32
C ASN E 43 18.06 12.47 -34.19
N ASP E 44 18.59 11.27 -34.03
CA ASP E 44 18.19 10.39 -32.94
C ASP E 44 19.27 9.35 -32.70
N LYS E 45 19.13 8.64 -31.59
CA LYS E 45 20.18 7.77 -31.08
C LYS E 45 20.21 6.42 -31.80
N PRO E 46 21.28 5.66 -31.61
CA PRO E 46 21.48 4.44 -32.41
C PRO E 46 20.38 3.41 -32.29
N THR E 47 19.74 3.31 -31.14
CA THR E 47 18.70 2.30 -30.96
C THR E 47 17.55 2.52 -31.94
N VAL E 48 17.04 3.75 -32.00
CA VAL E 48 15.86 4.00 -32.82
C VAL E 48 16.21 3.94 -34.30
N VAL E 49 17.41 4.40 -34.67
CA VAL E 49 17.79 4.27 -36.08
C VAL E 49 17.93 2.80 -36.45
N ALA E 50 18.43 1.97 -35.52
CA ALA E 50 18.50 0.53 -35.79
C ALA E 50 17.10 -0.05 -35.98
N LEU E 51 16.16 0.39 -35.14
CA LEU E 51 14.79 -0.08 -35.27
C LEU E 51 14.21 0.33 -36.62
N ARG E 52 14.49 1.54 -37.07
CA ARG E 52 14.02 1.96 -38.39
C ARG E 52 14.67 1.14 -39.49
N GLU E 53 15.98 0.88 -39.37
CA GLU E 53 16.67 0.08 -40.37
C GLU E 53 16.05 -1.29 -40.52
N ILE E 54 15.80 -1.98 -39.40
CA ILE E 54 15.20 -3.30 -39.51
C ILE E 54 13.76 -3.21 -39.97
N ALA E 55 13.02 -2.19 -39.50
CA ALA E 55 11.61 -2.06 -39.85
C ALA E 55 11.44 -1.85 -41.34
N SER E 56 12.28 -1.02 -41.94
CA SER E 56 12.25 -0.80 -43.39
C SER E 56 12.74 -2.00 -44.16
N GLY E 57 13.17 -3.05 -43.47
CA GLY E 57 13.56 -4.28 -44.13
C GLY E 57 14.85 -4.20 -44.91
N LEU E 58 15.64 -3.15 -44.73
CA LEU E 58 16.88 -3.04 -45.49
C LEU E 58 18.06 -3.74 -44.82
N VAL E 59 17.89 -4.22 -43.59
CA VAL E 59 18.96 -4.92 -42.89
C VAL E 59 18.39 -6.17 -42.22
N ASP E 60 19.12 -7.26 -42.29
CA ASP E 60 18.72 -8.53 -41.72
C ASP E 60 19.96 -9.29 -41.25
N GLU E 61 19.78 -10.58 -40.96
CA GLU E 61 20.89 -11.38 -40.46
C GLU E 61 22.04 -11.42 -41.45
N ASN E 62 21.73 -11.61 -42.74
CA ASN E 62 22.77 -11.58 -43.76
C ASN E 62 23.44 -10.22 -43.83
N VAL E 63 22.66 -9.13 -43.79
CA VAL E 63 23.23 -7.79 -43.85
C VAL E 63 24.08 -7.52 -42.62
N VAL E 64 23.59 -7.91 -41.44
CA VAL E 64 24.36 -7.68 -40.22
C VAL E 64 25.66 -8.46 -40.25
N GLN E 65 25.61 -9.73 -40.67
CA GLN E 65 26.82 -10.54 -40.72
C GLN E 65 27.82 -10.00 -41.74
N GLN E 66 27.35 -9.61 -42.92
CA GLN E 66 28.24 -9.09 -43.94
C GLN E 66 28.86 -7.77 -43.51
N GLU E 67 28.06 -6.89 -42.89
CA GLU E 67 28.60 -5.63 -42.40
C GLU E 67 29.60 -5.84 -41.27
N ASP E 68 29.49 -6.95 -40.56
CA ASP E 68 30.43 -7.27 -39.49
C ASP E 68 31.82 -7.51 -40.03
N SER F 4 48.79 17.21 -9.42
CA SER F 4 49.97 17.11 -10.27
C SER F 4 49.64 16.39 -11.57
N THR F 5 50.13 16.95 -12.68
CA THR F 5 49.82 16.39 -14.00
C THR F 5 50.38 14.98 -14.17
N GLU F 6 51.64 14.78 -13.80
CA GLU F 6 52.23 13.44 -13.89
C GLU F 6 51.51 12.48 -12.94
N GLN F 7 51.24 12.93 -11.72
CA GLN F 7 50.50 12.11 -10.78
C GLN F 7 49.09 11.83 -11.29
N ALA F 8 48.44 12.82 -11.91
CA ALA F 8 47.11 12.61 -12.46
C ALA F 8 47.13 11.56 -13.57
N LEU F 9 48.14 11.64 -14.47
CA LEU F 9 48.25 10.65 -15.53
C LEU F 9 48.51 9.26 -14.98
N ALA F 10 49.40 9.17 -13.98
CA ALA F 10 49.69 7.88 -13.35
C ALA F 10 48.44 7.31 -12.70
N VAL F 11 47.66 8.15 -12.01
CA VAL F 11 46.45 7.68 -11.34
C VAL F 11 45.41 7.26 -12.36
N ALA F 12 45.30 7.98 -13.48
CA ALA F 12 44.34 7.59 -14.51
C ALA F 12 44.69 6.24 -15.10
N TYR F 13 45.98 6.03 -15.40
CA TYR F 13 46.41 4.74 -15.93
C TYR F 13 46.19 3.63 -14.90
N TRP F 14 46.49 3.91 -13.64
CA TRP F 14 46.34 2.90 -12.59
C TRP F 14 44.88 2.53 -12.39
N MET F 15 43.99 3.52 -12.46
CA MET F 15 42.57 3.24 -12.33
C MET F 15 42.02 2.51 -13.55
N PHE F 16 42.52 2.83 -14.75
CA PHE F 16 42.11 2.09 -15.94
C PHE F 16 42.54 0.63 -15.84
N GLU F 17 43.76 0.40 -15.35
CA GLU F 17 44.25 -0.98 -15.24
C GLU F 17 43.55 -1.72 -14.10
N GLN F 18 43.68 -1.23 -12.87
CA GLN F 18 42.96 -1.76 -11.72
C GLN F 18 41.54 -1.20 -11.66
N GLN F 19 40.80 -1.40 -12.75
CA GLN F 19 39.41 -0.97 -12.80
C GLN F 19 38.53 -1.60 -11.73
N PRO F 20 38.92 -2.73 -11.10
CA PRO F 20 38.05 -3.41 -10.13
C PRO F 20 37.34 -2.48 -9.16
N GLY F 21 38.07 -1.51 -8.61
CA GLY F 21 37.47 -0.54 -7.72
C GLY F 21 37.36 -1.08 -6.31
N PRO F 22 37.61 -2.41 -6.16
CA PRO F 22 37.62 -3.07 -4.84
C PRO F 22 36.28 -3.04 -4.12
N ARG F 23 36.01 -4.11 -3.38
CA ARG F 23 34.82 -4.18 -2.55
C ARG F 23 34.98 -3.24 -1.35
N SER F 24 33.88 -2.64 -0.92
CA SER F 24 33.91 -1.88 0.33
C SER F 24 34.38 -2.79 1.46
N SER F 25 35.26 -2.26 2.29
CA SER F 25 35.96 -3.09 3.26
C SER F 25 35.07 -3.44 4.45
N THR F 26 35.68 -3.94 5.52
CA THR F 26 35.00 -4.68 6.56
C THR F 26 35.50 -4.20 7.91
N ALA F 27 35.38 -5.04 8.94
CA ALA F 27 35.76 -4.67 10.30
C ALA F 27 37.15 -4.03 10.38
N MET F 28 37.94 -4.11 9.31
CA MET F 28 38.99 -3.12 9.09
C MET F 28 38.48 -1.71 9.36
N VAL F 29 37.23 -1.42 9.01
CA VAL F 29 36.62 -0.15 9.35
C VAL F 29 36.58 0.04 10.86
N ILE F 30 36.28 -1.04 11.59
CA ILE F 30 36.27 -0.96 13.03
C ILE F 30 37.66 -0.61 13.55
N ASP F 31 38.70 -1.21 12.96
CA ASP F 31 40.06 -0.90 13.35
C ASP F 31 40.39 0.56 13.10
N SER F 32 39.91 1.06 11.96
CA SER F 32 40.11 2.49 11.64
C SER F 32 39.25 3.34 12.57
N LEU F 33 38.13 2.78 13.05
CA LEU F 33 37.28 3.52 14.03
C LEU F 33 37.96 3.41 15.39
N ARG F 34 38.61 2.28 15.66
CA ARG F 34 39.38 2.15 16.92
C ARG F 34 40.71 2.85 16.68
N GLU F 35 40.90 3.42 15.50
CA GLU F 35 42.13 4.23 15.26
C GLU F 35 41.71 5.68 15.49
N ARG F 36 40.42 5.98 15.29
CA ARG F 36 39.93 7.34 15.60
C ARG F 36 40.29 7.59 17.06
N PHE F 37 40.03 6.60 17.90
CA PHE F 37 40.49 6.71 19.30
C PHE F 37 42.01 6.50 19.27
N ASP F 38 42.46 5.26 19.49
CA ASP F 38 43.91 4.93 19.47
C ASP F 38 44.78 6.16 19.75
N ARG F 39 45.59 6.58 18.77
CA ARG F 39 46.47 7.75 18.95
C ARG F 39 47.17 8.10 17.63
N ARG F 40 48.44 7.70 17.48
CA ARG F 40 49.23 8.04 16.28
C ARG F 40 48.75 7.26 15.07
N PHE F 41 47.45 6.95 15.00
CA PHE F 41 46.90 6.27 13.80
C PHE F 41 47.38 7.01 12.55
N ILE F 42 47.26 8.33 12.57
CA ILE F 42 47.71 9.16 11.42
C ILE F 42 47.20 8.52 10.13
N GLU F 43 45.96 8.02 10.16
CA GLU F 43 45.36 7.39 8.96
C GLU F 43 44.09 8.17 8.62
N ARG F 44 43.98 9.39 9.15
CA ARG F 44 42.78 10.24 8.90
C ARG F 44 42.42 10.20 7.41
N LEU F 45 41.28 9.61 7.07
CA LEU F 45 40.84 9.50 5.65
C LEU F 45 40.95 10.87 4.99
N PRO F 46 41.82 11.04 3.98
CA PRO F 46 41.95 12.32 3.27
C PRO F 46 40.64 12.89 2.78
N SER F 47 39.59 12.08 2.70
CA SER F 47 38.27 12.50 2.26
C SER F 47 38.31 13.05 0.82
N GLY F 48 38.68 12.21 -0.13
CA GLY F 48 38.71 12.61 -1.52
C GLY F 48 37.39 12.38 -2.23
N LEU F 49 37.44 11.99 -3.49
CA LEU F 49 36.23 11.69 -4.24
C LEU F 49 35.77 10.27 -3.95
N SER F 50 34.51 9.98 -4.28
CA SER F 50 33.94 8.67 -4.07
C SER F 50 34.59 7.65 -5.01
N PRO F 51 34.53 6.36 -4.67
CA PRO F 51 35.18 5.36 -5.52
C PRO F 51 34.69 5.37 -6.95
N HIS F 52 33.38 5.27 -7.17
CA HIS F 52 32.86 5.38 -8.52
C HIS F 52 33.11 6.78 -9.09
N GLU F 53 33.01 7.80 -8.24
CA GLU F 53 33.33 9.16 -8.68
C GLU F 53 34.77 9.26 -9.12
N TRP F 54 35.70 8.68 -8.34
CA TRP F 54 37.11 8.72 -8.71
C TRP F 54 37.37 7.95 -10.00
N GLN F 55 36.71 6.80 -10.16
CA GLN F 55 36.89 6.03 -11.39
C GLN F 55 36.37 6.80 -12.60
N ALA F 56 35.22 7.45 -12.46
CA ALA F 56 34.70 8.28 -13.54
C ALA F 56 35.63 9.45 -13.82
N GLN F 57 36.24 9.99 -12.77
CA GLN F 57 37.24 11.05 -12.96
C GLN F 57 38.41 10.56 -13.78
N ALA F 58 38.89 9.35 -13.49
CA ALA F 58 39.99 8.78 -14.26
C ALA F 58 39.58 8.57 -15.71
N VAL F 59 38.35 8.10 -15.93
CA VAL F 59 37.87 7.92 -17.29
C VAL F 59 37.80 9.24 -18.03
N MET F 60 37.30 10.29 -17.38
CA MET F 60 37.25 11.61 -17.99
C MET F 60 38.66 12.10 -18.32
N THR F 61 39.61 11.87 -17.41
CA THR F 61 40.99 12.25 -17.66
C THR F 61 41.55 11.51 -18.87
N VAL F 62 41.26 10.22 -18.98
CA VAL F 62 41.76 9.44 -20.11
C VAL F 62 41.18 9.97 -21.41
N ARG F 63 39.88 10.26 -21.42
CA ARG F 63 39.24 10.77 -22.62
C ARG F 63 39.81 12.13 -23.01
N PHE F 64 40.02 13.01 -22.02
CA PHE F 64 40.58 14.32 -22.31
C PHE F 64 42.01 14.22 -22.82
N ALA F 65 42.80 13.30 -22.26
CA ALA F 65 44.16 13.09 -22.76
C ALA F 65 44.15 12.58 -24.19
N GLN F 66 43.24 11.65 -24.50
CA GLN F 66 43.13 11.16 -25.86
C GLN F 66 42.76 12.29 -26.82
N ARG F 67 41.83 13.15 -26.40
CA ARG F 67 41.44 14.28 -27.24
C ARG F 67 42.59 15.25 -27.43
N GLN F 68 43.34 15.55 -26.37
CA GLN F 68 44.43 16.51 -26.47
C GLN F 68 45.59 15.95 -27.29
N LEU F 69 45.96 14.70 -27.05
CA LEU F 69 47.06 14.07 -27.75
C LEU F 69 46.67 13.47 -29.08
N ALA F 70 45.47 13.78 -29.59
CA ALA F 70 45.03 13.21 -30.85
C ALA F 70 45.86 13.70 -32.02
N ALA F 71 46.30 14.96 -31.98
CA ALA F 71 47.09 15.53 -33.06
C ALA F 71 48.46 14.88 -33.23
N HIS F 72 48.91 14.12 -32.23
CA HIS F 72 50.19 13.40 -32.32
C HIS F 72 49.91 11.95 -32.03
N PRO F 73 49.49 11.17 -33.04
CA PRO F 73 49.17 9.76 -32.79
C PRO F 73 50.34 8.97 -32.21
N LEU F 74 51.57 9.26 -32.66
CA LEU F 74 52.72 8.56 -32.11
C LEU F 74 52.92 8.88 -30.63
N GLU F 75 52.76 10.15 -30.25
CA GLU F 75 52.91 10.52 -28.84
C GLU F 75 51.82 9.87 -27.99
N LEU F 76 50.59 9.87 -28.49
CA LEU F 76 49.50 9.22 -27.76
C LEU F 76 49.75 7.72 -27.60
N ALA F 77 50.24 7.08 -28.66
CA ALA F 77 50.55 5.66 -28.59
C ALA F 77 51.68 5.39 -27.59
N VAL F 78 52.69 6.25 -27.58
CA VAL F 78 53.78 6.10 -26.62
C VAL F 78 53.26 6.25 -25.20
N VAL F 79 52.38 7.22 -24.96
CA VAL F 79 51.81 7.40 -23.64
C VAL F 79 50.99 6.18 -23.24
N ARG F 80 50.20 5.64 -24.19
CA ARG F 80 49.39 4.46 -23.89
C ARG F 80 50.27 3.27 -23.55
N ALA F 81 51.35 3.07 -24.30
CA ALA F 81 52.28 1.98 -24.02
C ALA F 81 52.97 2.16 -22.68
N GLU F 82 53.36 3.38 -22.33
CA GLU F 82 54.11 3.60 -21.09
C GLU F 82 53.21 3.50 -19.87
N PHE F 83 51.97 4.00 -19.95
CA PHE F 83 51.10 4.09 -18.79
C PHE F 83 49.89 3.15 -18.84
N ALA F 84 49.06 3.23 -19.87
CA ALA F 84 47.85 2.43 -19.93
C ALA F 84 48.21 0.96 -20.16
N ARG F 85 47.25 0.09 -19.85
CA ARG F 85 47.43 -1.35 -19.92
C ARG F 85 46.32 -1.98 -20.76
N GLY F 86 46.39 -3.29 -20.89
CA GLY F 86 45.35 -4.01 -21.62
C GLY F 86 45.40 -3.73 -23.10
N ARG F 87 44.22 -3.59 -23.70
CA ARG F 87 44.16 -3.34 -25.14
C ARG F 87 44.84 -2.03 -25.49
N ASP F 88 44.78 -1.05 -24.58
CA ASP F 88 45.49 0.21 -24.80
C ASP F 88 46.99 -0.01 -24.87
N PHE F 89 47.54 -0.83 -23.95
CA PHE F 89 48.96 -1.15 -24.01
C PHE F 89 49.29 -1.91 -25.29
N VAL F 90 48.41 -2.82 -25.71
CA VAL F 90 48.65 -3.56 -26.94
C VAL F 90 48.70 -2.63 -28.14
N LEU F 91 47.75 -1.70 -28.23
CA LEU F 91 47.75 -0.75 -29.34
C LEU F 91 48.97 0.17 -29.30
N GLY F 92 49.35 0.63 -28.12
CA GLY F 92 50.54 1.46 -28.01
C GLY F 92 51.79 0.73 -28.44
N LEU F 93 51.93 -0.53 -28.01
CA LEU F 93 53.09 -1.33 -28.41
C LEU F 93 53.09 -1.59 -29.91
N ALA F 94 51.92 -1.88 -30.48
CA ALA F 94 51.84 -2.11 -31.92
C ALA F 94 52.23 -0.86 -32.71
N ALA F 95 51.74 0.31 -32.28
CA ALA F 95 52.10 1.54 -32.97
C ALA F 95 53.58 1.87 -32.80
N LEU F 96 54.13 1.63 -31.60
CA LEU F 96 55.55 1.88 -31.39
C LEU F 96 56.40 0.96 -32.25
N ARG F 97 55.98 -0.30 -32.41
CA ARG F 97 56.69 -1.21 -33.30
C ARG F 97 56.59 -0.75 -34.74
N ASP F 98 55.40 -0.32 -35.16
CA ASP F 98 55.21 0.13 -36.55
C ASP F 98 56.02 1.38 -36.84
N TRP F 99 56.25 2.21 -35.82
CA TRP F 99 57.01 3.43 -36.01
C TRP F 99 58.52 3.18 -35.93
N LEU F 100 58.98 2.68 -34.78
CA LEU F 100 60.42 2.47 -34.58
C LEU F 100 60.98 1.40 -35.51
N LYS F 101 60.25 0.31 -35.71
CA LYS F 101 60.72 -0.79 -36.56
C LYS F 101 59.64 -1.11 -37.58
N PRO F 102 59.44 -0.24 -38.57
CA PRO F 102 58.35 -0.45 -39.53
C PRO F 102 58.53 -1.70 -40.37
N ALA F 103 59.69 -1.84 -41.02
CA ALA F 103 59.96 -2.94 -41.94
C ALA F 103 60.67 -4.10 -41.24
N ALA F 104 60.49 -4.24 -39.94
CA ALA F 104 61.08 -5.37 -39.22
C ALA F 104 60.37 -6.66 -39.62
N GLY F 105 61.15 -7.72 -39.80
CA GLY F 105 60.60 -9.01 -40.15
C GLY F 105 59.78 -9.59 -39.01
N PRO F 106 59.01 -10.63 -39.29
CA PRO F 106 58.16 -11.20 -38.22
C PRO F 106 58.94 -11.63 -37.00
N ILE F 107 60.10 -12.24 -37.19
CA ILE F 107 60.98 -12.53 -36.05
C ILE F 107 61.51 -11.23 -35.47
N GLU F 108 61.91 -10.31 -36.33
CA GLU F 108 62.39 -9.00 -35.87
C GLU F 108 61.27 -8.22 -35.19
N GLN F 109 60.05 -8.30 -35.73
CA GLN F 109 58.92 -7.62 -35.11
C GLN F 109 58.62 -8.21 -33.73
N ARG F 110 58.67 -9.54 -33.61
CA ARG F 110 58.47 -10.15 -32.30
C ARG F 110 59.56 -9.74 -31.32
N ALA F 111 60.81 -9.69 -31.79
CA ALA F 111 61.90 -9.25 -30.92
C ALA F 111 61.71 -7.81 -30.47
N ALA F 112 61.28 -6.94 -31.40
CA ALA F 112 61.04 -5.55 -31.04
C ALA F 112 59.89 -5.42 -30.04
N LEU F 113 58.83 -6.21 -30.22
CA LEU F 113 57.73 -6.20 -29.26
C LEU F 113 58.20 -6.67 -27.90
N ALA F 114 59.03 -7.71 -27.85
CA ALA F 114 59.57 -8.19 -26.59
C ALA F 114 60.44 -7.14 -25.92
N LEU F 115 61.27 -6.44 -26.71
CA LEU F 115 62.12 -5.40 -26.16
C LEU F 115 61.29 -4.24 -25.60
N LEU F 116 60.23 -3.84 -26.33
CA LEU F 116 59.36 -2.79 -25.84
C LEU F 116 58.64 -3.22 -24.57
N MET F 117 58.22 -4.48 -24.50
CA MET F 117 57.59 -5.00 -23.29
C MET F 117 58.57 -4.97 -22.12
N ARG F 118 59.82 -5.36 -22.37
CA ARG F 118 60.85 -5.28 -21.32
C ARG F 118 61.05 -3.84 -20.87
N MET F 119 61.00 -2.89 -21.82
CA MET F 119 61.04 -1.49 -21.45
C MET F 119 59.80 -1.09 -20.66
N PHE F 120 58.65 -1.71 -20.97
CA PHE F 120 57.39 -1.42 -20.31
C PHE F 120 57.14 -2.33 -19.11
N ARG F 121 58.20 -2.90 -18.55
CA ARG F 121 58.11 -3.78 -17.38
C ARG F 121 57.23 -5.00 -17.65
N ARG F 122 57.22 -5.48 -18.89
CA ARG F 122 56.46 -6.64 -19.28
C ARG F 122 57.39 -7.75 -19.77
N PRO F 123 56.93 -9.00 -19.77
CA PRO F 123 57.82 -10.11 -20.10
C PRO F 123 58.23 -10.08 -21.57
N PRO F 124 59.44 -10.56 -21.89
CA PRO F 124 60.46 -11.09 -20.97
C PRO F 124 61.24 -9.98 -20.28
N SER F 125 61.80 -10.25 -19.10
CA SER F 125 62.52 -9.25 -18.33
C SER F 125 64.03 -9.32 -18.50
N SER F 126 64.54 -10.18 -19.36
CA SER F 126 65.97 -10.36 -19.55
C SER F 126 66.34 -10.29 -21.02
N ILE F 127 67.50 -9.68 -21.28
CA ILE F 127 68.02 -9.65 -22.65
C ILE F 127 68.37 -11.05 -23.11
N ARG F 128 68.85 -11.89 -22.19
CA ARG F 128 69.14 -13.28 -22.53
C ARG F 128 67.86 -14.01 -22.94
N GLU F 129 66.77 -13.80 -22.22
CA GLU F 129 65.50 -14.39 -22.60
C GLU F 129 65.04 -13.87 -23.96
N ILE F 130 65.26 -12.57 -24.21
CA ILE F 130 64.88 -12.00 -25.49
C ILE F 130 65.66 -12.64 -26.63
N GLU F 131 66.96 -12.84 -26.45
CA GLU F 131 67.77 -13.50 -27.48
C GLU F 131 67.34 -14.95 -27.66
N ARG F 132 67.04 -15.64 -26.55
CA ARG F 132 66.62 -17.03 -26.64
C ARG F 132 65.30 -17.16 -27.40
N LEU F 133 64.36 -16.25 -27.18
CA LEU F 133 63.09 -16.29 -27.88
C LEU F 133 63.15 -15.63 -29.26
N SER F 134 64.25 -14.97 -29.58
CA SER F 134 64.38 -14.29 -30.86
C SER F 134 65.51 -14.83 -31.72
N GLY F 135 66.67 -15.10 -31.13
CA GLY F 135 67.81 -15.57 -31.88
C GLY F 135 68.75 -14.49 -32.37
N LEU F 136 68.60 -13.26 -31.90
CA LEU F 136 69.45 -12.15 -32.30
C LEU F 136 70.60 -11.99 -31.32
N SER F 137 71.68 -11.39 -31.80
CA SER F 137 72.87 -11.18 -30.98
C SER F 137 72.56 -10.22 -29.83
N LYS F 138 73.29 -10.39 -28.72
CA LYS F 138 73.12 -9.51 -27.58
C LYS F 138 73.49 -8.07 -27.92
N SER F 139 74.50 -7.87 -28.77
CA SER F 139 74.91 -6.52 -29.13
C SER F 139 73.82 -5.81 -29.93
N THR F 140 73.24 -6.50 -30.91
CA THR F 140 72.18 -5.89 -31.71
C THR F 140 70.97 -5.56 -30.86
N LEU F 141 70.60 -6.49 -29.96
CA LEU F 141 69.46 -6.25 -29.07
C LEU F 141 69.74 -5.07 -28.15
N HIS F 142 70.96 -4.98 -27.61
CA HIS F 142 71.31 -3.87 -26.74
C HIS F 142 71.27 -2.54 -27.48
N ARG F 143 71.80 -2.51 -28.71
CA ARG F 143 71.77 -1.28 -29.50
C ARG F 143 70.34 -0.86 -29.81
N TRP F 144 69.51 -1.82 -30.22
CA TRP F 144 68.12 -1.51 -30.52
C TRP F 144 67.39 -1.00 -29.29
N ASP F 145 67.63 -1.63 -28.14
CA ASP F 145 66.99 -1.20 -26.91
C ASP F 145 67.46 0.20 -26.50
N LYS F 146 68.75 0.49 -26.65
CA LYS F 146 69.26 1.80 -26.30
C LYS F 146 68.65 2.88 -27.19
N GLU F 147 68.55 2.60 -28.49
CA GLU F 147 67.94 3.57 -29.40
C GLU F 147 66.46 3.77 -29.09
N TRP F 148 65.74 2.66 -28.87
CA TRP F 148 64.31 2.74 -28.61
C TRP F 148 64.01 3.46 -27.31
N ARG F 149 64.81 3.22 -26.26
CA ARG F 149 64.58 3.90 -25.00
C ARG F 149 64.73 5.40 -25.14
N GLU F 150 65.78 5.84 -25.84
CA GLU F 150 65.98 7.27 -26.06
C GLU F 150 64.85 7.87 -26.89
N ARG F 151 64.45 7.21 -27.98
CA ARG F 151 63.38 7.74 -28.82
C ARG F 151 62.07 7.84 -28.04
N VAL F 152 61.76 6.80 -27.27
CA VAL F 152 60.54 6.80 -26.49
C VAL F 152 60.57 7.88 -25.43
N ALA F 153 61.71 8.05 -24.75
CA ALA F 153 61.82 9.09 -23.74
C ALA F 153 61.61 10.47 -24.36
N ALA F 154 62.22 10.71 -25.52
CA ALA F 154 62.06 12.00 -26.17
C ALA F 154 60.60 12.25 -26.58
N LEU F 155 59.96 11.25 -27.18
CA LEU F 155 58.57 11.42 -27.61
C LEU F 155 57.65 11.63 -26.42
N LEU F 156 57.87 10.86 -25.35
CA LEU F 156 57.05 11.02 -24.15
C LEU F 156 57.27 12.38 -23.51
N ARG F 157 58.51 12.87 -23.51
CA ARG F 157 58.78 14.20 -23.00
C ARG F 157 58.05 15.25 -23.82
N GLN F 158 58.05 15.10 -25.15
CA GLN F 158 57.33 16.04 -26.00
C GLN F 158 55.83 16.03 -25.68
N ALA F 159 55.25 14.84 -25.55
CA ALA F 159 53.83 14.74 -25.26
C ALA F 159 53.51 15.32 -23.89
N LEU F 160 54.35 15.03 -22.89
CA LEU F 160 54.12 15.54 -21.55
C LEU F 160 54.25 17.06 -21.51
N LEU F 161 55.20 17.61 -22.25
CA LEU F 161 55.33 19.06 -22.34
C LEU F 161 54.11 19.66 -23.00
N ARG F 162 53.60 19.01 -24.05
CA ARG F 162 52.39 19.50 -24.69
C ARG F 162 51.20 19.47 -23.75
N LEU F 163 51.12 18.46 -22.90
CA LEU F 163 49.96 18.29 -22.02
C LEU F 163 50.07 19.08 -20.72
N GLU F 164 51.27 19.48 -20.33
CA GLU F 164 51.47 20.12 -19.03
C GLU F 164 50.60 21.36 -18.88
N GLU F 165 50.66 22.26 -19.85
CA GLU F 165 49.73 23.38 -19.87
C GLU F 165 48.29 22.91 -19.98
N PRO F 166 47.92 22.00 -20.87
CA PRO F 166 46.54 21.52 -20.91
C PRO F 166 46.11 20.82 -19.62
N MET F 167 47.00 20.05 -19.00
CA MET F 167 46.64 19.37 -17.76
C MET F 167 46.38 20.37 -16.64
N ALA F 168 47.23 21.40 -16.54
CA ALA F 168 46.98 22.46 -15.56
C ALA F 168 45.70 23.22 -15.87
N GLN F 169 45.40 23.43 -17.16
CA GLN F 169 44.13 24.01 -17.55
C GLN F 169 42.98 23.09 -17.17
N VAL F 170 43.26 21.79 -17.00
CA VAL F 170 42.28 20.83 -16.53
C VAL F 170 42.47 20.64 -15.04
N GLY F 171 43.58 21.13 -14.51
CA GLY F 171 43.87 21.01 -13.10
C GLY F 171 44.48 19.67 -12.73
#